data_6W51
#
_entry.id   6W51
#
_cell.length_a   113.210
_cell.length_b   123.690
_cell.length_c   136.909
_cell.angle_alpha   90.000
_cell.angle_beta   100.360
_cell.angle_gamma   90.000
#
_symmetry.space_group_name_H-M   'P 1 21 1'
#
loop_
_entity.id
_entity.type
_entity.pdbx_description
1 polymer 'MHC class I antigen'
2 polymer Beta-2-microglobulin
3 polymer 'Cellular tumor antigen p53 peptide'
4 polymer 'Immunoglobulin heavy chain H2'
5 polymer 'Immunoglobulin light chain H2'
6 non-polymer 'PHOSPHATE ION'
7 water water
#
loop_
_entity_poly.entity_id
_entity_poly.type
_entity_poly.pdbx_seq_one_letter_code
_entity_poly.pdbx_strand_id
1 'polypeptide(L)'
;MGSHSMRYFFTSVSRPGRGEPRFIAVGYVDDTQFVRFDSDAASQRMEPRAPWIEQEGPEYWDGETRKVKAHSQTHRVDLG
TLRGYYNQSEAGSHTVQRMYGCDVGSDWRFLRGYHQYAYDGKDYIALKEDLRSWTAADMAAQTTKHKWEAAHVAEQLRAY
LEGTCVEWLRRYLENGKETLQRTDAPKTHMTHHAVSDHEATLRCWALSFYPAEITLTWQRDGEDQTQDTELVETRPAGDG
TFQKWAAVVVPSGQEQRYTCHVQHEGLPKPLTLRWEPGSGSGLNDIFEAQKIEWHE
;
A,D,G,J
2 'polypeptide(L)'
;MSRSVALAVLALLSLSGLEAIQRTPKIQVYSRHPAENGKSNFLNCYVSGFHPSDIEVDLLKNGERIEKVEHSDLSFSKDW
SFYLLYYTEFTPTEKDEYACRVNHVTLSQPKIVKWDRDM
;
B,E,H,K
3 'polypeptide(L)' HMTEVVRHC C,F,I,L
4 'polypeptide(L)'
;EVQLVESGGGLVQPGGSLRLSCAASGFNVYASGMHWVRQAPGKGLEWVAKIYPDSDYTYYADSVKGRFTISADTSKNTAY
LQMNSLRAEDTAVYYCSRDSSFYYVYAMDYWGQGTLVTVSSASTKGPSVFPLAPSSKSTSGGTAALGCLVKDYFPEPVTV
SWNSGALTSGVHTFPAVLQSSGLYSLSSVVTVPSSSLGTQTYICNVNHKPSNTKVDKKVEPKS
;
M,O,Q,S
5 'polypeptide(L)'
;DIQMTQSPSSLSASVGDRVTITCRASQDVNTAVAWYQQKPGKAPKLLIYSAYFLYSGVPSRFSGSRSGTDFTLTISSLQP
EDFATYYCQQYSRYSPVTFGQGTKVEIKRTVAAPSVFIFPPSDEQLKSGTASVVCLLNNFYPREAKVQWKVDNALQSGNS
QESVTEQDSKDSTYSLSSTLTLSKADYEKHKVYACEVTHQGLSSPVTKSFNRGEC
;
N,P,R,T
#
# COMPACT_ATOMS: atom_id res chain seq x y z
N GLY A 2 -11.56 19.55 -26.23
CA GLY A 2 -12.27 18.61 -25.33
C GLY A 2 -12.67 17.35 -26.07
N SER A 3 -12.62 16.19 -25.41
CA SER A 3 -13.18 14.90 -25.91
C SER A 3 -14.70 15.02 -26.08
N HIS A 4 -15.25 14.48 -27.18
CA HIS A 4 -16.70 14.44 -27.47
C HIS A 4 -17.14 13.04 -27.92
N SER A 5 -18.44 12.77 -27.83
CA SER A 5 -19.03 11.46 -28.15
C SER A 5 -20.48 11.58 -28.64
N MET A 6 -20.91 10.64 -29.45
CA MET A 6 -22.32 10.47 -29.84
C MET A 6 -22.68 9.03 -29.56
N ARG A 7 -23.79 8.83 -28.85
CA ARG A 7 -24.24 7.49 -28.42
C ARG A 7 -25.70 7.36 -28.72
N TYR A 8 -26.11 6.17 -29.08
CA TYR A 8 -27.53 5.78 -29.19
C TYR A 8 -27.80 4.64 -28.21
N PHE A 9 -28.94 4.70 -27.51
CA PHE A 9 -29.36 3.71 -26.50
C PHE A 9 -30.73 3.17 -26.91
N PHE A 10 -30.86 1.87 -27.05
CA PHE A 10 -32.11 1.21 -27.48
C PHE A 10 -32.48 0.19 -26.44
N THR A 11 -33.70 0.27 -25.94
CA THR A 11 -34.18 -0.77 -25.01
C THR A 11 -35.48 -1.30 -25.58
N SER A 12 -35.53 -2.62 -25.68
N SER A 12 -35.53 -2.62 -25.68
CA SER A 12 -36.72 -3.39 -26.12
CA SER A 12 -36.72 -3.39 -26.12
C SER A 12 -37.12 -4.34 -25.00
C SER A 12 -37.12 -4.34 -25.00
N VAL A 13 -38.40 -4.33 -24.65
CA VAL A 13 -38.96 -5.12 -23.51
C VAL A 13 -40.20 -5.84 -23.98
N SER A 14 -40.26 -7.17 -23.79
CA SER A 14 -41.38 -8.06 -24.20
C SER A 14 -42.55 -7.79 -23.27
N ARG A 15 -43.75 -7.92 -23.75
CA ARG A 15 -44.93 -7.69 -22.89
C ARG A 15 -45.90 -8.82 -23.15
N PRO A 16 -45.65 -10.04 -22.61
CA PRO A 16 -46.52 -11.17 -22.83
C PRO A 16 -47.91 -10.75 -22.37
N GLY A 17 -48.91 -10.86 -23.26
CA GLY A 17 -50.32 -10.60 -22.97
C GLY A 17 -50.65 -9.13 -23.13
N ARG A 18 -49.64 -8.26 -23.23
CA ARG A 18 -49.83 -6.79 -23.36
C ARG A 18 -49.74 -6.36 -24.82
N GLY A 19 -49.50 -7.31 -25.72
CA GLY A 19 -49.36 -7.05 -27.16
C GLY A 19 -47.92 -6.75 -27.51
N GLU A 20 -47.70 -5.81 -28.43
CA GLU A 20 -46.35 -5.53 -29.01
C GLU A 20 -45.40 -5.09 -27.90
N PRO A 21 -44.11 -5.51 -27.91
CA PRO A 21 -43.15 -5.12 -26.89
C PRO A 21 -42.79 -3.63 -26.99
N ARG A 22 -42.36 -3.05 -25.86
CA ARG A 22 -42.05 -1.61 -25.70
C ARG A 22 -40.70 -1.40 -26.36
N PHE A 23 -40.55 -0.34 -27.16
CA PHE A 23 -39.25 0.07 -27.73
C PHE A 23 -39.01 1.54 -27.42
N ILE A 24 -37.88 1.80 -26.78
CA ILE A 24 -37.41 3.18 -26.50
C ILE A 24 -36.01 3.34 -27.07
N ALA A 25 -35.77 4.45 -27.75
CA ALA A 25 -34.45 4.83 -28.32
C ALA A 25 -34.13 6.29 -27.96
N VAL A 26 -32.95 6.57 -27.45
CA VAL A 26 -32.50 7.96 -27.20
C VAL A 26 -31.11 8.16 -27.79
N GLY A 27 -30.89 9.32 -28.38
CA GLY A 27 -29.62 9.76 -28.97
C GLY A 27 -29.02 10.86 -28.14
N TYR A 28 -27.76 10.72 -27.77
CA TYR A 28 -27.03 11.72 -26.98
C TYR A 28 -25.87 12.24 -27.82
N VAL A 29 -25.57 13.53 -27.69
CA VAL A 29 -24.22 14.10 -27.94
C VAL A 29 -23.63 14.50 -26.58
N ASP A 30 -22.57 13.82 -26.15
CA ASP A 30 -21.96 14.08 -24.84
C ASP A 30 -23.03 13.73 -23.80
N ASP A 31 -23.40 14.65 -22.91
CA ASP A 31 -24.36 14.36 -21.82
C ASP A 31 -25.69 15.00 -22.21
N THR A 32 -25.80 15.48 -23.44
CA THR A 32 -27.01 16.18 -23.94
C THR A 32 -27.80 15.24 -24.85
N GLN A 33 -29.02 14.90 -24.44
CA GLN A 33 -30.02 14.15 -25.24
C GLN A 33 -30.50 15.08 -26.36
N PHE A 34 -30.56 14.60 -27.59
CA PHE A 34 -30.97 15.43 -28.74
C PHE A 34 -32.08 14.78 -29.57
N VAL A 35 -32.26 13.46 -29.50
CA VAL A 35 -33.40 12.80 -30.21
C VAL A 35 -33.96 11.69 -29.34
N ARG A 36 -35.18 11.27 -29.66
CA ARG A 36 -35.78 10.11 -28.97
C ARG A 36 -36.86 9.48 -29.85
N PHE A 37 -37.08 8.19 -29.66
CA PHE A 37 -38.29 7.48 -30.15
C PHE A 37 -38.85 6.64 -29.00
N ASP A 38 -40.18 6.56 -28.94
CA ASP A 38 -40.92 5.73 -27.97
C ASP A 38 -42.06 5.07 -28.72
N SER A 39 -42.15 3.74 -28.65
CA SER A 39 -43.18 2.94 -29.37
C SER A 39 -44.54 3.26 -28.78
N ASP A 40 -44.59 3.65 -27.51
CA ASP A 40 -45.82 3.99 -26.75
C ASP A 40 -46.28 5.42 -27.04
N ALA A 41 -45.40 6.30 -27.49
CA ALA A 41 -45.72 7.72 -27.75
C ALA A 41 -46.64 7.82 -28.99
N ALA A 42 -47.36 8.95 -29.14
CA ALA A 42 -48.47 9.17 -30.12
C ALA A 42 -47.96 9.27 -31.57
N SER A 43 -46.83 10.00 -31.80
CA SER A 43 -46.27 10.40 -33.12
C SER A 43 -45.81 9.18 -33.93
N GLN A 44 -45.14 8.19 -33.31
CA GLN A 44 -44.54 7.05 -34.04
C GLN A 44 -43.45 7.62 -34.94
N ARG A 45 -42.83 8.71 -34.50
CA ARG A 45 -41.73 9.37 -35.23
C ARG A 45 -40.56 9.57 -34.27
N MET A 46 -39.36 9.67 -34.84
CA MET A 46 -38.20 10.16 -34.10
C MET A 46 -38.47 11.64 -33.82
N GLU A 47 -38.54 12.02 -32.56
CA GLU A 47 -38.85 13.40 -32.10
C GLU A 47 -37.56 14.11 -31.74
N PRO A 48 -37.48 15.45 -31.94
CA PRO A 48 -36.35 16.25 -31.46
C PRO A 48 -36.42 16.45 -29.93
N ARG A 49 -35.26 16.49 -29.26
CA ARG A 49 -35.16 16.74 -27.79
C ARG A 49 -34.13 17.84 -27.52
N ALA A 50 -33.84 18.66 -28.52
CA ALA A 50 -32.89 19.78 -28.37
C ALA A 50 -33.20 20.82 -29.44
N PRO A 51 -32.79 22.07 -29.24
CA PRO A 51 -33.12 23.14 -30.18
C PRO A 51 -32.34 22.97 -31.51
N TRP A 52 -31.07 22.64 -31.40
CA TRP A 52 -30.12 22.77 -32.53
C TRP A 52 -30.40 21.65 -33.54
N ILE A 53 -31.12 20.61 -33.14
CA ILE A 53 -31.46 19.50 -34.07
C ILE A 53 -32.70 19.84 -34.91
N GLU A 54 -33.54 20.77 -34.46
CA GLU A 54 -34.84 21.07 -35.13
C GLU A 54 -34.61 21.75 -36.49
N GLN A 55 -33.42 22.28 -36.75
CA GLN A 55 -33.10 22.98 -38.03
C GLN A 55 -32.84 21.94 -39.15
N GLU A 56 -32.69 20.65 -38.84
CA GLU A 56 -32.49 19.55 -39.83
C GLU A 56 -33.79 19.34 -40.61
N GLY A 57 -33.69 19.02 -41.91
CA GLY A 57 -34.79 19.02 -42.90
C GLY A 57 -35.71 17.80 -42.83
N PRO A 58 -36.83 17.75 -43.59
CA PRO A 58 -37.79 16.64 -43.51
C PRO A 58 -37.21 15.27 -43.89
N GLU A 59 -36.25 15.29 -44.80
CA GLU A 59 -35.55 14.09 -45.30
C GLU A 59 -34.78 13.48 -44.14
N TYR A 60 -34.15 14.27 -43.26
CA TYR A 60 -33.41 13.76 -42.06
C TYR A 60 -34.38 12.97 -41.17
N TRP A 61 -35.56 13.53 -40.89
CA TRP A 61 -36.51 12.98 -39.90
C TRP A 61 -37.19 11.72 -40.44
N ASP A 62 -37.50 11.68 -41.73
CA ASP A 62 -38.08 10.47 -42.36
C ASP A 62 -37.02 9.37 -42.29
N GLY A 63 -35.75 9.75 -42.47
CA GLY A 63 -34.62 8.80 -42.48
C GLY A 63 -34.40 8.17 -41.10
N GLU A 64 -34.36 9.01 -40.06
CA GLU A 64 -34.09 8.54 -38.69
C GLU A 64 -35.29 7.68 -38.24
N THR A 65 -36.51 8.11 -38.53
CA THR A 65 -37.73 7.38 -38.13
C THR A 65 -37.69 6.01 -38.77
N ARG A 66 -37.43 5.96 -40.08
CA ARG A 66 -37.38 4.67 -40.84
C ARG A 66 -36.31 3.76 -40.20
N LYS A 67 -35.17 4.32 -39.84
CA LYS A 67 -34.01 3.54 -39.34
C LYS A 67 -34.37 2.99 -37.98
N VAL A 68 -35.03 3.79 -37.15
CA VAL A 68 -35.37 3.39 -35.75
C VAL A 68 -36.49 2.38 -35.83
N LYS A 69 -37.44 2.55 -36.75
CA LYS A 69 -38.52 1.56 -36.97
C LYS A 69 -37.87 0.24 -37.38
N ALA A 70 -36.78 0.26 -38.13
CA ALA A 70 -36.07 -0.95 -38.59
C ALA A 70 -35.34 -1.63 -37.44
N HIS A 71 -34.74 -0.84 -36.55
CA HIS A 71 -34.14 -1.32 -35.29
C HIS A 71 -35.23 -2.00 -34.44
N SER A 72 -36.41 -1.42 -34.28
CA SER A 72 -37.47 -1.96 -33.41
C SER A 72 -38.00 -3.27 -33.96
N GLN A 73 -38.27 -3.30 -35.25
CA GLN A 73 -38.78 -4.49 -35.96
C GLN A 73 -37.78 -5.60 -35.68
N THR A 74 -36.47 -5.31 -35.80
CA THR A 74 -35.40 -6.31 -35.58
C THR A 74 -35.42 -6.80 -34.15
N HIS A 75 -35.50 -5.92 -33.16
CA HIS A 75 -35.53 -6.30 -31.73
C HIS A 75 -36.76 -7.18 -31.46
N ARG A 76 -37.93 -6.80 -31.98
CA ARG A 76 -39.20 -7.58 -31.92
C ARG A 76 -38.91 -9.03 -32.29
N VAL A 77 -37.99 -9.28 -33.21
CA VAL A 77 -37.53 -10.64 -33.59
C VAL A 77 -36.58 -11.18 -32.52
N ASP A 78 -35.55 -10.40 -32.21
CA ASP A 78 -34.44 -10.80 -31.31
C ASP A 78 -35.02 -11.37 -30.00
N LEU A 79 -36.06 -10.75 -29.45
CA LEU A 79 -36.68 -11.15 -28.16
C LEU A 79 -37.11 -12.60 -28.26
N GLY A 80 -37.78 -12.91 -29.37
CA GLY A 80 -38.25 -14.28 -29.64
C GLY A 80 -37.12 -15.25 -29.88
N THR A 81 -36.08 -14.82 -30.58
CA THR A 81 -34.94 -15.69 -30.95
C THR A 81 -34.22 -16.07 -29.65
N LEU A 82 -33.98 -15.07 -28.81
CA LEU A 82 -33.18 -15.24 -27.58
C LEU A 82 -33.98 -16.09 -26.59
N ARG A 83 -35.30 -16.02 -26.62
CA ARG A 83 -36.07 -16.89 -25.71
C ARG A 83 -35.77 -18.33 -26.15
N GLY A 84 -35.82 -18.58 -27.44
CA GLY A 84 -35.59 -19.92 -27.99
C GLY A 84 -34.26 -20.47 -27.52
N TYR A 85 -33.19 -19.68 -27.64
CA TYR A 85 -31.81 -20.10 -27.30
C TYR A 85 -31.71 -20.55 -25.82
N TYR A 86 -32.31 -19.79 -24.88
CA TYR A 86 -32.25 -20.04 -23.42
C TYR A 86 -33.43 -20.91 -23.00
N ASN A 87 -34.35 -21.27 -23.91
CA ASN A 87 -35.49 -22.20 -23.64
C ASN A 87 -36.38 -21.62 -22.53
N GLN A 88 -36.76 -20.36 -22.62
CA GLN A 88 -37.54 -19.65 -21.58
C GLN A 88 -39.01 -19.64 -21.95
N SER A 89 -39.85 -19.37 -20.97
CA SER A 89 -41.32 -19.34 -21.10
C SER A 89 -41.78 -18.13 -21.90
N GLU A 90 -42.95 -18.26 -22.54
CA GLU A 90 -43.60 -17.18 -23.35
C GLU A 90 -44.28 -16.19 -22.41
N ALA A 91 -44.59 -16.56 -21.17
CA ALA A 91 -45.39 -15.74 -20.24
C ALA A 91 -44.47 -14.76 -19.49
N GLY A 92 -43.15 -14.86 -19.63
CA GLY A 92 -42.20 -14.00 -18.90
C GLY A 92 -41.69 -12.81 -19.71
N SER A 93 -41.54 -11.65 -19.08
CA SER A 93 -41.05 -10.42 -19.76
C SER A 93 -39.53 -10.43 -19.77
N HIS A 94 -38.94 -10.09 -20.89
CA HIS A 94 -37.46 -10.02 -21.02
C HIS A 94 -37.06 -8.76 -21.76
N THR A 95 -35.81 -8.36 -21.56
CA THR A 95 -35.25 -7.02 -21.90
C THR A 95 -34.05 -7.19 -22.83
N VAL A 96 -34.07 -6.51 -23.95
CA VAL A 96 -32.91 -6.46 -24.90
C VAL A 96 -32.44 -5.02 -24.95
N GLN A 97 -31.14 -4.80 -24.83
CA GLN A 97 -30.55 -3.43 -24.82
C GLN A 97 -29.37 -3.37 -25.78
N ARG A 98 -29.27 -2.27 -26.52
CA ARG A 98 -28.16 -2.09 -27.49
C ARG A 98 -27.70 -0.65 -27.42
N MET A 99 -26.39 -0.47 -27.35
CA MET A 99 -25.74 0.85 -27.30
C MET A 99 -24.67 0.85 -28.38
N TYR A 100 -24.62 1.87 -29.23
CA TYR A 100 -23.51 2.08 -30.19
C TYR A 100 -23.20 3.56 -30.31
N GLY A 101 -22.03 3.87 -30.86
CA GLY A 101 -21.58 5.25 -31.00
C GLY A 101 -20.09 5.36 -31.20
N CYS A 102 -19.58 6.59 -31.26
CA CYS A 102 -18.17 6.85 -31.64
C CYS A 102 -17.58 7.95 -30.77
N ASP A 103 -16.27 8.08 -30.78
CA ASP A 103 -15.52 9.01 -29.90
C ASP A 103 -14.58 9.87 -30.73
N VAL A 104 -14.59 11.18 -30.50
CA VAL A 104 -13.73 12.14 -31.24
C VAL A 104 -12.86 12.87 -30.21
N GLY A 105 -11.58 13.09 -30.53
CA GLY A 105 -10.65 13.78 -29.63
C GLY A 105 -10.79 15.31 -29.69
N SER A 106 -9.93 16.03 -28.99
CA SER A 106 -9.90 17.51 -29.00
C SER A 106 -9.89 18.00 -30.44
N ASP A 107 -9.17 17.26 -31.32
CA ASP A 107 -8.93 17.61 -32.74
C ASP A 107 -10.10 17.13 -33.61
N TRP A 108 -11.17 16.58 -33.01
CA TRP A 108 -12.43 16.12 -33.67
C TRP A 108 -12.14 14.97 -34.65
N ARG A 109 -11.02 14.26 -34.50
CA ARG A 109 -10.75 13.07 -35.34
C ARG A 109 -11.23 11.84 -34.57
N PHE A 110 -11.54 10.76 -35.29
CA PHE A 110 -12.00 9.47 -34.70
C PHE A 110 -11.01 9.02 -33.63
N LEU A 111 -11.56 8.55 -32.53
CA LEU A 111 -10.80 8.06 -31.36
C LEU A 111 -11.17 6.61 -31.04
N ARG A 112 -12.46 6.31 -30.91
CA ARG A 112 -12.95 4.93 -30.62
C ARG A 112 -14.37 4.74 -31.18
N GLY A 113 -14.80 3.48 -31.34
CA GLY A 113 -16.19 3.09 -31.70
C GLY A 113 -16.75 1.98 -30.81
N TYR A 114 -18.07 1.88 -30.66
CA TYR A 114 -18.72 0.92 -29.74
C TYR A 114 -19.98 0.32 -30.36
N HIS A 115 -20.27 -0.94 -30.02
CA HIS A 115 -21.56 -1.60 -30.34
C HIS A 115 -21.73 -2.82 -29.43
N GLN A 116 -22.56 -2.65 -28.42
CA GLN A 116 -22.75 -3.65 -27.34
C GLN A 116 -24.22 -4.01 -27.29
N TYR A 117 -24.49 -5.21 -26.80
CA TYR A 117 -25.80 -5.86 -26.91
C TYR A 117 -26.01 -6.72 -25.69
N ALA A 118 -27.16 -6.60 -25.04
CA ALA A 118 -27.41 -7.27 -23.75
C ALA A 118 -28.77 -7.93 -23.78
N TYR A 119 -28.88 -8.96 -22.97
CA TYR A 119 -30.11 -9.76 -22.78
C TYR A 119 -30.35 -9.89 -21.27
N ASP A 120 -31.54 -9.47 -20.82
CA ASP A 120 -31.93 -9.46 -19.40
C ASP A 120 -30.78 -8.87 -18.58
N GLY A 121 -30.27 -7.71 -19.01
CA GLY A 121 -29.29 -6.90 -18.28
C GLY A 121 -27.92 -7.55 -18.17
N LYS A 122 -27.61 -8.52 -19.01
CA LYS A 122 -26.29 -9.19 -18.98
C LYS A 122 -25.67 -9.13 -20.38
N ASP A 123 -24.34 -9.02 -20.43
CA ASP A 123 -23.55 -8.97 -21.68
C ASP A 123 -24.01 -10.11 -22.60
N TYR A 124 -24.32 -9.82 -23.87
CA TYR A 124 -24.60 -10.87 -24.88
C TYR A 124 -23.47 -10.87 -25.90
N ILE A 125 -23.36 -9.83 -26.69
CA ILE A 125 -22.29 -9.80 -27.71
C ILE A 125 -21.91 -8.36 -27.98
N ALA A 126 -20.61 -8.15 -28.14
CA ALA A 126 -20.02 -6.82 -28.23
C ALA A 126 -18.93 -6.80 -29.31
N LEU A 127 -18.82 -5.69 -29.98
CA LEU A 127 -17.77 -5.48 -30.99
C LEU A 127 -16.52 -5.09 -30.21
N LYS A 128 -15.38 -5.73 -30.51
CA LYS A 128 -14.06 -5.45 -29.88
C LYS A 128 -13.53 -4.07 -30.31
N GLU A 129 -12.53 -3.58 -29.58
CA GLU A 129 -11.65 -2.41 -29.87
C GLU A 129 -11.27 -2.29 -31.36
N ASP A 130 -10.86 -3.41 -31.99
CA ASP A 130 -10.36 -3.45 -33.39
C ASP A 130 -11.48 -3.16 -34.40
N LEU A 131 -12.76 -3.37 -34.01
CA LEU A 131 -13.99 -3.19 -34.84
C LEU A 131 -14.04 -4.22 -36.00
N ARG A 132 -13.43 -5.39 -35.86
CA ARG A 132 -13.44 -6.47 -36.90
C ARG A 132 -13.94 -7.80 -36.29
N SER A 133 -14.43 -7.79 -35.06
CA SER A 133 -14.46 -9.02 -34.23
C SER A 133 -15.44 -8.85 -33.08
N TRP A 134 -15.96 -9.95 -32.59
CA TRP A 134 -17.03 -9.97 -31.57
C TRP A 134 -16.55 -10.73 -30.33
N THR A 135 -16.89 -10.25 -29.15
CA THR A 135 -16.79 -11.03 -27.88
C THR A 135 -18.19 -11.57 -27.56
N ALA A 136 -18.29 -12.89 -27.49
CA ALA A 136 -19.56 -13.58 -27.18
C ALA A 136 -19.49 -14.08 -25.73
N ALA A 137 -20.52 -13.72 -24.96
CA ALA A 137 -20.57 -13.85 -23.49
C ALA A 137 -20.98 -15.26 -23.10
N ASP A 138 -21.68 -16.00 -23.96
CA ASP A 138 -22.00 -17.42 -23.65
C ASP A 138 -22.19 -18.21 -24.95
N MET A 139 -22.60 -19.46 -24.78
CA MET A 139 -22.78 -20.40 -25.91
C MET A 139 -23.85 -19.84 -26.87
N ALA A 140 -24.91 -19.21 -26.35
CA ALA A 140 -26.00 -18.65 -27.18
C ALA A 140 -25.48 -17.53 -28.11
N ALA A 141 -24.62 -16.68 -27.59
CA ALA A 141 -24.11 -15.50 -28.32
C ALA A 141 -23.09 -15.94 -29.37
N GLN A 142 -22.51 -17.12 -29.21
N GLN A 142 -22.51 -17.12 -29.21
CA GLN A 142 -21.53 -17.67 -30.18
CA GLN A 142 -21.53 -17.67 -30.18
C GLN A 142 -22.26 -18.08 -31.46
C GLN A 142 -22.26 -18.08 -31.46
N THR A 143 -23.54 -18.48 -31.33
CA THR A 143 -24.46 -18.76 -32.46
C THR A 143 -24.62 -17.47 -33.25
N THR A 144 -24.92 -16.41 -32.53
CA THR A 144 -25.14 -15.08 -33.13
C THR A 144 -23.82 -14.57 -33.74
N LYS A 145 -22.70 -14.93 -33.13
CA LYS A 145 -21.37 -14.51 -33.61
C LYS A 145 -21.18 -15.06 -35.02
N HIS A 146 -21.38 -16.38 -35.18
CA HIS A 146 -21.15 -17.10 -36.47
C HIS A 146 -22.12 -16.56 -37.52
N LYS A 147 -23.34 -16.22 -37.13
CA LYS A 147 -24.36 -15.62 -38.03
C LYS A 147 -23.89 -14.24 -38.51
N TRP A 148 -23.31 -13.43 -37.64
CA TRP A 148 -22.98 -12.02 -37.97
C TRP A 148 -21.64 -11.95 -38.68
N GLU A 149 -20.79 -12.98 -38.52
CA GLU A 149 -19.52 -13.09 -39.27
C GLU A 149 -19.85 -13.41 -40.72
N ALA A 150 -20.85 -14.27 -40.89
CA ALA A 150 -21.38 -14.68 -42.22
C ALA A 150 -22.04 -13.50 -42.92
N ALA A 151 -22.77 -12.65 -42.19
CA ALA A 151 -23.55 -11.54 -42.78
C ALA A 151 -22.73 -10.26 -42.88
N HIS A 152 -21.43 -10.33 -42.57
CA HIS A 152 -20.49 -9.19 -42.74
C HIS A 152 -20.92 -7.97 -41.92
N VAL A 153 -21.44 -8.15 -40.70
CA VAL A 153 -22.01 -7.04 -39.88
C VAL A 153 -20.90 -6.07 -39.46
N ALA A 154 -19.78 -6.59 -38.90
CA ALA A 154 -18.68 -5.81 -38.27
C ALA A 154 -18.13 -4.83 -39.31
N GLU A 155 -17.90 -5.32 -40.53
CA GLU A 155 -17.28 -4.55 -41.64
C GLU A 155 -18.17 -3.35 -41.97
N GLN A 156 -19.48 -3.55 -41.99
CA GLN A 156 -20.45 -2.47 -42.34
C GLN A 156 -20.69 -1.53 -41.16
N LEU A 157 -20.70 -2.01 -39.90
CA LEU A 157 -20.66 -1.15 -38.69
C LEU A 157 -19.37 -0.30 -38.66
N ARG A 158 -18.19 -0.89 -38.94
CA ARG A 158 -16.87 -0.21 -38.88
C ARG A 158 -16.88 0.98 -39.84
N ALA A 159 -17.58 0.87 -40.96
CA ALA A 159 -17.68 1.96 -41.95
C ALA A 159 -18.49 3.11 -41.34
N TYR A 160 -19.57 2.79 -40.61
CA TYR A 160 -20.50 3.77 -39.99
C TYR A 160 -19.75 4.49 -38.88
N LEU A 161 -19.07 3.71 -38.03
CA LEU A 161 -18.47 4.21 -36.76
C LEU A 161 -17.29 5.14 -37.10
N GLU A 162 -16.51 4.81 -38.13
CA GLU A 162 -15.31 5.62 -38.50
C GLU A 162 -15.70 6.79 -39.40
N GLY A 163 -16.86 6.73 -40.06
CA GLY A 163 -17.22 7.64 -41.15
C GLY A 163 -18.43 8.48 -40.80
N THR A 164 -19.64 7.89 -40.93
CA THR A 164 -20.95 8.58 -40.78
C THR A 164 -21.08 9.14 -39.36
N CYS A 165 -20.82 8.31 -38.35
CA CYS A 165 -20.94 8.64 -36.91
C CYS A 165 -20.08 9.86 -36.57
N VAL A 166 -18.84 9.89 -37.03
CA VAL A 166 -17.88 10.96 -36.66
C VAL A 166 -18.26 12.22 -37.42
N GLU A 167 -18.71 12.08 -38.67
CA GLU A 167 -18.97 13.27 -39.51
C GLU A 167 -20.28 13.95 -39.06
N TRP A 168 -21.27 13.19 -38.61
CA TRP A 168 -22.51 13.80 -38.10
C TRP A 168 -22.32 14.35 -36.69
N LEU A 169 -21.45 13.73 -35.90
CA LEU A 169 -21.12 14.26 -34.57
C LEU A 169 -20.47 15.64 -34.78
N ARG A 170 -19.57 15.76 -35.75
CA ARG A 170 -18.88 17.04 -36.04
C ARG A 170 -19.94 18.04 -36.50
N ARG A 171 -20.93 17.58 -37.25
CA ARG A 171 -21.99 18.48 -37.75
C ARG A 171 -22.89 18.96 -36.60
N TYR A 172 -23.22 18.08 -35.65
CA TYR A 172 -24.07 18.42 -34.47
C TYR A 172 -23.31 19.41 -33.57
N LEU A 173 -22.00 19.20 -33.38
CA LEU A 173 -21.14 20.07 -32.53
C LEU A 173 -21.14 21.48 -33.10
N GLU A 174 -21.22 21.61 -34.44
CA GLU A 174 -21.18 22.93 -35.12
C GLU A 174 -22.54 23.61 -35.03
N ASN A 175 -23.61 22.85 -35.18
CA ASN A 175 -25.00 23.34 -35.20
C ASN A 175 -25.36 23.87 -33.82
N GLY A 176 -25.11 23.08 -32.78
CA GLY A 176 -25.51 23.41 -31.39
C GLY A 176 -24.31 23.81 -30.56
N LYS A 177 -23.57 24.78 -31.08
CA LYS A 177 -22.25 25.16 -30.52
C LYS A 177 -22.40 25.68 -29.10
N GLU A 178 -23.35 26.60 -28.86
CA GLU A 178 -23.43 27.31 -27.56
C GLU A 178 -24.00 26.38 -26.50
N THR A 179 -24.60 25.26 -26.89
CA THR A 179 -25.15 24.24 -25.96
C THR A 179 -24.07 23.17 -25.72
N LEU A 180 -23.46 22.61 -26.77
CA LEU A 180 -22.61 21.39 -26.63
C LEU A 180 -21.16 21.74 -26.29
N GLN A 181 -20.66 22.88 -26.78
CA GLN A 181 -19.24 23.31 -26.60
C GLN A 181 -19.15 24.25 -25.40
N ARG A 182 -20.21 24.33 -24.61
CA ARG A 182 -20.16 25.09 -23.34
C ARG A 182 -19.49 24.23 -22.26
N THR A 183 -19.00 24.88 -21.21
CA THR A 183 -18.56 24.20 -19.98
C THR A 183 -18.99 25.09 -18.79
N ASP A 184 -20.12 24.76 -18.16
CA ASP A 184 -20.63 25.40 -16.91
C ASP A 184 -19.85 24.86 -15.71
N ALA A 185 -19.11 25.73 -15.03
CA ALA A 185 -18.29 25.38 -13.86
C ALA A 185 -19.26 25.16 -12.72
N PRO A 186 -18.94 24.26 -11.75
CA PRO A 186 -19.83 24.00 -10.63
C PRO A 186 -19.91 25.17 -9.63
N LYS A 187 -21.13 25.61 -9.28
CA LYS A 187 -21.40 26.55 -8.16
C LYS A 187 -21.33 25.75 -6.85
N THR A 188 -20.45 26.13 -5.94
CA THR A 188 -20.10 25.30 -4.77
C THR A 188 -20.42 26.08 -3.50
N HIS A 189 -20.82 25.34 -2.48
CA HIS A 189 -20.95 25.82 -1.09
C HIS A 189 -20.87 24.61 -0.15
N MET A 190 -20.74 24.88 1.14
CA MET A 190 -20.66 23.85 2.18
C MET A 190 -21.76 24.07 3.20
N THR A 191 -22.38 22.99 3.67
CA THR A 191 -23.40 23.02 4.74
C THR A 191 -22.90 22.24 5.94
N HIS A 192 -23.37 22.66 7.10
CA HIS A 192 -22.99 22.14 8.43
C HIS A 192 -24.26 21.77 9.18
N HIS A 193 -24.25 20.58 9.75
CA HIS A 193 -25.27 20.17 10.74
C HIS A 193 -24.57 19.40 11.85
N ALA A 194 -24.91 19.71 13.11
CA ALA A 194 -24.51 18.86 14.25
C ALA A 194 -25.40 17.62 14.22
N VAL A 195 -24.85 16.46 14.57
CA VAL A 195 -25.61 15.18 14.57
C VAL A 195 -25.49 14.53 15.95
N SER A 196 -24.84 15.22 16.87
CA SER A 196 -24.35 14.62 18.11
C SER A 196 -23.76 15.73 18.96
N ASP A 197 -23.45 15.39 20.20
CA ASP A 197 -22.75 16.28 21.15
C ASP A 197 -21.33 16.46 20.65
N HIS A 198 -20.74 15.40 20.09
CA HIS A 198 -19.29 15.39 19.78
C HIS A 198 -19.04 15.27 18.27
N GLU A 199 -20.07 15.22 17.43
CA GLU A 199 -19.87 15.04 15.96
C GLU A 199 -20.70 16.05 15.16
N ALA A 200 -20.36 16.17 13.87
CA ALA A 200 -21.02 17.12 12.94
C ALA A 200 -20.72 16.73 11.49
N THR A 201 -21.71 16.95 10.62
CA THR A 201 -21.63 16.60 9.18
C THR A 201 -21.22 17.85 8.40
N LEU A 202 -20.18 17.70 7.59
CA LEU A 202 -19.79 18.69 6.57
C LEU A 202 -20.20 18.13 5.22
N ARG A 203 -21.12 18.79 4.54
CA ARG A 203 -21.55 18.38 3.18
C ARG A 203 -21.01 19.41 2.21
N CYS A 204 -20.48 18.93 1.10
CA CYS A 204 -19.85 19.75 0.04
C CYS A 204 -20.71 19.62 -1.21
N TRP A 205 -21.29 20.72 -1.67
CA TRP A 205 -22.22 20.73 -2.82
C TRP A 205 -21.54 21.27 -4.08
N ALA A 206 -21.81 20.66 -5.22
CA ALA A 206 -21.44 21.17 -6.57
C ALA A 206 -22.73 21.18 -7.40
N LEU A 207 -23.17 22.32 -7.94
CA LEU A 207 -24.46 22.37 -8.67
C LEU A 207 -24.28 23.08 -10.01
N SER A 208 -25.27 22.94 -10.87
CA SER A 208 -25.40 23.68 -12.14
C SER A 208 -24.12 23.57 -12.98
N PHE A 209 -23.52 22.38 -13.07
CA PHE A 209 -22.33 22.13 -13.91
C PHE A 209 -22.72 21.20 -15.05
N TYR A 210 -22.42 21.56 -16.31
CA TYR A 210 -22.93 20.86 -17.52
C TYR A 210 -22.32 19.48 -17.70
N PRO A 211 -20.97 19.30 -17.72
CA PRO A 211 -20.39 17.97 -17.93
C PRO A 211 -20.43 17.16 -16.64
N ALA A 212 -20.95 15.93 -16.70
CA ALA A 212 -21.16 15.05 -15.53
C ALA A 212 -19.83 14.65 -14.91
N GLU A 213 -18.75 14.59 -15.72
CA GLU A 213 -17.38 14.29 -15.24
C GLU A 213 -17.03 15.34 -14.18
N ILE A 214 -17.09 14.92 -12.91
CA ILE A 214 -16.69 15.77 -11.76
C ILE A 214 -16.12 14.88 -10.66
N THR A 215 -15.15 15.40 -9.92
CA THR A 215 -14.55 14.70 -8.77
C THR A 215 -14.69 15.58 -7.54
N LEU A 216 -15.33 15.01 -6.52
CA LEU A 216 -15.45 15.60 -5.17
C LEU A 216 -14.63 14.72 -4.21
N THR A 217 -13.61 15.29 -3.55
CA THR A 217 -12.74 14.57 -2.60
C THR A 217 -12.44 15.43 -1.38
N TRP A 218 -12.40 14.80 -0.21
CA TRP A 218 -12.07 15.47 1.08
C TRP A 218 -10.58 15.35 1.38
N GLN A 219 -10.06 16.27 2.19
CA GLN A 219 -8.68 16.27 2.72
C GLN A 219 -8.72 16.67 4.20
N ARG A 220 -7.84 16.08 5.00
CA ARG A 220 -7.66 16.54 6.40
C ARG A 220 -6.21 16.99 6.54
N ASP A 221 -6.03 18.29 6.74
CA ASP A 221 -4.71 18.94 7.01
C ASP A 221 -3.92 18.97 5.70
N GLY A 222 -3.64 17.80 5.13
CA GLY A 222 -2.79 17.63 3.94
C GLY A 222 -3.16 16.42 3.10
N GLU A 223 -3.64 15.33 3.72
CA GLU A 223 -3.86 14.06 2.99
C GLU A 223 -5.37 13.82 2.79
N ASP A 224 -5.72 13.34 1.59
CA ASP A 224 -7.10 13.05 1.14
C ASP A 224 -7.83 12.26 2.24
N GLN A 225 -9.01 12.71 2.66
CA GLN A 225 -9.82 12.00 3.68
C GLN A 225 -10.57 10.85 2.99
N THR A 226 -10.04 9.64 3.17
CA THR A 226 -10.58 8.37 2.60
C THR A 226 -11.42 7.67 3.67
N THR A 229 -17.49 8.37 5.23
CA THR A 229 -17.42 9.21 4.01
C THR A 229 -18.59 8.84 3.09
N GLU A 230 -19.43 9.80 2.73
CA GLU A 230 -20.68 9.57 1.97
C GLU A 230 -20.60 10.29 0.62
N LEU A 231 -21.04 9.66 -0.49
CA LEU A 231 -20.91 10.26 -1.86
C LEU A 231 -22.05 9.75 -2.74
N VAL A 232 -22.94 10.64 -3.16
CA VAL A 232 -24.13 10.29 -3.98
C VAL A 232 -23.74 10.33 -5.45
N GLU A 233 -24.50 9.60 -6.26
CA GLU A 233 -24.26 9.55 -7.72
C GLU A 233 -24.63 10.92 -8.29
N THR A 234 -23.81 11.39 -9.22
CA THR A 234 -24.05 12.62 -10.01
C THR A 234 -25.45 12.53 -10.57
N ARG A 235 -26.21 13.61 -10.53
CA ARG A 235 -27.66 13.56 -10.85
C ARG A 235 -28.00 14.74 -11.74
N PRO A 236 -28.97 14.61 -12.67
CA PRO A 236 -29.37 15.73 -13.53
C PRO A 236 -30.22 16.73 -12.77
N ALA A 237 -29.98 18.01 -13.01
CA ALA A 237 -30.77 19.11 -12.42
C ALA A 237 -32.14 19.13 -13.12
N GLY A 238 -32.19 18.70 -14.37
CA GLY A 238 -33.44 18.66 -15.15
C GLY A 238 -33.48 19.80 -16.14
N ASP A 239 -32.44 20.65 -16.17
CA ASP A 239 -32.39 21.88 -17.01
C ASP A 239 -31.16 21.85 -17.90
N GLY A 240 -30.53 20.69 -18.08
CA GLY A 240 -29.29 20.57 -18.85
C GLY A 240 -28.05 20.46 -17.97
N THR A 241 -28.04 21.01 -16.76
CA THR A 241 -26.86 20.94 -15.85
C THR A 241 -26.97 19.77 -14.88
N PHE A 242 -25.91 19.50 -14.11
CA PHE A 242 -25.77 18.31 -13.22
C PHE A 242 -25.43 18.72 -11.80
N GLN A 243 -25.66 17.84 -10.82
CA GLN A 243 -25.47 18.12 -9.37
C GLN A 243 -24.79 16.94 -8.71
N LYS A 244 -24.08 17.20 -7.61
CA LYS A 244 -23.46 16.11 -6.80
C LYS A 244 -23.10 16.70 -5.44
N TRP A 245 -23.22 15.90 -4.37
CA TRP A 245 -22.67 16.24 -3.04
C TRP A 245 -21.86 15.09 -2.42
N ALA A 246 -20.92 15.46 -1.54
CA ALA A 246 -20.05 14.55 -0.77
C ALA A 246 -20.00 15.05 0.67
N ALA A 247 -20.04 14.13 1.63
CA ALA A 247 -20.13 14.48 3.06
C ALA A 247 -19.14 13.65 3.89
N VAL A 248 -18.75 14.25 5.02
CA VAL A 248 -17.92 13.61 6.08
C VAL A 248 -18.53 13.91 7.44
N VAL A 249 -18.52 12.91 8.31
CA VAL A 249 -18.86 13.09 9.74
C VAL A 249 -17.55 13.28 10.48
N VAL A 250 -17.42 14.44 11.09
CA VAL A 250 -16.14 14.95 11.63
C VAL A 250 -16.40 15.25 13.09
N PRO A 251 -15.44 14.95 14.00
CA PRO A 251 -15.50 15.45 15.38
C PRO A 251 -15.66 16.98 15.47
N SER A 252 -16.62 17.43 16.27
N SER A 252 -16.62 17.43 16.27
CA SER A 252 -17.00 18.85 16.43
CA SER A 252 -17.00 18.85 16.43
C SER A 252 -15.81 19.61 17.00
C SER A 252 -15.81 19.61 17.00
N GLY A 253 -15.68 20.88 16.61
CA GLY A 253 -14.52 21.72 16.96
C GLY A 253 -13.32 21.45 16.05
N GLN A 254 -13.45 20.56 15.07
CA GLN A 254 -12.31 20.20 14.19
C GLN A 254 -12.75 20.26 12.72
N GLU A 255 -13.81 21.01 12.43
CA GLU A 255 -14.37 21.17 11.06
C GLU A 255 -13.42 22.02 10.22
N GLN A 256 -12.66 22.90 10.85
CA GLN A 256 -11.81 23.90 10.17
C GLN A 256 -10.62 23.20 9.52
N ARG A 257 -10.24 21.99 9.97
CA ARG A 257 -9.07 21.27 9.42
C ARG A 257 -9.46 20.36 8.25
N TYR A 258 -10.73 20.34 7.83
CA TYR A 258 -11.19 19.57 6.64
C TYR A 258 -11.44 20.53 5.47
N THR A 259 -11.03 20.13 4.27
CA THR A 259 -11.29 20.88 3.01
C THR A 259 -11.87 19.96 1.93
N CYS A 260 -12.78 20.49 1.13
CA CYS A 260 -13.37 19.77 -0.03
C CYS A 260 -12.67 20.26 -1.30
N HIS A 261 -12.33 19.32 -2.21
CA HIS A 261 -11.60 19.60 -3.46
C HIS A 261 -12.45 19.21 -4.68
N VAL A 262 -12.55 20.13 -5.62
CA VAL A 262 -13.46 20.00 -6.79
C VAL A 262 -12.63 20.07 -8.07
N GLN A 263 -12.69 19.00 -8.87
CA GLN A 263 -12.02 18.90 -10.19
C GLN A 263 -13.10 18.82 -11.26
N HIS A 264 -13.05 19.73 -12.23
CA HIS A 264 -14.06 19.82 -13.31
C HIS A 264 -13.42 20.65 -14.43
N GLU A 265 -13.71 20.29 -15.67
CA GLU A 265 -13.00 20.90 -16.83
C GLU A 265 -13.43 22.37 -16.98
N GLY A 266 -14.57 22.78 -16.43
CA GLY A 266 -14.99 24.20 -16.40
C GLY A 266 -14.14 25.04 -15.46
N LEU A 267 -13.55 24.44 -14.42
CA LEU A 267 -12.68 25.15 -13.44
C LEU A 267 -11.26 25.17 -13.97
N PRO A 268 -10.60 26.35 -14.05
CA PRO A 268 -9.19 26.43 -14.44
C PRO A 268 -8.31 25.44 -13.65
N LYS A 269 -8.45 25.49 -12.33
CA LYS A 269 -7.68 24.64 -11.38
C LYS A 269 -8.62 24.25 -10.25
N PRO A 270 -8.31 23.20 -9.44
CA PRO A 270 -9.24 22.68 -8.45
C PRO A 270 -9.55 23.67 -7.32
N LEU A 271 -10.79 23.68 -6.82
CA LEU A 271 -11.31 24.57 -5.74
C LEU A 271 -11.16 23.89 -4.38
N ILE B 21 -31.66 -11.25 -13.84
CA ILE B 21 -31.04 -10.39 -12.76
C ILE B 21 -32.08 -9.40 -12.25
N GLN B 22 -31.99 -9.10 -10.96
CA GLN B 22 -32.83 -8.07 -10.30
C GLN B 22 -31.89 -7.12 -9.53
N ARG B 23 -31.94 -5.83 -9.89
CA ARG B 23 -31.15 -4.75 -9.26
C ARG B 23 -32.12 -3.73 -8.66
N THR B 24 -31.92 -3.41 -7.39
CA THR B 24 -32.83 -2.54 -6.60
C THR B 24 -32.49 -1.07 -6.87
N PRO B 25 -33.50 -0.22 -7.12
CA PRO B 25 -33.25 1.17 -7.45
C PRO B 25 -32.69 2.01 -6.30
N LYS B 26 -31.75 2.91 -6.62
CA LYS B 26 -31.22 3.98 -5.73
C LYS B 26 -32.01 5.27 -6.00
N ILE B 27 -32.61 5.84 -4.97
CA ILE B 27 -33.61 6.97 -5.09
C ILE B 27 -33.02 8.26 -4.50
N GLN B 28 -33.13 9.36 -5.23
CA GLN B 28 -32.66 10.69 -4.74
C GLN B 28 -33.77 11.70 -4.97
N VAL B 29 -34.21 12.39 -3.91
CA VAL B 29 -35.28 13.41 -4.00
C VAL B 29 -34.67 14.77 -3.65
N TYR B 30 -34.79 15.74 -4.54
CA TYR B 30 -34.06 17.02 -4.44
C TYR B 30 -34.70 18.05 -5.35
N SER B 31 -34.32 19.31 -5.09
CA SER B 31 -34.79 20.50 -5.85
C SER B 31 -33.77 20.80 -6.94
N ARG B 32 -34.25 21.33 -8.06
CA ARG B 32 -33.44 21.86 -9.19
C ARG B 32 -32.53 22.99 -8.72
N HIS B 33 -33.07 23.99 -8.01
CA HIS B 33 -32.30 25.15 -7.46
C HIS B 33 -32.38 25.08 -5.94
N PRO B 34 -31.43 25.72 -5.21
CA PRO B 34 -31.53 25.75 -3.74
C PRO B 34 -32.93 26.19 -3.33
N ALA B 35 -33.53 25.43 -2.41
CA ALA B 35 -34.91 25.61 -1.93
C ALA B 35 -35.01 26.97 -1.22
N GLU B 36 -35.97 27.78 -1.65
CA GLU B 36 -36.36 29.03 -0.97
C GLU B 36 -37.88 29.04 -0.87
N ASN B 37 -38.43 29.07 0.35
CA ASN B 37 -39.91 29.05 0.57
C ASN B 37 -40.52 30.22 -0.20
N GLY B 38 -41.61 29.95 -0.93
CA GLY B 38 -42.36 30.96 -1.71
C GLY B 38 -41.80 31.14 -3.11
N LYS B 39 -40.64 30.53 -3.41
CA LYS B 39 -40.00 30.63 -4.75
C LYS B 39 -40.26 29.32 -5.52
N SER B 40 -40.87 29.44 -6.70
CA SER B 40 -41.11 28.32 -7.65
C SER B 40 -39.78 27.66 -8.01
N ASN B 41 -39.86 26.35 -8.24
CA ASN B 41 -38.69 25.45 -8.27
C ASN B 41 -39.16 24.19 -8.99
N PHE B 42 -38.32 23.17 -9.00
CA PHE B 42 -38.71 21.83 -9.48
C PHE B 42 -38.24 20.80 -8.48
N LEU B 43 -39.16 19.90 -8.16
CA LEU B 43 -38.90 18.73 -7.28
C LEU B 43 -38.49 17.56 -8.19
N ASN B 44 -37.30 17.02 -7.94
CA ASN B 44 -36.75 15.89 -8.75
C ASN B 44 -36.79 14.62 -7.92
N CYS B 45 -37.16 13.50 -8.54
CA CYS B 45 -36.97 12.13 -8.01
C CYS B 45 -36.17 11.32 -9.04
N TYR B 46 -34.89 11.05 -8.74
CA TYR B 46 -33.94 10.38 -9.66
C TYR B 46 -33.79 8.93 -9.21
N VAL B 47 -34.31 8.01 -9.99
CA VAL B 47 -34.22 6.56 -9.67
C VAL B 47 -33.21 5.92 -10.64
N SER B 48 -32.22 5.20 -10.12
CA SER B 48 -31.09 4.71 -10.94
C SER B 48 -30.62 3.34 -10.46
N GLY B 49 -29.84 2.65 -11.29
CA GLY B 49 -29.18 1.39 -10.91
C GLY B 49 -30.16 0.23 -10.84
N PHE B 50 -31.31 0.31 -11.50
CA PHE B 50 -32.38 -0.71 -11.34
C PHE B 50 -32.51 -1.57 -12.58
N HIS B 51 -33.02 -2.77 -12.37
CA HIS B 51 -33.37 -3.77 -13.42
C HIS B 51 -34.36 -4.74 -12.82
N PRO B 52 -35.45 -5.12 -13.50
CA PRO B 52 -35.80 -4.61 -14.81
C PRO B 52 -36.37 -3.18 -14.84
N SER B 53 -36.79 -2.73 -16.03
CA SER B 53 -37.06 -1.32 -16.40
C SER B 53 -38.42 -0.92 -15.85
N ASP B 54 -39.32 -1.86 -15.71
CA ASP B 54 -40.66 -1.52 -15.22
C ASP B 54 -40.49 -1.03 -13.77
N ILE B 55 -40.99 0.16 -13.52
CA ILE B 55 -40.89 0.84 -12.20
C ILE B 55 -42.07 1.81 -12.09
N GLU B 56 -42.48 2.10 -10.87
CA GLU B 56 -43.64 3.00 -10.67
C GLU B 56 -43.21 4.06 -9.68
N VAL B 57 -43.41 5.31 -10.04
CA VAL B 57 -42.79 6.42 -9.28
C VAL B 57 -43.88 7.49 -9.12
N ASP B 58 -44.15 7.85 -7.87
CA ASP B 58 -45.09 8.95 -7.55
C ASP B 58 -44.32 10.03 -6.78
N LEU B 59 -44.60 11.30 -7.06
CA LEU B 59 -44.18 12.39 -6.15
C LEU B 59 -45.37 12.73 -5.26
N LEU B 60 -45.12 12.98 -3.97
CA LEU B 60 -46.18 13.14 -2.95
C LEU B 60 -46.06 14.50 -2.28
N LYS B 61 -47.22 15.14 -2.07
CA LYS B 61 -47.39 16.39 -1.27
C LYS B 61 -48.28 16.05 -0.08
N ASN B 62 -47.71 16.10 1.13
CA ASN B 62 -48.38 15.74 2.41
C ASN B 62 -48.94 14.31 2.31
N GLY B 63 -48.20 13.40 1.66
CA GLY B 63 -48.57 11.97 1.50
C GLY B 63 -49.52 11.69 0.35
N GLU B 64 -50.01 12.72 -0.33
CA GLU B 64 -51.01 12.54 -1.39
C GLU B 64 -50.33 12.75 -2.75
N ARG B 65 -50.69 11.90 -3.69
CA ARG B 65 -50.03 11.82 -5.01
C ARG B 65 -50.19 13.13 -5.78
N ILE B 66 -49.08 13.67 -6.31
CA ILE B 66 -49.06 14.80 -7.28
C ILE B 66 -49.33 14.23 -8.68
N GLU B 67 -50.34 14.74 -9.40
CA GLU B 67 -50.72 14.13 -10.70
C GLU B 67 -49.72 14.56 -11.78
N LYS B 68 -49.76 15.81 -12.23
CA LYS B 68 -48.97 16.29 -13.40
C LYS B 68 -47.46 16.08 -13.14
N VAL B 69 -46.99 14.86 -13.36
CA VAL B 69 -45.57 14.48 -13.11
C VAL B 69 -45.00 14.03 -14.44
N GLU B 70 -43.97 14.72 -14.91
CA GLU B 70 -43.25 14.37 -16.16
C GLU B 70 -42.02 13.56 -15.81
N HIS B 71 -41.46 12.87 -16.79
CA HIS B 71 -40.27 11.99 -16.58
C HIS B 71 -39.45 11.94 -17.85
N SER B 72 -38.17 11.62 -17.67
CA SER B 72 -37.17 11.46 -18.74
C SER B 72 -37.47 10.18 -19.51
N ASP B 73 -36.83 10.09 -20.67
CA ASP B 73 -36.85 8.91 -21.57
C ASP B 73 -35.92 7.88 -20.96
N LEU B 74 -36.37 6.65 -20.84
CA LEU B 74 -35.56 5.58 -20.25
C LEU B 74 -34.21 5.53 -20.96
N SER B 75 -33.14 5.51 -20.18
CA SER B 75 -31.79 5.18 -20.68
C SER B 75 -31.08 4.29 -19.67
N PHE B 76 -29.83 3.93 -19.91
CA PHE B 76 -29.10 3.01 -18.99
C PHE B 76 -27.60 3.30 -18.99
N SER B 77 -26.95 2.81 -17.92
CA SER B 77 -25.52 3.05 -17.61
C SER B 77 -24.69 1.90 -18.16
N LYS B 78 -23.39 1.95 -17.91
CA LYS B 78 -22.42 1.01 -18.53
C LYS B 78 -22.57 -0.36 -17.86
N ASP B 79 -23.27 -0.50 -16.73
CA ASP B 79 -23.58 -1.84 -16.17
C ASP B 79 -24.96 -2.30 -16.62
N TRP B 80 -25.59 -1.61 -17.56
CA TRP B 80 -26.92 -1.94 -18.18
C TRP B 80 -28.10 -1.63 -17.25
N SER B 81 -27.84 -1.10 -16.04
CA SER B 81 -28.90 -0.70 -15.09
C SER B 81 -29.48 0.63 -15.56
N PHE B 82 -30.79 0.77 -15.38
CA PHE B 82 -31.60 1.87 -15.96
C PHE B 82 -31.59 3.06 -15.04
N TYR B 83 -31.99 4.22 -15.59
CA TYR B 83 -32.23 5.45 -14.80
C TYR B 83 -33.35 6.30 -15.42
N LEU B 84 -34.11 6.94 -14.54
CA LEU B 84 -35.23 7.87 -14.87
C LEU B 84 -35.17 9.07 -13.93
N LEU B 85 -35.44 10.25 -14.47
CA LEU B 85 -35.77 11.45 -13.68
C LEU B 85 -37.28 11.73 -13.76
N TYR B 86 -37.95 11.76 -12.62
CA TYR B 86 -39.35 12.24 -12.51
C TYR B 86 -39.28 13.61 -11.86
N TYR B 87 -40.11 14.53 -12.30
CA TYR B 87 -40.03 15.93 -11.85
C TYR B 87 -41.38 16.59 -12.00
N THR B 88 -41.61 17.62 -11.21
CA THR B 88 -42.86 18.44 -11.25
C THR B 88 -42.51 19.86 -10.78
N GLU B 89 -43.25 20.86 -11.28
CA GLU B 89 -43.08 22.26 -10.87
C GLU B 89 -43.71 22.38 -9.49
N PHE B 90 -43.05 23.05 -8.54
CA PHE B 90 -43.60 23.25 -7.17
C PHE B 90 -43.02 24.51 -6.54
N THR B 91 -43.79 25.03 -5.58
CA THR B 91 -43.41 26.19 -4.74
C THR B 91 -43.34 25.70 -3.29
N PRO B 92 -42.12 25.48 -2.74
CA PRO B 92 -41.97 24.94 -1.39
C PRO B 92 -42.49 25.91 -0.32
N THR B 93 -43.00 25.37 0.77
CA THR B 93 -43.40 26.15 1.98
C THR B 93 -42.86 25.42 3.20
N GLU B 94 -42.86 26.05 4.37
CA GLU B 94 -42.20 25.43 5.55
C GLU B 94 -43.00 24.21 6.02
N LYS B 95 -44.33 24.20 5.91
CA LYS B 95 -45.13 23.12 6.57
C LYS B 95 -45.47 21.99 5.57
N ASP B 96 -45.47 22.27 4.26
CA ASP B 96 -45.74 21.27 3.20
C ASP B 96 -44.64 20.18 3.22
N GLU B 97 -45.05 18.92 3.21
CA GLU B 97 -44.12 17.77 3.21
C GLU B 97 -44.09 17.16 1.80
N TYR B 98 -42.91 16.89 1.27
CA TYR B 98 -42.74 16.32 -0.08
C TYR B 98 -41.98 15.00 0.05
N ALA B 99 -42.29 14.06 -0.84
CA ALA B 99 -41.73 12.70 -0.84
C ALA B 99 -41.82 12.05 -2.22
N CYS B 100 -41.10 10.94 -2.38
CA CYS B 100 -41.10 10.11 -3.59
C CYS B 100 -41.40 8.68 -3.18
N ARG B 101 -42.40 8.06 -3.81
CA ARG B 101 -42.80 6.65 -3.55
C ARG B 101 -42.49 5.81 -4.79
N VAL B 102 -41.66 4.80 -4.58
CA VAL B 102 -41.15 3.95 -5.68
C VAL B 102 -41.62 2.52 -5.42
N ASN B 103 -42.28 1.91 -6.40
N ASN B 103 -42.28 1.91 -6.40
CA ASN B 103 -42.57 0.45 -6.38
CA ASN B 103 -42.57 0.45 -6.38
C ASN B 103 -41.81 -0.22 -7.52
C ASN B 103 -41.81 -0.22 -7.52
N HIS B 104 -41.26 -1.40 -7.24
CA HIS B 104 -40.42 -2.19 -8.15
C HIS B 104 -40.60 -3.65 -7.76
N VAL B 105 -40.24 -4.54 -8.67
CA VAL B 105 -40.32 -6.00 -8.42
C VAL B 105 -39.29 -6.40 -7.33
N THR B 106 -38.19 -5.65 -7.17
CA THR B 106 -37.10 -5.92 -6.18
C THR B 106 -37.53 -5.45 -4.80
N LEU B 107 -38.57 -4.62 -4.71
CA LEU B 107 -39.07 -4.04 -3.45
C LEU B 107 -40.25 -4.85 -2.97
N SER B 108 -40.06 -5.41 -1.76
CA SER B 108 -40.99 -6.26 -0.97
C SER B 108 -42.31 -5.50 -0.91
N GLN B 109 -42.21 -4.21 -0.58
CA GLN B 109 -43.34 -3.25 -0.50
C GLN B 109 -42.79 -1.87 -0.85
N PRO B 110 -43.67 -0.90 -1.17
CA PRO B 110 -43.25 0.40 -1.71
C PRO B 110 -42.34 1.18 -0.76
N LYS B 111 -41.29 1.78 -1.31
CA LYS B 111 -40.28 2.56 -0.56
C LYS B 111 -40.63 4.04 -0.67
N ILE B 112 -40.71 4.75 0.45
CA ILE B 112 -41.06 6.21 0.48
C ILE B 112 -39.84 7.00 0.98
N VAL B 113 -39.32 7.94 0.18
CA VAL B 113 -38.16 8.79 0.55
C VAL B 113 -38.63 10.25 0.65
N LYS B 114 -38.48 10.83 1.84
CA LYS B 114 -38.89 12.22 2.16
C LYS B 114 -37.89 13.20 1.55
N TRP B 115 -38.40 14.34 1.07
CA TRP B 115 -37.57 15.50 0.66
C TRP B 115 -37.06 16.24 1.91
N ASP B 116 -35.75 16.19 2.16
CA ASP B 116 -35.01 17.13 3.06
C ASP B 116 -34.33 18.13 2.15
N ARG B 117 -34.10 19.36 2.61
CA ARG B 117 -33.52 20.44 1.75
C ARG B 117 -32.03 20.25 1.67
N ASP B 118 -31.35 20.23 2.82
CA ASP B 118 -29.97 19.68 2.87
C ASP B 118 -30.05 18.14 2.93
N MET B 119 -30.87 17.54 2.06
CA MET B 119 -30.94 16.08 1.78
C MET B 119 -30.49 15.28 3.00
N HIS C 1 -27.57 10.85 -36.54
CA HIS C 1 -27.73 9.91 -37.70
C HIS C 1 -27.43 8.49 -37.21
N MET C 2 -28.48 7.68 -37.03
CA MET C 2 -28.40 6.29 -36.52
C MET C 2 -27.63 5.43 -37.53
N THR C 3 -27.55 4.13 -37.31
CA THR C 3 -26.91 3.22 -38.30
C THR C 3 -28.00 2.45 -39.03
N GLU C 4 -27.62 1.97 -40.19
CA GLU C 4 -28.52 1.28 -41.15
C GLU C 4 -28.29 -0.22 -40.94
N VAL C 5 -27.21 -0.55 -40.19
CA VAL C 5 -26.62 -1.91 -40.07
C VAL C 5 -27.07 -2.51 -38.74
N VAL C 6 -28.10 -3.34 -38.84
CA VAL C 6 -28.83 -3.97 -37.71
C VAL C 6 -29.22 -5.35 -38.23
N ARG C 7 -28.53 -6.37 -37.77
CA ARG C 7 -28.84 -7.76 -38.12
C ARG C 7 -29.50 -8.45 -36.93
N HIS C 8 -30.60 -9.14 -37.21
CA HIS C 8 -31.28 -10.04 -36.26
C HIS C 8 -30.31 -11.06 -35.66
N CYS C 9 -30.80 -11.84 -34.71
CA CYS C 9 -29.97 -12.80 -33.93
C CYS C 9 -30.79 -13.49 -32.83
N GLY D 2 4.98 6.45 -23.83
CA GLY D 2 4.35 6.79 -22.52
C GLY D 2 3.53 5.62 -21.99
N SER D 3 2.27 5.90 -21.65
CA SER D 3 1.35 5.07 -20.84
C SER D 3 1.96 3.70 -20.46
N HIS D 4 1.83 3.31 -19.18
CA HIS D 4 2.34 2.03 -18.61
C HIS D 4 1.29 1.37 -17.68
N SER D 5 1.43 0.06 -17.43
CA SER D 5 0.46 -0.74 -16.65
C SER D 5 1.12 -1.92 -15.93
N MET D 6 0.54 -2.36 -14.82
CA MET D 6 0.95 -3.60 -14.13
C MET D 6 -0.30 -4.45 -13.95
N ARG D 7 -0.21 -5.74 -14.25
CA ARG D 7 -1.39 -6.63 -14.25
C ARG D 7 -0.98 -7.96 -13.61
N TYR D 8 -1.92 -8.63 -12.95
CA TYR D 8 -1.70 -9.94 -12.31
C TYR D 8 -2.87 -10.81 -12.74
N PHE D 9 -2.58 -11.92 -13.40
CA PHE D 9 -3.62 -12.83 -13.95
C PHE D 9 -3.64 -14.10 -13.12
N PHE D 10 -4.75 -14.36 -12.45
CA PHE D 10 -4.93 -15.57 -11.60
C PHE D 10 -5.90 -16.51 -12.27
N THR D 11 -5.42 -17.61 -12.80
CA THR D 11 -6.23 -18.60 -13.51
C THR D 11 -6.28 -19.77 -12.58
N SER D 12 -7.47 -20.21 -12.14
N SER D 12 -7.46 -20.20 -12.14
CA SER D 12 -7.61 -21.33 -11.19
CA SER D 12 -7.61 -21.33 -11.19
C SER D 12 -8.77 -22.26 -11.56
C SER D 12 -8.77 -22.25 -11.58
N VAL D 13 -8.48 -23.41 -12.16
CA VAL D 13 -9.53 -24.38 -12.59
C VAL D 13 -9.59 -25.57 -11.64
N SER D 14 -10.80 -26.14 -11.48
CA SER D 14 -11.11 -27.33 -10.66
C SER D 14 -10.69 -28.57 -11.43
N ARG D 15 -10.48 -29.68 -10.73
CA ARG D 15 -10.09 -30.97 -11.34
C ARG D 15 -10.79 -32.09 -10.58
N PRO D 16 -12.12 -32.29 -10.74
CA PRO D 16 -12.81 -33.30 -9.96
C PRO D 16 -12.28 -34.65 -10.46
N GLY D 17 -12.11 -35.59 -9.54
CA GLY D 17 -11.49 -36.91 -9.78
C GLY D 17 -9.99 -36.81 -10.03
N ARG D 18 -9.35 -35.84 -9.38
CA ARG D 18 -7.87 -35.68 -9.44
C ARG D 18 -7.36 -34.80 -8.28
N GLY D 19 -8.03 -34.81 -7.13
CA GLY D 19 -7.61 -34.07 -5.91
C GLY D 19 -7.49 -32.57 -6.13
N GLU D 20 -6.40 -31.95 -5.70
CA GLU D 20 -6.38 -30.49 -5.45
C GLU D 20 -6.42 -29.75 -6.79
N PRO D 21 -7.14 -28.61 -6.88
CA PRO D 21 -7.29 -27.87 -8.13
C PRO D 21 -6.02 -27.13 -8.54
N ARG D 22 -5.95 -26.83 -9.85
CA ARG D 22 -4.79 -26.20 -10.53
C ARG D 22 -4.85 -24.70 -10.28
N PHE D 23 -3.73 -24.10 -9.87
CA PHE D 23 -3.63 -22.63 -9.69
C PHE D 23 -2.39 -22.08 -10.40
N ILE D 24 -2.62 -21.13 -11.31
CA ILE D 24 -1.55 -20.43 -12.06
C ILE D 24 -1.77 -18.93 -11.88
N ALA D 25 -0.68 -18.24 -11.65
CA ALA D 25 -0.64 -16.78 -11.47
C ALA D 25 0.54 -16.25 -12.27
N VAL D 26 0.31 -15.11 -12.89
CA VAL D 26 1.30 -14.47 -13.77
C VAL D 26 1.24 -12.99 -13.50
N GLY D 27 2.40 -12.35 -13.33
CA GLY D 27 2.56 -10.89 -13.18
C GLY D 27 3.14 -10.30 -14.44
N TYR D 28 2.53 -9.25 -15.01
CA TYR D 28 3.01 -8.53 -16.22
C TYR D 28 3.30 -7.06 -15.89
N VAL D 29 4.35 -6.50 -16.47
CA VAL D 29 4.50 -5.02 -16.61
C VAL D 29 4.46 -4.72 -18.10
N ASP D 30 3.40 -4.03 -18.54
CA ASP D 30 3.13 -3.77 -19.98
C ASP D 30 2.87 -5.14 -20.64
N ASP D 31 3.65 -5.46 -21.67
CA ASP D 31 3.52 -6.72 -22.47
C ASP D 31 4.64 -7.66 -22.02
N THR D 32 5.39 -7.34 -20.95
CA THR D 32 6.51 -8.15 -20.42
C THR D 32 6.08 -8.86 -19.13
N GLN D 33 6.03 -10.18 -19.14
CA GLN D 33 5.85 -11.00 -17.92
C GLN D 33 7.09 -10.87 -17.02
N PHE D 34 6.93 -10.76 -15.71
CA PHE D 34 8.08 -10.61 -14.77
C PHE D 34 8.12 -11.70 -13.69
N VAL D 35 6.99 -12.18 -13.16
CA VAL D 35 6.95 -13.28 -12.15
C VAL D 35 5.81 -14.24 -12.47
N ARG D 36 5.87 -15.45 -11.97
CA ARG D 36 4.92 -16.52 -12.32
C ARG D 36 4.78 -17.47 -11.13
N PHE D 37 3.62 -18.11 -11.00
CA PHE D 37 3.39 -19.17 -10.01
C PHE D 37 2.53 -20.23 -10.64
N ASP D 38 2.88 -21.50 -10.40
CA ASP D 38 2.11 -22.68 -10.86
C ASP D 38 2.05 -23.70 -9.74
N SER D 39 0.83 -24.06 -9.31
CA SER D 39 0.57 -24.96 -8.17
C SER D 39 1.20 -26.32 -8.47
N ASP D 40 1.37 -26.63 -9.75
CA ASP D 40 1.86 -27.95 -10.22
C ASP D 40 3.39 -27.96 -10.23
N ALA D 41 4.00 -26.78 -10.30
CA ALA D 41 5.47 -26.64 -10.34
C ALA D 41 6.06 -27.21 -9.05
N ALA D 42 7.34 -27.54 -9.12
CA ALA D 42 8.16 -28.16 -8.05
C ALA D 42 8.30 -27.22 -6.83
N SER D 43 8.68 -25.95 -7.07
CA SER D 43 9.24 -24.98 -6.08
C SER D 43 8.21 -24.62 -5.01
N GLN D 44 6.95 -24.44 -5.40
CA GLN D 44 5.86 -23.85 -4.57
C GLN D 44 6.29 -22.45 -4.14
N ARG D 45 6.98 -21.74 -5.04
CA ARG D 45 7.51 -20.38 -4.80
C ARG D 45 7.16 -19.47 -5.98
N MET D 46 6.77 -18.23 -5.73
CA MET D 46 6.72 -17.20 -6.80
C MET D 46 8.14 -17.12 -7.37
N GLU D 47 8.24 -17.41 -8.66
CA GLU D 47 9.53 -17.50 -9.39
C GLU D 47 9.63 -16.24 -10.25
N PRO D 48 10.86 -15.76 -10.50
CA PRO D 48 11.09 -14.66 -11.41
C PRO D 48 11.00 -15.07 -12.89
N ARG D 49 10.55 -14.17 -13.75
CA ARG D 49 10.49 -14.40 -15.22
C ARG D 49 11.11 -13.20 -15.95
N ALA D 50 12.06 -12.51 -15.34
CA ALA D 50 12.74 -11.32 -15.91
C ALA D 50 14.01 -11.01 -15.15
N PRO D 51 15.00 -10.32 -15.76
CA PRO D 51 16.28 -10.04 -15.12
C PRO D 51 16.19 -9.01 -13.98
N TRP D 52 15.42 -7.96 -14.20
CA TRP D 52 15.35 -6.78 -13.29
C TRP D 52 14.61 -7.12 -12.00
N ILE D 53 13.80 -8.17 -11.96
CA ILE D 53 13.10 -8.56 -10.70
C ILE D 53 14.00 -9.40 -9.81
N GLU D 54 15.01 -10.10 -10.35
CA GLU D 54 15.87 -11.05 -9.59
C GLU D 54 16.64 -10.30 -8.48
N GLN D 55 16.88 -8.99 -8.67
CA GLN D 55 17.67 -8.13 -7.77
C GLN D 55 16.87 -7.77 -6.49
N GLU D 56 15.56 -8.05 -6.40
CA GLU D 56 14.76 -7.89 -5.16
C GLU D 56 15.23 -8.88 -4.08
N GLY D 57 15.21 -8.43 -2.81
CA GLY D 57 15.68 -9.19 -1.63
C GLY D 57 14.77 -10.35 -1.24
N PRO D 58 15.22 -11.27 -0.35
CA PRO D 58 14.40 -12.41 0.09
C PRO D 58 13.09 -12.06 0.82
N GLU D 59 13.01 -10.87 1.42
CA GLU D 59 11.77 -10.37 2.03
C GLU D 59 10.70 -10.23 0.93
N TYR D 60 11.06 -9.75 -0.26
CA TYR D 60 10.10 -9.56 -1.38
C TYR D 60 9.52 -10.92 -1.75
N TRP D 61 10.39 -11.91 -1.90
CA TRP D 61 10.03 -13.25 -2.44
C TRP D 61 9.17 -14.03 -1.43
N ASP D 62 9.48 -13.95 -0.13
CA ASP D 62 8.67 -14.61 0.92
C ASP D 62 7.28 -13.97 0.92
N GLY D 63 7.23 -12.65 0.73
CA GLY D 63 5.98 -11.86 0.70
C GLY D 63 5.09 -12.29 -0.44
N GLU D 64 5.67 -12.39 -1.63
CA GLU D 64 4.88 -12.67 -2.85
C GLU D 64 4.43 -14.12 -2.79
N THR D 65 5.29 -15.03 -2.33
CA THR D 65 4.96 -16.48 -2.23
C THR D 65 3.79 -16.66 -1.27
N ARG D 66 3.89 -16.02 -0.11
CA ARG D 66 2.84 -16.10 0.91
C ARG D 66 1.58 -15.56 0.29
N LYS D 67 1.68 -14.45 -0.45
CA LYS D 67 0.49 -13.74 -0.97
C LYS D 67 -0.19 -14.61 -2.00
N VAL D 68 0.59 -15.22 -2.87
CA VAL D 68 0.00 -16.04 -3.97
C VAL D 68 -0.60 -17.32 -3.37
N LYS D 69 0.03 -17.92 -2.36
CA LYS D 69 -0.50 -19.10 -1.62
C LYS D 69 -1.83 -18.70 -0.98
N ALA D 70 -1.95 -17.45 -0.53
CA ALA D 70 -3.17 -16.94 0.10
C ALA D 70 -4.23 -16.73 -0.97
N HIS D 71 -3.83 -16.31 -2.17
CA HIS D 71 -4.76 -16.19 -3.32
C HIS D 71 -5.26 -17.58 -3.73
N SER D 72 -4.39 -18.57 -3.74
CA SER D 72 -4.80 -19.89 -4.22
C SER D 72 -5.81 -20.45 -3.24
N GLN D 73 -5.61 -20.20 -1.97
CA GLN D 73 -6.47 -20.79 -0.93
C GLN D 73 -7.86 -20.23 -1.13
N THR D 74 -7.93 -18.92 -1.33
CA THR D 74 -9.19 -18.18 -1.52
C THR D 74 -9.88 -18.78 -2.73
N HIS D 75 -9.13 -18.96 -3.81
CA HIS D 75 -9.65 -19.51 -5.09
C HIS D 75 -10.14 -20.94 -4.90
N ARG D 76 -9.43 -21.76 -4.11
CA ARG D 76 -9.75 -23.19 -3.88
C ARG D 76 -11.13 -23.27 -3.25
N VAL D 77 -11.40 -22.40 -2.28
CA VAL D 77 -12.72 -22.29 -1.58
C VAL D 77 -13.78 -21.81 -2.59
N ASP D 78 -13.45 -20.77 -3.35
CA ASP D 78 -14.38 -20.08 -4.27
C ASP D 78 -14.96 -21.12 -5.23
N LEU D 79 -14.19 -22.11 -5.67
CA LEU D 79 -14.66 -23.09 -6.67
C LEU D 79 -15.82 -23.86 -6.09
N GLY D 80 -15.69 -24.25 -4.83
CA GLY D 80 -16.75 -24.95 -4.08
C GLY D 80 -17.94 -24.04 -3.86
N THR D 81 -17.69 -22.78 -3.53
CA THR D 81 -18.75 -21.81 -3.21
C THR D 81 -19.59 -21.64 -4.48
N LEU D 82 -18.91 -21.34 -5.58
CA LEU D 82 -19.52 -20.97 -6.89
C LEU D 82 -20.26 -22.19 -7.42
N ARG D 83 -19.75 -23.38 -7.17
CA ARG D 83 -20.46 -24.61 -7.59
C ARG D 83 -21.83 -24.64 -6.89
N GLY D 84 -21.87 -24.35 -5.58
CA GLY D 84 -23.11 -24.35 -4.77
C GLY D 84 -24.11 -23.34 -5.32
N TYR D 85 -23.66 -22.10 -5.52
CA TYR D 85 -24.52 -20.99 -6.00
C TYR D 85 -25.30 -21.42 -7.26
N TYR D 86 -24.59 -21.95 -8.27
CA TYR D 86 -25.14 -22.27 -9.61
C TYR D 86 -25.65 -23.71 -9.66
N ASN D 87 -25.54 -24.44 -8.54
CA ASN D 87 -26.28 -25.71 -8.37
C ASN D 87 -25.73 -26.72 -9.39
N GLN D 88 -24.40 -26.80 -9.58
CA GLN D 88 -23.75 -27.63 -10.62
C GLN D 88 -23.24 -28.93 -9.98
N SER D 89 -22.96 -29.95 -10.80
CA SER D 89 -22.47 -31.28 -10.33
C SER D 89 -21.00 -31.19 -9.92
N GLU D 90 -20.57 -32.17 -9.12
CA GLU D 90 -19.18 -32.25 -8.61
C GLU D 90 -18.22 -32.66 -9.74
N ALA D 91 -18.72 -33.35 -10.76
CA ALA D 91 -17.93 -34.18 -11.68
C ALA D 91 -17.42 -33.33 -12.83
N GLY D 92 -17.86 -32.08 -12.94
CA GLY D 92 -17.48 -31.17 -14.05
C GLY D 92 -16.35 -30.24 -13.66
N SER D 93 -15.38 -30.04 -14.56
CA SER D 93 -14.27 -29.09 -14.35
C SER D 93 -14.75 -27.65 -14.64
N HIS D 94 -14.47 -26.72 -13.75
CA HIS D 94 -14.84 -25.30 -13.96
C HIS D 94 -13.63 -24.41 -13.72
N THR D 95 -13.70 -23.21 -14.28
CA THR D 95 -12.59 -22.24 -14.30
C THR D 95 -13.01 -20.96 -13.57
N VAL D 96 -12.17 -20.50 -12.67
CA VAL D 96 -12.28 -19.16 -12.03
C VAL D 96 -11.06 -18.35 -12.44
N GLN D 97 -11.29 -17.07 -12.71
CA GLN D 97 -10.21 -16.16 -13.16
C GLN D 97 -10.31 -14.86 -12.39
N ARG D 98 -9.18 -14.25 -12.12
CA ARG D 98 -9.06 -12.92 -11.48
C ARG D 98 -7.97 -12.15 -12.21
N MET D 99 -8.26 -10.91 -12.52
CA MET D 99 -7.27 -9.96 -13.04
C MET D 99 -7.40 -8.71 -12.20
N TYR D 100 -6.27 -8.20 -11.74
CA TYR D 100 -6.24 -6.87 -11.13
C TYR D 100 -4.90 -6.22 -11.48
N GLY D 101 -4.90 -4.88 -11.45
CA GLY D 101 -3.75 -4.03 -11.75
C GLY D 101 -4.14 -2.57 -11.82
N CYS D 102 -3.18 -1.73 -12.22
CA CYS D 102 -3.31 -0.27 -12.24
C CYS D 102 -2.50 0.35 -13.38
N ASP D 103 -3.18 1.14 -14.21
CA ASP D 103 -2.64 1.96 -15.32
C ASP D 103 -1.90 3.19 -14.79
N VAL D 104 -0.91 3.68 -15.50
CA VAL D 104 -0.23 4.98 -15.21
C VAL D 104 -0.13 5.79 -16.52
N GLY D 105 -0.08 7.12 -16.45
CA GLY D 105 0.06 8.00 -17.63
C GLY D 105 1.52 8.31 -17.94
N SER D 106 1.79 9.03 -19.04
CA SER D 106 3.15 9.52 -19.43
C SER D 106 3.79 10.16 -18.20
N ASP D 107 2.95 10.79 -17.38
CA ASP D 107 3.38 11.53 -16.18
C ASP D 107 3.58 10.56 -15.00
N TRP D 108 3.36 9.27 -15.18
CA TRP D 108 3.61 8.24 -14.14
C TRP D 108 2.58 8.40 -13.02
N ARG D 109 1.48 9.10 -13.27
CA ARG D 109 0.43 9.28 -12.24
C ARG D 109 -0.68 8.28 -12.49
N PHE D 110 -1.39 7.92 -11.42
CA PHE D 110 -2.45 6.88 -11.42
C PHE D 110 -3.43 7.28 -12.49
N LEU D 111 -3.89 6.33 -13.27
CA LEU D 111 -4.81 6.63 -14.39
C LEU D 111 -6.10 5.83 -14.19
N ARG D 112 -6.01 4.53 -13.98
CA ARG D 112 -7.21 3.71 -13.69
C ARG D 112 -6.77 2.47 -12.91
N GLY D 113 -7.74 1.83 -12.26
CA GLY D 113 -7.56 0.58 -11.48
C GLY D 113 -8.58 -0.48 -11.87
N TYR D 114 -8.22 -1.75 -11.73
CA TYR D 114 -9.08 -2.87 -12.15
C TYR D 114 -9.03 -3.99 -11.13
N HIS D 115 -10.20 -4.58 -10.86
CA HIS D 115 -10.31 -5.91 -10.21
C HIS D 115 -11.54 -6.61 -10.75
N GLN D 116 -11.29 -7.59 -11.61
CA GLN D 116 -12.35 -8.32 -12.36
C GLN D 116 -12.24 -9.80 -12.04
N TYR D 117 -13.37 -10.47 -12.02
CA TYR D 117 -13.49 -11.84 -11.50
C TYR D 117 -14.48 -12.57 -12.39
N ALA D 118 -14.05 -13.73 -12.89
CA ALA D 118 -14.79 -14.48 -13.92
C ALA D 118 -14.98 -15.94 -13.49
N TYR D 119 -16.10 -16.50 -13.91
CA TYR D 119 -16.48 -17.91 -13.67
C TYR D 119 -16.92 -18.49 -15.00
N ASP D 120 -16.29 -19.59 -15.38
CA ASP D 120 -16.43 -20.27 -16.69
C ASP D 120 -16.46 -19.19 -17.77
N GLY D 121 -15.47 -18.29 -17.78
CA GLY D 121 -15.18 -17.38 -18.90
C GLY D 121 -16.11 -16.20 -18.98
N LYS D 122 -16.89 -15.92 -17.95
CA LYS D 122 -17.91 -14.84 -18.03
C LYS D 122 -17.72 -13.91 -16.84
N ASP D 123 -17.98 -12.61 -17.06
CA ASP D 123 -18.05 -11.55 -16.01
C ASP D 123 -18.88 -12.08 -14.84
N TYR D 124 -18.30 -12.12 -13.61
CA TYR D 124 -19.00 -12.56 -12.38
C TYR D 124 -19.20 -11.33 -11.50
N ILE D 125 -18.09 -10.75 -11.06
CA ILE D 125 -18.12 -9.50 -10.26
C ILE D 125 -16.88 -8.67 -10.60
N ALA D 126 -17.08 -7.37 -10.70
CA ALA D 126 -16.01 -6.43 -11.05
C ALA D 126 -16.12 -5.19 -10.17
N LEU D 127 -14.97 -4.57 -9.94
CA LEU D 127 -14.92 -3.28 -9.24
C LEU D 127 -15.16 -2.19 -10.27
N LYS D 128 -16.05 -1.24 -10.00
CA LYS D 128 -16.39 -0.14 -10.94
C LYS D 128 -15.20 0.80 -11.05
N GLU D 129 -15.29 1.77 -11.96
CA GLU D 129 -14.17 2.69 -12.25
C GLU D 129 -13.97 3.62 -11.07
N ASP D 130 -15.03 3.92 -10.32
CA ASP D 130 -14.99 4.73 -9.07
C ASP D 130 -14.16 4.04 -7.98
N LEU D 131 -13.99 2.71 -8.07
CA LEU D 131 -13.24 1.85 -7.11
C LEU D 131 -13.94 1.81 -5.74
N ARG D 132 -15.24 2.10 -5.70
CA ARG D 132 -16.02 2.18 -4.44
C ARG D 132 -17.20 1.23 -4.46
N SER D 133 -17.35 0.43 -5.51
CA SER D 133 -18.67 -0.15 -5.83
C SER D 133 -18.47 -1.41 -6.68
N TRP D 134 -19.42 -2.30 -6.65
CA TRP D 134 -19.28 -3.57 -7.39
C TRP D 134 -20.35 -3.68 -8.47
N THR D 135 -19.95 -4.11 -9.67
CA THR D 135 -20.90 -4.62 -10.69
C THR D 135 -21.03 -6.12 -10.48
N ALA D 136 -22.22 -6.60 -10.17
CA ALA D 136 -22.52 -8.04 -10.22
C ALA D 136 -23.22 -8.39 -11.51
N ALA D 137 -22.75 -9.44 -12.21
CA ALA D 137 -23.26 -9.92 -13.53
C ALA D 137 -24.57 -10.73 -13.42
N ASP D 138 -24.88 -11.35 -12.29
CA ASP D 138 -26.12 -12.17 -12.15
C ASP D 138 -26.52 -12.28 -10.67
N MET D 139 -27.57 -13.06 -10.41
CA MET D 139 -28.17 -13.29 -9.08
C MET D 139 -27.13 -13.84 -8.11
N ALA D 140 -26.27 -14.77 -8.58
CA ALA D 140 -25.23 -15.43 -7.76
C ALA D 140 -24.20 -14.39 -7.29
N ALA D 141 -23.79 -13.47 -8.18
CA ALA D 141 -22.70 -12.50 -7.92
C ALA D 141 -23.22 -11.39 -7.00
N GLN D 142 -24.54 -11.25 -6.92
N GLN D 142 -24.55 -11.25 -6.93
CA GLN D 142 -25.23 -10.24 -6.08
CA GLN D 142 -25.22 -10.24 -6.07
C GLN D 142 -25.10 -10.70 -4.62
C GLN D 142 -25.06 -10.70 -4.62
N THR D 143 -25.01 -12.02 -4.40
CA THR D 143 -24.71 -12.62 -3.07
C THR D 143 -23.28 -12.26 -2.67
N THR D 144 -22.33 -12.44 -3.57
CA THR D 144 -20.88 -12.14 -3.33
C THR D 144 -20.71 -10.64 -3.11
N LYS D 145 -21.51 -9.82 -3.81
CA LYS D 145 -21.49 -8.34 -3.69
C LYS D 145 -21.77 -7.98 -2.23
N HIS D 146 -22.86 -8.48 -1.68
CA HIS D 146 -23.35 -8.14 -0.33
C HIS D 146 -22.36 -8.66 0.71
N LYS D 147 -21.68 -9.76 0.39
CA LYS D 147 -20.71 -10.37 1.30
C LYS D 147 -19.46 -9.50 1.34
N TRP D 148 -19.07 -8.97 0.19
CA TRP D 148 -17.82 -8.17 0.03
C TRP D 148 -18.04 -6.73 0.53
N GLU D 149 -19.28 -6.23 0.47
CA GLU D 149 -19.68 -4.93 1.02
C GLU D 149 -19.56 -5.01 2.55
N ALA D 150 -20.02 -6.12 3.14
CA ALA D 150 -19.98 -6.33 4.60
C ALA D 150 -18.53 -6.33 5.11
N ALA D 151 -17.61 -6.93 4.35
CA ALA D 151 -16.21 -7.13 4.75
C ALA D 151 -15.34 -5.96 4.31
N HIS D 152 -15.93 -4.95 3.65
CA HIS D 152 -15.26 -3.70 3.20
C HIS D 152 -14.03 -4.03 2.35
N VAL D 153 -14.25 -4.90 1.38
CA VAL D 153 -13.19 -5.34 0.44
C VAL D 153 -12.79 -4.13 -0.41
N ALA D 154 -13.77 -3.41 -0.97
CA ALA D 154 -13.52 -2.35 -1.98
C ALA D 154 -12.56 -1.32 -1.37
N GLU D 155 -12.80 -0.93 -0.12
CA GLU D 155 -12.03 0.09 0.62
C GLU D 155 -10.55 -0.30 0.64
N GLN D 156 -10.28 -1.52 1.08
CA GLN D 156 -8.88 -2.02 1.23
C GLN D 156 -8.30 -2.21 -0.17
N LEU D 157 -9.08 -2.73 -1.11
CA LEU D 157 -8.67 -2.89 -2.52
C LEU D 157 -8.36 -1.52 -3.10
N ARG D 158 -9.24 -0.54 -2.85
CA ARG D 158 -9.09 0.79 -3.46
C ARG D 158 -7.73 1.32 -3.01
N ALA D 159 -7.41 1.19 -1.72
CA ALA D 159 -6.13 1.63 -1.10
C ALA D 159 -4.96 1.13 -1.93
N TYR D 160 -4.94 -0.18 -2.15
CA TYR D 160 -3.84 -0.86 -2.85
C TYR D 160 -3.76 -0.32 -4.27
N LEU D 161 -4.90 -0.26 -4.95
CA LEU D 161 -4.94 0.03 -6.40
C LEU D 161 -4.42 1.45 -6.67
N GLU D 162 -4.77 2.41 -5.83
CA GLU D 162 -4.36 3.83 -6.04
C GLU D 162 -3.05 4.15 -5.33
N GLY D 163 -2.48 3.20 -4.57
CA GLY D 163 -1.32 3.47 -3.70
C GLY D 163 -0.18 2.52 -3.96
N THR D 164 -0.23 1.33 -3.36
CA THR D 164 0.91 0.39 -3.41
C THR D 164 1.11 -0.03 -4.86
N CYS D 165 0.03 -0.24 -5.61
CA CYS D 165 0.10 -0.70 -7.01
C CYS D 165 1.01 0.21 -7.85
N VAL D 166 0.70 1.50 -7.84
CA VAL D 166 1.34 2.51 -8.73
C VAL D 166 2.78 2.72 -8.26
N GLU D 167 3.03 2.58 -6.95
CA GLU D 167 4.36 2.82 -6.34
C GLU D 167 5.31 1.75 -6.85
N TRP D 168 4.86 0.51 -6.85
CA TRP D 168 5.74 -0.61 -7.23
C TRP D 168 5.89 -0.64 -8.75
N LEU D 169 4.86 -0.23 -9.50
CA LEU D 169 4.96 -0.12 -10.98
C LEU D 169 6.07 0.88 -11.29
N ARG D 170 6.07 2.05 -10.64
CA ARG D 170 7.09 3.11 -10.87
C ARG D 170 8.47 2.54 -10.50
N ARG D 171 8.53 1.73 -9.44
CA ARG D 171 9.81 1.15 -8.96
C ARG D 171 10.34 0.14 -9.98
N TYR D 172 9.46 -0.69 -10.54
CA TYR D 172 9.83 -1.73 -11.52
C TYR D 172 10.26 -1.04 -12.82
N LEU D 173 9.58 0.05 -13.19
CA LEU D 173 9.89 0.78 -14.44
C LEU D 173 11.31 1.36 -14.31
N GLU D 174 11.73 1.74 -13.11
CA GLU D 174 13.07 2.34 -12.95
C GLU D 174 14.13 1.26 -12.83
N ASN D 175 13.81 0.10 -12.25
CA ASN D 175 14.77 -1.02 -12.06
C ASN D 175 15.06 -1.65 -13.42
N GLY D 176 13.99 -1.93 -14.17
CA GLY D 176 14.04 -2.60 -15.49
C GLY D 176 13.87 -1.57 -16.57
N LYS D 177 14.66 -0.50 -16.49
CA LYS D 177 14.52 0.69 -17.37
C LYS D 177 14.76 0.22 -18.80
N GLU D 178 15.87 -0.49 -19.00
CA GLU D 178 16.39 -0.80 -20.34
C GLU D 178 15.55 -1.90 -20.99
N THR D 179 14.73 -2.62 -20.22
CA THR D 179 13.74 -3.58 -20.77
C THR D 179 12.43 -2.83 -21.02
N LEU D 180 11.86 -2.17 -20.00
CA LEU D 180 10.44 -1.75 -20.01
C LEU D 180 10.24 -0.42 -20.71
N GLN D 181 11.20 0.52 -20.59
CA GLN D 181 11.03 1.91 -21.12
C GLN D 181 11.75 2.03 -22.47
N ARG D 182 12.12 0.92 -23.10
CA ARG D 182 12.69 0.92 -24.46
C ARG D 182 11.51 1.04 -25.43
N THR D 183 11.76 1.41 -26.67
CA THR D 183 10.74 1.41 -27.75
C THR D 183 11.41 0.95 -29.05
N ASP D 184 11.32 -0.36 -29.37
CA ASP D 184 11.92 -0.99 -30.58
C ASP D 184 11.00 -0.81 -31.78
N ALA D 185 11.48 -0.08 -32.79
CA ALA D 185 10.74 0.20 -34.05
C ALA D 185 10.66 -1.08 -34.88
N PRO D 186 9.55 -1.31 -35.60
CA PRO D 186 9.40 -2.51 -36.43
C PRO D 186 10.32 -2.50 -37.66
N LYS D 187 11.00 -3.62 -37.91
CA LYS D 187 11.68 -3.90 -39.20
C LYS D 187 10.62 -4.42 -40.15
N THR D 188 10.47 -3.78 -41.31
CA THR D 188 9.35 -4.05 -42.24
C THR D 188 9.97 -4.53 -43.56
N HIS D 189 9.21 -5.34 -44.31
CA HIS D 189 9.44 -5.72 -45.73
C HIS D 189 8.14 -6.28 -46.34
N MET D 190 8.12 -6.47 -47.65
CA MET D 190 6.95 -6.96 -48.41
C MET D 190 7.34 -8.20 -49.22
N THR D 191 6.52 -9.25 -49.19
CA THR D 191 6.71 -10.47 -50.02
C THR D 191 5.58 -10.57 -51.04
N HIS D 192 5.93 -11.10 -52.20
CA HIS D 192 5.05 -11.16 -53.40
C HIS D 192 5.03 -12.61 -53.83
N HIS D 193 3.82 -13.11 -54.05
CA HIS D 193 3.59 -14.46 -54.61
C HIS D 193 2.42 -14.34 -55.57
N ALA D 194 2.60 -14.81 -56.81
CA ALA D 194 1.51 -14.99 -57.78
C ALA D 194 0.70 -16.19 -57.34
N VAL D 195 -0.63 -16.15 -57.49
CA VAL D 195 -1.53 -17.23 -57.02
C VAL D 195 -2.39 -17.70 -58.21
N SER D 196 -2.14 -17.12 -59.37
CA SER D 196 -3.06 -17.10 -60.53
C SER D 196 -2.39 -16.39 -61.70
N ASP D 197 -3.01 -16.45 -62.87
CA ASP D 197 -2.59 -15.68 -64.07
C ASP D 197 -2.90 -14.20 -63.84
N HIS D 198 -4.03 -13.89 -63.19
CA HIS D 198 -4.51 -12.49 -63.10
C HIS D 198 -4.53 -11.98 -61.66
N GLU D 199 -3.96 -12.72 -60.70
CA GLU D 199 -3.94 -12.25 -59.28
C GLU D 199 -2.55 -12.48 -58.70
N ALA D 200 -2.27 -11.78 -57.59
CA ALA D 200 -1.03 -11.88 -56.79
C ALA D 200 -1.28 -11.39 -55.35
N THR D 201 -0.63 -12.04 -54.37
CA THR D 201 -0.77 -11.70 -52.94
C THR D 201 0.42 -10.83 -52.52
N LEU D 202 0.13 -9.77 -51.76
CA LEU D 202 1.12 -8.85 -51.16
C LEU D 202 1.08 -9.01 -49.66
N ARG D 203 2.20 -9.40 -49.05
CA ARG D 203 2.29 -9.60 -47.59
C ARG D 203 3.10 -8.45 -46.99
N CYS D 204 2.53 -7.71 -46.03
CA CYS D 204 3.23 -6.62 -45.31
C CYS D 204 3.74 -7.19 -44.00
N TRP D 205 5.03 -7.06 -43.71
CA TRP D 205 5.59 -7.60 -42.45
C TRP D 205 6.00 -6.47 -41.50
N ALA D 206 5.75 -6.65 -40.21
CA ALA D 206 6.36 -5.87 -39.12
C ALA D 206 6.98 -6.87 -38.13
N LEU D 207 8.27 -6.71 -37.81
CA LEU D 207 9.04 -7.72 -37.02
C LEU D 207 9.90 -7.01 -35.97
N SER D 208 10.18 -7.72 -34.88
CA SER D 208 11.12 -7.29 -33.81
C SER D 208 10.72 -5.92 -33.23
N PHE D 209 9.45 -5.69 -32.90
CA PHE D 209 8.95 -4.42 -32.31
C PHE D 209 8.50 -4.61 -30.85
N TYR D 210 8.58 -3.52 -30.06
CA TYR D 210 8.00 -3.38 -28.70
C TYR D 210 7.52 -1.96 -28.48
N PRO D 211 6.36 -1.67 -27.86
CA PRO D 211 5.38 -2.66 -27.38
C PRO D 211 4.48 -3.20 -28.49
N ALA D 212 3.50 -4.03 -28.10
CA ALA D 212 2.75 -4.87 -29.04
C ALA D 212 1.71 -4.00 -29.75
N GLU D 213 1.41 -2.82 -29.23
CA GLU D 213 0.45 -1.93 -29.92
C GLU D 213 1.04 -1.53 -31.29
N ILE D 214 0.35 -1.90 -32.36
CA ILE D 214 0.71 -1.53 -33.75
C ILE D 214 -0.56 -1.49 -34.64
N THR D 215 -0.57 -0.65 -35.69
CA THR D 215 -1.66 -0.61 -36.71
C THR D 215 -1.07 -0.87 -38.12
N LEU D 216 -1.55 -1.92 -38.77
CA LEU D 216 -1.19 -2.31 -40.15
C LEU D 216 -2.44 -2.18 -41.02
N THR D 217 -2.40 -1.35 -42.06
CA THR D 217 -3.58 -1.10 -42.91
C THR D 217 -3.11 -0.89 -44.35
N TRP D 218 -3.87 -1.48 -45.26
CA TRP D 218 -3.66 -1.43 -46.74
C TRP D 218 -4.55 -0.35 -47.33
N GLN D 219 -4.06 0.47 -48.26
CA GLN D 219 -4.89 1.53 -48.88
C GLN D 219 -4.58 1.60 -50.38
N ARG D 220 -5.55 1.28 -51.25
CA ARG D 220 -5.39 1.46 -52.72
C ARG D 220 -5.22 2.96 -52.97
N ASP D 221 -4.21 3.37 -53.75
CA ASP D 221 -3.90 4.80 -54.01
C ASP D 221 -3.85 5.50 -52.65
N GLY D 222 -4.71 6.48 -52.40
CA GLY D 222 -4.90 7.11 -51.07
C GLY D 222 -6.13 6.60 -50.33
N GLU D 223 -6.94 5.71 -50.90
CA GLU D 223 -8.23 5.37 -50.22
C GLU D 223 -8.16 4.04 -49.48
N ASP D 224 -8.42 4.13 -48.16
CA ASP D 224 -8.41 3.08 -47.11
C ASP D 224 -8.93 1.73 -47.63
N GLN D 225 -8.26 0.64 -47.26
CA GLN D 225 -8.64 -0.73 -47.63
C GLN D 225 -8.48 -1.66 -46.41
N THR D 226 -9.59 -2.12 -45.84
CA THR D 226 -9.58 -3.10 -44.71
C THR D 226 -10.50 -4.28 -45.07
N GLN D 227 -11.82 -4.11 -45.10
CA GLN D 227 -12.81 -5.16 -45.46
C GLN D 227 -12.41 -5.77 -46.81
N ASP D 228 -11.73 -6.93 -46.78
CA ASP D 228 -11.36 -7.82 -47.92
C ASP D 228 -9.85 -8.05 -47.94
N THR D 229 -9.13 -7.57 -46.92
CA THR D 229 -7.71 -7.88 -46.63
C THR D 229 -7.64 -9.02 -45.58
N GLU D 230 -6.46 -9.61 -45.38
CA GLU D 230 -6.20 -10.64 -44.33
C GLU D 230 -5.28 -10.05 -43.28
N LEU D 231 -5.54 -10.32 -41.99
CA LEU D 231 -4.85 -9.67 -40.83
C LEU D 231 -4.70 -10.70 -39.70
N VAL D 232 -3.47 -11.11 -39.41
CA VAL D 232 -3.21 -12.08 -38.29
C VAL D 232 -3.07 -11.30 -36.98
N GLU D 233 -3.43 -11.97 -35.88
CA GLU D 233 -3.32 -11.43 -34.50
C GLU D 233 -1.84 -11.19 -34.22
N THR D 234 -1.54 -10.04 -33.60
CA THR D 234 -0.18 -9.70 -33.15
C THR D 234 0.31 -10.84 -32.28
N ARG D 235 1.54 -11.30 -32.53
CA ARG D 235 2.03 -12.58 -32.00
C ARG D 235 3.43 -12.41 -31.46
N PRO D 236 3.74 -13.15 -30.38
CA PRO D 236 5.04 -12.99 -29.70
C PRO D 236 6.16 -13.72 -30.43
N ALA D 237 7.33 -13.09 -30.57
CA ALA D 237 8.52 -13.68 -31.25
C ALA D 237 9.17 -14.75 -30.35
N GLY D 238 9.03 -14.61 -29.04
CA GLY D 238 9.64 -15.49 -28.03
C GLY D 238 10.89 -14.86 -27.43
N ASP D 239 11.28 -13.67 -27.89
CA ASP D 239 12.49 -12.97 -27.37
C ASP D 239 12.07 -11.60 -26.80
N GLY D 240 10.77 -11.40 -26.55
CA GLY D 240 10.21 -10.19 -25.93
C GLY D 240 9.70 -9.19 -26.95
N THR D 241 10.07 -9.36 -28.22
CA THR D 241 9.53 -8.53 -29.31
C THR D 241 8.31 -9.23 -29.90
N PHE D 242 7.59 -8.52 -30.77
CA PHE D 242 6.32 -8.99 -31.36
C PHE D 242 6.39 -8.94 -32.87
N GLN D 243 5.43 -9.62 -33.52
CA GLN D 243 5.33 -9.73 -35.00
C GLN D 243 3.90 -9.46 -35.42
N LYS D 244 3.73 -8.96 -36.64
CA LYS D 244 2.40 -8.84 -37.27
C LYS D 244 2.59 -8.75 -38.79
N TRP D 245 1.72 -9.39 -39.56
CA TRP D 245 1.61 -9.14 -41.02
C TRP D 245 0.16 -8.90 -41.43
N ALA D 246 0.02 -8.21 -42.54
CA ALA D 246 -1.26 -7.92 -43.21
C ALA D 246 -1.09 -8.18 -44.71
N ALA D 247 -2.07 -8.82 -45.35
CA ALA D 247 -1.99 -9.23 -46.77
C ALA D 247 -3.23 -8.84 -47.56
N VAL D 248 -3.04 -8.70 -48.87
CA VAL D 248 -4.12 -8.39 -49.85
C VAL D 248 -3.92 -9.24 -51.10
N VAL D 249 -5.02 -9.70 -51.68
CA VAL D 249 -5.10 -10.24 -53.06
C VAL D 249 -5.37 -9.07 -54.01
N VAL D 250 -4.47 -8.85 -54.95
CA VAL D 250 -4.54 -7.70 -55.88
C VAL D 250 -4.48 -8.24 -57.31
N PRO D 251 -5.30 -7.69 -58.24
CA PRO D 251 -5.12 -7.92 -59.69
C PRO D 251 -3.69 -7.63 -60.19
N SER D 252 -3.11 -8.61 -60.88
N SER D 252 -3.12 -8.61 -60.89
CA SER D 252 -1.72 -8.65 -61.37
CA SER D 252 -1.72 -8.65 -61.39
C SER D 252 -1.50 -7.48 -62.34
C SER D 252 -1.49 -7.49 -62.35
N GLY D 253 -0.34 -6.83 -62.26
CA GLY D 253 0.03 -5.67 -63.07
C GLY D 253 -0.56 -4.40 -62.50
N GLN D 254 -1.05 -4.46 -61.26
CA GLN D 254 -1.63 -3.30 -60.55
C GLN D 254 -1.14 -3.29 -59.10
N GLU D 255 0.09 -3.79 -58.89
CA GLU D 255 0.67 -3.88 -57.53
C GLU D 255 1.09 -2.48 -57.08
N GLN D 256 1.40 -1.58 -58.02
CA GLN D 256 2.05 -0.29 -57.65
C GLN D 256 1.00 0.67 -57.08
N ARG D 257 -0.28 0.35 -57.26
CA ARG D 257 -1.42 1.21 -56.82
C ARG D 257 -1.71 1.00 -55.32
N TYR D 258 -1.10 -0.02 -54.68
CA TYR D 258 -1.38 -0.39 -53.26
C TYR D 258 -0.21 -0.02 -52.34
N THR D 259 -0.51 0.36 -51.11
CA THR D 259 0.50 0.73 -50.09
C THR D 259 0.09 0.25 -48.70
N CYS D 260 1.08 0.07 -47.84
CA CYS D 260 0.92 -0.47 -46.47
C CYS D 260 1.21 0.66 -45.47
N HIS D 261 0.26 0.98 -44.60
CA HIS D 261 0.45 2.04 -43.58
C HIS D 261 0.73 1.40 -42.21
N VAL D 262 1.86 1.73 -41.61
CA VAL D 262 2.32 1.13 -40.33
C VAL D 262 2.42 2.25 -39.28
N GLN D 263 1.71 2.12 -38.17
CA GLN D 263 1.73 3.11 -37.08
C GLN D 263 2.26 2.44 -35.81
N HIS D 264 3.38 2.91 -35.28
CA HIS D 264 3.99 2.33 -34.06
C HIS D 264 4.75 3.42 -33.33
N GLU D 265 4.70 3.41 -32.00
CA GLU D 265 5.23 4.57 -31.23
C GLU D 265 6.76 4.62 -31.35
N GLY D 266 7.43 3.51 -31.71
CA GLY D 266 8.89 3.52 -31.97
C GLY D 266 9.24 4.28 -33.24
N LEU D 267 8.30 4.39 -34.20
CA LEU D 267 8.51 5.05 -35.52
C LEU D 267 8.38 6.56 -35.34
N PRO D 268 9.37 7.36 -35.78
CA PRO D 268 9.27 8.82 -35.77
C PRO D 268 8.03 9.36 -36.49
N LYS D 269 7.79 8.84 -37.69
CA LYS D 269 6.65 9.21 -38.56
C LYS D 269 6.13 7.91 -39.14
N PRO D 270 4.79 7.74 -39.31
CA PRO D 270 4.23 6.48 -39.78
C PRO D 270 4.76 6.14 -41.19
N LEU D 271 5.25 4.91 -41.39
CA LEU D 271 5.88 4.45 -42.66
C LEU D 271 4.78 4.01 -43.62
N THR D 272 4.92 4.40 -44.89
CA THR D 272 4.06 3.89 -46.00
C THR D 272 4.96 3.15 -46.99
N LEU D 273 4.61 1.89 -47.30
CA LEU D 273 5.44 0.97 -48.12
C LEU D 273 4.72 0.70 -49.45
N ARG D 274 5.49 0.62 -50.55
CA ARG D 274 4.97 0.48 -51.94
C ARG D 274 5.92 -0.39 -52.79
N TRP D 275 5.37 -0.93 -53.90
CA TRP D 275 6.03 -1.50 -55.11
C TRP D 275 7.30 -2.24 -54.72
N ALA E 20 -21.24 -22.95 -18.98
CA ALA E 20 -19.82 -22.93 -19.46
C ALA E 20 -19.73 -22.11 -20.75
N ILE E 21 -18.53 -22.07 -21.31
CA ILE E 21 -18.23 -21.37 -22.60
C ILE E 21 -17.09 -22.16 -23.20
N GLN E 22 -17.26 -22.54 -24.45
CA GLN E 22 -16.21 -23.25 -25.19
C GLN E 22 -15.79 -22.34 -26.35
N ARG E 23 -14.51 -21.99 -26.44
CA ARG E 23 -13.97 -21.17 -27.55
C ARG E 23 -12.90 -21.99 -28.23
N THR E 24 -12.93 -22.06 -29.55
CA THR E 24 -11.96 -22.88 -30.30
C THR E 24 -10.69 -22.06 -30.54
N PRO E 25 -9.51 -22.70 -30.36
CA PRO E 25 -8.24 -22.00 -30.49
C PRO E 25 -7.91 -21.47 -31.88
N LYS E 26 -7.31 -20.29 -31.94
CA LYS E 26 -6.59 -19.79 -33.15
C LYS E 26 -5.12 -20.19 -33.06
N ILE E 27 -4.58 -20.78 -34.15
CA ILE E 27 -3.20 -21.33 -34.19
C ILE E 27 -2.34 -20.52 -35.16
N GLN E 28 -1.12 -20.16 -34.75
CA GLN E 28 -0.08 -19.52 -35.61
C GLN E 28 1.23 -20.29 -35.45
N VAL E 29 1.80 -20.76 -36.55
CA VAL E 29 3.11 -21.47 -36.56
C VAL E 29 4.10 -20.61 -37.32
N TYR E 30 5.21 -20.28 -36.69
CA TYR E 30 6.17 -19.32 -37.25
C TYR E 30 7.50 -19.48 -36.54
N SER E 31 8.54 -18.90 -37.12
CA SER E 31 9.90 -18.88 -36.56
C SER E 31 10.10 -17.57 -35.82
N ARG E 32 11.05 -17.56 -34.89
CA ARG E 32 11.39 -16.37 -34.06
C ARG E 32 11.86 -15.25 -35.00
N HIS E 33 13.00 -15.38 -35.68
CA HIS E 33 13.47 -14.40 -36.72
C HIS E 33 13.01 -14.89 -38.09
N PRO E 34 13.34 -14.22 -39.23
CA PRO E 34 13.12 -14.82 -40.55
C PRO E 34 14.07 -16.01 -40.71
N ALA E 35 13.56 -17.08 -41.33
CA ALA E 35 14.19 -18.40 -41.56
C ALA E 35 15.40 -18.29 -42.47
N GLU E 36 16.31 -19.23 -42.37
CA GLU E 36 17.41 -19.39 -43.34
C GLU E 36 18.05 -20.76 -43.12
N ASN E 37 18.15 -21.54 -44.18
CA ASN E 37 18.57 -22.96 -44.09
C ASN E 37 19.97 -23.00 -43.47
N GLY E 38 20.19 -23.87 -42.52
CA GLY E 38 21.50 -24.01 -41.84
C GLY E 38 21.64 -23.14 -40.60
N LYS E 39 20.72 -22.24 -40.29
CA LYS E 39 20.87 -21.35 -39.11
C LYS E 39 19.72 -21.52 -38.12
N SER E 40 19.99 -21.89 -36.86
CA SER E 40 18.99 -22.17 -35.79
C SER E 40 18.08 -20.97 -35.56
N ASN E 41 16.76 -21.15 -35.48
CA ASN E 41 15.87 -19.95 -35.52
C ASN E 41 14.71 -20.03 -34.52
N PHE E 42 14.50 -21.15 -33.84
CA PHE E 42 13.39 -21.34 -32.87
C PHE E 42 11.99 -21.29 -33.52
N LEU E 43 11.33 -22.46 -33.47
CA LEU E 43 10.00 -22.74 -34.06
C LEU E 43 8.94 -22.48 -32.98
N ASN E 44 7.99 -21.61 -33.28
CA ASN E 44 6.95 -21.16 -32.34
C ASN E 44 5.60 -21.67 -32.80
N CYS E 45 4.75 -22.04 -31.86
CA CYS E 45 3.30 -22.31 -32.08
C CYS E 45 2.51 -21.49 -31.07
N TYR E 46 1.82 -20.46 -31.52
CA TYR E 46 1.03 -19.57 -30.64
C TYR E 46 -0.45 -19.95 -30.75
N VAL E 47 -0.97 -20.47 -29.66
CA VAL E 47 -2.41 -20.89 -29.57
CA VAL E 47 -2.40 -20.89 -29.56
C VAL E 47 -3.13 -19.87 -28.66
N SER E 48 -4.18 -19.26 -29.16
CA SER E 48 -4.85 -18.14 -28.46
C SER E 48 -6.36 -18.17 -28.67
N GLY E 49 -7.10 -17.36 -27.93
CA GLY E 49 -8.56 -17.25 -28.06
C GLY E 49 -9.29 -18.55 -27.74
N PHE E 50 -8.66 -19.53 -27.06
CA PHE E 50 -9.32 -20.80 -26.63
C PHE E 50 -9.81 -20.65 -25.20
N HIS E 51 -10.86 -21.36 -24.74
CA HIS E 51 -11.31 -21.03 -23.37
C HIS E 51 -10.96 -22.09 -22.35
N PRO E 52 -11.46 -23.33 -22.44
CA PRO E 52 -11.17 -24.28 -21.37
C PRO E 52 -9.64 -24.43 -21.35
N SER E 53 -9.02 -24.19 -20.18
CA SER E 53 -7.54 -24.05 -19.99
C SER E 53 -6.81 -25.27 -20.50
N ASP E 54 -7.38 -26.46 -20.28
CA ASP E 54 -6.74 -27.73 -20.68
C ASP E 54 -6.67 -27.80 -22.21
N ILE E 55 -5.47 -27.93 -22.77
CA ILE E 55 -5.22 -28.27 -24.22
C ILE E 55 -3.98 -29.12 -24.26
N GLU E 56 -3.65 -29.59 -25.47
CA GLU E 56 -2.39 -30.28 -25.78
C GLU E 56 -1.84 -29.72 -27.08
N VAL E 57 -0.56 -29.41 -27.07
CA VAL E 57 0.13 -28.89 -28.27
C VAL E 57 1.42 -29.66 -28.49
N ASP E 58 1.60 -30.23 -29.68
CA ASP E 58 2.92 -30.82 -30.05
C ASP E 58 3.46 -30.08 -31.27
N LEU E 59 4.77 -29.90 -31.31
CA LEU E 59 5.49 -29.47 -32.52
C LEU E 59 6.02 -30.72 -33.21
N LEU E 60 5.90 -30.75 -34.54
CA LEU E 60 6.20 -31.96 -35.35
C LEU E 60 7.31 -31.63 -36.35
N LYS E 61 8.31 -32.49 -36.42
CA LYS E 61 9.38 -32.43 -37.46
C LYS E 61 9.20 -33.63 -38.38
N ASN E 62 8.84 -33.38 -39.63
CA ASN E 62 8.53 -34.43 -40.63
C ASN E 62 7.48 -35.38 -40.05
N GLY E 63 6.50 -34.82 -39.36
CA GLY E 63 5.33 -35.57 -38.83
C GLY E 63 5.61 -36.21 -37.50
N GLU E 64 6.84 -36.17 -37.00
CA GLU E 64 7.21 -36.85 -35.73
C GLU E 64 7.24 -35.82 -34.60
N ARG E 65 6.68 -36.21 -33.46
CA ARG E 65 6.54 -35.33 -32.27
C ARG E 65 7.94 -34.95 -31.77
N ILE E 66 8.23 -33.66 -31.62
CA ILE E 66 9.53 -33.19 -31.03
C ILE E 66 9.38 -33.20 -29.51
N GLU E 67 10.28 -33.87 -28.80
CA GLU E 67 10.35 -33.75 -27.32
C GLU E 67 11.15 -32.47 -27.04
N LYS E 68 11.39 -32.17 -25.76
CA LYS E 68 11.99 -30.91 -25.23
C LYS E 68 11.41 -29.70 -25.97
N VAL E 69 10.11 -29.51 -25.76
CA VAL E 69 9.34 -28.32 -26.19
C VAL E 69 8.90 -27.60 -24.92
N GLU E 70 9.24 -26.33 -24.77
CA GLU E 70 8.78 -25.53 -23.63
C GLU E 70 7.52 -24.77 -24.02
N HIS E 71 6.82 -24.25 -23.02
CA HIS E 71 5.70 -23.32 -23.27
C HIS E 71 5.70 -22.21 -22.23
N SER E 72 5.05 -21.11 -22.59
CA SER E 72 4.83 -19.92 -21.73
C SER E 72 3.96 -20.30 -20.53
N ASP E 73 3.86 -19.40 -19.59
CA ASP E 73 2.89 -19.58 -18.49
C ASP E 73 1.52 -19.20 -19.01
N LEU E 74 0.52 -20.01 -18.71
CA LEU E 74 -0.86 -19.73 -19.17
C LEU E 74 -1.29 -18.32 -18.69
N SER E 75 -1.75 -17.52 -19.63
CA SER E 75 -2.37 -16.22 -19.30
C SER E 75 -3.61 -16.04 -20.15
N PHE E 76 -4.26 -14.87 -20.08
CA PHE E 76 -5.52 -14.62 -20.85
C PHE E 76 -5.67 -13.15 -21.21
N SER E 77 -6.54 -12.96 -22.20
CA SER E 77 -6.83 -11.68 -22.89
C SER E 77 -8.05 -11.06 -22.24
N LYS E 78 -8.51 -9.93 -22.75
CA LYS E 78 -9.50 -9.10 -22.03
C LYS E 78 -10.86 -9.78 -22.18
N ASP E 79 -10.98 -10.71 -23.10
CA ASP E 79 -12.26 -11.44 -23.29
C ASP E 79 -12.24 -12.75 -22.48
N TRP E 80 -11.23 -12.92 -21.62
CA TRP E 80 -11.05 -14.10 -20.72
C TRP E 80 -10.49 -15.34 -21.45
N SER E 81 -10.29 -15.28 -22.77
CA SER E 81 -9.78 -16.41 -23.59
C SER E 81 -8.28 -16.55 -23.34
N PHE E 82 -7.78 -17.78 -23.40
CA PHE E 82 -6.39 -18.09 -22.97
C PHE E 82 -5.46 -18.00 -24.16
N TYR E 83 -4.16 -17.94 -23.86
CA TYR E 83 -3.09 -18.04 -24.89
C TYR E 83 -1.84 -18.69 -24.31
N LEU E 84 -1.18 -19.48 -25.14
CA LEU E 84 0.09 -20.13 -24.81
C LEU E 84 1.01 -20.14 -26.02
N LEU E 85 2.28 -19.88 -25.75
CA LEU E 85 3.33 -20.02 -26.78
C LEU E 85 4.14 -21.30 -26.51
N TYR E 86 4.18 -22.20 -27.47
CA TYR E 86 5.05 -23.40 -27.44
C TYR E 86 6.21 -23.15 -28.38
N TYR E 87 7.41 -23.55 -27.99
CA TYR E 87 8.63 -23.18 -28.73
C TYR E 87 9.72 -24.23 -28.46
N THR E 88 10.64 -24.41 -29.40
CA THR E 88 11.79 -25.34 -29.28
C THR E 88 12.94 -24.84 -30.16
N GLU E 89 14.19 -25.23 -29.85
CA GLU E 89 15.37 -24.86 -30.69
C GLU E 89 15.39 -25.75 -31.92
N PHE E 90 15.64 -25.17 -33.11
CA PHE E 90 15.69 -25.93 -34.39
C PHE E 90 16.59 -25.24 -35.39
N THR E 91 17.12 -26.04 -36.34
CA THR E 91 17.95 -25.56 -37.48
C THR E 91 17.29 -25.92 -38.80
N PRO E 92 16.65 -24.93 -39.49
CA PRO E 92 15.89 -25.19 -40.71
C PRO E 92 16.72 -25.83 -41.83
N THR E 93 16.10 -26.66 -42.67
CA THR E 93 16.65 -27.14 -43.96
C THR E 93 15.56 -27.04 -45.04
N GLU E 94 15.98 -27.16 -46.31
CA GLU E 94 15.13 -27.07 -47.52
C GLU E 94 13.94 -28.02 -47.39
N LYS E 95 14.20 -29.24 -46.94
CA LYS E 95 13.28 -30.38 -47.14
C LYS E 95 12.59 -30.75 -45.83
N ASP E 96 13.12 -30.36 -44.67
CA ASP E 96 12.46 -30.68 -43.38
C ASP E 96 11.16 -29.90 -43.30
N GLU E 97 10.05 -30.56 -42.99
CA GLU E 97 8.76 -29.86 -42.85
C GLU E 97 8.41 -29.84 -41.37
N TYR E 98 7.85 -28.72 -40.94
CA TYR E 98 7.51 -28.50 -39.52
C TYR E 98 6.00 -28.26 -39.42
N ALA E 99 5.39 -28.71 -38.32
CA ALA E 99 3.95 -28.54 -38.09
C ALA E 99 3.65 -28.41 -36.60
N CYS E 100 2.44 -27.97 -36.31
CA CYS E 100 1.93 -27.84 -34.93
C CYS E 100 0.62 -28.60 -34.86
N ARG E 101 0.50 -29.54 -33.92
CA ARG E 101 -0.76 -30.28 -33.70
C ARG E 101 -1.40 -29.86 -32.37
N VAL E 102 -2.64 -29.41 -32.40
CA VAL E 102 -3.34 -28.93 -31.18
C VAL E 102 -4.57 -29.81 -31.00
N ASN E 103 -4.78 -30.36 -29.80
CA ASN E 103 -6.10 -30.99 -29.48
C ASN E 103 -6.72 -30.23 -28.33
N HIS E 104 -8.01 -30.01 -28.48
CA HIS E 104 -8.88 -29.27 -27.54
C HIS E 104 -10.26 -29.93 -27.53
N VAL E 105 -10.99 -29.64 -26.46
CA VAL E 105 -12.34 -30.18 -26.25
C VAL E 105 -13.28 -29.54 -27.27
N THR E 106 -12.94 -28.41 -27.90
CA THR E 106 -13.77 -27.79 -28.98
C THR E 106 -13.47 -28.42 -30.35
N LEU E 107 -12.34 -29.15 -30.48
CA LEU E 107 -11.89 -29.77 -31.75
C LEU E 107 -12.28 -31.24 -31.77
N SER E 108 -13.07 -31.63 -32.77
CA SER E 108 -13.60 -33.00 -32.98
C SER E 108 -12.41 -33.94 -33.15
N GLN E 109 -11.41 -33.45 -33.87
CA GLN E 109 -10.14 -34.17 -34.11
C GLN E 109 -9.01 -33.22 -33.75
N PRO E 110 -7.80 -33.77 -33.52
CA PRO E 110 -6.60 -32.93 -33.47
C PRO E 110 -6.38 -32.14 -34.77
N LYS E 111 -6.05 -30.86 -34.66
CA LYS E 111 -5.90 -29.96 -35.84
C LYS E 111 -4.40 -29.77 -36.10
N ILE E 112 -3.93 -30.00 -37.33
CA ILE E 112 -2.46 -29.95 -37.64
C ILE E 112 -2.15 -28.81 -38.61
N VAL E 113 -1.28 -27.87 -38.25
CA VAL E 113 -0.96 -26.64 -39.05
C VAL E 113 0.51 -26.70 -39.46
N LYS E 114 0.75 -26.63 -40.77
CA LYS E 114 2.11 -26.73 -41.35
C LYS E 114 2.79 -25.38 -41.23
N TRP E 115 4.09 -25.37 -40.92
CA TRP E 115 4.94 -24.18 -41.02
C TRP E 115 5.20 -23.86 -42.49
N ASP E 116 4.71 -22.73 -43.01
CA ASP E 116 4.67 -22.51 -44.47
C ASP E 116 5.79 -21.59 -44.93
N ARG E 117 6.53 -20.99 -43.98
CA ARG E 117 7.69 -20.08 -44.19
C ARG E 117 7.27 -18.67 -44.67
N ASP E 118 5.98 -18.41 -44.90
CA ASP E 118 5.49 -17.06 -45.26
C ASP E 118 4.04 -16.90 -44.82
N MET E 119 3.59 -17.74 -43.89
CA MET E 119 2.27 -17.73 -43.21
C MET E 119 1.12 -17.58 -44.22
N HIS F 1 4.11 -6.10 -7.09
CA HIS F 1 3.61 -6.30 -5.68
C HIS F 1 2.12 -6.65 -5.71
N MET F 2 1.77 -7.88 -5.37
CA MET F 2 0.38 -8.40 -5.37
C MET F 2 -0.39 -7.76 -4.22
N THR F 3 -1.71 -7.83 -4.21
CA THR F 3 -2.42 -7.23 -3.05
C THR F 3 -2.48 -8.27 -1.94
N GLU F 4 -2.70 -7.80 -0.72
CA GLU F 4 -2.95 -8.67 0.44
C GLU F 4 -4.45 -8.98 0.50
N VAL F 5 -5.23 -8.20 -0.20
CA VAL F 5 -6.71 -8.17 -0.07
C VAL F 5 -7.31 -9.01 -1.19
N VAL F 6 -7.41 -10.31 -0.94
CA VAL F 6 -8.31 -11.25 -1.65
C VAL F 6 -9.31 -11.73 -0.62
N ARG F 7 -10.44 -12.24 -1.05
CA ARG F 7 -11.44 -12.76 -0.11
C ARG F 7 -12.29 -13.78 -0.84
N HIS F 8 -12.67 -14.79 -0.08
CA HIS F 8 -13.69 -15.79 -0.45
C HIS F 8 -15.04 -15.10 -0.70
N CYS F 9 -15.78 -15.69 -1.62
CA CYS F 9 -17.03 -15.15 -2.21
C CYS F 9 -18.18 -16.06 -1.79
N GLY G 2 -49.16 -39.18 24.36
CA GLY G 2 -48.53 -40.34 23.62
C GLY G 2 -48.01 -41.39 24.59
N SER G 3 -47.80 -42.63 24.14
CA SER G 3 -47.32 -43.72 25.04
C SER G 3 -45.82 -43.57 25.24
N HIS G 4 -45.33 -43.75 26.47
CA HIS G 4 -43.90 -43.52 26.83
C HIS G 4 -43.39 -44.68 27.68
N SER G 5 -42.05 -44.82 27.78
CA SER G 5 -41.36 -45.91 28.50
C SER G 5 -39.94 -45.52 28.93
N MET G 6 -39.44 -46.21 29.95
CA MET G 6 -38.02 -46.19 30.36
C MET G 6 -37.52 -47.61 30.42
N ARG G 7 -36.37 -47.89 29.82
CA ARG G 7 -35.79 -49.25 29.84
C ARG G 7 -34.30 -49.13 30.07
N TYR G 8 -33.76 -50.09 30.80
CA TYR G 8 -32.32 -50.29 31.02
C TYR G 8 -31.92 -51.65 30.44
N PHE G 9 -30.81 -51.72 29.75
CA PHE G 9 -30.34 -52.92 29.03
C PHE G 9 -28.95 -53.24 29.53
N PHE G 10 -28.78 -54.44 30.06
CA PHE G 10 -27.48 -54.88 30.60
C PHE G 10 -27.00 -56.11 29.85
N THR G 11 -25.79 -56.05 29.32
CA THR G 11 -25.18 -57.19 28.63
C THR G 11 -23.90 -57.54 29.37
N SER G 12 -23.80 -58.79 29.80
N SER G 12 -23.80 -58.80 29.80
CA SER G 12 -22.62 -59.35 30.52
CA SER G 12 -22.63 -59.36 30.53
C SER G 12 -22.09 -60.53 29.74
C SER G 12 -22.08 -60.54 29.74
N VAL G 13 -20.82 -60.48 29.33
CA VAL G 13 -20.21 -61.53 28.47
C VAL G 13 -18.90 -62.00 29.07
N SER G 14 -18.75 -63.31 29.25
CA SER G 14 -17.57 -63.91 29.93
C SER G 14 -16.43 -63.99 28.92
N ARG G 15 -15.22 -63.78 29.42
CA ARG G 15 -13.97 -63.78 28.62
C ARG G 15 -13.02 -64.70 29.38
N PRO G 16 -12.80 -65.93 28.89
CA PRO G 16 -11.95 -66.90 29.58
C PRO G 16 -10.46 -66.81 29.23
N GLY G 17 -10.07 -65.77 28.45
CA GLY G 17 -8.69 -65.49 28.03
C GLY G 17 -7.98 -64.57 29.02
N ARG G 18 -8.57 -64.48 30.23
CA ARG G 18 -8.27 -63.60 31.40
C ARG G 18 -9.02 -62.27 31.18
N GLY G 19 -9.22 -61.50 32.25
CA GLY G 19 -10.00 -60.24 32.20
C GLY G 19 -11.43 -60.49 32.63
N GLU G 20 -11.99 -59.59 33.44
CA GLU G 20 -13.37 -59.73 33.95
C GLU G 20 -14.32 -59.61 32.77
N PRO G 21 -15.54 -60.17 32.87
CA PRO G 21 -16.48 -60.15 31.76
C PRO G 21 -16.78 -58.72 31.30
N ARG G 22 -16.95 -58.52 30.01
CA ARG G 22 -17.31 -57.20 29.43
C ARG G 22 -18.65 -56.85 30.03
N PHE G 23 -18.82 -55.67 30.61
CA PHE G 23 -20.15 -55.26 31.09
C PHE G 23 -20.62 -54.07 30.27
N ILE G 24 -21.79 -54.14 29.67
CA ILE G 24 -22.35 -52.97 28.94
C ILE G 24 -23.72 -52.70 29.51
N ALA G 25 -24.04 -51.46 29.82
CA ALA G 25 -25.37 -51.06 30.30
C ALA G 25 -25.80 -49.79 29.61
N VAL G 26 -27.09 -49.71 29.30
CA VAL G 26 -27.62 -48.55 28.51
C VAL G 26 -29.03 -48.21 29.00
N GLY G 27 -29.35 -46.92 29.13
CA GLY G 27 -30.64 -46.43 29.65
C GLY G 27 -31.35 -45.69 28.56
N TYR G 28 -32.60 -46.04 28.29
CA TYR G 28 -33.42 -45.43 27.22
C TYR G 28 -34.62 -44.75 27.87
N VAL G 29 -34.99 -43.59 27.36
CA VAL G 29 -36.38 -43.09 27.48
C VAL G 29 -36.99 -43.13 26.09
N ASP G 30 -38.00 -43.98 25.91
CA ASP G 30 -38.59 -44.18 24.58
C ASP G 30 -37.51 -44.81 23.73
N ASP G 31 -37.20 -44.21 22.60
CA ASP G 31 -36.26 -44.80 21.61
C ASP G 31 -34.90 -44.10 21.84
N THR G 32 -34.87 -43.15 22.78
CA THR G 32 -33.73 -42.20 22.99
C THR G 32 -32.91 -42.68 24.16
N GLN G 33 -31.67 -43.02 23.89
CA GLN G 33 -30.63 -43.29 24.90
C GLN G 33 -30.26 -42.01 25.62
N PHE G 34 -30.11 -42.08 26.94
CA PHE G 34 -29.74 -40.89 27.74
C PHE G 34 -28.41 -41.18 28.46
N VAL G 35 -28.29 -42.29 29.18
CA VAL G 35 -27.02 -42.65 29.87
C VAL G 35 -26.56 -44.03 29.47
N ARG G 36 -25.27 -44.31 29.61
CA ARG G 36 -24.68 -45.58 29.15
C ARG G 36 -23.39 -45.84 29.93
N PHE G 37 -23.13 -47.11 30.23
CA PHE G 37 -21.91 -47.50 30.95
C PHE G 37 -21.22 -48.65 30.22
N ASP G 38 -19.89 -48.63 30.16
CA ASP G 38 -19.07 -49.66 29.49
C ASP G 38 -17.88 -50.01 30.39
N SER G 39 -17.68 -51.29 30.69
CA SER G 39 -16.63 -51.75 31.64
C SER G 39 -15.27 -51.49 31.00
N ASP G 40 -15.20 -51.45 29.66
CA ASP G 40 -13.95 -51.25 28.86
C ASP G 40 -13.63 -49.75 28.69
N ALA G 41 -14.58 -48.82 28.93
CA ALA G 41 -14.38 -47.35 28.79
C ALA G 41 -13.38 -46.84 29.85
N ALA G 42 -12.85 -45.64 29.65
CA ALA G 42 -11.83 -44.99 30.53
C ALA G 42 -12.44 -44.56 31.86
N SER G 43 -13.62 -43.97 31.84
CA SER G 43 -14.17 -43.18 32.98
C SER G 43 -14.48 -44.08 34.18
N GLN G 44 -15.03 -45.27 33.93
CA GLN G 44 -15.62 -46.16 34.96
C GLN G 44 -16.74 -45.42 35.69
N ARG G 45 -17.51 -44.68 34.90
CA ARG G 45 -18.66 -43.89 35.38
C ARG G 45 -19.87 -44.20 34.49
N MET G 46 -21.07 -44.03 35.05
CA MET G 46 -22.28 -43.86 34.23
C MET G 46 -22.15 -42.50 33.56
N GLU G 47 -22.09 -42.50 32.23
CA GLU G 47 -21.86 -41.27 31.45
C GLU G 47 -23.18 -40.84 30.86
N PRO G 48 -23.39 -39.52 30.72
CA PRO G 48 -24.57 -38.97 30.04
C PRO G 48 -24.48 -39.16 28.52
N ARG G 49 -25.63 -39.37 27.86
CA ARG G 49 -25.71 -39.55 26.38
C ARG G 49 -26.84 -38.69 25.82
N ALA G 50 -27.13 -37.58 26.47
CA ALA G 50 -28.25 -36.68 26.10
C ALA G 50 -28.07 -35.36 26.84
N PRO G 51 -28.65 -34.26 26.32
CA PRO G 51 -28.47 -32.97 26.95
C PRO G 51 -29.26 -32.85 28.27
N TRP G 52 -30.49 -33.36 28.27
CA TRP G 52 -31.49 -33.08 29.35
C TRP G 52 -31.15 -33.91 30.60
N ILE G 53 -30.23 -34.85 30.50
CA ILE G 53 -29.92 -35.68 31.68
C ILE G 53 -28.75 -35.04 32.42
N GLU G 54 -28.22 -33.97 31.89
CA GLU G 54 -26.97 -33.41 32.44
C GLU G 54 -27.35 -32.42 33.52
N GLN G 55 -28.66 -32.16 33.70
CA GLN G 55 -29.17 -31.18 34.70
C GLN G 55 -29.52 -31.90 36.00
N GLU G 56 -28.69 -32.87 36.38
CA GLU G 56 -28.74 -33.66 37.65
C GLU G 56 -27.48 -33.40 38.45
N GLY G 57 -27.60 -33.16 39.76
CA GLY G 57 -26.44 -32.89 40.62
C GLY G 57 -25.55 -34.13 40.78
N PRO G 58 -24.21 -33.97 40.91
CA PRO G 58 -23.26 -35.08 40.99
C PRO G 58 -23.71 -36.29 41.83
N GLU G 59 -24.33 -36.02 42.97
CA GLU G 59 -24.90 -37.09 43.86
C GLU G 59 -25.73 -38.05 42.99
N TYR G 60 -26.46 -37.60 41.96
CA TYR G 60 -27.21 -38.50 41.03
C TYR G 60 -26.22 -39.45 40.35
N TRP G 61 -25.11 -38.93 39.84
CA TRP G 61 -24.17 -39.66 38.96
C TRP G 61 -23.35 -40.63 39.76
N ASP G 62 -22.97 -40.25 40.98
CA ASP G 62 -22.29 -41.18 41.93
C ASP G 62 -23.25 -42.34 42.21
N GLY G 63 -24.55 -42.06 42.40
CA GLY G 63 -25.59 -43.05 42.74
C GLY G 63 -25.82 -44.04 41.62
N GLU G 64 -25.92 -43.54 40.39
CA GLU G 64 -26.11 -44.38 39.19
C GLU G 64 -24.85 -45.23 38.98
N THR G 65 -23.65 -44.63 39.11
CA THR G 65 -22.35 -45.32 38.95
C THR G 65 -22.25 -46.45 39.98
N ARG G 66 -22.56 -46.14 41.24
CA ARG G 66 -22.60 -47.17 42.31
C ARG G 66 -23.54 -48.32 41.92
N LYS G 67 -24.73 -48.00 41.39
CA LYS G 67 -25.82 -48.99 41.14
C LYS G 67 -25.42 -49.86 39.96
N VAL G 68 -24.86 -49.26 38.93
CA VAL G 68 -24.44 -49.93 37.66
C VAL G 68 -23.33 -50.90 38.04
N LYS G 69 -22.39 -50.46 38.86
CA LYS G 69 -21.24 -51.30 39.24
C LYS G 69 -21.78 -52.47 40.03
N ALA G 70 -22.70 -52.22 40.95
CA ALA G 70 -23.37 -53.29 41.71
C ALA G 70 -23.97 -54.33 40.76
N HIS G 71 -24.74 -53.91 39.74
CA HIS G 71 -25.31 -54.81 38.71
C HIS G 71 -24.20 -55.63 38.08
N SER G 72 -23.04 -55.05 37.73
CA SER G 72 -21.92 -55.77 37.08
C SER G 72 -21.32 -56.82 38.02
N GLN G 73 -21.22 -56.54 39.32
CA GLN G 73 -20.62 -57.47 40.30
C GLN G 73 -21.56 -58.64 40.49
N THR G 74 -22.87 -58.40 40.58
CA THR G 74 -23.95 -59.42 40.56
C THR G 74 -23.89 -60.28 39.28
N HIS G 75 -23.75 -59.65 38.13
CA HIS G 75 -23.68 -60.35 36.82
C HIS G 75 -22.39 -61.18 36.77
N ARG G 76 -21.30 -60.70 37.35
CA ARG G 76 -19.99 -61.40 37.31
C ARG G 76 -20.15 -62.73 38.03
N VAL G 77 -20.89 -62.69 39.14
CA VAL G 77 -21.25 -63.89 39.97
C VAL G 77 -22.15 -64.81 39.13
N ASP G 78 -23.19 -64.24 38.52
CA ASP G 78 -24.26 -64.99 37.82
C ASP G 78 -23.61 -65.86 36.74
N LEU G 79 -22.59 -65.36 36.06
CA LEU G 79 -21.96 -66.13 34.94
C LEU G 79 -21.41 -67.45 35.51
N GLY G 80 -20.70 -67.36 36.65
CA GLY G 80 -20.20 -68.53 37.38
C GLY G 80 -21.32 -69.46 37.83
N THR G 81 -22.41 -68.92 38.38
CA THR G 81 -23.57 -69.68 38.95
C THR G 81 -24.21 -70.50 37.81
N LEU G 82 -24.45 -69.84 36.67
CA LEU G 82 -25.18 -70.40 35.50
C LEU G 82 -24.30 -71.46 34.80
N ARG G 83 -22.99 -71.29 34.86
CA ARG G 83 -22.03 -72.28 34.32
C ARG G 83 -22.23 -73.57 35.11
N GLY G 84 -22.42 -73.45 36.41
CA GLY G 84 -22.59 -74.59 37.34
C GLY G 84 -23.87 -75.32 37.04
N TYR G 85 -24.97 -74.57 36.87
CA TYR G 85 -26.35 -75.11 36.69
C TYR G 85 -26.43 -75.95 35.43
N TYR G 86 -25.85 -75.48 34.33
CA TYR G 86 -25.87 -76.18 33.02
C TYR G 86 -24.60 -77.03 32.83
N ASN G 87 -23.70 -77.05 33.79
CA ASN G 87 -22.51 -77.94 33.80
C ASN G 87 -21.65 -77.68 32.57
N GLN G 88 -21.30 -76.43 32.30
CA GLN G 88 -20.51 -76.03 31.11
C GLN G 88 -19.03 -75.90 31.47
N SER G 89 -18.15 -75.90 30.47
CA SER G 89 -16.68 -75.74 30.61
C SER G 89 -16.29 -74.33 31.05
N GLU G 90 -15.09 -74.19 31.65
CA GLU G 90 -14.50 -72.89 32.05
C GLU G 90 -14.00 -72.12 30.82
N ALA G 91 -13.66 -72.79 29.73
CA ALA G 91 -12.95 -72.20 28.58
C ALA G 91 -13.92 -71.54 27.59
N GLY G 92 -15.23 -71.64 27.82
CA GLY G 92 -16.24 -71.12 26.87
C GLY G 92 -16.80 -69.77 27.29
N SER G 93 -16.97 -68.85 26.34
CA SER G 93 -17.64 -67.54 26.51
C SER G 93 -19.17 -67.71 26.57
N HIS G 94 -19.82 -67.12 27.56
CA HIS G 94 -21.30 -67.14 27.68
C HIS G 94 -21.84 -65.74 27.98
N THR G 95 -23.09 -65.53 27.65
CA THR G 95 -23.70 -64.19 27.63
C THR G 95 -24.92 -64.17 28.55
N VAL G 96 -24.96 -63.18 29.41
CA VAL G 96 -26.13 -62.90 30.27
C VAL G 96 -26.67 -61.53 29.91
N GLN G 97 -27.99 -61.43 29.87
CA GLN G 97 -28.67 -60.17 29.51
C GLN G 97 -29.81 -59.90 30.48
N ARG G 98 -30.01 -58.62 30.80
CA ARG G 98 -31.08 -58.16 31.71
C ARG G 98 -31.69 -56.92 31.09
N MET G 99 -33.00 -56.88 31.07
CA MET G 99 -33.74 -55.66 30.75
C MET G 99 -34.79 -55.47 31.86
N TYR G 100 -34.91 -54.26 32.37
CA TYR G 100 -36.07 -53.87 33.19
C TYR G 100 -36.47 -52.45 32.84
N GLY G 101 -37.70 -52.09 33.17
CA GLY G 101 -38.27 -50.77 32.87
C GLY G 101 -39.75 -50.69 33.14
N CYS G 102 -40.35 -49.55 32.81
CA CYS G 102 -41.79 -49.28 33.07
C CYS G 102 -42.34 -48.44 31.93
N ASP G 103 -43.61 -48.62 31.57
CA ASP G 103 -44.31 -47.81 30.53
C ASP G 103 -45.35 -46.91 31.18
N VAL G 104 -45.83 -45.91 30.44
CA VAL G 104 -46.89 -44.98 30.94
C VAL G 104 -47.71 -44.45 29.74
N GLY G 105 -49.02 -44.22 29.93
CA GLY G 105 -49.96 -43.72 28.89
C GLY G 105 -49.91 -42.20 28.66
N SER G 106 -50.88 -41.60 27.95
CA SER G 106 -50.93 -40.15 27.60
C SER G 106 -51.10 -39.30 28.87
N ASP G 107 -51.78 -39.86 29.87
CA ASP G 107 -52.03 -39.17 31.16
C ASP G 107 -50.82 -39.32 32.08
N TRP G 108 -49.74 -39.99 31.65
CA TRP G 108 -48.48 -40.21 32.41
C TRP G 108 -48.69 -41.10 33.65
N ARG G 109 -49.75 -41.92 33.65
CA ARG G 109 -50.00 -42.91 34.74
C ARG G 109 -49.42 -44.29 34.38
N PHE G 110 -49.11 -45.09 35.42
CA PHE G 110 -48.45 -46.42 35.33
C PHE G 110 -49.31 -47.29 34.43
N LEU G 111 -48.66 -47.95 33.49
CA LEU G 111 -49.31 -48.83 32.50
C LEU G 111 -48.74 -50.24 32.63
N ARG G 112 -47.43 -50.43 32.59
CA ARG G 112 -46.81 -51.77 32.75
C ARG G 112 -45.39 -51.64 33.28
N GLY G 113 -44.87 -52.72 33.87
CA GLY G 113 -43.47 -52.90 34.31
C GLY G 113 -42.88 -54.18 33.75
N TYR G 114 -41.55 -54.27 33.65
CA TYR G 114 -40.86 -55.46 33.11
C TYR G 114 -39.58 -55.75 33.88
N HIS G 115 -39.23 -57.03 33.95
CA HIS G 115 -37.87 -57.48 34.31
C HIS G 115 -37.64 -58.84 33.67
N GLN G 116 -36.83 -58.86 32.64
CA GLN G 116 -36.53 -60.10 31.90
C GLN G 116 -35.02 -60.41 32.01
N TYR G 117 -34.68 -61.68 32.00
CA TYR G 117 -33.31 -62.15 32.28
C TYR G 117 -33.02 -63.35 31.39
N ALA G 118 -31.93 -63.31 30.63
CA ALA G 118 -31.65 -64.31 29.58
C ALA G 118 -30.25 -64.85 29.74
N TYR G 119 -30.06 -66.10 29.31
CA TYR G 119 -28.73 -66.76 29.25
C TYR G 119 -28.53 -67.36 27.86
N ASP G 120 -27.40 -67.06 27.22
CA ASP G 120 -27.12 -67.53 25.84
C ASP G 120 -28.45 -67.61 25.07
N LYS G 122 -31.39 -67.02 25.03
CA LYS G 122 -32.63 -67.75 25.41
C LYS G 122 -33.19 -67.26 26.75
N ASP G 123 -34.51 -67.33 26.90
CA ASP G 123 -35.21 -66.99 28.15
C ASP G 123 -34.58 -67.78 29.32
N TYR G 124 -34.38 -67.13 30.46
CA TYR G 124 -34.02 -67.79 31.75
C TYR G 124 -35.15 -67.55 32.75
N ILE G 125 -35.39 -66.33 33.19
CA ILE G 125 -36.44 -66.04 34.21
C ILE G 125 -36.98 -64.63 33.99
N ALA G 126 -38.27 -64.47 34.09
CA ALA G 126 -38.93 -63.17 33.81
C ALA G 126 -39.97 -62.93 34.88
N LEU G 127 -40.18 -61.67 35.24
CA LEU G 127 -41.24 -61.29 36.19
C LEU G 127 -42.53 -61.20 35.38
N LYS G 128 -43.61 -61.81 35.87
CA LYS G 128 -44.95 -61.78 35.24
C LYS G 128 -45.58 -60.38 35.29
N GLU G 129 -46.67 -60.17 34.54
CA GLU G 129 -47.35 -58.84 34.45
C GLU G 129 -47.96 -58.45 35.82
N ASP G 130 -48.26 -59.41 36.69
CA ASP G 130 -48.77 -59.10 38.06
C ASP G 130 -47.68 -58.47 38.92
N LEU G 131 -46.40 -58.71 38.56
CA LEU G 131 -45.16 -58.25 39.25
C LEU G 131 -45.04 -58.91 40.65
N ARG G 132 -45.62 -60.10 40.88
CA ARG G 132 -45.52 -60.80 42.20
C ARG G 132 -44.90 -62.19 42.05
N SER G 133 -44.45 -62.54 40.86
CA SER G 133 -44.41 -63.95 40.43
C SER G 133 -43.38 -64.11 39.32
N TRP G 134 -42.75 -65.26 39.24
CA TRP G 134 -41.67 -65.51 38.25
C TRP G 134 -42.05 -66.60 37.23
N THR G 135 -41.79 -66.36 35.94
CA THR G 135 -41.79 -67.42 34.89
C THR G 135 -40.36 -67.93 34.72
N ALA G 136 -40.12 -69.20 35.03
CA ALA G 136 -38.81 -69.86 34.83
C ALA G 136 -38.89 -70.72 33.57
N ALA G 137 -37.83 -70.68 32.77
CA ALA G 137 -37.79 -71.28 31.43
C ALA G 137 -37.43 -72.76 31.55
N ASP G 138 -36.70 -73.15 32.58
CA ASP G 138 -36.31 -74.58 32.70
C ASP G 138 -36.03 -74.90 34.14
N MET G 139 -35.50 -76.09 34.36
CA MET G 139 -35.25 -76.65 35.71
C MET G 139 -34.22 -75.76 36.42
N ALA G 140 -33.23 -75.24 35.70
CA ALA G 140 -32.15 -74.39 36.25
C ALA G 140 -32.74 -73.10 36.80
N ALA G 141 -33.66 -72.49 36.08
CA ALA G 141 -34.23 -71.18 36.45
C ALA G 141 -35.23 -71.36 37.59
N GLN G 142 -35.71 -72.57 37.83
CA GLN G 142 -36.65 -72.84 38.95
C GLN G 142 -35.89 -72.86 40.26
N THR G 143 -34.61 -73.21 40.23
CA THR G 143 -33.69 -73.00 41.35
C THR G 143 -33.62 -71.48 41.66
N THR G 144 -33.33 -70.68 40.64
CA THR G 144 -33.25 -69.20 40.80
C THR G 144 -34.60 -68.64 41.26
N LYS G 145 -35.71 -69.23 40.81
CA LYS G 145 -37.09 -68.80 41.17
C LYS G 145 -37.25 -68.95 42.68
N HIS G 146 -36.92 -70.11 43.23
CA HIS G 146 -37.13 -70.45 44.65
C HIS G 146 -36.22 -69.57 45.48
N LYS G 147 -35.07 -69.26 44.93
CA LYS G 147 -34.10 -68.40 45.62
C LYS G 147 -34.57 -66.95 45.72
N TRP G 148 -35.19 -66.44 44.67
CA TRP G 148 -35.65 -65.04 44.61
C TRP G 148 -36.99 -64.88 45.33
N GLU G 149 -37.73 -65.99 45.47
CA GLU G 149 -38.97 -66.05 46.29
C GLU G 149 -38.54 -65.91 47.75
N ALA G 150 -37.45 -66.57 48.14
CA ALA G 150 -36.95 -66.61 49.55
C ALA G 150 -36.47 -65.22 49.93
N ALA G 151 -35.88 -64.50 48.97
CA ALA G 151 -35.22 -63.20 49.18
C ALA G 151 -36.18 -62.03 48.93
N HIS G 152 -37.47 -62.30 48.70
CA HIS G 152 -38.52 -61.25 48.50
C HIS G 152 -38.09 -60.24 47.42
N VAL G 153 -37.60 -60.75 46.28
CA VAL G 153 -37.09 -59.89 45.18
C VAL G 153 -38.29 -59.23 44.51
N ALA G 154 -39.33 -60.01 44.20
CA ALA G 154 -40.47 -59.54 43.38
C ALA G 154 -41.11 -58.34 44.08
N GLU G 155 -41.29 -58.45 45.40
CA GLU G 155 -41.89 -57.43 46.31
C GLU G 155 -41.16 -56.10 46.15
N GLN G 156 -39.85 -56.18 46.14
CA GLN G 156 -39.01 -54.96 46.07
C GLN G 156 -38.92 -54.42 44.64
N LEU G 157 -38.89 -55.29 43.61
CA LEU G 157 -38.90 -54.86 42.19
C LEU G 157 -40.24 -54.18 41.89
N ARG G 158 -41.36 -54.77 42.34
CA ARG G 158 -42.73 -54.20 42.11
C ARG G 158 -42.83 -52.78 42.70
N ALA G 159 -42.17 -52.54 43.82
CA ALA G 159 -42.13 -51.20 44.44
C ALA G 159 -41.37 -50.24 43.52
N TYR G 160 -40.21 -50.63 43.00
CA TYR G 160 -39.40 -49.77 42.07
C TYR G 160 -40.19 -49.52 40.78
N LEU G 161 -40.74 -50.58 40.17
CA LEU G 161 -41.35 -50.50 38.82
C LEU G 161 -42.65 -49.67 38.88
N GLU G 162 -43.43 -49.72 39.97
CA GLU G 162 -44.68 -48.91 40.09
C GLU G 162 -44.37 -47.51 40.67
N GLY G 163 -43.20 -47.30 41.30
CA GLY G 163 -42.93 -46.13 42.18
C GLY G 163 -41.77 -45.28 41.70
N THR G 164 -40.53 -45.75 41.89
CA THR G 164 -39.31 -44.97 41.58
C THR G 164 -39.17 -44.79 40.06
N CYS G 165 -39.21 -45.87 39.29
CA CYS G 165 -39.48 -45.82 37.83
C CYS G 165 -40.70 -44.89 37.74
N VAL G 166 -41.14 -44.48 36.55
N VAL G 166 -41.13 -44.49 36.55
CA VAL G 166 -42.37 -43.64 36.32
CA VAL G 166 -42.35 -43.63 36.32
C VAL G 166 -42.21 -42.29 37.06
C VAL G 166 -42.20 -42.28 37.05
N GLU G 167 -41.82 -42.26 38.34
CA GLU G 167 -41.58 -40.96 39.02
C GLU G 167 -40.41 -40.28 38.32
N TRP G 168 -39.33 -41.05 38.11
CA TRP G 168 -38.11 -40.56 37.42
C TRP G 168 -38.40 -40.41 35.92
N LEU G 169 -39.24 -41.29 35.36
CA LEU G 169 -39.62 -41.21 33.93
C LEU G 169 -40.43 -39.92 33.70
N ARG G 170 -41.37 -39.58 34.58
CA ARG G 170 -42.17 -38.33 34.44
C ARG G 170 -41.21 -37.16 34.55
N ARG G 171 -40.21 -37.30 35.43
CA ARG G 171 -39.24 -36.22 35.69
C ARG G 171 -38.36 -36.02 34.44
N TYR G 172 -37.91 -37.10 33.80
CA TYR G 172 -37.07 -37.04 32.57
C TYR G 172 -37.86 -36.47 31.39
N LEU G 173 -39.13 -36.85 31.30
CA LEU G 173 -39.98 -36.36 30.19
C LEU G 173 -40.23 -34.86 30.34
N GLU G 174 -40.28 -34.33 31.56
CA GLU G 174 -40.51 -32.88 31.76
C GLU G 174 -39.20 -32.14 31.53
N ASN G 175 -38.06 -32.72 31.91
CA ASN G 175 -36.71 -32.12 31.79
C ASN G 175 -36.32 -32.04 30.32
N GLY G 176 -36.46 -33.15 29.61
CA GLY G 176 -36.09 -33.22 28.19
C GLY G 176 -37.30 -33.09 27.30
N LYS G 177 -38.11 -32.07 27.58
CA LYS G 177 -39.43 -31.83 26.95
C LYS G 177 -39.20 -31.58 25.47
N GLU G 178 -38.23 -30.75 25.14
CA GLU G 178 -38.04 -30.32 23.74
C GLU G 178 -37.25 -31.37 22.96
N THR G 179 -36.67 -32.39 23.58
CA THR G 179 -36.15 -33.58 22.83
C THR G 179 -37.22 -34.68 22.79
N LEU G 180 -37.79 -35.09 23.93
CA LEU G 180 -38.65 -36.31 24.03
C LEU G 180 -40.12 -35.97 23.65
N THR G 183 -42.85 -36.13 17.36
CA THR G 183 -43.33 -37.02 16.27
C THR G 183 -43.10 -36.37 14.91
N ASP G 184 -41.97 -36.71 14.29
CA ASP G 184 -41.58 -36.39 12.90
C ASP G 184 -42.34 -37.30 11.93
N ALA G 185 -43.16 -36.70 11.08
CA ALA G 185 -43.85 -37.37 9.96
C ALA G 185 -42.82 -37.82 8.92
N PRO G 186 -43.03 -38.97 8.22
CA PRO G 186 -42.09 -39.46 7.21
C PRO G 186 -42.07 -38.63 5.94
N LYS G 187 -40.88 -38.25 5.48
CA LYS G 187 -40.67 -37.59 4.17
C LYS G 187 -40.62 -38.70 3.13
N THR G 188 -41.50 -38.68 2.14
CA THR G 188 -41.69 -39.81 1.19
C THR G 188 -41.34 -39.37 -0.23
N HIS G 189 -40.81 -40.29 -1.00
CA HIS G 189 -40.67 -40.18 -2.47
C HIS G 189 -40.55 -41.59 -3.09
N MET G 190 -40.48 -41.66 -4.41
CA MET G 190 -40.45 -42.95 -5.14
C MET G 190 -39.48 -42.83 -6.31
N THR G 191 -38.59 -43.82 -6.46
CA THR G 191 -37.59 -43.92 -7.56
C THR G 191 -38.06 -45.00 -8.53
N HIS G 192 -37.66 -44.92 -9.78
CA HIS G 192 -38.02 -45.86 -10.86
C HIS G 192 -36.74 -46.47 -11.44
N HIS G 193 -36.63 -47.79 -11.52
CA HIS G 193 -35.47 -48.49 -12.12
C HIS G 193 -35.95 -49.39 -13.25
N ALA G 194 -35.28 -49.37 -14.40
CA ALA G 194 -35.56 -50.29 -15.52
C ALA G 194 -34.67 -51.51 -15.37
N VAL G 195 -35.22 -52.71 -15.27
CA VAL G 195 -34.38 -53.91 -14.96
C VAL G 195 -34.36 -54.85 -16.17
N SER G 196 -35.00 -54.47 -17.27
CA SER G 196 -35.34 -55.38 -18.38
C SER G 196 -36.08 -54.59 -19.46
N ASP G 197 -36.34 -55.21 -20.61
CA ASP G 197 -37.15 -54.59 -21.68
C ASP G 197 -38.62 -54.69 -21.30
N HIS G 198 -38.98 -55.70 -20.49
CA HIS G 198 -40.37 -56.08 -20.15
C HIS G 198 -40.73 -55.63 -18.73
N GLU G 199 -39.76 -55.26 -17.87
CA GLU G 199 -40.01 -55.06 -16.41
C GLU G 199 -39.34 -53.80 -15.86
N ALA G 200 -39.72 -53.37 -14.65
CA ALA G 200 -39.18 -52.18 -13.98
C ALA G 200 -39.51 -52.21 -12.47
N THR G 201 -38.60 -51.69 -11.64
CA THR G 201 -38.78 -51.62 -10.17
C THR G 201 -39.34 -50.24 -9.76
N LEU G 202 -40.41 -50.23 -8.98
CA LEU G 202 -40.91 -49.03 -8.26
C LEU G 202 -40.48 -49.17 -6.79
N ARG G 203 -39.67 -48.25 -6.29
CA ARG G 203 -39.30 -48.21 -4.86
C ARG G 203 -39.98 -47.02 -4.18
N CYS G 204 -40.46 -47.22 -2.96
CA CYS G 204 -41.22 -46.22 -2.17
C CYS G 204 -40.49 -46.02 -0.84
N TRP G 205 -40.12 -44.76 -0.57
CA TRP G 205 -39.23 -44.42 0.55
C TRP G 205 -40.01 -43.74 1.66
N ALA G 206 -39.60 -44.00 2.90
CA ALA G 206 -40.00 -43.19 4.06
C ALA G 206 -38.73 -42.80 4.81
N LEU G 207 -38.54 -41.49 5.07
CA LEU G 207 -37.29 -40.94 5.68
C LEU G 207 -37.61 -39.99 6.83
N SER G 208 -36.77 -40.03 7.87
CA SER G 208 -36.87 -39.18 9.09
C SER G 208 -38.26 -39.30 9.74
N PHE G 209 -38.53 -40.38 10.46
CA PHE G 209 -39.72 -40.45 11.34
C PHE G 209 -39.28 -40.66 12.80
N TYR G 210 -39.81 -39.89 13.76
CA TYR G 210 -39.38 -39.88 15.19
C TYR G 210 -39.91 -41.11 15.92
N PRO G 211 -41.10 -41.66 15.55
CA PRO G 211 -41.59 -42.93 16.07
C PRO G 211 -41.27 -44.08 15.10
N ALA G 212 -40.74 -45.19 15.63
CA ALA G 212 -40.25 -46.34 14.82
C ALA G 212 -41.39 -47.00 14.02
N GLU G 213 -42.52 -47.27 14.68
CA GLU G 213 -43.67 -48.05 14.14
C GLU G 213 -44.16 -47.35 12.87
N ILE G 214 -44.37 -48.12 11.82
CA ILE G 214 -44.62 -47.61 10.43
C ILE G 214 -45.13 -48.76 9.57
N THR G 215 -45.87 -48.46 8.51
CA THR G 215 -46.37 -49.49 7.56
C THR G 215 -46.29 -48.96 6.13
N LEU G 216 -45.51 -49.66 5.32
CA LEU G 216 -45.39 -49.45 3.84
C LEU G 216 -45.99 -50.68 3.17
N THR G 217 -47.03 -50.49 2.37
CA THR G 217 -47.67 -51.60 1.63
C THR G 217 -47.98 -51.14 0.21
N TRP G 218 -47.95 -52.09 -0.69
CA TRP G 218 -48.29 -51.90 -2.11
C TRP G 218 -49.74 -52.33 -2.38
N GLN G 219 -50.28 -51.83 -3.48
CA GLN G 219 -51.54 -52.32 -4.07
C GLN G 219 -51.37 -52.34 -5.57
N ARG G 220 -52.07 -53.24 -6.26
CA ARG G 220 -52.31 -53.07 -7.71
C ARG G 220 -53.52 -52.13 -7.92
N ASP G 221 -54.48 -52.37 -8.80
CA ASP G 221 -55.61 -51.39 -8.88
C ASP G 221 -56.02 -51.04 -7.45
N GLY G 222 -56.17 -52.04 -6.58
CA GLY G 222 -56.55 -51.80 -5.18
C GLY G 222 -57.09 -53.04 -4.53
N GLU G 223 -56.21 -53.92 -4.09
CA GLU G 223 -56.54 -55.20 -3.43
C GLU G 223 -55.62 -55.36 -2.23
N ASP G 224 -54.62 -54.48 -2.17
CA ASP G 224 -53.46 -54.53 -1.25
C ASP G 224 -52.62 -55.75 -1.66
N GLN G 225 -51.68 -55.51 -2.58
CA GLN G 225 -50.78 -56.53 -3.18
C GLN G 225 -50.04 -57.30 -2.08
N THR G 226 -49.03 -56.69 -1.44
CA THR G 226 -48.22 -57.23 -0.30
C THR G 226 -47.40 -58.45 -0.75
N GLN G 227 -47.72 -59.07 -1.89
CA GLN G 227 -47.03 -60.30 -2.39
C GLN G 227 -46.20 -59.96 -3.62
N ASP G 228 -44.94 -60.45 -3.64
CA ASP G 228 -43.88 -60.18 -4.65
C ASP G 228 -43.16 -58.86 -4.29
N THR G 229 -43.63 -58.25 -3.21
CA THR G 229 -43.12 -57.00 -2.61
C THR G 229 -41.81 -57.29 -1.89
N GLU G 230 -40.80 -56.42 -2.04
CA GLU G 230 -39.54 -56.46 -1.25
C GLU G 230 -39.59 -55.39 -0.17
N LEU G 231 -39.12 -55.71 1.03
CA LEU G 231 -39.33 -54.86 2.24
C LEU G 231 -38.11 -55.01 3.17
N VAL G 232 -37.29 -53.95 3.28
CA VAL G 232 -36.11 -53.93 4.20
C VAL G 232 -36.59 -53.64 5.62
N GLU G 233 -35.86 -54.16 6.59
CA GLU G 233 -36.11 -53.97 8.03
C GLU G 233 -35.96 -52.47 8.32
N THR G 234 -36.86 -51.90 9.10
CA THR G 234 -36.80 -50.48 9.53
C THR G 234 -35.43 -50.24 10.13
N ARG G 235 -34.76 -49.15 9.76
CA ARG G 235 -33.32 -48.94 10.06
C ARG G 235 -33.08 -47.56 10.64
N PRO G 236 -32.14 -47.41 11.58
CA PRO G 236 -31.87 -46.12 12.21
C PRO G 236 -31.04 -45.20 11.30
N ALA G 237 -31.44 -43.94 11.12
CA ALA G 237 -30.71 -42.96 10.28
C ALA G 237 -29.37 -42.58 10.96
N GLY G 238 -29.29 -42.69 12.29
CA GLY G 238 -28.10 -42.37 13.10
C GLY G 238 -28.28 -41.04 13.81
N ASP G 239 -29.41 -40.36 13.60
CA ASP G 239 -29.68 -39.00 14.14
C ASP G 239 -30.98 -39.02 14.97
N GLY G 240 -31.41 -40.20 15.40
CA GLY G 240 -32.63 -40.40 16.21
C GLY G 240 -33.80 -40.86 15.35
N THR G 241 -33.86 -40.48 14.08
CA THR G 241 -35.00 -40.78 13.19
C THR G 241 -34.74 -42.09 12.48
N PHE G 242 -35.76 -42.59 11.79
CA PHE G 242 -35.73 -43.94 11.16
C PHE G 242 -35.98 -43.81 9.66
N GLN G 243 -35.60 -44.87 8.93
CA GLN G 243 -35.80 -45.02 7.47
C GLN G 243 -36.42 -46.38 7.17
N LYS G 244 -37.09 -46.46 6.03
CA LYS G 244 -37.56 -47.76 5.48
C LYS G 244 -37.95 -47.55 4.02
N TRP G 245 -37.69 -48.58 3.19
CA TRP G 245 -38.22 -48.61 1.81
C TRP G 245 -38.86 -49.97 1.48
N ALA G 246 -39.76 -49.92 0.49
CA ALA G 246 -40.53 -51.06 -0.05
C ALA G 246 -40.53 -50.96 -1.58
N ALA G 247 -40.33 -52.08 -2.28
CA ALA G 247 -40.20 -52.13 -3.75
C ALA G 247 -40.99 -53.28 -4.37
N VAL G 248 -41.39 -53.09 -5.62
CA VAL G 248 -42.18 -54.09 -6.42
C VAL G 248 -41.68 -54.06 -7.85
N VAL G 249 -41.60 -55.24 -8.43
CA VAL G 249 -41.23 -55.43 -9.84
C VAL G 249 -42.54 -55.50 -10.63
N VAL G 250 -42.67 -54.60 -11.57
CA VAL G 250 -43.94 -54.35 -12.29
C VAL G 250 -43.64 -54.41 -13.78
N PRO G 251 -44.50 -55.07 -14.59
CA PRO G 251 -44.44 -54.98 -16.05
C PRO G 251 -44.41 -53.55 -16.57
N SER G 252 -43.46 -53.27 -17.47
N SER G 252 -43.47 -53.27 -17.48
CA SER G 252 -43.25 -51.95 -18.11
CA SER G 252 -43.24 -51.95 -18.12
C SER G 252 -44.54 -51.50 -18.77
C SER G 252 -44.52 -51.48 -18.81
N GLY G 253 -44.92 -50.22 -18.57
CA GLY G 253 -46.12 -49.59 -19.16
C GLY G 253 -47.35 -49.80 -18.30
N GLN G 254 -47.21 -50.39 -17.12
CA GLN G 254 -48.36 -50.65 -16.22
C GLN G 254 -48.07 -50.15 -14.81
N GLU G 255 -47.18 -49.17 -14.71
CA GLU G 255 -46.75 -48.62 -13.41
C GLU G 255 -47.87 -47.76 -12.83
N GLN G 256 -48.77 -47.22 -13.67
CA GLN G 256 -49.83 -46.28 -13.23
C GLN G 256 -50.85 -47.00 -12.33
N ARG G 257 -50.97 -48.32 -12.42
CA ARG G 257 -52.02 -49.06 -11.66
C ARG G 257 -51.48 -49.54 -10.31
N TYR G 258 -50.25 -49.19 -9.95
CA TYR G 258 -49.65 -49.60 -8.65
C TYR G 258 -49.56 -48.38 -7.74
N THR G 259 -49.84 -48.57 -6.44
CA THR G 259 -49.86 -47.47 -5.44
C THR G 259 -49.11 -47.91 -4.18
N CYS G 260 -48.38 -46.99 -3.58
CA CYS G 260 -47.70 -47.19 -2.28
C CYS G 260 -48.51 -46.51 -1.18
N HIS G 261 -48.71 -47.21 -0.04
CA HIS G 261 -49.53 -46.74 1.09
C HIS G 261 -48.70 -46.57 2.36
N VAL G 262 -48.80 -45.41 2.99
CA VAL G 262 -47.94 -45.09 4.17
C VAL G 262 -48.84 -44.78 5.37
N GLN G 263 -48.65 -45.53 6.45
CA GLN G 263 -49.29 -45.25 7.76
C GLN G 263 -48.21 -44.91 8.80
N HIS G 264 -48.48 -43.90 9.61
CA HIS G 264 -47.57 -43.38 10.67
C HIS G 264 -48.38 -42.36 11.49
N GLU G 265 -47.98 -42.11 12.73
CA GLU G 265 -48.74 -41.19 13.62
C GLU G 265 -48.79 -39.81 12.96
N GLY G 266 -47.68 -39.33 12.41
CA GLY G 266 -47.52 -37.97 11.84
C GLY G 266 -48.55 -37.65 10.78
N LEU G 267 -48.80 -38.58 9.85
CA LEU G 267 -49.69 -38.29 8.69
C LEU G 267 -51.14 -38.26 9.15
N PRO G 268 -51.91 -37.21 8.74
CA PRO G 268 -53.33 -37.12 9.08
C PRO G 268 -54.13 -38.30 8.54
N LYS G 269 -53.98 -38.56 7.24
CA LYS G 269 -54.59 -39.68 6.52
C LYS G 269 -53.48 -40.46 5.83
N PRO G 270 -53.40 -41.79 6.00
CA PRO G 270 -52.36 -42.60 5.35
C PRO G 270 -52.27 -42.30 3.86
N LEU G 271 -51.14 -41.74 3.42
CA LEU G 271 -50.93 -41.18 2.07
C LEU G 271 -50.94 -42.31 1.04
N THR G 272 -51.40 -41.99 -0.15
CA THR G 272 -51.35 -42.85 -1.37
C THR G 272 -50.43 -42.22 -2.43
N LEU G 273 -49.37 -42.92 -2.83
CA LEU G 273 -48.32 -42.42 -3.76
C LEU G 273 -48.39 -43.20 -5.07
N ARG G 274 -48.13 -42.59 -6.24
CA ARG G 274 -48.30 -43.27 -7.56
C ARG G 274 -47.24 -42.92 -8.62
N TRP G 275 -47.26 -41.73 -9.23
CA TRP G 275 -46.41 -41.45 -10.44
C TRP G 275 -44.96 -41.74 -10.10
N GLU G 276 -44.23 -42.36 -11.03
CA GLU G 276 -42.77 -42.67 -10.92
C GLU G 276 -41.90 -41.58 -11.57
N ALA H 20 -25.44 -72.80 22.45
CA ALA H 20 -25.52 -71.39 22.83
C ALA H 20 -26.12 -70.61 21.65
N ILE H 21 -27.21 -71.15 21.08
CA ILE H 21 -28.14 -70.52 20.07
C ILE H 21 -27.46 -69.39 19.27
N GLN H 22 -26.64 -69.72 18.28
CA GLN H 22 -25.92 -68.70 17.48
C GLN H 22 -26.87 -68.09 16.43
N ARG H 23 -26.83 -66.78 16.19
CA ARG H 23 -27.71 -66.12 15.20
C ARG H 23 -26.85 -65.24 14.30
N THR H 24 -27.06 -65.33 12.99
CA THR H 24 -26.21 -64.64 11.99
C THR H 24 -26.69 -63.21 11.79
N PRO H 25 -25.78 -62.23 11.70
CA PRO H 25 -26.17 -60.83 11.54
C PRO H 25 -26.83 -60.47 10.20
N LYS H 26 -27.91 -59.69 10.21
CA LYS H 26 -28.48 -59.03 9.00
C LYS H 26 -27.76 -57.70 8.83
N ILE H 27 -27.43 -57.31 7.60
CA ILE H 27 -26.58 -56.10 7.37
C ILE H 27 -27.31 -55.17 6.40
N GLN H 28 -27.37 -53.88 6.71
CA GLN H 28 -27.80 -52.82 5.75
C GLN H 28 -26.76 -51.70 5.68
N VAL H 29 -26.36 -51.32 4.47
CA VAL H 29 -25.39 -50.20 4.25
C VAL H 29 -26.13 -49.08 3.57
N TYR H 30 -26.34 -47.96 4.25
CA TYR H 30 -27.17 -46.85 3.74
C TYR H 30 -26.67 -45.51 4.32
N SER H 31 -27.16 -44.40 3.77
CA SER H 31 -26.74 -43.03 4.16
C SER H 31 -27.81 -42.41 5.04
N ARG H 32 -27.41 -41.39 5.80
CA ARG H 32 -28.28 -40.62 6.73
C ARG H 32 -29.35 -39.89 5.91
N HIS H 33 -28.95 -39.22 4.84
CA HIS H 33 -29.90 -38.47 3.97
C HIS H 33 -29.70 -38.87 2.52
N PRO H 34 -30.66 -38.54 1.62
CA PRO H 34 -30.51 -38.79 0.18
C PRO H 34 -29.11 -38.37 -0.31
N ALA H 35 -28.37 -39.33 -0.85
CA ALA H 35 -27.00 -39.09 -1.34
C ALA H 35 -27.10 -38.02 -2.43
N GLU H 36 -26.23 -37.02 -2.35
CA GLU H 36 -26.03 -36.00 -3.39
C GLU H 36 -24.53 -35.79 -3.55
N ASN H 37 -23.94 -36.07 -4.72
CA ASN H 37 -22.45 -36.12 -4.85
C ASN H 37 -21.88 -34.76 -4.48
N GLY H 38 -20.85 -34.73 -3.65
CA GLY H 38 -20.17 -33.49 -3.26
C GLY H 38 -20.80 -32.87 -2.04
N LYS H 39 -21.91 -33.41 -1.54
CA LYS H 39 -22.58 -32.92 -0.30
C LYS H 39 -22.26 -33.90 0.84
N SER H 40 -21.75 -33.40 1.96
CA SER H 40 -21.34 -34.23 3.12
C SER H 40 -22.57 -34.93 3.71
N ASN H 41 -22.33 -36.11 4.26
CA ASN H 41 -23.37 -37.07 4.66
C ASN H 41 -22.79 -37.98 5.75
N PHE H 42 -23.52 -39.03 6.11
CA PHE H 42 -22.99 -40.13 6.94
C PHE H 42 -23.35 -41.47 6.33
N LEU H 43 -22.34 -42.33 6.25
CA LEU H 43 -22.48 -43.70 5.74
C LEU H 43 -22.75 -44.60 6.93
N ASN H 44 -23.86 -45.32 6.88
CA ASN H 44 -24.31 -46.19 7.98
C ASN H 44 -24.11 -47.66 7.60
N CYS H 45 -23.73 -48.48 8.58
CA CYS H 45 -23.81 -49.96 8.49
C CYS H 45 -24.56 -50.46 9.72
N TYR H 46 -25.77 -50.97 9.51
CA TYR H 46 -26.70 -51.45 10.57
C TYR H 46 -26.64 -52.97 10.59
N VAL H 47 -26.04 -53.52 11.64
CA VAL H 47 -25.90 -54.99 11.83
C VAL H 47 -26.82 -55.42 12.97
N SER H 48 -27.70 -56.37 12.70
CA SER H 48 -28.79 -56.68 13.65
C SER H 48 -29.10 -58.18 13.66
N GLY H 49 -29.81 -58.64 14.69
CA GLY H 49 -30.34 -59.99 14.80
C GLY H 49 -29.25 -61.04 15.06
N PHE H 50 -28.10 -60.66 15.64
CA PHE H 50 -26.97 -61.59 15.80
C PHE H 50 -26.79 -61.98 17.27
N HIS H 51 -26.20 -63.15 17.46
CA HIS H 51 -25.85 -63.73 18.79
C HIS H 51 -24.77 -64.77 18.60
N PRO H 52 -23.69 -64.82 19.41
CA PRO H 52 -23.43 -63.87 20.49
C PRO H 52 -22.93 -62.47 20.06
N SER H 53 -22.45 -61.66 21.03
CA SER H 53 -22.25 -60.20 20.90
C SER H 53 -20.93 -59.85 20.16
N ASP H 54 -19.89 -60.68 20.29
CA ASP H 54 -18.57 -60.40 19.66
C ASP H 54 -18.75 -60.40 18.15
N ILE H 55 -18.39 -59.29 17.51
CA ILE H 55 -18.57 -59.07 16.04
C ILE H 55 -17.50 -58.09 15.55
N GLU H 56 -17.14 -58.13 14.27
CA GLU H 56 -16.17 -57.20 13.66
C GLU H 56 -16.81 -56.52 12.45
N VAL H 57 -16.83 -55.20 12.43
CA VAL H 57 -17.52 -54.40 11.39
C VAL H 57 -16.55 -53.31 10.95
N ASP H 58 -16.23 -53.28 9.66
CA ASP H 58 -15.42 -52.19 9.05
C ASP H 58 -16.24 -51.58 7.92
N LEU H 59 -16.04 -50.29 7.71
CA LEU H 59 -16.57 -49.61 6.51
C LEU H 59 -15.44 -49.48 5.49
N LEU H 60 -15.74 -49.68 4.22
CA LEU H 60 -14.70 -49.69 3.16
C LEU H 60 -14.96 -48.58 2.14
N LYS H 61 -13.92 -47.86 1.79
CA LYS H 61 -13.94 -46.94 0.64
C LYS H 61 -12.95 -47.47 -0.38
N ASN H 62 -13.47 -47.89 -1.54
CA ASN H 62 -12.67 -48.51 -2.62
C ASN H 62 -11.83 -49.62 -2.01
N GLY H 63 -12.37 -50.35 -1.03
CA GLY H 63 -11.74 -51.53 -0.41
C GLY H 63 -10.64 -51.19 0.58
N GLU H 64 -10.53 -49.93 1.01
CA GLU H 64 -9.57 -49.58 2.09
C GLU H 64 -10.37 -49.46 3.38
N ARG H 65 -9.99 -50.20 4.45
CA ARG H 65 -10.65 -50.11 5.78
C ARG H 65 -10.66 -48.64 6.19
N ILE H 66 -11.81 -48.09 6.60
CA ILE H 66 -11.91 -46.63 6.88
C ILE H 66 -11.46 -46.35 8.31
N GLU H 67 -10.66 -45.30 8.48
CA GLU H 67 -10.25 -44.73 9.79
C GLU H 67 -11.42 -43.95 10.39
N LYS H 68 -11.39 -43.66 11.69
CA LYS H 68 -12.44 -42.82 12.37
C LYS H 68 -13.80 -43.40 12.04
N VAL H 69 -14.10 -44.57 12.58
CA VAL H 69 -15.47 -45.15 12.51
C VAL H 69 -16.07 -45.19 13.92
N GLU H 70 -17.21 -44.56 14.10
CA GLU H 70 -17.96 -44.59 15.38
C GLU H 70 -19.03 -45.68 15.32
N HIS H 71 -19.48 -46.13 16.49
CA HIS H 71 -20.56 -47.12 16.62
C HIS H 71 -21.34 -46.80 17.89
N SER H 72 -22.59 -47.23 17.89
CA SER H 72 -23.54 -47.14 19.02
C SER H 72 -23.09 -48.08 20.15
N ASP H 73 -23.65 -47.91 21.35
CA ASP H 73 -23.55 -48.87 22.46
C ASP H 73 -24.41 -50.09 22.14
N LEU H 74 -23.83 -51.27 22.33
CA LEU H 74 -24.54 -52.55 22.15
C LEU H 74 -25.87 -52.54 22.93
N SER H 75 -26.94 -52.76 22.19
CA SER H 75 -28.28 -52.98 22.75
C SER H 75 -28.87 -54.25 22.11
N PHE H 76 -30.07 -54.68 22.50
CA PHE H 76 -30.67 -55.92 21.96
C PHE H 76 -32.18 -55.80 21.83
N SER H 77 -32.78 -56.66 20.98
CA SER H 77 -34.21 -56.65 20.59
C SER H 77 -34.99 -57.60 21.50
N LYS H 78 -36.30 -57.73 21.30
CA LYS H 78 -37.20 -58.44 22.24
C LYS H 78 -36.92 -59.95 22.18
N ASP H 79 -36.23 -60.40 21.14
CA ASP H 79 -35.80 -61.81 21.02
C ASP H 79 -34.36 -62.02 21.54
N TRP H 80 -33.76 -61.02 22.20
CA TRP H 80 -32.41 -61.08 22.82
C TRP H 80 -31.25 -61.01 21.79
N SER H 81 -31.55 -60.91 20.48
CA SER H 81 -30.53 -60.69 19.42
C SER H 81 -30.03 -59.25 19.44
N PHE H 82 -28.74 -59.06 19.13
CA PHE H 82 -28.05 -57.76 19.31
C PHE H 82 -28.18 -56.92 18.04
N TYR H 83 -28.00 -55.59 18.14
CA TYR H 83 -27.89 -54.67 16.99
C TYR H 83 -26.92 -53.53 17.29
N LEU H 84 -26.20 -53.09 16.26
CA LEU H 84 -25.21 -51.98 16.34
C LEU H 84 -25.30 -51.14 15.07
N LEU H 85 -25.04 -49.85 15.23
CA LEU H 85 -24.92 -48.91 14.11
C LEU H 85 -23.46 -48.48 14.03
N TYR H 86 -22.79 -48.72 12.92
CA TYR H 86 -21.44 -48.18 12.61
C TYR H 86 -21.64 -47.10 11.56
N TYR H 87 -20.92 -46.00 11.70
CA TYR H 87 -21.14 -44.82 10.83
C TYR H 87 -19.85 -44.02 10.76
N THR H 88 -19.75 -43.26 9.67
CA THR H 88 -18.59 -42.38 9.37
C THR H 88 -19.10 -41.19 8.56
N GLU H 89 -18.48 -40.03 8.79
CA GLU H 89 -18.72 -38.81 8.00
C GLU H 89 -18.13 -39.06 6.63
N PHE H 90 -18.85 -38.75 5.56
CA PHE H 90 -18.32 -38.96 4.19
C PHE H 90 -19.02 -38.03 3.21
N THR H 91 -18.30 -37.73 2.14
CA THR H 91 -18.78 -36.95 0.98
C THR H 91 -18.75 -37.88 -0.22
N PRO H 92 -19.92 -38.39 -0.64
CA PRO H 92 -19.96 -39.32 -1.77
C PRO H 92 -19.51 -38.65 -3.08
N THR H 93 -18.98 -39.43 -4.01
CA THR H 93 -18.68 -38.94 -5.38
C THR H 93 -19.14 -40.01 -6.35
N GLU H 94 -19.14 -39.72 -7.66
CA GLU H 94 -19.69 -40.67 -8.66
C GLU H 94 -18.87 -41.97 -8.69
N LYS H 95 -17.54 -41.93 -8.58
CA LYS H 95 -16.70 -43.14 -8.85
C LYS H 95 -16.23 -43.79 -7.53
N ASP H 96 -16.39 -43.13 -6.39
CA ASP H 96 -16.01 -43.72 -5.07
C ASP H 96 -17.01 -44.82 -4.75
N GLU H 97 -16.52 -46.01 -4.40
CA GLU H 97 -17.41 -47.13 -4.04
C GLU H 97 -17.30 -47.38 -2.54
N TYR H 98 -18.45 -47.57 -1.89
CA TYR H 98 -18.48 -47.78 -0.42
C TYR H 98 -19.07 -49.14 -0.11
N ALA H 99 -18.55 -49.77 0.94
CA ALA H 99 -19.03 -51.09 1.40
C ALA H 99 -18.92 -51.29 2.92
N CYS H 100 -19.57 -52.33 3.43
CA CYS H 100 -19.54 -52.75 4.84
C CYS H 100 -19.12 -54.22 4.90
N ARG H 101 -18.13 -54.53 5.74
CA ARG H 101 -17.57 -55.89 5.91
C ARG H 101 -17.80 -56.35 7.35
N VAL H 102 -18.51 -57.46 7.47
CA VAL H 102 -18.95 -57.96 8.79
C VAL H 102 -18.44 -59.39 8.98
N ASN H 103 -17.75 -59.63 10.10
N ASN H 103 -17.75 -59.62 10.10
CA ASN H 103 -17.28 -60.98 10.49
CA ASN H 103 -17.29 -60.97 10.50
C ASN H 103 -17.89 -61.34 11.84
C ASN H 103 -17.91 -61.34 11.84
N HIS H 104 -18.26 -62.61 12.01
CA HIS H 104 -18.94 -63.16 13.22
C HIS H 104 -18.67 -64.66 13.28
N VAL H 105 -18.88 -65.28 14.45
CA VAL H 105 -18.73 -66.75 14.73
C VAL H 105 -19.59 -67.51 13.71
N THR H 106 -20.73 -66.91 13.28
CA THR H 106 -21.78 -67.58 12.46
C THR H 106 -21.37 -67.57 10.97
N LEU H 107 -20.40 -66.72 10.62
CA LEU H 107 -19.89 -66.56 9.23
C LEU H 107 -18.56 -67.32 9.13
N SER H 108 -18.47 -68.29 8.22
CA SER H 108 -17.23 -69.01 7.85
C SER H 108 -16.22 -68.05 7.20
N GLN H 109 -16.70 -67.02 6.50
CA GLN H 109 -15.83 -65.94 5.96
C GLN H 109 -16.61 -64.63 5.93
N PRO H 110 -15.91 -63.48 6.02
CA PRO H 110 -16.52 -62.16 6.10
C PRO H 110 -17.52 -61.88 4.98
N LYS H 111 -18.64 -61.26 5.33
CA LYS H 111 -19.68 -60.86 4.37
C LYS H 111 -19.43 -59.39 3.96
N ILE H 112 -19.38 -59.11 2.64
CA ILE H 112 -19.18 -57.72 2.10
C ILE H 112 -20.46 -57.29 1.38
N VAL H 113 -21.00 -56.14 1.79
CA VAL H 113 -22.25 -55.52 1.28
C VAL H 113 -21.92 -54.14 0.73
N LYS H 114 -22.28 -53.86 -0.52
CA LYS H 114 -21.97 -52.57 -1.19
C LYS H 114 -23.00 -51.52 -0.79
N TRP H 115 -22.60 -50.26 -0.84
CA TRP H 115 -23.54 -49.11 -0.78
C TRP H 115 -24.14 -48.85 -2.15
N ASP H 116 -25.46 -48.92 -2.31
CA ASP H 116 -26.12 -48.83 -3.64
C ASP H 116 -26.94 -47.54 -3.81
N ARG H 117 -27.06 -46.72 -2.74
CA ARG H 117 -27.85 -45.44 -2.71
C ARG H 117 -29.33 -45.74 -2.80
N ASP H 118 -29.84 -45.98 -4.01
CA ASP H 118 -31.26 -46.39 -4.12
C ASP H 118 -31.39 -47.88 -3.73
N MET H 119 -30.57 -48.31 -2.75
CA MET H 119 -30.49 -49.68 -2.17
C MET H 119 -31.23 -50.73 -3.02
N HIS I 1 -32.58 -43.51 36.21
CA HIS I 1 -32.64 -44.00 37.63
C HIS I 1 -32.86 -45.52 37.63
N MET I 2 -31.75 -46.26 37.73
CA MET I 2 -31.67 -47.73 37.77
C MET I 2 -32.18 -48.25 39.12
N THR I 3 -32.41 -49.55 39.26
CA THR I 3 -32.97 -50.13 40.51
C THR I 3 -31.87 -50.55 41.47
N GLU I 4 -32.27 -50.74 42.71
CA GLU I 4 -31.33 -51.17 43.75
C GLU I 4 -31.49 -52.67 43.91
N VAL I 5 -32.61 -53.24 43.48
CA VAL I 5 -32.96 -54.68 43.72
C VAL I 5 -32.30 -55.58 42.66
N VAL I 6 -31.30 -56.33 43.06
CA VAL I 6 -30.47 -57.17 42.13
C VAL I 6 -29.97 -58.41 42.90
N ARG I 7 -30.14 -59.60 42.34
CA ARG I 7 -29.81 -60.85 43.08
C ARG I 7 -29.02 -61.80 42.19
N HIS I 8 -28.13 -62.56 42.84
CA HIS I 8 -27.24 -63.63 42.31
C HIS I 8 -28.11 -64.69 41.64
N CYS I 9 -27.51 -65.74 41.07
CA CYS I 9 -28.26 -66.76 40.29
C CYS I 9 -28.76 -66.15 38.97
N GLY J 2 7.87 14.72 26.92
CA GLY J 2 8.76 15.50 26.01
C GLY J 2 10.04 15.92 26.72
N SER J 3 11.17 15.87 26.02
CA SER J 3 12.48 16.36 26.52
C SER J 3 12.42 17.88 26.61
N HIS J 4 12.93 18.47 27.70
CA HIS J 4 12.99 19.95 27.90
C HIS J 4 14.39 20.39 28.34
N SER J 5 14.70 21.67 28.20
CA SER J 5 16.05 22.22 28.49
C SER J 5 15.97 23.73 28.69
N MET J 6 16.51 24.22 29.80
CA MET J 6 16.70 25.67 30.07
C MET J 6 18.19 25.99 29.88
N ARG J 7 18.50 26.96 29.04
CA ARG J 7 19.89 27.35 28.69
C ARG J 7 20.01 28.87 28.81
N TYR J 8 21.19 29.38 29.13
CA TYR J 8 21.48 30.83 29.20
C TYR J 8 22.61 31.15 28.23
N PHE J 9 22.57 32.29 27.55
CA PHE J 9 23.62 32.66 26.57
C PHE J 9 24.18 34.04 26.91
N PHE J 10 25.48 34.13 27.13
CA PHE J 10 26.14 35.40 27.48
C PHE J 10 27.21 35.75 26.47
N THR J 11 27.12 36.96 25.96
CA THR J 11 28.04 37.45 24.93
C THR J 11 28.72 38.70 25.47
N SER J 12 30.04 38.70 25.52
N SER J 12 30.04 38.71 25.48
CA SER J 12 30.81 39.82 26.10
CA SER J 12 30.82 39.80 26.09
C SER J 12 31.90 40.23 25.11
C SER J 12 31.92 40.24 25.13
N VAL J 13 31.83 41.45 24.60
CA VAL J 13 32.73 41.92 23.51
C VAL J 13 33.39 43.25 23.91
N SER J 14 34.73 43.32 23.80
CA SER J 14 35.55 44.50 24.16
C SER J 14 35.43 45.57 23.08
N ARG J 15 35.47 46.84 23.49
CA ARG J 15 35.41 48.00 22.57
C ARG J 15 36.57 48.95 22.91
N PRO J 16 37.82 48.64 22.46
CA PRO J 16 38.95 49.53 22.72
C PRO J 16 38.71 50.98 22.23
N GLY J 17 39.12 51.95 23.04
CA GLY J 17 39.01 53.39 22.72
C GLY J 17 37.56 53.84 22.52
N ARG J 18 36.58 53.04 22.95
CA ARG J 18 35.14 53.45 23.00
C ARG J 18 34.50 52.89 24.27
N GLY J 19 35.19 53.01 25.41
CA GLY J 19 34.65 52.75 26.77
C GLY J 19 34.39 51.27 27.05
N GLU J 20 33.49 51.00 28.01
CA GLU J 20 33.21 49.65 28.59
C GLU J 20 32.78 48.66 27.51
N PRO J 21 33.20 47.39 27.58
CA PRO J 21 32.73 46.35 26.65
C PRO J 21 31.21 46.14 26.73
N ARG J 22 30.57 45.80 25.61
CA ARG J 22 29.11 45.58 25.52
C ARG J 22 28.81 44.17 25.97
N PHE J 23 27.75 43.99 26.76
CA PHE J 23 27.38 42.70 27.37
C PHE J 23 25.93 42.39 27.03
N ILE J 24 25.67 41.21 26.49
CA ILE J 24 24.30 40.75 26.14
C ILE J 24 24.07 39.39 26.79
N ALA J 25 22.86 39.19 27.29
CA ALA J 25 22.48 37.92 27.93
C ALA J 25 21.06 37.63 27.52
N VAL J 26 20.80 36.36 27.34
CA VAL J 26 19.53 35.83 26.81
C VAL J 26 19.25 34.55 27.58
N GLY J 27 18.01 34.35 27.98
CA GLY J 27 17.53 33.10 28.60
C GLY J 27 16.52 32.39 27.71
N TYR J 28 16.73 31.12 27.39
CA TYR J 28 15.79 30.33 26.56
C TYR J 28 15.35 29.09 27.31
N VAL J 29 14.07 28.80 27.35
CA VAL J 29 13.55 27.46 27.73
C VAL J 29 13.21 26.77 26.41
N ASP J 30 13.76 25.58 26.16
CA ASP J 30 13.62 24.87 24.85
C ASP J 30 14.16 25.78 23.75
N ASP J 31 13.31 26.15 22.78
CA ASP J 31 13.68 27.11 21.72
C ASP J 31 13.03 28.46 22.03
N THR J 32 12.34 28.60 23.16
CA THR J 32 11.55 29.81 23.53
C THR J 32 12.36 30.77 24.40
N GLN J 33 12.65 31.97 23.89
CA GLN J 33 13.33 33.04 24.66
C GLN J 33 12.33 33.59 25.69
N PHE J 34 12.76 33.79 26.93
CA PHE J 34 11.87 34.29 28.01
C PHE J 34 12.47 35.47 28.77
N VAL J 35 13.79 35.70 28.74
CA VAL J 35 14.43 36.87 29.38
C VAL J 35 15.59 37.38 28.52
N ARG J 36 16.04 38.61 28.78
CA ARG J 36 17.21 39.21 28.11
C ARG J 36 17.80 40.35 28.96
N PHE J 37 19.08 40.64 28.78
CA PHE J 37 19.72 41.85 29.33
C PHE J 37 20.71 42.31 28.27
N ASP J 38 20.82 43.62 28.10
CA ASP J 38 21.75 44.28 27.15
C ASP J 38 22.37 45.47 27.86
N SER J 39 23.70 45.55 27.88
CA SER J 39 24.43 46.65 28.56
C SER J 39 24.11 47.98 27.87
N ASP J 40 23.79 47.96 26.58
CA ASP J 40 23.56 49.19 25.78
C ASP J 40 22.10 49.62 25.91
N ALA J 41 21.22 48.75 26.39
CA ALA J 41 19.77 49.04 26.48
C ALA J 41 19.51 50.06 27.59
N ALA J 42 18.34 50.69 27.54
CA ALA J 42 17.91 51.82 28.41
C ALA J 42 17.75 51.37 29.87
N SER J 43 17.05 50.27 30.11
CA SER J 43 16.55 49.84 31.43
C SER J 43 17.69 49.54 32.43
N GLN J 44 18.76 48.86 31.98
CA GLN J 44 19.81 48.25 32.85
C GLN J 44 19.17 47.26 33.81
N ARG J 45 18.16 46.54 33.32
CA ARG J 45 17.40 45.54 34.08
C ARG J 45 17.41 44.25 33.27
N MET J 46 17.29 43.10 33.92
CA MET J 46 16.92 41.86 33.21
C MET J 46 15.44 42.02 32.84
N GLU J 47 15.13 41.95 31.54
CA GLU J 47 13.79 42.26 30.98
C GLU J 47 13.08 40.96 30.61
N PRO J 48 11.73 40.89 30.74
CA PRO J 48 10.96 39.74 30.27
C PRO J 48 10.78 39.73 28.75
N ARG J 49 10.75 38.55 28.13
CA ARG J 49 10.59 38.38 26.65
C ARG J 49 9.53 37.31 26.36
N ALA J 50 8.56 37.13 27.26
CA ALA J 50 7.48 36.14 27.14
C ALA J 50 6.39 36.47 28.17
N PRO J 51 5.14 36.03 27.95
CA PRO J 51 4.02 36.40 28.83
C PRO J 51 4.13 35.77 30.22
N TRP J 52 4.46 34.48 30.25
CA TRP J 52 4.38 33.62 31.46
C TRP J 52 5.44 34.02 32.50
N ILE J 53 6.52 34.69 32.11
CA ILE J 53 7.59 35.12 33.06
C ILE J 53 7.18 36.40 33.79
N GLU J 54 6.29 37.20 33.22
CA GLU J 54 5.90 38.53 33.76
C GLU J 54 5.16 38.42 35.10
N GLN J 55 4.57 37.27 35.44
CA GLN J 55 3.83 37.11 36.72
C GLN J 55 4.81 36.86 37.89
N GLU J 56 6.13 36.73 37.63
CA GLU J 56 7.16 36.70 38.70
C GLU J 56 7.22 38.10 39.35
N GLY J 57 7.36 38.19 40.67
CA GLY J 57 7.33 39.46 41.41
C GLY J 57 8.65 40.24 41.34
N PRO J 58 8.69 41.46 41.93
CA PRO J 58 9.89 42.31 41.92
C PRO J 58 11.14 41.68 42.52
N GLU J 59 10.96 40.79 43.49
CA GLU J 59 12.08 40.06 44.17
C GLU J 59 12.82 39.18 43.16
N TYR J 60 12.11 38.48 42.25
CA TYR J 60 12.73 37.69 41.15
C TYR J 60 13.60 38.62 40.30
N TRP J 61 13.05 39.76 39.89
CA TRP J 61 13.67 40.67 38.89
C TRP J 61 14.88 41.41 39.50
N ASP J 62 14.83 41.77 40.77
CA ASP J 62 15.99 42.38 41.47
C ASP J 62 17.12 41.37 41.55
N GLY J 63 16.76 40.11 41.80
CA GLY J 63 17.73 39.00 41.91
C GLY J 63 18.43 38.75 40.59
N GLU J 64 17.66 38.62 39.52
CA GLU J 64 18.21 38.29 38.19
C GLU J 64 19.02 39.50 37.69
N THR J 65 18.52 40.71 37.91
CA THR J 65 19.23 41.97 37.53
C THR J 65 20.60 41.97 38.16
N ARG J 66 20.64 41.74 39.47
CA ARG J 66 21.93 41.78 40.20
C ARG J 66 22.86 40.74 39.57
N LYS J 67 22.36 39.52 39.37
CA LYS J 67 23.21 38.36 38.97
C LYS J 67 23.80 38.64 37.60
N VAL J 68 22.98 39.06 36.65
CA VAL J 68 23.53 39.35 35.30
C VAL J 68 24.56 40.48 35.45
N LYS J 69 24.28 41.50 36.27
CA LYS J 69 25.28 42.58 36.53
C LYS J 69 26.55 41.95 37.10
N ALA J 70 26.42 40.89 37.91
CA ALA J 70 27.55 40.14 38.50
C ALA J 70 28.29 39.35 37.41
N HIS J 71 27.56 38.74 36.49
CA HIS J 71 28.17 38.05 35.32
C HIS J 71 28.96 39.06 34.49
N SER J 72 28.38 40.24 34.23
CA SER J 72 28.97 41.24 33.31
C SER J 72 30.27 41.73 33.94
N GLN J 73 30.28 41.86 35.26
CA GLN J 73 31.44 42.43 35.97
C GLN J 73 32.60 41.44 35.84
N THR J 74 32.30 40.16 36.05
CA THR J 74 33.26 39.03 35.94
C THR J 74 33.80 39.00 34.53
N HIS J 75 32.90 39.13 33.54
CA HIS J 75 33.25 39.04 32.10
C HIS J 75 34.14 40.22 31.73
N ARG J 76 33.84 41.39 32.30
CA ARG J 76 34.57 42.65 32.04
C ARG J 76 36.02 42.45 32.48
N VAL J 77 36.22 41.78 33.61
CA VAL J 77 37.56 41.44 34.16
C VAL J 77 38.22 40.41 33.23
N ASP J 78 37.46 39.39 32.87
CA ASP J 78 38.00 38.24 32.12
C ASP J 78 38.66 38.76 30.85
N LEU J 79 38.03 39.73 30.18
CA LEU J 79 38.52 40.29 28.87
C LEU J 79 39.95 40.78 29.07
N GLY J 80 40.16 41.51 30.15
CA GLY J 80 41.48 42.03 30.54
C GLY J 80 42.45 40.91 30.85
N THR J 81 42.00 39.90 31.60
CA THR J 81 42.87 38.79 32.07
C THR J 81 43.33 37.99 30.85
N LEU J 82 42.38 37.66 29.96
CA LEU J 82 42.60 36.80 28.77
C LEU J 82 43.53 37.52 27.78
N ARG J 83 43.43 38.85 27.71
CA ARG J 83 44.32 39.68 26.87
C ARG J 83 45.76 39.51 27.37
N GLY J 84 45.93 39.44 28.68
CA GLY J 84 47.23 39.20 29.33
C GLY J 84 47.78 37.82 28.98
N TYR J 85 46.95 36.79 29.13
CA TYR J 85 47.38 35.38 28.97
C TYR J 85 47.95 35.18 27.57
N TYR J 86 47.26 35.70 26.55
CA TYR J 86 47.63 35.51 25.12
C TYR J 86 48.54 36.66 24.64
N ASN J 87 48.84 37.67 25.47
CA ASN J 87 49.79 38.78 25.15
C ASN J 87 49.29 39.50 23.90
N GLN J 88 48.02 39.90 23.88
CA GLN J 88 47.41 40.60 22.73
C GLN J 88 47.43 42.11 22.98
N SER J 89 47.29 42.84 21.88
CA SER J 89 47.24 44.32 21.81
C SER J 89 45.98 44.86 22.52
N GLU J 90 46.08 46.09 23.02
CA GLU J 90 45.00 46.81 23.73
C GLU J 90 44.01 47.40 22.72
N ALA J 91 44.44 47.60 21.48
CA ALA J 91 43.63 48.31 20.47
C ALA J 91 42.68 47.36 19.74
N GLY J 92 42.76 46.04 19.98
CA GLY J 92 41.97 45.03 19.24
C GLY J 92 40.75 44.56 20.03
N SER J 93 39.62 44.37 19.35
CA SER J 93 38.35 43.89 19.94
C SER J 93 38.36 42.36 20.07
N HIS J 94 38.01 41.83 21.25
CA HIS J 94 37.91 40.37 21.51
C HIS J 94 36.58 39.99 22.14
N THR J 95 36.19 38.72 21.97
CA THR J 95 34.85 38.23 22.33
C THR J 95 34.96 37.09 23.33
N VAL J 96 34.14 37.14 24.36
CA VAL J 96 33.97 36.03 25.34
C VAL J 96 32.54 35.57 25.26
N GLN J 97 32.34 34.26 25.34
CA GLN J 97 30.99 33.66 25.34
C GLN J 97 30.89 32.63 26.45
N ARG J 98 29.70 32.50 27.01
CA ARG J 98 29.42 31.53 28.08
C ARG J 98 28.01 31.01 27.84
N MET J 99 27.86 29.69 27.88
CA MET J 99 26.54 29.03 27.78
C MET J 99 26.47 28.02 28.93
N TYR J 100 25.42 28.07 29.70
CA TYR J 100 25.18 27.02 30.71
C TYR J 100 23.69 26.74 30.81
N GLY J 101 23.37 25.59 31.37
CA GLY J 101 21.97 25.14 31.45
C GLY J 101 21.86 23.66 31.75
N CYS J 102 20.64 23.16 31.77
CA CYS J 102 20.33 21.78 32.22
C CYS J 102 19.23 21.20 31.35
N ASP J 103 19.30 19.91 31.11
CA ASP J 103 18.29 19.14 30.34
C ASP J 103 17.45 18.31 31.30
N VAL J 104 16.22 17.97 30.91
CA VAL J 104 15.35 17.03 31.67
C VAL J 104 14.60 16.12 30.68
N GLY J 105 14.37 14.87 31.08
CA GLY J 105 13.64 13.86 30.29
C GLY J 105 12.13 14.10 30.30
N SER J 106 11.35 13.15 29.80
CA SER J 106 9.87 13.18 29.78
C SER J 106 9.33 13.31 31.21
N ASP J 107 10.02 12.71 32.18
CA ASP J 107 9.56 12.63 33.60
C ASP J 107 9.98 13.90 34.35
N TRP J 108 10.59 14.86 33.64
CA TRP J 108 11.03 16.18 34.18
C TRP J 108 12.16 15.98 35.21
N ARG J 109 12.88 14.85 35.19
CA ARG J 109 14.04 14.61 36.09
C ARG J 109 15.33 15.06 35.39
N PHE J 110 16.36 15.39 36.19
CA PHE J 110 17.69 15.81 35.68
C PHE J 110 18.22 14.74 34.71
N LEU J 111 18.75 15.19 33.58
CA LEU J 111 19.31 14.32 32.52
C LEU J 111 20.79 14.68 32.30
N ARG J 112 21.10 15.95 32.06
CA ARG J 112 22.49 16.44 31.84
C ARG J 112 22.59 17.93 32.21
N GLY J 113 23.81 18.42 32.44
CA GLY J 113 24.13 19.85 32.61
C GLY J 113 25.26 20.34 31.73
N TYR J 114 25.37 21.65 31.54
CA TYR J 114 26.42 22.26 30.70
C TYR J 114 26.99 23.46 31.43
N HIS J 115 28.30 23.64 31.35
CA HIS J 115 28.88 25.00 31.47
C HIS J 115 30.10 25.11 30.57
N GLN J 116 29.94 25.80 29.45
CA GLN J 116 31.01 25.99 28.46
C GLN J 116 31.37 27.48 28.41
N TYR J 117 32.62 27.74 28.12
CA TYR J 117 33.20 29.09 28.13
C TYR J 117 34.11 29.19 26.93
N ALA J 118 34.01 30.27 26.13
CA ALA J 118 34.82 30.45 24.91
C ALA J 118 35.56 31.80 24.92
N TYR J 119 36.69 31.87 24.23
CA TYR J 119 37.38 33.13 23.91
C TYR J 119 37.66 33.19 22.41
N ASP J 120 37.28 34.29 21.76
CA ASP J 120 37.55 34.53 20.33
C ASP J 120 37.08 33.31 19.57
N GLY J 121 35.89 32.85 19.99
CA GLY J 121 35.06 31.86 19.29
C GLY J 121 35.70 30.49 19.28
N LYS J 122 36.63 30.25 20.20
CA LYS J 122 37.26 28.93 20.44
C LYS J 122 36.96 28.48 21.86
N ASP J 123 36.64 27.21 22.03
CA ASP J 123 36.50 26.56 23.35
C ASP J 123 37.68 26.98 24.22
N TYR J 124 37.40 27.37 25.46
CA TYR J 124 38.41 27.76 26.45
C TYR J 124 38.35 26.77 27.59
N ILE J 125 37.24 26.68 28.28
CA ILE J 125 37.11 25.74 29.42
C ILE J 125 35.66 25.37 29.63
N ALA J 126 35.44 24.09 29.88
CA ALA J 126 34.10 23.48 29.86
C ALA J 126 34.02 22.44 30.96
N LEU J 127 32.84 22.33 31.57
CA LEU J 127 32.60 21.35 32.64
C LEU J 127 32.22 20.01 31.99
N LYS J 128 32.86 18.92 32.41
CA LYS J 128 32.67 17.57 31.81
C LYS J 128 31.30 17.04 32.21
N GLU J 129 30.92 15.88 31.67
CA GLU J 129 29.54 15.37 31.84
C GLU J 129 29.36 14.93 33.29
N ASP J 130 30.45 14.57 33.99
CA ASP J 130 30.44 14.15 35.43
C ASP J 130 30.12 15.36 36.32
N LEU J 131 30.33 16.59 35.83
CA LEU J 131 30.05 17.88 36.52
C LEU J 131 30.98 18.06 37.73
N ARG J 132 32.14 17.40 37.73
CA ARG J 132 33.13 17.48 38.84
C ARG J 132 34.48 17.96 38.32
N SER J 133 34.58 18.21 37.02
CA SER J 133 35.89 18.24 36.34
C SER J 133 35.87 19.21 35.16
N TRP J 134 37.02 19.75 34.81
CA TRP J 134 37.15 20.75 33.72
C TRP J 134 37.96 20.21 32.56
N THR J 135 37.50 20.42 31.33
CA THR J 135 38.36 20.32 30.13
C THR J 135 38.91 21.72 29.85
N ALA J 136 40.23 21.88 29.87
CA ALA J 136 40.87 23.10 29.36
C ALA J 136 41.32 22.86 27.92
N ALA J 137 41.06 23.82 27.03
CA ALA J 137 41.32 23.67 25.59
C ALA J 137 42.75 24.08 25.25
N ASP J 138 43.43 24.92 26.03
CA ASP J 138 44.83 25.32 25.66
C ASP J 138 45.63 25.69 26.92
N MET J 139 46.83 26.19 26.72
CA MET J 139 47.79 26.40 27.83
C MET J 139 47.22 27.46 28.79
N ALA J 140 46.57 28.47 28.22
CA ALA J 140 45.99 29.59 28.98
C ALA J 140 44.85 29.09 29.88
N ALA J 141 44.02 28.18 29.37
CA ALA J 141 42.80 27.71 30.06
C ALA J 141 43.18 26.82 31.23
N GLN J 142 44.39 26.26 31.18
CA GLN J 142 44.90 25.34 32.22
C GLN J 142 45.14 26.17 33.49
N THR J 143 45.52 27.45 33.32
CA THR J 143 45.72 28.39 34.45
C THR J 143 44.37 28.62 35.12
N THR J 144 43.35 28.88 34.33
CA THR J 144 41.96 29.12 34.81
C THR J 144 41.39 27.83 35.43
N LYS J 145 41.86 26.67 34.97
CA LYS J 145 41.48 25.34 35.53
C LYS J 145 41.93 25.28 37.01
N HIS J 146 43.23 25.51 37.25
CA HIS J 146 43.91 25.49 38.57
C HIS J 146 43.17 26.45 39.50
N LYS J 147 42.77 27.60 38.96
CA LYS J 147 42.16 28.71 39.71
C LYS J 147 40.77 28.27 40.19
N TRP J 148 40.03 27.63 39.31
CA TRP J 148 38.60 27.30 39.57
C TRP J 148 38.52 26.03 40.40
N GLU J 149 39.56 25.19 40.34
CA GLU J 149 39.68 23.99 41.22
C GLU J 149 39.93 24.48 42.65
N ALA J 150 40.78 25.49 42.81
CA ALA J 150 41.13 26.09 44.12
C ALA J 150 39.86 26.70 44.75
N ALA J 151 39.04 27.35 43.94
CA ALA J 151 37.88 28.14 44.41
C ALA J 151 36.61 27.31 44.34
N HIS J 152 36.73 25.99 44.10
CA HIS J 152 35.59 25.03 44.23
C HIS J 152 34.38 25.43 43.36
N VAL J 153 34.60 25.88 42.12
CA VAL J 153 33.52 26.35 41.21
C VAL J 153 32.63 25.17 40.80
N ALA J 154 33.23 24.06 40.39
CA ALA J 154 32.50 22.89 39.84
C ALA J 154 31.44 22.46 40.85
N GLU J 155 31.83 22.37 42.12
CA GLU J 155 31.01 21.84 43.24
C GLU J 155 29.75 22.67 43.31
N GLN J 156 29.94 23.98 43.19
CA GLN J 156 28.86 24.97 43.35
C GLN J 156 28.00 24.98 42.08
N LEU J 157 28.59 24.87 40.87
CA LEU J 157 27.86 24.77 39.58
C LEU J 157 27.01 23.48 39.59
N ARG J 158 27.60 22.37 40.03
CA ARG J 158 26.92 21.06 39.99
C ARG J 158 25.68 21.16 40.88
N ALA J 159 25.75 21.90 41.97
CA ALA J 159 24.63 22.06 42.92
C ALA J 159 23.50 22.77 42.17
N TYR J 160 23.83 23.83 41.42
CA TYR J 160 22.88 24.68 40.64
C TYR J 160 22.28 23.83 39.53
N LEU J 161 23.10 23.13 38.77
CA LEU J 161 22.66 22.42 37.54
C LEU J 161 21.76 21.24 37.92
N GLU J 162 22.03 20.57 39.04
CA GLU J 162 21.25 19.36 39.44
C GLU J 162 20.04 19.76 40.28
N GLY J 163 20.04 20.96 40.87
CA GLY J 163 19.05 21.36 41.88
C GLY J 163 18.21 22.54 41.40
N THR J 164 18.79 23.73 41.45
CA THR J 164 18.11 25.01 41.16
C THR J 164 17.62 25.00 39.71
N CYS J 165 18.50 24.63 38.79
CA CYS J 165 18.25 24.72 37.32
C CYS J 165 17.03 23.88 37.01
N VAL J 166 16.96 22.66 37.55
N VAL J 166 16.98 22.68 37.58
CA VAL J 166 15.85 21.72 37.27
CA VAL J 166 15.90 21.70 37.34
C VAL J 166 14.57 22.19 37.96
C VAL J 166 14.59 22.21 37.95
N GLU J 167 14.66 22.72 39.18
CA GLU J 167 13.46 23.15 39.96
C GLU J 167 12.81 24.35 39.25
N TRP J 168 13.59 25.29 38.75
CA TRP J 168 13.07 26.51 38.10
C TRP J 168 12.56 26.20 36.69
N LEU J 169 13.20 25.27 35.99
CA LEU J 169 12.73 24.81 34.67
C LEU J 169 11.35 24.17 34.85
N ARG J 170 11.17 23.33 35.86
CA ARG J 170 9.87 22.67 36.14
C ARG J 170 8.83 23.74 36.47
N ARG J 171 9.26 24.78 37.19
CA ARG J 171 8.37 25.88 37.62
C ARG J 171 7.95 26.69 36.38
N TYR J 172 8.86 26.97 35.46
CA TYR J 172 8.54 27.75 34.24
C TYR J 172 7.63 26.91 33.35
N LEU J 173 7.83 25.59 33.30
CA LEU J 173 7.02 24.69 32.43
C LEU J 173 5.56 24.70 32.93
N GLU J 174 5.35 24.88 34.23
CA GLU J 174 3.97 24.86 34.77
C GLU J 174 3.36 26.25 34.67
N ASN J 175 4.18 27.30 34.76
CA ASN J 175 3.75 28.72 34.64
C ASN J 175 3.32 28.99 33.19
N GLY J 176 4.20 28.66 32.25
CA GLY J 176 3.98 28.88 30.80
C GLY J 176 3.56 27.59 30.12
N LYS J 177 2.54 26.93 30.67
CA LYS J 177 2.10 25.59 30.23
C LYS J 177 1.65 25.68 28.76
N GLU J 178 0.77 26.64 28.51
CA GLU J 178 0.06 26.79 27.21
C GLU J 178 1.05 27.26 26.14
N THR J 179 2.21 27.83 26.51
CA THR J 179 3.26 28.24 25.57
C THR J 179 4.29 27.11 25.36
N LEU J 180 4.86 26.56 26.44
CA LEU J 180 6.08 25.70 26.39
C LEU J 180 5.72 24.24 26.11
N GLN J 181 4.56 23.78 26.59
CA GLN J 181 4.13 22.35 26.47
C GLN J 181 3.20 22.19 25.28
N ARG J 182 2.98 23.24 24.48
CA ARG J 182 2.20 23.18 23.21
C ARG J 182 3.05 22.50 22.14
N THR J 183 2.42 21.99 21.09
CA THR J 183 3.13 21.42 19.92
C THR J 183 2.35 21.84 18.66
N ASP J 184 2.85 22.88 17.97
CA ASP J 184 2.30 23.39 16.69
C ASP J 184 2.81 22.52 15.53
N ALA J 185 1.92 21.76 14.89
CA ALA J 185 2.21 20.93 13.70
C ALA J 185 2.53 21.86 12.54
N PRO J 186 3.43 21.46 11.61
CA PRO J 186 3.73 22.27 10.44
C PRO J 186 2.57 22.34 9.44
N LYS J 187 2.26 23.53 8.94
CA LYS J 187 1.44 23.70 7.72
C LYS J 187 2.37 23.58 6.51
N THR J 188 2.05 22.69 5.59
CA THR J 188 2.94 22.30 4.48
C THR J 188 2.28 22.63 3.14
N HIS J 189 3.09 22.93 2.12
CA HIS J 189 2.68 23.02 0.69
C HIS J 189 3.92 22.86 -0.21
N MET J 190 3.69 22.73 -1.51
CA MET J 190 4.75 22.52 -2.52
C MET J 190 4.65 23.61 -3.56
N THR J 191 5.79 24.11 -4.01
CA THR J 191 5.89 25.09 -5.13
C THR J 191 6.78 24.52 -6.20
N HIS J 192 6.48 24.90 -7.43
CA HIS J 192 7.10 24.35 -8.66
C HIS J 192 7.55 25.53 -9.53
N HIS J 193 8.78 25.46 -9.99
CA HIS J 193 9.30 26.39 -11.01
C HIS J 193 10.12 25.59 -12.02
N ALA J 194 9.92 25.85 -13.32
CA ALA J 194 10.82 25.46 -14.41
C ALA J 194 12.12 26.28 -14.30
N VAL J 195 13.27 25.66 -14.57
CA VAL J 195 14.59 26.35 -14.54
C VAL J 195 15.26 26.16 -15.90
N SER J 196 14.56 25.58 -16.86
CA SER J 196 15.21 25.02 -18.06
C SER J 196 14.15 24.39 -18.96
N ASP J 197 14.55 24.00 -20.18
CA ASP J 197 13.75 23.13 -21.09
C ASP J 197 13.51 21.78 -20.41
N HIS J 198 14.55 21.24 -19.79
CA HIS J 198 14.60 19.81 -19.38
C HIS J 198 14.62 19.65 -17.86
N GLU J 199 14.59 20.74 -17.07
CA GLU J 199 14.69 20.62 -15.58
C GLU J 199 13.67 21.52 -14.90
N ALA J 200 13.45 21.29 -13.60
CA ALA J 200 12.45 21.97 -12.75
C ALA J 200 12.78 21.75 -11.28
N THR J 201 12.53 22.75 -10.44
CA THR J 201 12.74 22.67 -8.97
C THR J 201 11.40 22.35 -8.30
N LEU J 202 11.41 21.34 -7.43
CA LEU J 202 10.30 21.08 -6.47
C LEU J 202 10.75 21.54 -5.10
N ARG J 203 10.05 22.51 -4.50
CA ARG J 203 10.35 22.97 -3.13
C ARG J 203 9.22 22.54 -2.20
N CYS J 204 9.61 22.05 -1.04
CA CYS J 204 8.70 21.50 0.00
C CYS J 204 8.80 22.39 1.24
N TRP J 205 7.67 22.93 1.68
CA TRP J 205 7.62 23.94 2.76
C TRP J 205 7.10 23.31 4.06
N ALA J 206 7.68 23.73 5.18
CA ALA J 206 7.10 23.56 6.54
C ALA J 206 7.07 24.93 7.21
N LEU J 207 5.89 25.39 7.66
CA LEU J 207 5.70 26.73 8.27
C LEU J 207 4.89 26.63 9.57
N SER J 208 5.12 27.61 10.46
CA SER J 208 4.36 27.83 11.72
C SER J 208 4.41 26.60 12.63
N PHE J 209 5.60 25.98 12.82
CA PHE J 209 5.76 24.78 13.69
C PHE J 209 6.57 25.16 14.94
N TYR J 210 6.26 24.47 16.04
CA TYR J 210 6.98 24.54 17.34
C TYR J 210 7.00 23.14 17.95
N PRO J 211 8.13 22.61 18.45
CA PRO J 211 9.45 23.26 18.42
C PRO J 211 10.21 23.12 17.09
N ALA J 212 11.48 23.58 17.05
CA ALA J 212 12.28 23.73 15.81
C ALA J 212 12.79 22.37 15.30
N GLU J 213 12.80 21.31 16.11
CA GLU J 213 13.26 19.96 15.68
C GLU J 213 12.29 19.43 14.60
N ILE J 214 12.78 19.21 13.39
CA ILE J 214 11.98 18.76 12.21
C ILE J 214 12.89 18.05 11.18
N THR J 215 12.31 17.09 10.43
CA THR J 215 13.01 16.35 9.35
C THR J 215 12.23 16.54 8.05
N LEU J 216 12.88 17.12 7.06
CA LEU J 216 12.40 17.21 5.65
C LEU J 216 13.35 16.39 4.78
N THR J 217 12.83 15.37 4.11
CA THR J 217 13.64 14.48 3.25
C THR J 217 12.86 14.13 1.99
N TRP J 218 13.58 13.98 0.89
CA TRP J 218 13.01 13.58 -0.42
C TRP J 218 13.12 12.06 -0.62
N GLN J 219 12.22 11.52 -1.43
CA GLN J 219 12.24 10.11 -1.87
C GLN J 219 11.90 10.06 -3.35
N ARG J 220 12.42 9.07 -4.06
CA ARG J 220 12.10 8.84 -5.49
C ARG J 220 11.51 7.42 -5.55
N ASP J 221 10.18 7.33 -5.32
CA ASP J 221 9.32 6.13 -5.47
C ASP J 221 9.09 5.40 -4.14
N GLY J 222 10.00 5.50 -3.17
CA GLY J 222 9.87 4.83 -1.85
C GLY J 222 11.16 4.78 -1.05
N GLU J 223 12.32 4.89 -1.71
CA GLU J 223 13.66 4.96 -1.07
C GLU J 223 14.21 6.39 -1.25
N ASP J 224 15.08 6.82 -0.33
CA ASP J 224 15.45 8.23 -0.10
C ASP J 224 16.19 8.83 -1.32
N GLN J 225 16.11 10.16 -1.44
CA GLN J 225 16.79 10.97 -2.50
C GLN J 225 17.63 12.05 -1.80
N THR J 226 18.93 11.81 -1.72
CA THR J 226 19.93 12.67 -1.03
C THR J 226 20.70 13.47 -2.10
N GLN J 227 20.95 12.85 -3.26
CA GLN J 227 21.60 13.51 -4.41
C GLN J 227 20.78 14.75 -4.79
N ASP J 228 21.48 15.83 -5.18
CA ASP J 228 20.88 17.03 -5.83
C ASP J 228 19.70 17.50 -4.97
N THR J 229 19.92 17.55 -3.65
CA THR J 229 18.97 18.07 -2.64
C THR J 229 19.54 19.36 -2.03
N GLU J 230 18.71 20.38 -1.89
CA GLU J 230 19.02 21.67 -1.23
C GLU J 230 18.18 21.78 0.04
N LEU J 231 18.75 22.28 1.12
CA LEU J 231 18.10 22.24 2.46
C LEU J 231 18.58 23.46 3.25
N VAL J 232 17.67 24.35 3.61
CA VAL J 232 18.07 25.60 4.35
C VAL J 232 18.02 25.29 5.84
N GLU J 233 18.80 26.07 6.60
CA GLU J 233 18.85 26.06 8.07
C GLU J 233 17.47 26.41 8.58
N THR J 234 16.97 25.68 9.58
CA THR J 234 15.70 26.02 10.28
C THR J 234 15.80 27.47 10.79
N ARG J 235 14.76 28.27 10.60
CA ARG J 235 14.82 29.73 10.80
C ARG J 235 13.57 30.20 11.54
N PRO J 236 13.66 31.26 12.37
CA PRO J 236 12.49 31.77 13.09
C PRO J 236 11.57 32.67 12.24
N ALA J 237 10.27 32.43 12.40
CA ALA J 237 9.20 33.19 11.73
C ALA J 237 9.10 34.59 12.36
N GLY J 238 9.49 34.70 13.63
CA GLY J 238 9.43 35.96 14.39
C GLY J 238 8.28 35.95 15.41
N ASP J 239 7.40 34.96 15.36
CA ASP J 239 6.17 34.89 16.21
C ASP J 239 6.19 33.65 17.10
N GLY J 240 7.39 33.08 17.30
CA GLY J 240 7.66 31.95 18.22
C GLY J 240 7.69 30.63 17.49
N THR J 241 7.14 30.60 16.27
CA THR J 241 7.17 29.42 15.39
C THR J 241 8.39 29.49 14.47
N PHE J 242 8.62 28.39 13.78
CA PHE J 242 9.82 28.18 12.94
C PHE J 242 9.42 27.76 11.53
N GLN J 243 10.38 27.86 10.61
CA GLN J 243 10.22 27.56 9.18
C GLN J 243 11.37 26.69 8.70
N LYS J 244 11.12 25.87 7.68
CA LYS J 244 12.18 25.16 6.95
C LYS J 244 11.65 24.80 5.56
N TRP J 245 12.52 24.83 4.54
CA TRP J 245 12.18 24.24 3.22
C TRP J 245 13.31 23.33 2.71
N ALA J 246 12.93 22.38 1.86
CA ALA J 246 13.86 21.46 1.17
C ALA J 246 13.46 21.38 -0.30
N ALA J 247 14.45 21.35 -1.21
CA ALA J 247 14.20 21.42 -2.67
C ALA J 247 15.03 20.38 -3.41
N VAL J 248 14.54 19.95 -4.57
CA VAL J 248 15.26 19.04 -5.51
C VAL J 248 15.12 19.56 -6.94
N VAL J 249 16.21 19.46 -7.70
CA VAL J 249 16.21 19.72 -9.16
C VAL J 249 16.01 18.39 -9.88
N VAL J 250 14.92 18.32 -10.64
CA VAL J 250 14.32 17.07 -11.18
C VAL J 250 14.08 17.26 -12.67
N PRO J 251 14.31 16.23 -13.52
CA PRO J 251 13.87 16.25 -14.93
C PRO J 251 12.37 16.54 -15.16
N SER J 252 12.10 17.54 -16.01
N SER J 252 12.10 17.53 -16.03
CA SER J 252 10.76 18.13 -16.29
CA SER J 252 10.77 18.14 -16.30
C SER J 252 9.88 17.08 -16.96
C SER J 252 9.86 17.14 -17.01
N GLY J 253 8.67 16.89 -16.44
CA GLY J 253 7.70 15.87 -16.90
C GLY J 253 7.70 14.65 -16.01
N GLN J 254 8.61 14.58 -15.02
CA GLN J 254 8.75 13.40 -14.12
C GLN J 254 8.86 13.86 -12.66
N GLU J 255 8.19 14.98 -12.34
CA GLU J 255 8.02 15.57 -10.99
C GLU J 255 7.18 14.62 -10.11
N GLN J 256 6.30 13.87 -10.75
CA GLN J 256 5.19 13.14 -10.08
C GLN J 256 5.76 11.93 -9.31
N ARG J 257 6.98 11.48 -9.57
CA ARG J 257 7.51 10.27 -8.87
C ARG J 257 8.39 10.68 -7.69
N TYR J 258 8.45 11.97 -7.35
CA TYR J 258 9.23 12.46 -6.17
C TYR J 258 8.28 12.88 -5.04
N THR J 259 8.62 12.48 -3.81
CA THR J 259 7.79 12.71 -2.61
C THR J 259 8.59 13.39 -1.50
N CYS J 260 7.96 14.35 -0.82
CA CYS J 260 8.53 15.03 0.36
C CYS J 260 7.96 14.39 1.65
N HIS J 261 8.85 14.09 2.61
CA HIS J 261 8.50 13.43 3.89
C HIS J 261 8.76 14.35 5.08
N VAL J 262 7.75 14.51 5.91
CA VAL J 262 7.74 15.49 7.03
C VAL J 262 7.58 14.73 8.35
N GLN J 263 8.60 14.76 9.20
CA GLN J 263 8.56 14.19 10.57
C GLN J 263 8.63 15.33 11.58
N HIS J 264 7.66 15.40 12.48
CA HIS J 264 7.54 16.44 13.52
C HIS J 264 6.60 15.92 14.62
N GLU J 265 6.91 16.24 15.87
CA GLU J 265 6.22 15.62 17.03
C GLU J 265 4.77 16.13 17.09
N GLY J 266 4.47 17.28 16.46
CA GLY J 266 3.10 17.79 16.30
C GLY J 266 2.24 16.92 15.39
N LEU J 267 2.84 16.19 14.45
CA LEU J 267 2.09 15.34 13.47
C LEU J 267 1.83 13.97 14.09
N PRO J 268 0.56 13.49 14.13
CA PRO J 268 0.25 12.12 14.54
C PRO J 268 0.97 11.04 13.71
N LYS J 269 1.06 11.21 12.40
CA LYS J 269 1.93 10.36 11.53
C LYS J 269 2.71 11.26 10.59
N PRO J 270 3.88 10.81 10.07
CA PRO J 270 4.64 11.62 9.11
C PRO J 270 3.85 11.83 7.82
N LEU J 271 3.89 13.05 7.27
CA LEU J 271 3.15 13.42 6.04
C LEU J 271 3.98 13.06 4.81
N THR J 272 3.29 12.65 3.76
CA THR J 272 3.88 12.49 2.41
C THR J 272 3.22 13.51 1.48
N LEU J 273 4.03 14.34 0.85
CA LEU J 273 3.59 15.34 -0.14
C LEU J 273 4.09 14.92 -1.52
N ARG J 274 3.28 15.09 -2.56
CA ARG J 274 3.69 14.81 -3.97
C ARG J 274 2.75 15.57 -4.91
N TRP J 275 3.30 16.51 -5.68
CA TRP J 275 2.52 17.33 -6.64
C TRP J 275 3.43 17.97 -7.70
N GLU J 276 2.83 18.49 -8.78
CA GLU J 276 3.49 19.20 -9.92
C GLU J 276 4.15 20.46 -9.37
N ILE K 21 40.06 34.51 14.03
CA ILE K 21 39.05 33.55 13.49
C ILE K 21 37.82 34.34 13.03
N GLN K 22 37.31 33.97 11.86
CA GLN K 22 36.33 34.77 11.11
C GLN K 22 35.43 33.79 10.39
N ARG K 23 34.13 33.90 10.56
CA ARG K 23 33.16 33.06 9.81
C ARG K 23 32.19 33.99 9.07
N THR K 24 31.91 33.70 7.81
CA THR K 24 31.12 34.61 6.96
C THR K 24 29.63 34.33 7.17
N PRO K 25 28.78 35.35 7.27
CA PRO K 25 27.37 35.14 7.59
C PRO K 25 26.57 34.46 6.47
N LYS K 26 25.66 33.58 6.87
CA LYS K 26 24.60 33.03 5.98
C LYS K 26 23.37 33.90 6.14
N ILE K 27 22.86 34.41 5.03
CA ILE K 27 21.77 35.42 4.97
C ILE K 27 20.51 34.81 4.36
N GLN K 28 19.40 34.88 5.05
CA GLN K 28 18.14 34.37 4.50
C GLN K 28 17.12 35.49 4.61
N VAL K 29 16.50 35.82 3.48
CA VAL K 29 15.46 36.88 3.45
C VAL K 29 14.12 36.24 3.15
N TYR K 30 13.13 36.48 4.00
CA TYR K 30 11.80 35.82 3.92
C TYR K 30 10.76 36.59 4.73
N SER K 31 9.49 36.26 4.52
CA SER K 31 8.36 36.87 5.26
C SER K 31 7.92 35.92 6.38
N ARG K 32 7.28 36.47 7.41
CA ARG K 32 6.77 35.71 8.59
C ARG K 32 5.65 34.78 8.12
N HIS K 33 4.72 35.28 7.32
CA HIS K 33 3.55 34.53 6.77
C HIS K 33 3.67 34.48 5.26
N PRO K 34 2.94 33.56 4.58
CA PRO K 34 2.89 33.54 3.12
C PRO K 34 2.56 34.92 2.53
N ALA K 35 3.39 35.39 1.59
CA ALA K 35 3.32 36.74 1.01
C ALA K 35 2.02 36.86 0.18
N GLU K 36 1.25 37.91 0.41
CA GLU K 36 0.12 38.30 -0.48
C GLU K 36 0.12 39.82 -0.70
N ASN K 37 0.06 40.28 -1.97
CA ASN K 37 0.12 41.73 -2.32
C ASN K 37 -1.03 42.42 -1.57
N GLY K 38 -0.73 43.55 -0.92
CA GLY K 38 -1.72 44.37 -0.21
C GLY K 38 -1.98 43.86 1.20
N LYS K 39 -1.29 42.80 1.62
CA LYS K 39 -1.53 42.20 2.96
C LYS K 39 -0.32 42.43 3.85
N SER K 40 -0.57 42.98 5.03
CA SER K 40 0.46 43.35 6.02
C SER K 40 1.10 42.08 6.58
N ASN K 41 2.41 42.17 6.81
CA ASN K 41 3.30 41.00 7.01
C ASN K 41 4.54 41.51 7.71
N PHE K 42 5.56 40.66 7.85
CA PHE K 42 6.88 41.08 8.36
C PHE K 42 7.97 40.55 7.43
N LEU K 43 8.89 41.40 7.04
CA LEU K 43 10.07 41.04 6.21
C LEU K 43 11.21 40.66 7.16
N ASN K 44 11.72 39.45 7.04
CA ASN K 44 12.75 38.92 7.96
C ASN K 44 14.08 38.78 7.21
N CYS K 45 15.18 39.14 7.86
CA CYS K 45 16.55 38.88 7.38
C CYS K 45 17.32 38.19 8.50
N TYR K 46 17.53 36.89 8.35
CA TYR K 46 18.14 36.00 9.38
C TYR K 46 19.60 35.81 9.00
N VAL K 47 20.48 36.35 9.84
CA VAL K 47 21.96 36.26 9.64
C VAL K 47 22.48 35.28 10.68
N SER K 48 23.17 34.23 10.24
CA SER K 48 23.66 33.15 11.13
C SER K 48 25.05 32.71 10.67
N GLY K 49 25.77 31.99 11.53
CA GLY K 49 27.06 31.35 11.19
C GLY K 49 28.26 32.30 11.21
N PHE K 50 28.07 33.61 11.34
CA PHE K 50 29.19 34.59 11.40
C PHE K 50 29.79 34.59 12.80
N HIS K 51 31.04 34.99 12.99
CA HIS K 51 31.61 34.91 14.36
C HIS K 51 31.67 36.27 15.06
N PRO K 52 32.55 37.23 14.63
CA PRO K 52 32.69 38.49 15.36
C PRO K 52 31.28 39.13 15.45
N SER K 53 30.86 39.56 16.65
CA SER K 53 29.50 40.11 16.92
C SER K 53 29.20 41.23 15.93
N ASP K 54 30.15 42.14 15.73
CA ASP K 54 29.99 43.33 14.86
C ASP K 54 29.57 42.91 13.45
N ILE K 55 28.35 43.30 13.09
CA ILE K 55 27.71 43.06 11.77
C ILE K 55 26.79 44.24 11.45
N GLU K 56 26.66 44.57 10.17
CA GLU K 56 25.74 45.64 9.70
C GLU K 56 24.66 45.00 8.85
N VAL K 57 23.41 45.17 9.25
CA VAL K 57 22.25 44.58 8.52
C VAL K 57 21.21 45.66 8.28
N ASP K 58 20.91 45.93 7.00
CA ASP K 58 19.82 46.86 6.62
C ASP K 58 18.81 46.08 5.79
N LEU K 59 17.53 46.41 5.96
CA LEU K 59 16.46 45.96 5.05
C LEU K 59 16.19 47.06 4.02
N LEU K 60 16.10 46.71 2.73
CA LEU K 60 16.01 47.69 1.62
C LEU K 60 14.65 47.57 0.94
N LYS K 61 14.02 48.72 0.71
CA LYS K 61 12.83 48.82 -0.15
C LYS K 61 13.21 49.60 -1.42
N ASN K 62 13.26 48.89 -2.55
CA ASN K 62 13.68 49.44 -3.87
C ASN K 62 15.06 50.09 -3.71
N GLY K 63 15.96 49.43 -2.99
CA GLY K 63 17.38 49.79 -2.84
C GLY K 63 17.61 50.77 -1.71
N GLU K 64 16.56 51.31 -1.10
CA GLU K 64 16.71 52.35 -0.06
C GLU K 64 16.51 51.75 1.33
N ARG K 65 17.36 52.15 2.27
CA ARG K 65 17.40 51.62 3.65
C ARG K 65 16.06 51.91 4.34
N ILE K 66 15.43 50.89 4.89
CA ILE K 66 14.26 51.07 5.81
C ILE K 66 14.83 51.49 7.18
N GLU K 67 14.30 52.57 7.79
CA GLU K 67 14.61 52.92 9.20
C GLU K 67 13.99 51.82 10.08
N LYS K 68 13.03 52.16 10.97
CA LYS K 68 12.39 51.26 11.97
C LYS K 68 12.64 49.77 11.61
N VAL K 69 13.87 49.30 11.81
CA VAL K 69 14.23 47.86 11.72
C VAL K 69 14.61 47.41 13.13
N GLU K 70 13.88 46.44 13.68
CA GLU K 70 14.19 45.83 14.98
C GLU K 70 15.09 44.62 14.72
N HIS K 71 15.70 44.14 15.78
CA HIS K 71 16.46 42.87 15.73
C HIS K 71 16.28 42.12 17.06
N SER K 72 16.46 40.81 16.97
CA SER K 72 16.46 39.88 18.11
C SER K 72 17.69 40.12 18.97
N ASP K 73 17.73 39.49 20.14
CA ASP K 73 18.89 39.54 21.06
C ASP K 73 19.97 38.61 20.51
N LEU K 74 21.20 39.14 20.38
CA LEU K 74 22.40 38.38 19.92
C LEU K 74 22.52 37.11 20.76
N SER K 75 22.55 35.97 20.09
CA SER K 75 22.86 34.67 20.71
C SER K 75 23.79 33.90 19.77
N PHE K 76 24.09 32.66 20.06
CA PHE K 76 25.03 31.87 19.22
C PHE K 76 24.63 30.40 19.25
N SER K 77 25.15 29.69 18.25
CA SER K 77 24.95 28.24 18.03
C SER K 77 26.05 27.47 18.75
N LYS K 78 26.01 26.14 18.66
CA LYS K 78 26.86 25.30 19.53
C LYS K 78 28.32 25.44 19.05
N ASP K 79 28.56 25.95 17.84
CA ASP K 79 29.94 26.12 17.30
C ASP K 79 30.51 27.51 17.62
N TRP K 80 29.78 28.30 18.41
CA TRP K 80 30.15 29.65 18.92
C TRP K 80 29.92 30.72 17.85
N SER K 81 29.48 30.38 16.64
CA SER K 81 29.05 31.37 15.61
C SER K 81 27.70 32.02 16.02
N PHE K 82 27.52 33.29 15.67
CA PHE K 82 26.38 34.11 16.17
C PHE K 82 25.21 33.99 15.19
N TYR K 83 24.01 34.38 15.64
CA TYR K 83 22.80 34.58 14.79
C TYR K 83 21.93 35.76 15.31
N LEU K 84 21.30 36.47 14.38
CA LEU K 84 20.37 37.58 14.66
C LEU K 84 19.23 37.49 13.67
N LEU K 85 18.04 37.88 14.09
CA LEU K 85 16.93 38.15 13.15
C LEU K 85 16.70 39.66 13.09
N TYR K 86 16.80 40.22 11.88
CA TYR K 86 16.38 41.62 11.61
C TYR K 86 15.00 41.58 10.98
N TYR K 87 14.07 42.41 11.43
CA TYR K 87 12.68 42.36 10.92
C TYR K 87 12.06 43.75 10.95
N THR K 88 11.06 43.94 10.10
CA THR K 88 10.28 45.20 9.99
C THR K 88 8.91 44.85 9.45
N GLU K 89 7.90 45.65 9.80
CA GLU K 89 6.53 45.47 9.27
C GLU K 89 6.52 46.02 7.86
N PHE K 90 5.83 45.33 6.96
CA PHE K 90 5.68 45.79 5.55
C PHE K 90 4.43 45.19 4.93
N THR K 91 3.96 45.88 3.90
CA THR K 91 2.88 45.47 2.99
C THR K 91 3.47 45.33 1.60
N PRO K 92 3.69 44.09 1.12
CA PRO K 92 4.26 43.88 -0.20
C PRO K 92 3.28 44.28 -1.31
N THR K 93 3.84 44.69 -2.44
CA THR K 93 3.07 45.03 -3.67
C THR K 93 3.75 44.37 -4.87
N GLU K 94 3.09 44.43 -6.02
CA GLU K 94 3.50 43.78 -7.29
C GLU K 94 4.92 44.23 -7.70
N LYS K 95 5.24 45.51 -7.52
CA LYS K 95 6.40 46.15 -8.21
C LYS K 95 7.51 46.35 -7.19
N ASP K 96 7.18 46.38 -5.90
CA ASP K 96 8.14 46.66 -4.80
C ASP K 96 9.14 45.50 -4.69
N GLU K 97 10.43 45.82 -4.71
CA GLU K 97 11.50 44.84 -4.44
C GLU K 97 12.00 45.06 -3.02
N TYR K 98 12.12 43.97 -2.28
CA TYR K 98 12.73 43.98 -0.94
C TYR K 98 14.01 43.18 -0.98
N ALA K 99 14.99 43.65 -0.23
CA ALA K 99 16.31 43.03 -0.14
C ALA K 99 16.86 43.21 1.27
N CYS K 100 17.98 42.56 1.51
CA CYS K 100 18.73 42.67 2.75
C CYS K 100 20.16 42.98 2.34
N ARG K 101 20.74 44.03 2.89
CA ARG K 101 22.19 44.34 2.73
C ARG K 101 22.96 43.99 4.01
N VAL K 102 23.98 43.14 3.92
CA VAL K 102 24.75 42.66 5.12
C VAL K 102 26.24 42.91 4.87
N ASN K 103 26.91 43.60 5.78
N ASN K 103 26.92 43.61 5.77
CA ASN K 103 28.39 43.75 5.70
CA ASN K 103 28.41 43.73 5.68
C ASN K 103 29.03 43.20 6.99
C ASN K 103 29.01 43.18 6.96
N HIS K 104 30.25 42.70 6.86
CA HIS K 104 30.99 41.98 7.91
C HIS K 104 32.47 42.03 7.53
N VAL K 105 33.36 41.78 8.47
CA VAL K 105 34.82 41.88 8.19
C VAL K 105 35.22 40.85 7.13
N THR K 106 34.52 39.70 7.07
CA THR K 106 34.80 38.56 6.17
C THR K 106 34.43 38.95 4.73
N LEU K 107 33.56 39.93 4.56
CA LEU K 107 33.01 40.40 3.26
C LEU K 107 33.78 41.67 2.85
N SER K 108 34.45 41.64 1.70
CA SER K 108 35.19 42.79 1.11
C SER K 108 34.20 43.87 0.67
N GLN K 109 32.97 43.50 0.32
CA GLN K 109 31.86 44.45 0.04
C GLN K 109 30.55 43.91 0.59
N PRO K 110 29.58 44.79 0.88
CA PRO K 110 28.26 44.38 1.36
C PRO K 110 27.56 43.44 0.39
N LYS K 111 26.94 42.40 0.92
CA LYS K 111 26.21 41.38 0.14
C LYS K 111 24.74 41.74 0.13
N ILE K 112 24.12 41.79 -1.05
CA ILE K 112 22.65 42.04 -1.19
C ILE K 112 21.98 40.71 -1.46
N VAL K 113 21.00 40.35 -0.66
CA VAL K 113 20.12 39.18 -0.94
C VAL K 113 18.70 39.69 -1.14
N LYS K 114 18.17 39.46 -2.34
CA LYS K 114 16.82 39.88 -2.76
C LYS K 114 15.78 38.97 -2.10
N TRP K 115 14.62 39.53 -1.76
CA TRP K 115 13.48 38.75 -1.23
C TRP K 115 12.80 38.10 -2.42
N ASP K 116 12.83 36.76 -2.42
CA ASP K 116 12.52 35.84 -3.56
C ASP K 116 11.00 35.68 -3.72
N ARG K 117 10.30 35.77 -2.60
CA ARG K 117 8.83 35.57 -2.50
C ARG K 117 8.58 34.06 -2.53
N ASP K 118 9.07 33.34 -3.53
CA ASP K 118 8.96 31.85 -3.54
C ASP K 118 10.36 31.20 -3.53
N MET K 119 11.22 31.67 -2.61
CA MET K 119 12.61 31.23 -2.31
C MET K 119 13.12 30.19 -3.31
N HIS L 1 15.81 31.91 35.94
CA HIS L 1 16.64 31.83 37.17
C HIS L 1 18.05 31.29 36.83
N MET L 2 19.06 32.17 36.94
CA MET L 2 20.47 31.93 36.49
C MET L 2 21.39 31.65 37.69
N THR L 3 22.65 31.25 37.46
CA THR L 3 23.54 30.75 38.54
C THR L 3 24.15 31.94 39.26
N GLU L 4 24.52 31.76 40.53
CA GLU L 4 25.22 32.80 41.32
C GLU L 4 26.72 32.61 41.10
N VAL L 5 27.12 31.40 40.69
CA VAL L 5 28.54 30.92 40.71
C VAL L 5 29.21 31.36 39.42
N VAL L 6 30.17 32.29 39.58
CA VAL L 6 30.90 33.00 38.50
C VAL L 6 32.29 33.31 39.03
N ARG L 7 33.33 32.86 38.37
CA ARG L 7 34.68 33.26 38.81
C ARG L 7 35.44 33.92 37.68
N HIS L 8 36.33 34.81 38.06
CA HIS L 8 37.29 35.48 37.15
C HIS L 8 38.30 34.46 36.64
N CYS L 9 39.23 34.88 35.79
CA CYS L 9 40.42 34.08 35.40
C CYS L 9 41.66 34.68 36.06
N GLU M 1 -10.16 5.04 53.10
CA GLU M 1 -11.22 5.66 52.23
C GLU M 1 -12.53 4.95 52.58
N VAL M 2 -13.49 5.64 53.17
CA VAL M 2 -14.71 4.97 53.68
C VAL M 2 -15.56 4.58 52.48
N GLN M 3 -16.09 3.36 52.58
CA GLN M 3 -16.96 2.78 51.54
C GLN M 3 -17.91 1.76 52.18
N LEU M 4 -19.12 1.75 51.65
CA LEU M 4 -20.18 0.89 52.17
C LEU M 4 -20.81 0.26 50.94
N VAL M 5 -21.00 -1.05 50.98
CA VAL M 5 -21.62 -1.83 49.86
C VAL M 5 -22.70 -2.72 50.41
N GLU M 6 -23.94 -2.48 50.02
CA GLU M 6 -25.10 -3.30 50.45
C GLU M 6 -25.28 -4.47 49.49
N SER M 7 -25.82 -5.56 50.00
CA SER M 7 -26.08 -6.76 49.18
C SER M 7 -27.16 -7.56 49.85
N GLY M 8 -27.79 -8.46 49.11
CA GLY M 8 -28.78 -9.39 49.67
C GLY M 8 -30.19 -8.96 49.37
N GLY M 9 -30.34 -7.87 48.62
CA GLY M 9 -31.65 -7.42 48.13
C GLY M 9 -32.15 -8.42 47.13
N GLY M 10 -33.44 -8.53 46.97
CA GLY M 10 -33.99 -9.47 46.00
C GLY M 10 -35.49 -9.54 46.11
N LEU M 11 -36.06 -10.48 45.39
CA LEU M 11 -37.50 -10.75 45.42
C LEU M 11 -37.74 -11.70 46.58
N VAL M 12 -38.82 -11.46 47.32
CA VAL M 12 -39.25 -12.33 48.44
C VAL M 12 -40.78 -12.31 48.47
N GLN M 13 -41.35 -13.43 48.90
CA GLN M 13 -42.81 -13.57 49.04
C GLN M 13 -43.21 -12.80 50.29
N PRO M 14 -44.41 -12.23 50.32
CA PRO M 14 -44.94 -11.68 51.56
C PRO M 14 -44.86 -12.76 52.64
N GLY M 15 -44.51 -12.38 53.86
CA GLY M 15 -44.40 -13.33 54.99
C GLY M 15 -43.01 -13.90 55.07
N GLY M 16 -42.22 -13.66 54.03
CA GLY M 16 -40.87 -14.20 53.93
C GLY M 16 -39.91 -13.48 54.82
N SER M 17 -38.71 -14.01 54.86
CA SER M 17 -37.52 -13.44 55.53
C SER M 17 -36.45 -13.16 54.48
N LEU M 18 -35.56 -12.24 54.81
CA LEU M 18 -34.47 -11.77 53.91
C LEU M 18 -33.43 -11.14 54.81
N ARG M 19 -32.17 -11.23 54.45
CA ARG M 19 -31.14 -10.54 55.22
C ARG M 19 -30.25 -9.78 54.27
N LEU M 20 -30.16 -8.49 54.51
CA LEU M 20 -29.29 -7.53 53.78
C LEU M 20 -27.98 -7.39 54.58
N SER M 21 -26.89 -7.14 53.88
CA SER M 21 -25.52 -7.10 54.44
C SER M 21 -24.84 -5.83 53.95
N CYS M 22 -24.16 -5.14 54.85
CA CYS M 22 -23.43 -3.91 54.52
C CYS M 22 -21.97 -4.13 54.83
N ALA M 23 -21.17 -4.32 53.78
CA ALA M 23 -19.71 -4.46 53.83
C ALA M 23 -19.10 -3.08 54.00
N ALA M 24 -18.49 -2.82 55.14
CA ALA M 24 -17.77 -1.56 55.42
C ALA M 24 -16.32 -1.73 55.02
N SER M 25 -15.74 -0.66 54.57
CA SER M 25 -14.32 -0.67 54.20
C SER M 25 -13.76 0.70 54.54
N GLY M 26 -12.53 0.70 55.02
CA GLY M 26 -11.77 1.93 55.30
C GLY M 26 -12.16 2.49 56.65
N PHE M 27 -12.76 1.65 57.52
CA PHE M 27 -13.02 1.97 58.95
C PHE M 27 -13.42 0.75 59.75
N ASN M 28 -13.66 0.91 61.06
CA ASN M 28 -14.13 -0.19 61.91
C ASN M 28 -15.59 -0.01 62.25
N VAL M 29 -16.39 -1.05 62.03
CA VAL M 29 -17.85 -1.02 62.29
C VAL M 29 -18.08 -0.78 63.79
N TYR M 30 -17.22 -1.40 64.60
CA TYR M 30 -17.22 -1.32 66.08
C TYR M 30 -17.20 0.14 66.55
N ALA M 31 -16.56 1.04 65.81
CA ALA M 31 -16.24 2.38 66.36
C ALA M 31 -17.31 3.36 65.92
N SER M 32 -18.23 2.94 65.05
CA SER M 32 -19.24 3.83 64.42
C SER M 32 -20.63 3.25 64.60
N GLY M 33 -21.63 4.05 64.22
CA GLY M 33 -23.03 3.64 64.09
C GLY M 33 -23.34 3.29 62.66
N MET M 34 -24.12 2.23 62.45
CA MET M 34 -24.66 1.93 61.12
C MET M 34 -26.15 2.21 61.18
N HIS M 35 -26.67 2.79 60.13
CA HIS M 35 -28.12 2.89 59.91
C HIS M 35 -28.48 2.13 58.65
N TRP M 36 -29.75 1.74 58.62
CA TRP M 36 -30.43 1.41 57.36
C TRP M 36 -31.47 2.49 57.12
N VAL M 37 -31.42 3.10 55.95
CA VAL M 37 -32.51 3.98 55.44
C VAL M 37 -33.05 3.33 54.19
N ARG M 38 -34.36 3.30 54.02
CA ARG M 38 -34.92 2.73 52.78
C ARG M 38 -35.74 3.78 52.03
N GLN M 39 -36.08 3.47 50.78
CA GLN M 39 -36.84 4.38 49.89
C GLN M 39 -37.79 3.55 49.01
N ALA M 40 -39.07 3.57 49.33
CA ALA M 40 -40.10 2.91 48.53
C ALA M 40 -40.08 3.56 47.17
N PRO M 41 -40.48 2.86 46.08
CA PRO M 41 -40.37 3.41 44.74
C PRO M 41 -41.15 4.72 44.67
N GLY M 42 -40.48 5.79 44.22
CA GLY M 42 -41.00 7.17 44.08
C GLY M 42 -41.49 7.78 45.39
N LYS M 43 -40.95 7.36 46.52
CA LYS M 43 -41.20 7.96 47.85
C LYS M 43 -39.91 8.62 48.37
N GLY M 44 -40.02 9.27 49.53
CA GLY M 44 -38.88 9.89 50.23
C GLY M 44 -38.12 8.87 51.06
N LEU M 45 -37.10 9.32 51.78
CA LEU M 45 -36.21 8.44 52.56
C LEU M 45 -36.94 8.09 53.86
N GLU M 46 -36.86 6.84 54.32
CA GLU M 46 -37.43 6.43 55.62
C GLU M 46 -36.37 5.70 56.42
N TRP M 47 -35.98 6.28 57.55
CA TRP M 47 -35.01 5.65 58.49
C TRP M 47 -35.67 4.42 59.11
N VAL M 48 -34.86 3.38 59.26
CA VAL M 48 -35.32 1.98 59.52
C VAL M 48 -34.74 1.52 60.84
N ALA M 49 -33.43 1.59 61.00
CA ALA M 49 -32.76 1.03 62.19
C ALA M 49 -31.33 1.53 62.30
N LYS M 50 -30.81 1.54 63.52
CA LYS M 50 -29.43 1.97 63.82
C LYS M 50 -28.84 1.05 64.87
N ILE M 51 -27.53 0.86 64.83
CA ILE M 51 -26.88 -0.05 65.81
C ILE M 51 -25.50 0.50 66.13
N TYR M 52 -25.09 0.35 67.37
CA TYR M 52 -23.69 0.55 67.78
C TYR M 52 -23.15 -0.83 68.09
N PRO M 53 -22.23 -1.35 67.27
CA PRO M 53 -21.76 -2.70 67.52
C PRO M 53 -21.13 -2.88 68.90
N ASP M 54 -20.40 -1.89 69.44
CA ASP M 54 -19.53 -2.08 70.64
C ASP M 54 -20.40 -2.53 71.81
N SER M 55 -21.55 -1.88 72.00
CA SER M 55 -22.55 -2.23 73.02
C SER M 55 -23.84 -2.47 72.27
N ASP M 56 -24.19 -3.73 72.02
CA ASP M 56 -25.21 -4.19 71.04
C ASP M 56 -26.25 -3.13 70.67
N TYR M 57 -26.19 -1.88 71.15
CA TYR M 57 -27.39 -1.00 71.22
C TYR M 57 -28.05 -0.86 69.84
N THR M 58 -29.34 -1.16 69.79
CA THR M 58 -30.14 -1.08 68.55
C THR M 58 -31.37 -0.24 68.77
N TYR M 59 -31.77 0.51 67.75
CA TYR M 59 -32.96 1.40 67.71
C TYR M 59 -33.68 1.13 66.39
N TYR M 60 -35.00 1.09 66.39
CA TYR M 60 -35.79 0.75 65.18
C TYR M 60 -36.93 1.73 64.98
N ALA M 61 -37.35 1.93 63.75
CA ALA M 61 -38.53 2.75 63.42
C ALA M 61 -39.78 1.97 63.85
N ASP M 62 -40.85 2.66 64.27
CA ASP M 62 -42.11 2.00 64.70
C ASP M 62 -42.56 1.02 63.60
N SER M 63 -42.45 1.40 62.33
CA SER M 63 -42.98 0.62 61.18
C SER M 63 -42.30 -0.76 61.04
N VAL M 64 -41.14 -1.01 61.65
CA VAL M 64 -40.42 -2.30 61.45
C VAL M 64 -40.02 -2.93 62.77
N LYS M 65 -40.35 -2.30 63.90
CA LYS M 65 -40.07 -2.89 65.23
C LYS M 65 -40.67 -4.30 65.23
N GLY M 66 -39.87 -5.27 65.70
CA GLY M 66 -40.34 -6.61 66.03
C GLY M 66 -40.40 -7.48 64.81
N ARG M 67 -40.11 -6.90 63.65
CA ARG M 67 -39.98 -7.69 62.41
C ARG M 67 -38.52 -7.68 62.01
N PHE M 68 -37.91 -6.51 61.96
CA PHE M 68 -36.49 -6.39 61.56
C PHE M 68 -35.62 -6.46 62.82
N THR M 69 -34.43 -7.03 62.61
CA THR M 69 -33.34 -7.04 63.60
C THR M 69 -32.03 -6.65 62.92
N ILE M 70 -31.42 -5.59 63.43
CA ILE M 70 -30.12 -5.09 62.90
C ILE M 70 -29.02 -5.68 63.78
N SER M 71 -27.91 -6.05 63.19
CA SER M 71 -26.81 -6.72 63.93
C SER M 71 -25.47 -6.40 63.25
N ALA M 72 -24.36 -6.84 63.83
CA ALA M 72 -23.04 -6.64 63.19
C ALA M 72 -22.13 -7.81 63.52
N ASP M 73 -21.27 -8.11 62.54
CA ASP M 73 -20.16 -9.08 62.71
C ASP M 73 -18.87 -8.30 62.51
N THR M 74 -18.22 -8.00 63.63
CA THR M 74 -16.95 -7.24 63.71
C THR M 74 -15.86 -7.96 62.91
N SER M 75 -15.87 -9.29 62.96
CA SER M 75 -14.83 -10.16 62.37
C SER M 75 -14.98 -10.11 60.85
N LYS M 76 -16.13 -9.75 60.30
CA LYS M 76 -16.26 -9.53 58.82
C LYS M 76 -16.20 -8.02 58.50
N ASN M 77 -16.19 -7.16 59.52
CA ASN M 77 -16.41 -5.70 59.34
C ASN M 77 -17.70 -5.48 58.53
N THR M 78 -18.81 -6.11 58.92
CA THR M 78 -20.10 -6.06 58.18
C THR M 78 -21.25 -5.90 59.18
N ALA M 79 -22.27 -5.12 58.80
CA ALA M 79 -23.52 -4.98 59.56
C ALA M 79 -24.65 -5.57 58.73
N TYR M 80 -25.76 -5.91 59.35
CA TYR M 80 -26.84 -6.67 58.69
C TYR M 80 -28.20 -6.15 59.07
N LEU M 81 -29.15 -6.37 58.18
CA LEU M 81 -30.58 -6.18 58.49
C LEU M 81 -31.31 -7.51 58.23
N GLN M 82 -31.67 -8.22 59.29
CA GLN M 82 -32.51 -9.42 59.19
C GLN M 82 -33.97 -8.97 59.12
N MET M 83 -34.65 -9.26 58.02
CA MET M 83 -36.03 -8.76 57.81
C MET M 83 -36.99 -9.96 57.77
N ASN M 84 -37.92 -10.03 58.72
CA ASN M 84 -38.90 -11.13 58.90
C ASN M 84 -40.32 -10.60 58.74
N SER M 85 -41.26 -11.49 58.43
CA SER M 85 -42.69 -11.14 58.34
C SER M 85 -42.86 -9.98 57.34
N LEU M 86 -42.19 -10.07 56.19
CA LEU M 86 -42.09 -8.98 55.19
C LEU M 86 -43.46 -8.77 54.55
N ARG M 87 -43.84 -7.50 54.31
CA ARG M 87 -45.15 -7.12 53.70
C ARG M 87 -44.86 -6.35 52.42
N ALA M 88 -45.88 -6.11 51.60
CA ALA M 88 -45.71 -5.45 50.30
C ALA M 88 -45.15 -4.05 50.55
N GLU M 89 -45.52 -3.43 51.68
CA GLU M 89 -45.12 -2.03 51.99
C GLU M 89 -43.61 -1.97 52.27
N ASP M 90 -42.95 -3.09 52.48
CA ASP M 90 -41.49 -3.08 52.77
C ASP M 90 -40.72 -2.96 51.47
N THR M 91 -41.38 -3.06 50.32
CA THR M 91 -40.71 -2.94 48.99
C THR M 91 -40.07 -1.56 48.80
N ALA M 92 -38.76 -1.56 48.56
CA ALA M 92 -37.90 -0.35 48.58
C ALA M 92 -36.42 -0.67 48.26
N VAL M 93 -35.69 0.38 47.94
CA VAL M 93 -34.21 0.41 47.93
C VAL M 93 -33.77 0.64 49.37
N TYR M 94 -32.93 -0.24 49.89
CA TYR M 94 -32.37 -0.16 51.27
C TYR M 94 -30.93 0.35 51.17
N TYR M 95 -30.67 1.52 51.77
CA TYR M 95 -29.34 2.14 51.85
C TYR M 95 -28.79 1.87 53.25
N CYS M 96 -27.50 1.64 53.29
CA CYS M 96 -26.76 1.51 54.55
C CYS M 96 -25.87 2.74 54.68
N SER M 97 -25.92 3.42 55.82
CA SER M 97 -25.16 4.65 56.04
C SER M 97 -24.53 4.59 57.43
N ARG M 98 -23.55 5.45 57.70
CA ARG M 98 -22.92 5.49 59.03
C ARG M 98 -23.00 6.89 59.65
N ASP M 99 -22.79 6.94 60.96
CA ASP M 99 -22.46 8.18 61.70
C ASP M 99 -21.03 8.59 61.39
N SER M 100 -20.83 9.89 61.17
CA SER M 100 -19.49 10.44 60.94
C SER M 100 -18.64 10.15 62.17
N SER M 101 -17.40 9.77 61.95
CA SER M 101 -16.41 9.49 63.01
C SER M 101 -15.89 10.78 63.63
N PHE M 102 -16.20 11.94 63.03
CA PHE M 102 -15.54 13.20 63.38
C PHE M 102 -16.14 13.75 64.68
N TYR M 103 -17.45 13.55 64.96
CA TYR M 103 -18.21 13.98 66.18
C TYR M 103 -18.71 15.42 66.00
N TYR M 104 -17.97 16.22 65.23
CA TYR M 104 -18.28 17.64 64.97
C TYR M 104 -19.24 17.72 63.78
N VAL M 105 -19.52 16.59 63.14
CA VAL M 105 -20.55 16.47 62.08
C VAL M 105 -21.63 15.57 62.67
N TYR M 106 -22.79 16.17 62.87
CA TYR M 106 -24.01 15.59 63.45
C TYR M 106 -24.89 15.11 62.30
N ALA M 107 -24.52 13.99 61.65
CA ALA M 107 -25.16 13.53 60.39
C ALA M 107 -24.60 12.20 59.87
N MET M 108 -25.27 11.63 58.86
CA MET M 108 -24.78 10.45 58.11
C MET M 108 -23.96 10.96 56.94
N ASP M 109 -22.64 10.89 57.06
CA ASP M 109 -21.68 11.40 56.05
C ASP M 109 -21.49 10.40 54.90
N TYR M 110 -21.48 9.09 55.15
CA TYR M 110 -21.23 8.08 54.08
C TYR M 110 -22.47 7.21 53.94
N TRP M 111 -22.89 7.00 52.69
CA TRP M 111 -23.95 6.05 52.28
C TRP M 111 -23.43 5.03 51.25
N GLY M 112 -24.01 3.85 51.24
CA GLY M 112 -23.81 2.91 50.14
C GLY M 112 -24.75 3.25 49.03
N GLN M 113 -24.64 2.43 47.99
CA GLN M 113 -25.22 2.55 46.64
C GLN M 113 -26.70 2.15 46.67
N GLY M 114 -27.09 1.31 47.64
CA GLY M 114 -28.47 0.82 47.85
C GLY M 114 -28.69 -0.53 47.18
N THR M 115 -29.61 -1.34 47.73
CA THR M 115 -30.02 -2.68 47.23
C THR M 115 -31.53 -2.74 47.24
N LEU M 116 -32.14 -3.13 46.12
CA LEU M 116 -33.63 -3.19 45.97
C LEU M 116 -34.18 -4.52 46.52
N VAL M 117 -35.14 -4.40 47.41
CA VAL M 117 -35.92 -5.53 47.95
C VAL M 117 -37.34 -5.43 47.41
N THR M 118 -37.80 -6.49 46.75
CA THR M 118 -39.13 -6.57 46.12
C THR M 118 -39.98 -7.61 46.86
N VAL M 119 -41.07 -7.19 47.46
CA VAL M 119 -41.90 -8.10 48.27
C VAL M 119 -43.15 -8.34 47.46
N SER M 120 -43.22 -9.48 46.80
CA SER M 120 -44.35 -9.77 45.91
C SER M 120 -44.55 -11.27 45.82
N SER M 121 -45.79 -11.67 45.54
CA SER M 121 -46.18 -13.08 45.37
C SER M 121 -45.37 -13.67 44.20
N ALA M 122 -44.05 -13.75 44.43
CA ALA M 122 -43.00 -14.27 43.51
C ALA M 122 -43.17 -13.69 42.11
N SER M 123 -42.86 -14.46 41.07
CA SER M 123 -43.23 -14.07 39.69
C SER M 123 -41.97 -13.71 38.91
N THR M 124 -40.83 -14.37 39.08
CA THR M 124 -39.64 -13.90 38.33
C THR M 124 -39.79 -14.30 36.87
N LYS M 125 -39.59 -13.35 35.95
CA LYS M 125 -39.71 -13.56 34.48
C LYS M 125 -38.67 -12.66 33.80
N GLY M 126 -37.91 -13.28 32.90
CA GLY M 126 -36.89 -12.58 32.08
C GLY M 126 -37.52 -11.71 30.98
N PRO M 127 -36.78 -10.72 30.47
CA PRO M 127 -37.32 -9.84 29.44
C PRO M 127 -37.12 -10.33 28.01
N SER M 128 -38.01 -9.94 27.11
CA SER M 128 -37.82 -10.06 25.64
C SER M 128 -37.32 -8.73 25.10
N VAL M 129 -36.34 -8.79 24.21
CA VAL M 129 -35.63 -7.61 23.70
C VAL M 129 -35.92 -7.50 22.21
N PHE M 130 -36.55 -6.42 21.80
CA PHE M 130 -36.92 -6.19 20.38
C PHE M 130 -36.18 -4.98 19.86
N PRO M 131 -35.68 -4.99 18.62
CA PRO M 131 -35.01 -3.83 18.04
C PRO M 131 -36.01 -2.74 17.64
N LEU M 132 -35.66 -1.49 17.96
CA LEU M 132 -36.31 -0.28 17.40
C LEU M 132 -35.41 0.20 16.27
N ALA M 133 -35.68 -0.30 15.08
CA ALA M 133 -34.76 -0.23 13.92
C ALA M 133 -34.87 1.19 13.40
N PRO M 134 -33.71 1.77 13.05
CA PRO M 134 -33.64 3.16 12.62
C PRO M 134 -34.37 3.21 11.27
N SER M 135 -35.22 4.21 11.12
CA SER M 135 -36.19 4.23 10.00
C SER M 135 -35.44 4.57 8.73
N SER M 136 -35.75 3.87 7.65
CA SER M 136 -35.12 4.00 6.31
C SER M 136 -36.13 4.71 5.43
N LYS M 137 -36.79 5.72 6.01
CA LYS M 137 -37.70 6.69 5.33
C LYS M 137 -37.50 8.06 6.03
N SER M 138 -36.41 8.74 5.66
CA SER M 138 -35.90 9.99 6.30
C SER M 138 -35.96 9.82 7.82
N THR M 139 -36.92 10.47 8.49
CA THR M 139 -37.07 10.52 9.97
C THR M 139 -35.69 10.81 10.59
N SER M 140 -34.89 11.65 9.93
CA SER M 140 -33.55 12.09 10.38
C SER M 140 -33.37 13.60 10.19
N GLY M 141 -32.65 14.26 11.09
CA GLY M 141 -32.08 15.59 10.85
C GLY M 141 -30.69 15.51 10.23
N GLY M 142 -30.26 14.33 9.74
CA GLY M 142 -28.84 13.92 9.55
C GLY M 142 -28.39 13.00 10.68
N THR M 143 -29.22 12.91 11.71
CA THR M 143 -29.08 11.95 12.82
C THR M 143 -30.27 10.98 12.76
N ALA M 144 -30.01 9.71 13.01
CA ALA M 144 -31.01 8.64 13.14
C ALA M 144 -31.13 8.26 14.61
N ALA M 145 -32.32 7.85 15.05
CA ALA M 145 -32.50 7.21 16.36
C ALA M 145 -32.75 5.73 16.15
N LEU M 146 -32.14 4.92 16.99
CA LEU M 146 -32.43 3.49 17.08
C LEU M 146 -32.44 3.12 18.56
N GLY M 147 -33.07 2.00 18.89
CA GLY M 147 -33.10 1.54 20.28
C GLY M 147 -33.41 0.07 20.38
N CYS M 148 -33.56 -0.42 21.61
CA CYS M 148 -34.21 -1.73 21.83
C CYS M 148 -35.26 -1.58 22.92
N LEU M 149 -36.29 -2.38 22.76
CA LEU M 149 -37.50 -2.38 23.60
C LEU M 149 -37.41 -3.61 24.49
N VAL M 150 -37.21 -3.38 25.78
CA VAL M 150 -37.03 -4.48 26.76
C VAL M 150 -38.37 -4.74 27.43
N LYS M 151 -39.00 -5.86 27.13
CA LYS M 151 -40.46 -6.03 27.34
C LYS M 151 -40.73 -7.24 28.22
N ASP M 152 -41.68 -7.04 29.15
CA ASP M 152 -42.37 -8.08 29.96
C ASP M 152 -41.33 -8.77 30.81
N TYR M 153 -40.87 -8.11 31.87
CA TYR M 153 -39.88 -8.69 32.80
C TYR M 153 -40.32 -8.35 34.22
N PHE M 154 -39.92 -9.17 35.21
CA PHE M 154 -40.16 -8.95 36.65
C PHE M 154 -39.02 -9.64 37.41
N PRO M 155 -38.41 -9.10 38.50
CA PRO M 155 -39.00 -8.07 39.32
C PRO M 155 -38.61 -6.62 39.01
N GLU M 156 -37.34 -6.23 38.86
CA GLU M 156 -37.17 -4.78 38.59
C GLU M 156 -35.85 -4.42 37.93
N PRO M 157 -34.74 -4.48 38.68
CA PRO M 157 -33.50 -3.86 38.20
C PRO M 157 -33.07 -4.41 36.83
N VAL M 158 -33.24 -3.66 35.74
CA VAL M 158 -32.75 -4.07 34.40
C VAL M 158 -31.73 -3.07 33.95
N THR M 159 -30.52 -3.50 33.58
CA THR M 159 -29.43 -2.63 33.05
C THR M 159 -29.35 -2.74 31.53
N VAL M 160 -29.35 -1.61 30.84
CA VAL M 160 -29.11 -1.55 29.37
C VAL M 160 -27.85 -0.73 29.09
N SER M 161 -26.93 -1.27 28.31
CA SER M 161 -25.74 -0.57 27.78
C SER M 161 -25.72 -0.73 26.27
N TRP M 162 -24.86 0.05 25.62
CA TRP M 162 -24.69 0.01 24.15
C TRP M 162 -23.21 -0.25 23.79
N ASN M 163 -22.95 -1.26 22.97
CA ASN M 163 -21.60 -1.65 22.51
C ASN M 163 -20.73 -1.93 23.74
N SER M 164 -21.31 -2.67 24.71
CA SER M 164 -20.67 -3.07 26.00
C SER M 164 -20.17 -1.84 26.75
N GLY M 165 -20.89 -0.71 26.60
CA GLY M 165 -20.69 0.56 27.33
C GLY M 165 -19.80 1.56 26.58
N ALA M 166 -19.23 1.17 25.44
CA ALA M 166 -18.35 2.01 24.57
C ALA M 166 -19.15 3.20 24.04
N LEU M 167 -20.46 3.06 23.88
CA LEU M 167 -21.35 4.13 23.37
C LEU M 167 -22.18 4.69 24.52
N THR M 168 -22.02 5.95 24.90
CA THR M 168 -22.82 6.60 25.97
C THR M 168 -23.45 7.90 25.48
N SER M 169 -22.81 8.59 24.53
CA SER M 169 -23.32 9.89 24.03
C SER M 169 -24.63 9.63 23.30
N GLY M 170 -25.67 10.33 23.75
CA GLY M 170 -26.99 10.41 23.12
C GLY M 170 -27.84 9.20 23.47
N VAL M 171 -27.45 8.46 24.49
CA VAL M 171 -28.25 7.30 24.99
C VAL M 171 -29.26 7.82 25.99
N HIS M 172 -30.51 7.40 25.84
CA HIS M 172 -31.63 7.60 26.80
C HIS M 172 -32.27 6.23 27.10
N THR M 173 -32.00 5.72 28.28
CA THR M 173 -32.66 4.51 28.79
C THR M 173 -33.81 5.03 29.66
N PHE M 174 -35.01 4.63 29.34
CA PHE M 174 -36.24 5.16 30.00
C PHE M 174 -36.48 4.44 31.33
N PRO M 175 -36.97 5.17 32.36
CA PRO M 175 -37.56 4.56 33.53
C PRO M 175 -38.58 3.53 33.08
N ALA M 176 -38.48 2.35 33.70
CA ALA M 176 -39.40 1.21 33.53
C ALA M 176 -40.81 1.70 33.82
N VAL M 177 -41.75 1.33 32.99
CA VAL M 177 -43.20 1.49 33.33
C VAL M 177 -43.77 0.12 33.72
N LEU M 178 -44.64 0.10 34.72
CA LEU M 178 -45.40 -1.12 35.07
C LEU M 178 -46.62 -1.20 34.18
N GLN M 179 -46.79 -2.33 33.50
CA GLN M 179 -47.91 -2.54 32.57
C GLN M 179 -49.09 -3.10 33.37
N SER M 180 -50.25 -3.09 32.69
CA SER M 180 -51.55 -3.65 33.11
C SER M 180 -51.33 -5.08 33.57
N SER M 181 -50.35 -5.75 32.97
CA SER M 181 -50.02 -7.18 33.20
C SER M 181 -49.41 -7.35 34.57
N GLY M 182 -48.95 -6.28 35.21
CA GLY M 182 -48.12 -6.36 36.44
C GLY M 182 -46.67 -6.68 36.13
N LEU M 183 -46.23 -6.57 34.87
CA LEU M 183 -44.82 -6.76 34.43
C LEU M 183 -44.28 -5.41 33.98
N TYR M 184 -42.94 -5.28 33.98
CA TYR M 184 -42.23 -4.04 33.58
C TYR M 184 -41.87 -4.11 32.11
N SER M 185 -41.74 -2.94 31.48
CA SER M 185 -41.08 -2.82 30.16
C SER M 185 -40.48 -1.43 30.00
N LEU M 186 -39.22 -1.37 29.58
CA LEU M 186 -38.57 -0.09 29.30
C LEU M 186 -38.01 -0.11 27.87
N SER M 187 -37.58 1.07 27.42
CA SER M 187 -36.93 1.28 26.11
C SER M 187 -35.58 1.95 26.36
N SER M 188 -34.58 1.56 25.59
CA SER M 188 -33.29 2.27 25.49
C SER M 188 -33.15 2.79 24.06
N VAL M 189 -32.95 4.10 23.90
CA VAL M 189 -32.68 4.69 22.54
C VAL M 189 -31.32 5.38 22.53
N VAL M 190 -30.80 5.56 21.33
CA VAL M 190 -29.57 6.36 21.11
C VAL M 190 -29.69 7.04 19.74
N THR M 191 -29.21 8.27 19.66
CA THR M 191 -29.14 8.98 18.36
C THR M 191 -27.71 8.90 17.87
N VAL M 192 -27.59 8.67 16.56
CA VAL M 192 -26.30 8.39 15.90
C VAL M 192 -26.32 9.11 14.57
N PRO M 193 -25.14 9.39 13.96
CA PRO M 193 -25.10 9.96 12.62
C PRO M 193 -25.76 8.98 11.66
N SER M 194 -26.67 9.46 10.85
CA SER M 194 -27.40 8.59 9.90
C SER M 194 -26.40 7.98 8.90
N SER M 195 -25.25 8.58 8.65
CA SER M 195 -24.24 8.02 7.72
C SER M 195 -23.46 6.88 8.36
N SER M 196 -23.47 6.75 9.69
CA SER M 196 -22.76 5.66 10.42
C SER M 196 -23.50 4.35 10.21
N LEU M 197 -24.76 4.39 9.77
CA LEU M 197 -25.64 3.19 9.78
C LEU M 197 -25.07 2.11 8.86
N GLY M 198 -24.35 2.49 7.80
CA GLY M 198 -23.77 1.57 6.80
C GLY M 198 -22.53 0.90 7.33
N THR M 199 -21.89 1.52 8.31
CA THR M 199 -20.51 1.22 8.74
C THR M 199 -20.48 0.58 10.11
N GLN M 200 -21.29 1.11 11.02
CA GLN M 200 -21.14 0.89 12.49
C GLN M 200 -22.06 -0.24 12.96
N THR M 201 -21.53 -1.13 13.81
CA THR M 201 -22.36 -2.12 14.57
C THR M 201 -22.95 -1.45 15.81
N TYR M 202 -24.23 -1.63 16.05
CA TYR M 202 -24.88 -1.17 17.31
C TYR M 202 -25.49 -2.38 18.01
N ILE M 203 -25.08 -2.63 19.25
CA ILE M 203 -25.55 -3.79 20.05
C ILE M 203 -26.04 -3.26 21.37
N CYS M 204 -27.23 -3.66 21.81
CA CYS M 204 -27.70 -3.32 23.17
C CYS M 204 -27.55 -4.53 24.06
N ASN M 205 -26.94 -4.28 25.20
CA ASN M 205 -26.67 -5.31 26.21
C ASN M 205 -27.74 -5.12 27.28
N VAL M 206 -28.63 -6.08 27.39
CA VAL M 206 -29.70 -6.06 28.42
C VAL M 206 -29.33 -7.10 29.48
N ASN M 207 -29.34 -6.69 30.75
CA ASN M 207 -28.99 -7.58 31.89
C ASN M 207 -30.11 -7.52 32.92
N HIS M 208 -30.76 -8.64 33.14
CA HIS M 208 -31.78 -8.81 34.19
C HIS M 208 -31.26 -9.86 35.17
N LYS M 209 -30.44 -9.44 36.13
CA LYS M 209 -29.78 -10.37 37.10
C LYS M 209 -30.82 -11.15 37.90
N PRO M 210 -31.98 -10.59 38.31
CA PRO M 210 -32.99 -11.39 38.99
C PRO M 210 -33.44 -12.69 38.32
N SER M 211 -33.43 -12.79 36.99
CA SER M 211 -33.84 -14.01 36.26
C SER M 211 -32.60 -14.68 35.67
N ASN M 212 -31.42 -14.17 35.96
CA ASN M 212 -30.18 -14.64 35.32
C ASN M 212 -30.25 -14.52 33.76
N THR M 213 -30.78 -13.41 33.22
CA THR M 213 -30.89 -13.19 31.76
C THR M 213 -29.86 -12.14 31.32
N LYS M 214 -28.96 -12.47 30.40
CA LYS M 214 -28.23 -11.45 29.61
C LYS M 214 -28.58 -11.62 28.13
N VAL M 215 -28.99 -10.55 27.45
CA VAL M 215 -29.25 -10.57 25.98
C VAL M 215 -28.39 -9.50 25.34
N ASP M 216 -27.70 -9.86 24.27
CA ASP M 216 -27.01 -8.90 23.39
C ASP M 216 -27.75 -8.90 22.06
N LYS M 217 -28.42 -7.80 21.74
CA LYS M 217 -29.27 -7.69 20.54
C LYS M 217 -28.63 -6.68 19.59
N LYS M 218 -28.29 -7.13 18.39
CA LYS M 218 -27.84 -6.20 17.33
C LYS M 218 -29.05 -5.46 16.73
N VAL M 219 -28.94 -4.15 16.59
CA VAL M 219 -30.03 -3.29 16.06
C VAL M 219 -29.52 -2.66 14.76
N GLU M 220 -30.18 -2.92 13.63
CA GLU M 220 -29.78 -2.33 12.33
C GLU M 220 -30.98 -2.02 11.46
N PRO M 221 -30.78 -1.20 10.41
CA PRO M 221 -31.88 -0.80 9.53
C PRO M 221 -32.46 -2.02 8.82
N LYS M 222 -33.77 -2.04 8.65
CA LYS M 222 -34.45 -3.19 7.99
C LYS M 222 -34.58 -2.95 6.49
N SER M 223 -34.35 -3.99 5.69
CA SER M 223 -34.75 -4.11 4.26
C SER M 223 -34.35 -5.49 3.72
N ASP N 1 -42.57 11.20 68.27
CA ASP N 1 -42.24 11.18 66.81
C ASP N 1 -42.13 12.63 66.32
N ILE N 2 -40.94 13.07 65.89
CA ILE N 2 -40.70 14.43 65.31
C ILE N 2 -40.87 14.34 63.78
N GLN N 3 -41.68 15.25 63.22
CA GLN N 3 -41.96 15.30 61.77
C GLN N 3 -41.53 16.67 61.23
N MET N 4 -40.71 16.65 60.19
CA MET N 4 -40.24 17.83 59.43
C MET N 4 -41.12 17.94 58.17
N THR N 5 -41.57 19.14 57.82
CA THR N 5 -42.33 19.38 56.58
C THR N 5 -41.38 20.10 55.64
N GLN N 6 -41.04 19.51 54.51
CA GLN N 6 -40.29 20.28 53.48
C GLN N 6 -41.25 21.30 52.86
N SER N 7 -40.92 22.60 52.91
CA SER N 7 -41.91 23.66 52.63
C SER N 7 -42.44 23.54 51.21
N PRO N 8 -41.61 23.58 50.13
CA PRO N 8 -42.12 23.46 48.76
C PRO N 8 -41.86 22.02 48.33
N SER N 9 -42.89 21.24 47.97
CA SER N 9 -42.70 19.82 47.61
C SER N 9 -41.90 19.72 46.29
N SER N 10 -42.04 20.71 45.40
CA SER N 10 -41.26 20.83 44.14
C SER N 10 -41.01 22.30 43.78
N LEU N 11 -40.00 22.58 42.96
CA LEU N 11 -39.83 23.92 42.35
C LEU N 11 -38.94 23.86 41.11
N SER N 12 -38.99 24.89 40.26
CA SER N 12 -38.03 25.05 39.15
C SER N 12 -37.62 26.52 39.08
N ALA N 13 -36.31 26.73 38.92
CA ALA N 13 -35.66 28.05 38.78
C ALA N 13 -34.60 27.99 37.67
N SER N 14 -34.27 29.15 37.08
CA SER N 14 -33.28 29.20 35.99
C SER N 14 -31.90 29.11 36.59
N VAL N 15 -30.96 28.74 35.74
CA VAL N 15 -29.53 28.61 36.14
C VAL N 15 -29.08 30.00 36.58
N GLY N 16 -28.52 30.11 37.79
CA GLY N 16 -28.01 31.39 38.34
C GLY N 16 -28.92 31.99 39.39
N ASP N 17 -30.18 31.56 39.45
CA ASP N 17 -31.17 32.10 40.40
C ASP N 17 -30.88 31.59 41.80
N ARG N 18 -31.33 32.36 42.78
CA ARG N 18 -31.23 31.97 44.19
C ARG N 18 -32.47 31.15 44.51
N VAL N 19 -32.26 30.05 45.23
CA VAL N 19 -33.33 29.07 45.57
C VAL N 19 -33.27 28.80 47.08
N THR N 20 -34.39 28.88 47.78
CA THR N 20 -34.45 28.60 49.23
C THR N 20 -35.51 27.52 49.50
N ILE N 21 -35.06 26.43 50.10
CA ILE N 21 -35.95 25.32 50.54
C ILE N 21 -36.06 25.45 52.05
N THR N 22 -37.26 25.29 52.60
CA THR N 22 -37.45 25.40 54.07
C THR N 22 -37.95 24.06 54.61
N CYS N 23 -37.69 23.84 55.89
CA CYS N 23 -37.95 22.58 56.61
C CYS N 23 -38.35 22.99 58.02
N ARG N 24 -39.59 22.65 58.40
CA ARG N 24 -40.26 23.17 59.60
C ARG N 24 -40.43 22.00 60.57
N ALA N 25 -39.94 22.11 61.80
CA ALA N 25 -39.95 20.97 62.74
C ALA N 25 -41.20 21.02 63.65
N SER N 26 -41.75 19.86 64.00
CA SER N 26 -42.98 19.73 64.82
C SER N 26 -42.69 20.04 66.29
N GLN N 27 -41.44 19.92 66.73
CA GLN N 27 -40.98 20.38 68.08
C GLN N 27 -39.60 21.04 67.96
N ASP N 28 -39.12 21.68 69.02
CA ASP N 28 -37.77 22.29 68.98
C ASP N 28 -36.78 21.13 68.81
N VAL N 29 -35.91 21.26 67.83
CA VAL N 29 -34.85 20.26 67.54
C VAL N 29 -33.53 20.99 67.66
N ASN N 30 -33.51 22.08 68.42
CA ASN N 30 -32.31 22.93 68.59
C ASN N 30 -31.85 23.29 67.17
N THR N 31 -30.63 22.94 66.81
CA THR N 31 -30.14 23.07 65.42
C THR N 31 -29.72 21.69 64.90
N ALA N 32 -30.07 20.59 65.57
CA ALA N 32 -29.73 19.23 65.10
C ALA N 32 -30.49 18.96 63.79
N VAL N 33 -30.07 19.60 62.71
CA VAL N 33 -30.73 19.51 61.38
C VAL N 33 -29.65 19.32 60.33
N ALA N 34 -29.77 18.29 59.50
CA ALA N 34 -28.81 18.06 58.40
C ALA N 34 -29.57 18.12 57.08
N TRP N 35 -28.91 18.53 56.01
CA TRP N 35 -29.49 18.59 54.65
C TRP N 35 -28.70 17.67 53.72
N TYR N 36 -29.41 16.97 52.82
CA TYR N 36 -28.87 16.06 51.79
C TYR N 36 -29.38 16.38 50.39
N GLN N 37 -28.57 16.05 49.40
CA GLN N 37 -28.94 16.15 47.98
C GLN N 37 -28.88 14.75 47.38
N GLN N 38 -30.03 14.23 46.97
CA GLN N 38 -30.16 12.90 46.33
C GLN N 38 -30.50 13.10 44.86
N LYS N 39 -29.61 12.67 43.99
CA LYS N 39 -29.90 12.70 42.54
C LYS N 39 -30.58 11.38 42.22
N PRO N 40 -31.53 11.40 41.28
CA PRO N 40 -32.39 10.24 41.03
C PRO N 40 -31.67 8.87 41.00
N GLY N 41 -32.10 7.90 41.82
CA GLY N 41 -31.54 6.52 41.91
C GLY N 41 -30.06 6.47 42.27
N LYS N 42 -29.53 7.56 42.83
CA LYS N 42 -28.17 7.63 43.45
C LYS N 42 -28.30 7.69 44.99
N ALA N 43 -27.24 7.29 45.67
CA ALA N 43 -27.20 7.35 47.14
C ALA N 43 -27.01 8.81 47.55
N PRO N 44 -27.75 9.26 48.60
CA PRO N 44 -27.71 10.64 49.07
C PRO N 44 -26.30 11.08 49.45
N LYS N 45 -26.01 12.37 49.21
CA LYS N 45 -24.75 13.07 49.63
C LYS N 45 -25.10 14.14 50.68
N LEU N 46 -24.31 14.19 51.75
CA LEU N 46 -24.46 15.17 52.85
C LEU N 46 -24.05 16.56 52.36
N LEU N 47 -24.90 17.57 52.60
CA LEU N 47 -24.59 18.99 52.31
C LEU N 47 -24.31 19.72 53.62
N ILE N 48 -25.30 19.77 54.50
CA ILE N 48 -25.23 20.69 55.67
C ILE N 48 -25.60 19.95 56.94
N TYR N 49 -24.79 20.13 57.96
CA TYR N 49 -24.98 19.43 59.24
C TYR N 49 -25.10 20.51 60.28
N SER N 50 -25.80 20.23 61.37
CA SER N 50 -26.01 21.19 62.48
C SER N 50 -26.54 22.55 61.94
N ALA N 51 -27.51 22.48 61.02
CA ALA N 51 -28.39 23.55 60.48
C ALA N 51 -27.67 24.56 59.58
N TYR N 52 -26.43 24.94 59.92
CA TYR N 52 -25.68 26.11 59.37
C TYR N 52 -24.32 25.74 58.75
N PHE N 53 -23.75 24.61 59.13
CA PHE N 53 -22.37 24.24 58.78
C PHE N 53 -22.35 23.49 57.44
N LEU N 54 -21.55 23.98 56.50
CA LEU N 54 -21.30 23.31 55.21
C LEU N 54 -20.39 22.08 55.42
N TYR N 55 -20.80 20.91 54.97
CA TYR N 55 -19.92 19.71 55.01
C TYR N 55 -18.73 19.95 54.08
N SER N 56 -17.53 19.47 54.43
CA SER N 56 -16.30 19.69 53.63
C SER N 56 -16.48 19.15 52.20
N GLY N 57 -16.08 19.93 51.22
CA GLY N 57 -16.02 19.52 49.80
C GLY N 57 -17.28 19.87 49.06
N VAL N 58 -18.27 20.46 49.72
CA VAL N 58 -19.58 20.84 49.11
C VAL N 58 -19.44 22.26 48.56
N PRO N 59 -19.96 22.56 47.34
CA PRO N 59 -19.84 23.90 46.78
C PRO N 59 -20.43 24.98 47.71
N SER N 60 -19.78 26.13 47.76
CA SER N 60 -20.07 27.18 48.76
C SER N 60 -21.33 27.93 48.34
N ARG N 61 -21.88 27.64 47.16
CA ARG N 61 -23.17 28.23 46.71
C ARG N 61 -24.34 27.59 47.50
N PHE N 62 -24.03 26.58 48.31
CA PHE N 62 -24.97 26.02 49.31
C PHE N 62 -24.74 26.66 50.69
N SER N 63 -25.81 27.12 51.31
CA SER N 63 -25.75 27.56 52.72
C SER N 63 -27.00 27.08 53.43
N GLY N 64 -26.93 27.03 54.75
CA GLY N 64 -28.04 26.57 55.60
C GLY N 64 -28.24 27.54 56.72
N SER N 65 -29.46 27.97 56.97
CA SER N 65 -29.72 28.95 58.04
C SER N 65 -30.98 28.52 58.81
N ARG N 66 -31.27 29.20 59.93
CA ARG N 66 -32.50 28.99 60.72
C ARG N 66 -33.23 30.34 60.70
N SER N 67 -34.56 30.31 60.87
CA SER N 67 -35.46 31.49 60.92
C SER N 67 -36.61 31.16 61.88
N GLY N 68 -36.44 31.48 63.15
CA GLY N 68 -37.39 31.01 64.19
C GLY N 68 -37.40 29.51 64.28
N THR N 69 -38.45 28.83 63.85
CA THR N 69 -38.48 27.35 63.98
C THR N 69 -38.45 26.73 62.58
N ASP N 70 -38.14 27.55 61.56
CA ASP N 70 -37.94 26.96 60.22
C ASP N 70 -36.47 27.01 59.83
N PHE N 71 -36.03 26.00 59.07
CA PHE N 71 -34.61 25.83 58.66
C PHE N 71 -34.59 25.92 57.14
N THR N 72 -33.62 26.63 56.61
CA THR N 72 -33.57 27.00 55.18
C THR N 72 -32.27 26.49 54.57
N LEU N 73 -32.39 25.73 53.49
CA LEU N 73 -31.27 25.48 52.57
C LEU N 73 -31.39 26.46 51.41
N THR N 74 -30.28 27.09 51.06
CA THR N 74 -30.24 28.11 50.00
C THR N 74 -29.19 27.72 49.00
N ILE N 75 -29.57 27.65 47.75
CA ILE N 75 -28.60 27.59 46.64
C ILE N 75 -28.53 29.00 46.06
N SER N 76 -27.44 29.72 46.33
CA SER N 76 -27.29 31.14 45.97
C SER N 76 -27.20 31.31 44.45
N SER N 77 -26.66 30.31 43.73
CA SER N 77 -26.50 30.35 42.26
C SER N 77 -26.72 28.97 41.64
N LEU N 78 -28.00 28.66 41.35
CA LEU N 78 -28.42 27.31 40.87
C LEU N 78 -27.62 26.86 39.63
N GLN N 79 -27.08 25.64 39.64
CA GLN N 79 -26.34 25.08 38.50
C GLN N 79 -27.07 23.86 37.95
N PRO N 80 -26.87 23.49 36.67
CA PRO N 80 -27.66 22.43 36.03
C PRO N 80 -27.57 21.08 36.75
N GLU N 81 -26.38 20.78 37.29
CA GLU N 81 -26.08 19.49 37.99
C GLU N 81 -26.71 19.49 39.38
N ASP N 82 -27.26 20.60 39.83
CA ASP N 82 -27.93 20.69 41.15
C ASP N 82 -29.37 20.22 41.03
N PHE N 83 -29.78 19.75 39.85
CA PHE N 83 -31.10 19.08 39.75
C PHE N 83 -30.98 17.86 40.65
N ALA N 84 -31.85 17.84 41.66
CA ALA N 84 -31.93 16.76 42.66
C ALA N 84 -33.21 16.91 43.48
N THR N 85 -33.41 15.97 44.37
CA THR N 85 -34.35 16.10 45.50
C THR N 85 -33.53 16.40 46.74
N TYR N 86 -33.94 17.37 47.53
CA TYR N 86 -33.16 17.78 48.72
C TYR N 86 -33.95 17.41 49.99
N TYR N 87 -33.27 16.86 50.99
CA TYR N 87 -33.92 16.27 52.18
C TYR N 87 -33.31 16.86 53.44
N CYS N 88 -34.14 17.28 54.38
CA CYS N 88 -33.69 17.80 55.68
C CYS N 88 -33.97 16.72 56.69
N GLN N 89 -33.06 16.46 57.62
CA GLN N 89 -33.27 15.39 58.61
C GLN N 89 -33.08 15.99 59.99
N GLN N 90 -33.89 15.58 60.96
CA GLN N 90 -33.60 15.87 62.39
C GLN N 90 -32.71 14.73 62.94
N TYR N 91 -31.48 15.03 63.34
CA TYR N 91 -30.50 13.99 63.70
C TYR N 91 -30.32 14.01 65.20
N SER N 92 -30.55 12.88 65.83
CA SER N 92 -30.22 12.66 67.26
C SER N 92 -29.28 11.48 67.26
N ARG N 93 -28.15 11.61 67.92
CA ARG N 93 -27.16 10.50 67.92
C ARG N 93 -27.78 9.23 68.53
N TYR N 94 -28.57 9.31 69.60
CA TYR N 94 -28.96 8.14 70.42
C TYR N 94 -30.49 8.00 70.49
N SER N 95 -31.20 8.17 69.37
CA SER N 95 -32.65 7.88 69.23
C SER N 95 -33.00 7.96 67.75
N PRO N 96 -34.30 7.95 67.38
CA PRO N 96 -34.69 7.81 65.98
C PRO N 96 -34.66 9.12 65.19
N VAL N 97 -33.87 9.09 64.13
CA VAL N 97 -33.75 10.25 63.20
C VAL N 97 -34.97 10.19 62.29
N THR N 98 -35.45 11.34 61.80
CA THR N 98 -36.61 11.43 60.87
C THR N 98 -36.34 12.47 59.79
N PHE N 99 -36.87 12.25 58.59
CA PHE N 99 -36.52 13.03 57.37
C PHE N 99 -37.71 13.87 56.95
N GLY N 100 -37.44 14.94 56.22
CA GLY N 100 -38.49 15.71 55.53
C GLY N 100 -38.99 14.94 54.33
N GLN N 101 -40.13 15.33 53.77
CA GLN N 101 -40.72 14.62 52.62
C GLN N 101 -39.84 14.83 51.40
N GLY N 102 -38.95 15.83 51.39
CA GLY N 102 -38.05 16.10 50.25
C GLY N 102 -38.55 17.22 49.35
N THR N 103 -37.67 17.82 48.58
CA THR N 103 -38.00 18.89 47.60
C THR N 103 -37.29 18.65 46.27
N LYS N 104 -38.06 18.46 45.20
CA LYS N 104 -37.51 18.22 43.85
C LYS N 104 -37.14 19.56 43.23
N VAL N 105 -35.91 19.70 42.76
CA VAL N 105 -35.48 20.94 42.07
C VAL N 105 -35.30 20.68 40.58
N GLU N 106 -36.20 21.24 39.78
CA GLU N 106 -36.09 21.23 38.32
C GLU N 106 -35.29 22.46 37.91
N ILE N 107 -34.51 22.33 36.83
CA ILE N 107 -33.84 23.50 36.19
C ILE N 107 -34.79 23.99 35.09
N LYS N 108 -35.07 25.29 35.08
CA LYS N 108 -35.85 25.95 33.99
C LYS N 108 -34.87 26.50 32.96
N ARG N 109 -35.03 26.07 31.72
CA ARG N 109 -34.09 26.44 30.64
C ARG N 109 -34.88 26.90 29.41
N THR N 110 -34.15 27.22 28.33
CA THR N 110 -34.68 27.81 27.09
C THR N 110 -35.63 26.80 26.47
N VAL N 111 -36.70 27.29 25.81
CA VAL N 111 -37.72 26.38 25.21
C VAL N 111 -36.99 25.57 24.15
N ALA N 112 -37.20 24.26 24.10
CA ALA N 112 -36.58 23.37 23.09
C ALA N 112 -37.64 22.41 22.55
N ALA N 113 -37.80 22.37 21.24
CA ALA N 113 -38.77 21.48 20.57
C ALA N 113 -38.15 20.09 20.53
N PRO N 114 -38.98 19.04 20.67
CA PRO N 114 -38.47 17.68 20.64
C PRO N 114 -38.15 17.28 19.20
N SER N 115 -37.22 16.35 19.05
CA SER N 115 -37.01 15.64 17.77
C SER N 115 -37.90 14.39 17.78
N VAL N 116 -38.79 14.26 16.82
CA VAL N 116 -39.76 13.16 16.91
C VAL N 116 -39.28 12.03 15.99
N PHE N 117 -39.46 10.81 16.46
CA PHE N 117 -39.21 9.54 15.73
C PHE N 117 -40.32 8.56 16.03
N ILE N 118 -40.64 7.73 15.03
CA ILE N 118 -41.66 6.64 15.16
C ILE N 118 -41.01 5.32 14.70
N PHE N 119 -41.26 4.26 15.46
CA PHE N 119 -40.73 2.89 15.19
C PHE N 119 -41.89 1.91 15.08
N PRO N 120 -41.95 1.13 13.98
CA PRO N 120 -42.95 0.08 13.86
C PRO N 120 -42.49 -1.07 14.75
N PRO N 121 -43.37 -2.01 15.07
CA PRO N 121 -42.96 -3.22 15.76
C PRO N 121 -42.06 -4.13 14.92
N SER N 122 -41.13 -4.85 15.52
CA SER N 122 -40.17 -5.69 14.78
C SER N 122 -40.86 -6.97 14.37
N ASP N 123 -40.37 -7.64 13.32
CA ASP N 123 -40.95 -8.93 12.90
C ASP N 123 -40.74 -9.95 14.02
N GLU N 124 -39.56 -9.97 14.66
CA GLU N 124 -39.23 -10.82 15.84
C GLU N 124 -40.36 -10.70 16.90
N GLN N 125 -40.82 -9.50 17.20
CA GLN N 125 -41.93 -9.31 18.17
C GLN N 125 -43.26 -9.82 17.58
N LEU N 126 -43.56 -9.52 16.32
CA LEU N 126 -44.87 -9.84 15.71
C LEU N 126 -45.12 -11.35 15.74
N LYS N 127 -44.06 -12.16 15.63
CA LYS N 127 -44.21 -13.64 15.63
C LYS N 127 -44.64 -14.09 17.03
N SER N 128 -44.38 -13.30 18.08
CA SER N 128 -44.77 -13.64 19.48
C SER N 128 -46.22 -13.21 19.76
N GLY N 129 -46.90 -12.59 18.79
CA GLY N 129 -48.35 -12.29 18.79
C GLY N 129 -48.71 -10.92 19.37
N THR N 130 -47.75 -10.02 19.54
CA THR N 130 -48.01 -8.64 20.03
C THR N 130 -47.19 -7.64 19.22
N ALA N 131 -47.73 -6.45 19.05
CA ALA N 131 -47.07 -5.35 18.32
C ALA N 131 -46.96 -4.12 19.21
N SER N 132 -45.74 -3.68 19.50
CA SER N 132 -45.52 -2.44 20.28
C SER N 132 -45.05 -1.38 19.28
N VAL N 133 -45.79 -0.29 19.18
CA VAL N 133 -45.38 0.86 18.31
C VAL N 133 -44.81 1.94 19.23
N VAL N 134 -43.63 2.46 18.94
CA VAL N 134 -42.97 3.42 19.85
C VAL N 134 -42.82 4.77 19.17
N CYS N 135 -43.14 5.82 19.91
CA CYS N 135 -42.99 7.23 19.48
C CYS N 135 -42.04 7.92 20.47
N LEU N 136 -40.97 8.54 19.99
CA LEU N 136 -39.88 9.03 20.87
C LEU N 136 -39.67 10.50 20.64
N LEU N 137 -39.73 11.25 21.72
CA LEU N 137 -39.56 12.71 21.72
C LEU N 137 -38.21 12.98 22.37
N ASN N 138 -37.27 13.56 21.60
CA ASN N 138 -35.85 13.64 22.01
C ASN N 138 -35.43 15.08 22.36
N ASN N 139 -34.89 15.21 23.57
CA ASN N 139 -34.21 16.41 24.13
C ASN N 139 -35.07 17.67 23.93
N PHE N 140 -36.01 17.93 24.83
CA PHE N 140 -36.91 19.10 24.78
C PHE N 140 -37.07 19.74 26.17
N TYR N 141 -37.59 20.96 26.22
CA TYR N 141 -38.02 21.66 27.47
C TYR N 141 -39.24 22.48 27.10
N PRO N 142 -40.32 22.56 27.89
CA PRO N 142 -40.43 21.93 29.22
C PRO N 142 -41.11 20.56 29.23
N ARG N 143 -41.07 19.85 30.36
CA ARG N 143 -41.60 18.47 30.52
C ARG N 143 -43.02 18.29 29.91
N GLU N 144 -43.77 19.33 29.56
CA GLU N 144 -45.17 19.11 29.13
C GLU N 144 -45.16 18.94 27.63
N ALA N 145 -45.61 17.77 27.18
CA ALA N 145 -45.92 17.49 25.76
C ALA N 145 -47.22 16.70 25.68
N LYS N 146 -47.94 16.76 24.57
CA LYS N 146 -49.13 15.89 24.28
C LYS N 146 -48.77 14.92 23.15
N VAL N 147 -48.76 13.61 23.39
CA VAL N 147 -48.58 12.59 22.32
C VAL N 147 -49.91 11.88 22.10
N GLN N 148 -50.47 12.00 20.91
CA GLN N 148 -51.72 11.30 20.56
C GLN N 148 -51.36 10.26 19.53
N TRP N 149 -52.01 9.11 19.62
CA TRP N 149 -51.87 8.03 18.63
C TRP N 149 -53.09 8.05 17.71
N LYS N 150 -52.87 7.99 16.40
CA LYS N 150 -53.95 7.85 15.41
C LYS N 150 -53.66 6.68 14.48
N VAL N 151 -54.54 5.69 14.49
CA VAL N 151 -54.39 4.45 13.68
C VAL N 151 -55.47 4.54 12.62
N ASP N 152 -55.05 4.79 11.37
CA ASP N 152 -55.95 5.01 10.21
C ASP N 152 -56.82 6.23 10.54
N ASN N 153 -56.24 7.19 11.24
CA ASN N 153 -56.82 8.51 11.59
C ASN N 153 -58.01 8.38 12.55
N ALA N 154 -58.04 7.30 13.33
CA ALA N 154 -58.89 7.15 14.55
C ALA N 154 -58.04 7.43 15.78
N LEU N 155 -58.40 8.42 16.59
CA LEU N 155 -57.66 8.75 17.85
C LEU N 155 -57.80 7.59 18.86
N GLN N 156 -56.71 7.22 19.51
CA GLN N 156 -56.64 6.05 20.44
C GLN N 156 -56.78 6.50 21.90
N SER N 157 -57.33 5.62 22.78
CA SER N 157 -57.33 5.83 24.26
C SER N 157 -57.07 4.51 24.99
N GLY N 158 -56.16 4.58 25.97
CA GLY N 158 -55.94 3.54 26.99
C GLY N 158 -55.01 2.42 26.57
N ASN N 159 -54.43 2.46 25.37
CA ASN N 159 -53.56 1.37 24.88
C ASN N 159 -52.14 1.90 24.71
N SER N 160 -51.86 3.05 25.31
CA SER N 160 -50.52 3.66 25.24
C SER N 160 -50.10 4.01 26.67
N GLN N 161 -48.82 3.81 26.94
CA GLN N 161 -48.17 4.26 28.21
C GLN N 161 -46.89 5.00 27.83
N GLU N 162 -46.57 6.04 28.61
CA GLU N 162 -45.37 6.84 28.29
C GLU N 162 -44.45 6.86 29.50
N SER N 163 -43.19 7.09 29.21
CA SER N 163 -42.14 7.20 30.25
C SER N 163 -41.27 8.41 29.92
N VAL N 164 -40.98 9.22 30.92
CA VAL N 164 -40.26 10.52 30.77
C VAL N 164 -38.96 10.37 31.53
N THR N 165 -37.85 10.66 30.87
CA THR N 165 -36.52 10.59 31.52
C THR N 165 -36.45 11.65 32.61
N GLU N 166 -35.44 11.49 33.44
CA GLU N 166 -35.03 12.50 34.43
C GLU N 166 -34.36 13.65 33.68
N GLN N 167 -34.48 14.85 34.19
CA GLN N 167 -33.87 16.01 33.53
C GLN N 167 -32.36 15.78 33.41
N ASP N 168 -31.81 16.03 32.23
CA ASP N 168 -30.37 15.87 31.92
C ASP N 168 -29.54 16.81 32.80
N SER N 169 -28.38 16.37 33.27
CA SER N 169 -27.53 17.14 34.23
C SER N 169 -26.72 18.25 33.53
N LYS N 170 -26.68 18.32 32.20
CA LYS N 170 -25.90 19.37 31.49
C LYS N 170 -26.83 20.31 30.73
N ASP N 171 -27.65 19.77 29.84
CA ASP N 171 -28.49 20.60 28.95
C ASP N 171 -29.89 20.75 29.57
N SER N 172 -30.26 20.00 30.61
CA SER N 172 -31.51 20.19 31.39
C SER N 172 -32.73 19.93 30.51
N THR N 173 -32.66 18.93 29.63
CA THR N 173 -33.80 18.57 28.75
C THR N 173 -34.42 17.24 29.17
N TYR N 174 -35.58 16.98 28.61
CA TYR N 174 -36.34 15.74 28.80
C TYR N 174 -36.31 14.99 27.47
N SER N 175 -36.37 13.67 27.61
CA SER N 175 -36.75 12.75 26.51
C SER N 175 -37.99 11.95 26.94
N LEU N 176 -38.88 11.67 26.01
CA LEU N 176 -40.14 10.97 26.33
C LEU N 176 -40.28 9.79 25.38
N SER N 177 -40.96 8.74 25.83
CA SER N 177 -41.34 7.55 25.04
C SER N 177 -42.82 7.26 25.24
N SER N 178 -43.59 7.20 24.15
CA SER N 178 -44.98 6.65 24.18
C SER N 178 -45.02 5.35 23.38
N THR N 179 -45.39 4.25 24.02
CA THR N 179 -45.52 2.94 23.37
C THR N 179 -47.00 2.58 23.20
N LEU N 180 -47.37 2.17 21.99
CA LEU N 180 -48.76 1.78 21.64
C LEU N 180 -48.79 0.28 21.47
N THR N 181 -49.47 -0.42 22.38
CA THR N 181 -49.47 -1.91 22.42
C THR N 181 -50.78 -2.42 21.78
N LEU N 182 -50.61 -3.35 20.85
CA LEU N 182 -51.72 -3.97 20.08
C LEU N 182 -51.47 -5.45 19.91
N SER N 183 -52.52 -6.24 19.70
CA SER N 183 -52.36 -7.68 19.37
C SER N 183 -51.96 -7.74 17.90
N LYS N 184 -51.11 -8.69 17.52
CA LYS N 184 -50.70 -8.89 16.11
C LYS N 184 -51.97 -8.81 15.26
N ALA N 185 -53.04 -9.49 15.67
CA ALA N 185 -54.34 -9.57 14.96
C ALA N 185 -54.91 -8.17 14.68
N ASP N 186 -55.07 -7.35 15.70
CA ASP N 186 -55.62 -5.98 15.62
C ASP N 186 -54.64 -5.10 14.83
N TYR N 187 -53.33 -5.32 14.97
CA TYR N 187 -52.26 -4.49 14.30
C TYR N 187 -52.31 -4.70 12.80
N GLU N 188 -52.49 -5.96 12.40
CA GLU N 188 -52.49 -6.39 10.98
C GLU N 188 -53.81 -5.96 10.35
N LYS N 189 -54.72 -5.30 11.07
CA LYS N 189 -56.02 -4.91 10.48
C LYS N 189 -55.91 -3.52 9.86
N HIS N 190 -54.84 -2.75 10.10
CA HIS N 190 -54.78 -1.33 9.69
C HIS N 190 -53.49 -1.00 8.95
N LYS N 191 -53.48 0.13 8.25
CA LYS N 191 -52.35 0.53 7.37
C LYS N 191 -51.50 1.61 8.07
N VAL N 192 -52.11 2.74 8.42
CA VAL N 192 -51.29 3.93 8.78
C VAL N 192 -51.30 4.13 10.30
N TYR N 193 -50.09 4.22 10.86
CA TYR N 193 -49.84 4.45 12.30
C TYR N 193 -49.13 5.80 12.44
N ALA N 194 -49.69 6.72 13.23
CA ALA N 194 -49.17 8.10 13.39
C ALA N 194 -49.20 8.50 14.86
N CYS N 195 -48.13 9.12 15.32
CA CYS N 195 -48.12 9.82 16.61
C CYS N 195 -47.99 11.31 16.32
N GLU N 196 -48.88 12.10 16.91
CA GLU N 196 -49.02 13.55 16.68
C GLU N 196 -48.66 14.25 17.99
N VAL N 197 -47.68 15.13 17.96
CA VAL N 197 -47.06 15.74 19.17
C VAL N 197 -47.45 17.21 19.21
N THR N 198 -48.04 17.70 20.30
CA THR N 198 -48.14 19.16 20.60
C THR N 198 -47.14 19.57 21.69
N HIS N 199 -46.24 20.49 21.41
CA HIS N 199 -45.24 20.99 22.39
C HIS N 199 -45.13 22.50 22.27
N GLN N 200 -44.72 23.14 23.34
CA GLN N 200 -44.63 24.61 23.40
C GLN N 200 -43.70 25.13 22.27
N GLY N 201 -42.61 24.40 21.97
CA GLY N 201 -41.54 24.79 21.03
C GLY N 201 -41.87 24.44 19.58
N LEU N 202 -43.09 23.97 19.33
CA LEU N 202 -43.61 23.63 17.98
C LEU N 202 -44.78 24.56 17.67
N SER N 203 -44.61 25.43 16.67
CA SER N 203 -45.66 26.33 16.13
C SER N 203 -47.02 25.63 16.04
N SER N 204 -47.06 24.48 15.34
CA SER N 204 -48.25 23.62 15.16
C SER N 204 -47.88 22.20 15.57
N PRO N 205 -48.85 21.33 15.92
CA PRO N 205 -48.55 19.94 16.20
C PRO N 205 -47.82 19.25 15.04
N VAL N 206 -46.92 18.33 15.38
CA VAL N 206 -46.08 17.53 14.44
C VAL N 206 -46.57 16.09 14.44
N THR N 207 -46.65 15.44 13.27
CA THR N 207 -47.02 14.01 13.21
C THR N 207 -45.94 13.25 12.47
N LYS N 208 -45.54 12.10 13.03
CA LYS N 208 -44.58 11.16 12.41
C LYS N 208 -45.37 9.89 12.15
N SER N 209 -45.37 9.39 10.93
CA SER N 209 -46.20 8.21 10.60
C SER N 209 -45.43 7.20 9.76
N PHE N 210 -46.05 6.03 9.62
CA PHE N 210 -45.68 4.99 8.65
C PHE N 210 -46.94 4.28 8.14
N ASN N 211 -46.89 3.83 6.89
CA ASN N 211 -47.81 2.82 6.32
C ASN N 211 -47.15 1.46 6.53
N ARG N 212 -48.00 0.44 6.72
CA ARG N 212 -47.57 -0.79 7.42
C ARG N 212 -46.58 -1.60 6.60
N GLY N 213 -46.64 -1.50 5.27
CA GLY N 213 -45.52 -1.90 4.39
C GLY N 213 -44.23 -1.20 4.79
N GLU N 214 -43.87 -0.14 4.05
CA GLU N 214 -42.74 0.78 4.37
C GLU N 214 -43.27 2.21 4.35
N GLU O 1 -15.16 0.06 20.74
CA GLU O 1 -13.94 -0.50 20.10
C GLU O 1 -14.14 -2.01 20.02
N VAL O 2 -13.21 -2.77 19.45
CA VAL O 2 -13.38 -4.25 19.34
C VAL O 2 -13.30 -4.88 20.73
N GLN O 3 -14.20 -5.84 21.00
CA GLN O 3 -14.27 -6.53 22.31
C GLN O 3 -14.95 -7.90 22.16
N LEU O 4 -14.44 -8.90 22.89
CA LEU O 4 -14.93 -10.30 22.88
C LEU O 4 -15.01 -10.80 24.32
N VAL O 5 -16.16 -11.32 24.70
CA VAL O 5 -16.44 -11.69 26.11
C VAL O 5 -17.03 -13.09 26.06
N GLU O 6 -16.31 -14.06 26.59
CA GLU O 6 -16.77 -15.47 26.63
C GLU O 6 -17.60 -15.70 27.89
N SER O 7 -18.54 -16.63 27.83
CA SER O 7 -19.39 -17.00 28.99
C SER O 7 -19.96 -18.38 28.75
N GLY O 8 -20.51 -19.01 29.79
CA GLY O 8 -21.15 -20.33 29.73
C GLY O 8 -20.24 -21.48 30.15
N GLY O 9 -18.96 -21.18 30.45
CA GLY O 9 -17.97 -22.16 30.95
C GLY O 9 -18.40 -22.70 32.28
N GLY O 10 -17.76 -23.75 32.76
CA GLY O 10 -18.06 -24.23 34.11
C GLY O 10 -17.77 -25.69 34.28
N LEU O 11 -18.51 -26.33 35.20
CA LEU O 11 -18.23 -27.69 35.69
C LEU O 11 -19.18 -28.64 34.97
N VAL O 12 -18.65 -29.75 34.50
CA VAL O 12 -19.45 -30.72 33.69
C VAL O 12 -18.90 -32.13 33.88
N GLN O 13 -19.81 -33.11 33.78
CA GLN O 13 -19.53 -34.54 34.02
C GLN O 13 -18.73 -35.08 32.85
N PRO O 14 -17.77 -36.00 33.09
CA PRO O 14 -17.17 -36.76 32.01
C PRO O 14 -18.26 -37.31 31.09
N GLY O 15 -18.07 -37.17 29.78
CA GLY O 15 -19.03 -37.59 28.75
C GLY O 15 -20.04 -36.51 28.49
N GLY O 16 -20.03 -35.46 29.32
CA GLY O 16 -21.06 -34.41 29.28
C GLY O 16 -20.90 -33.52 28.07
N SER O 17 -21.84 -32.60 27.91
CA SER O 17 -21.86 -31.55 26.86
C SER O 17 -21.91 -30.18 27.52
N LEU O 18 -21.50 -29.16 26.78
CA LEU O 18 -21.48 -27.75 27.25
C LEU O 18 -21.48 -26.83 26.03
N ARG O 19 -22.13 -25.66 26.12
CA ARG O 19 -22.07 -24.64 25.05
C ARG O 19 -21.58 -23.29 25.60
N LEU O 20 -20.46 -22.84 25.06
CA LEU O 20 -19.86 -21.52 25.38
C LEU O 20 -20.35 -20.48 24.37
N SER O 21 -20.40 -19.22 24.80
CA SER O 21 -20.88 -18.08 23.99
C SER O 21 -19.80 -17.00 23.99
N CYS O 22 -19.53 -16.43 22.82
CA CYS O 22 -18.59 -15.30 22.67
C CYS O 22 -19.29 -14.07 22.12
N ALA O 23 -19.53 -13.09 22.99
CA ALA O 23 -20.25 -11.84 22.66
C ALA O 23 -19.25 -10.86 22.07
N ALA O 24 -19.41 -10.54 20.80
CA ALA O 24 -18.57 -9.57 20.08
C ALA O 24 -19.24 -8.21 20.17
N SER O 25 -18.45 -7.16 20.34
CA SER O 25 -18.93 -5.78 20.11
C SER O 25 -17.86 -5.00 19.36
N GLY O 26 -18.37 -4.06 18.59
CA GLY O 26 -17.51 -3.17 17.81
C GLY O 26 -17.12 -3.80 16.50
N PHE O 27 -17.74 -4.89 16.01
CA PHE O 27 -17.36 -5.26 14.62
C PHE O 27 -18.41 -5.94 13.73
N ASN O 28 -19.30 -6.80 14.17
CA ASN O 28 -20.15 -7.55 13.18
C ASN O 28 -19.46 -8.86 12.79
N VAL O 29 -19.89 -9.88 13.51
CA VAL O 29 -19.29 -11.22 13.48
C VAL O 29 -19.41 -11.73 12.05
N TYR O 30 -20.44 -11.25 11.34
CA TYR O 30 -20.81 -11.71 9.97
C TYR O 30 -19.63 -11.47 9.02
N ALA O 31 -18.80 -10.47 9.28
CA ALA O 31 -17.84 -9.99 8.27
C ALA O 31 -16.46 -10.62 8.52
N SER O 32 -16.34 -11.38 9.60
CA SER O 32 -15.03 -11.75 10.19
C SER O 32 -14.99 -13.24 10.39
N GLY O 33 -13.84 -13.74 10.80
CA GLY O 33 -13.71 -15.11 11.29
C GLY O 33 -13.66 -15.11 12.79
N MET O 34 -14.31 -16.07 13.42
CA MET O 34 -14.22 -16.27 14.88
C MET O 34 -13.52 -17.59 15.10
N HIS O 35 -12.51 -17.61 15.96
CA HIS O 35 -11.84 -18.85 16.42
C HIS O 35 -12.12 -19.12 17.89
N TRP O 36 -12.02 -20.40 18.25
CA TRP O 36 -11.82 -20.84 19.65
C TRP O 36 -10.41 -21.42 19.76
N VAL O 37 -9.68 -20.95 20.76
CA VAL O 37 -8.36 -21.51 21.10
C VAL O 37 -8.47 -21.92 22.55
N ARG O 38 -7.81 -23.01 22.94
CA ARG O 38 -7.86 -23.38 24.37
C ARG O 38 -6.45 -23.58 24.94
N GLN O 39 -6.40 -23.61 26.25
CA GLN O 39 -5.16 -23.80 27.04
C GLN O 39 -5.48 -24.57 28.32
N ALA O 40 -5.05 -25.83 28.40
CA ALA O 40 -5.17 -26.68 29.62
C ALA O 40 -4.26 -26.04 30.65
N PRO O 41 -4.57 -26.17 31.97
CA PRO O 41 -3.81 -25.47 33.00
C PRO O 41 -2.32 -25.84 32.88
N GLY O 42 -1.48 -24.81 32.68
CA GLY O 42 -0.01 -24.90 32.51
C GLY O 42 0.40 -25.71 31.29
N LYS O 43 -0.40 -25.70 30.23
CA LYS O 43 -0.03 -26.27 28.91
C LYS O 43 -0.01 -25.16 27.85
N GLY O 44 0.28 -25.56 26.62
CA GLY O 44 0.44 -24.65 25.47
C GLY O 44 -0.90 -24.21 24.93
N LEU O 45 -0.89 -23.30 23.98
CA LEU O 45 -2.13 -22.94 23.28
C LEU O 45 -2.43 -24.04 22.28
N GLU O 46 -3.70 -24.31 22.05
CA GLU O 46 -4.15 -25.27 21.03
C GLU O 46 -5.32 -24.63 20.30
N TRP O 47 -5.14 -24.38 18.99
CA TRP O 47 -6.24 -23.90 18.12
C TRP O 47 -7.27 -25.02 18.00
N VAL O 48 -8.54 -24.64 18.04
CA VAL O 48 -9.69 -25.57 18.23
C VAL O 48 -10.59 -25.51 17.00
N ALA O 49 -11.12 -24.34 16.64
CA ALA O 49 -12.16 -24.27 15.59
C ALA O 49 -12.20 -22.86 15.03
N LYS O 50 -12.71 -22.74 13.82
CA LYS O 50 -12.89 -21.42 13.15
C LYS O 50 -14.19 -21.43 12.37
N ILE O 51 -14.84 -20.27 12.28
CA ILE O 51 -16.08 -20.13 11.49
C ILE O 51 -15.96 -18.85 10.67
N TYR O 52 -16.42 -18.93 9.44
CA TYR O 52 -16.76 -17.77 8.60
C TYR O 52 -18.26 -17.68 8.58
N PRO O 53 -18.85 -16.67 9.24
CA PRO O 53 -20.30 -16.54 9.33
C PRO O 53 -21.01 -16.14 8.03
N ASP O 54 -20.34 -16.04 6.88
CA ASP O 54 -20.97 -15.90 5.53
C ASP O 54 -22.04 -17.00 5.38
N SER O 55 -21.68 -18.25 5.75
CA SER O 55 -22.48 -19.50 5.95
C SER O 55 -21.50 -20.61 6.34
N ASP O 56 -22.00 -21.70 6.94
CA ASP O 56 -21.30 -22.82 7.63
C ASP O 56 -19.86 -23.17 7.20
N TYR O 57 -19.04 -22.35 6.54
CA TYR O 57 -17.60 -22.74 6.43
C TYR O 57 -17.07 -22.78 7.85
N THR O 58 -16.66 -23.96 8.26
CA THR O 58 -16.38 -24.36 9.66
C THR O 58 -15.17 -25.26 9.57
N TYR O 59 -14.10 -24.96 10.31
CA TYR O 59 -12.81 -25.69 10.25
C TYR O 59 -12.43 -26.15 11.65
N TYR O 60 -12.00 -27.39 11.85
CA TYR O 60 -11.74 -27.90 13.23
C TYR O 60 -10.34 -28.53 13.33
N ALA O 61 -9.76 -28.55 14.52
CA ALA O 61 -8.54 -29.35 14.81
C ALA O 61 -8.96 -30.80 14.90
N ASP O 62 -8.12 -31.74 14.49
CA ASP O 62 -8.52 -33.17 14.52
C ASP O 62 -8.81 -33.62 15.95
N SER O 63 -8.17 -33.05 16.96
CA SER O 63 -8.40 -33.45 18.39
C SER O 63 -9.83 -33.15 18.84
N VAL O 64 -10.61 -32.35 18.10
CA VAL O 64 -12.00 -32.06 18.55
C VAL O 64 -13.00 -32.34 17.44
N LYS O 65 -12.57 -32.68 16.22
CA LYS O 65 -13.50 -32.82 15.10
C LYS O 65 -14.49 -33.93 15.44
N GLY O 66 -15.80 -33.68 15.24
CA GLY O 66 -16.88 -34.64 15.48
C GLY O 66 -17.38 -34.60 16.90
N ARG O 67 -16.70 -33.89 17.79
CA ARG O 67 -17.19 -33.65 19.17
C ARG O 67 -17.63 -32.21 19.29
N PHE O 68 -16.84 -31.29 18.75
CA PHE O 68 -17.10 -29.83 18.87
C PHE O 68 -17.73 -29.35 17.56
N THR O 69 -18.64 -28.39 17.69
CA THR O 69 -19.34 -27.74 16.55
C THR O 69 -19.42 -26.23 16.77
N ILE O 70 -18.88 -25.47 15.82
CA ILE O 70 -18.83 -23.99 15.97
C ILE O 70 -19.98 -23.40 15.16
N SER O 71 -20.61 -22.36 15.68
CA SER O 71 -21.81 -21.73 15.07
C SER O 71 -21.86 -20.25 15.43
N ALA O 72 -22.73 -19.50 14.78
CA ALA O 72 -22.78 -18.04 14.96
C ALA O 72 -24.21 -17.53 14.84
N ASP O 73 -24.61 -16.58 15.72
CA ASP O 73 -25.92 -15.88 15.66
C ASP O 73 -25.70 -14.39 15.40
N THR O 74 -25.96 -13.95 14.16
CA THR O 74 -25.62 -12.58 13.71
C THR O 74 -26.54 -11.62 14.43
N SER O 75 -27.77 -12.04 14.72
CA SER O 75 -28.81 -11.19 15.36
C SER O 75 -28.31 -10.79 16.76
N LYS O 76 -27.56 -11.66 17.41
CA LYS O 76 -27.06 -11.45 18.79
C LYS O 76 -25.59 -11.06 18.74
N ASN O 77 -25.04 -11.01 17.52
CA ASN O 77 -23.60 -10.74 17.27
C ASN O 77 -22.75 -11.60 18.20
N THR O 78 -23.04 -12.91 18.22
CA THR O 78 -22.44 -13.89 19.15
C THR O 78 -22.06 -15.15 18.38
N ALA O 79 -20.92 -15.76 18.75
CA ALA O 79 -20.44 -17.05 18.25
C ALA O 79 -20.46 -18.05 19.42
N TYR O 80 -20.58 -19.34 19.11
CA TYR O 80 -20.77 -20.41 20.12
C TYR O 80 -19.86 -21.60 19.81
N LEU O 81 -19.47 -22.28 20.87
CA LEU O 81 -18.83 -23.60 20.70
C LEU O 81 -19.66 -24.61 21.44
N GLN O 82 -20.32 -25.50 20.69
CA GLN O 82 -21.01 -26.71 21.22
C GLN O 82 -19.98 -27.84 21.42
N MET O 83 -19.80 -28.28 22.66
CA MET O 83 -18.74 -29.28 23.01
C MET O 83 -19.43 -30.51 23.57
N ASN O 84 -19.31 -31.63 22.88
CA ASN O 84 -19.96 -32.90 23.29
C ASN O 84 -18.90 -33.97 23.61
N SER O 85 -19.30 -35.00 24.35
CA SER O 85 -18.45 -36.16 24.71
C SER O 85 -17.15 -35.66 25.33
N LEU O 86 -17.30 -34.86 26.37
CA LEU O 86 -16.15 -34.23 27.01
C LEU O 86 -15.35 -35.28 27.80
N ARG O 87 -14.03 -35.11 27.80
CA ARG O 87 -13.09 -35.93 28.56
C ARG O 87 -12.34 -35.01 29.52
N ALA O 88 -11.56 -35.61 30.42
CA ALA O 88 -10.80 -34.88 31.45
C ALA O 88 -9.78 -33.99 30.73
N GLU O 89 -9.29 -34.44 29.58
CA GLU O 89 -8.21 -33.73 28.82
C GLU O 89 -8.75 -32.47 28.15
N ASP O 90 -10.06 -32.28 28.10
CA ASP O 90 -10.69 -31.07 27.51
C ASP O 90 -10.75 -29.94 28.55
N THR O 91 -10.43 -30.24 29.81
CA THR O 91 -10.42 -29.23 30.89
C THR O 91 -9.38 -28.17 30.54
N ALA O 92 -9.82 -26.92 30.33
CA ALA O 92 -8.97 -25.83 29.81
C ALA O 92 -9.70 -24.49 29.91
N VAL O 93 -8.92 -23.42 29.80
CA VAL O 93 -9.45 -22.06 29.53
C VAL O 93 -9.70 -21.97 28.03
N TYR O 94 -10.91 -21.58 27.66
CA TYR O 94 -11.35 -21.46 26.24
C TYR O 94 -11.39 -19.96 25.90
N TYR O 95 -10.60 -19.59 24.90
CA TYR O 95 -10.50 -18.20 24.36
C TYR O 95 -11.25 -18.14 23.05
N CYS O 96 -11.95 -17.04 22.87
CA CYS O 96 -12.60 -16.64 21.63
C CYS O 96 -11.86 -15.44 21.03
N SER O 97 -11.49 -15.48 19.76
CA SER O 97 -10.65 -14.43 19.10
C SER O 97 -11.14 -14.20 17.67
N ARG O 98 -10.54 -13.30 16.90
CA ARG O 98 -11.03 -13.10 15.52
C ARG O 98 -9.92 -12.79 14.51
N ASP O 99 -10.24 -12.98 13.23
CA ASP O 99 -9.40 -12.56 12.08
C ASP O 99 -9.33 -11.03 12.01
N SER O 100 -8.13 -10.47 11.90
CA SER O 100 -7.97 -8.99 11.78
C SER O 100 -8.59 -8.57 10.45
N SER O 101 -9.59 -7.71 10.49
CA SER O 101 -10.37 -7.33 9.29
C SER O 101 -9.54 -6.40 8.37
N PHE O 102 -8.22 -6.43 8.51
CA PHE O 102 -7.30 -5.54 7.77
C PHE O 102 -6.51 -6.34 6.74
N TYR O 103 -6.98 -7.56 6.52
CA TYR O 103 -6.36 -8.55 5.61
C TYR O 103 -4.86 -8.59 5.87
N TYR O 104 -4.15 -7.57 5.43
CA TYR O 104 -2.66 -7.51 5.51
C TYR O 104 -2.21 -8.02 6.88
N VAL O 105 -3.10 -7.97 7.90
CA VAL O 105 -2.83 -8.37 9.30
C VAL O 105 -3.37 -9.79 9.51
N TYR O 106 -2.39 -10.68 9.44
CA TYR O 106 -2.45 -12.10 9.06
C TYR O 106 -2.36 -12.81 10.39
N ALA O 107 -3.44 -12.69 11.16
CA ALA O 107 -3.44 -13.19 12.54
C ALA O 107 -4.75 -12.93 13.24
N MET O 108 -4.83 -13.48 14.44
CA MET O 108 -5.82 -13.11 15.45
C MET O 108 -5.30 -11.90 16.22
N ASP O 109 -5.81 -10.70 15.90
CA ASP O 109 -5.44 -9.43 16.57
C ASP O 109 -6.17 -9.23 17.91
N TYR O 110 -7.43 -9.69 18.04
CA TYR O 110 -8.24 -9.49 19.26
C TYR O 110 -8.64 -10.84 19.88
N TRP O 111 -8.46 -10.93 21.20
CA TRP O 111 -8.88 -12.10 22.03
C TRP O 111 -9.78 -11.66 23.19
N GLY O 112 -10.68 -12.54 23.64
CA GLY O 112 -11.39 -12.39 24.92
C GLY O 112 -10.54 -12.85 26.10
N GLN O 113 -11.11 -12.76 27.28
CA GLN O 113 -10.50 -12.99 28.62
C GLN O 113 -10.43 -14.48 28.95
N GLY O 114 -11.25 -15.28 28.28
CA GLY O 114 -11.31 -16.75 28.49
C GLY O 114 -12.44 -17.16 29.43
N THR O 115 -12.97 -18.37 29.26
CA THR O 115 -13.96 -19.01 30.16
C THR O 115 -13.45 -20.42 30.45
N LEU O 116 -13.34 -20.80 31.72
CA LEU O 116 -12.70 -22.07 32.13
C LEU O 116 -13.74 -23.19 32.11
N VAL O 117 -13.43 -24.30 31.44
CA VAL O 117 -14.29 -25.52 31.40
C VAL O 117 -13.60 -26.61 32.20
N THR O 118 -14.27 -27.13 33.23
CA THR O 118 -13.75 -28.20 34.15
C THR O 118 -14.56 -29.49 34.00
N VAL O 119 -13.91 -30.57 33.56
CA VAL O 119 -14.56 -31.89 33.30
C VAL O 119 -14.23 -32.81 34.48
N SER O 120 -15.20 -33.00 35.36
CA SER O 120 -14.91 -33.64 36.66
C SER O 120 -16.19 -34.14 37.29
N SER O 121 -16.03 -35.28 37.97
CA SER O 121 -17.05 -36.00 38.76
C SER O 121 -17.27 -35.24 40.07
N ALA O 122 -16.29 -34.47 40.52
CA ALA O 122 -16.32 -33.79 41.84
C ALA O 122 -17.46 -32.78 41.85
N SER O 123 -17.84 -32.37 43.05
CA SER O 123 -18.97 -31.45 43.32
C SER O 123 -18.43 -30.06 43.68
N THR O 124 -19.23 -29.00 43.47
CA THR O 124 -18.82 -27.59 43.76
C THR O 124 -18.73 -27.39 45.26
N LYS O 125 -17.67 -26.73 45.75
CA LYS O 125 -17.54 -26.41 47.20
C LYS O 125 -17.04 -24.99 47.40
N GLY O 126 -17.73 -24.23 48.27
CA GLY O 126 -17.34 -22.87 48.71
C GLY O 126 -16.13 -22.88 49.65
N PRO O 127 -15.26 -21.84 49.56
CA PRO O 127 -14.05 -21.77 50.36
C PRO O 127 -14.32 -21.39 51.80
N SER O 128 -13.43 -21.84 52.69
CA SER O 128 -13.32 -21.40 54.09
C SER O 128 -12.17 -20.39 54.15
N VAL O 129 -12.40 -19.22 54.75
CA VAL O 129 -11.39 -18.12 54.75
C VAL O 129 -10.88 -17.87 56.17
N PHE O 130 -9.57 -18.01 56.39
CA PHE O 130 -8.94 -17.88 57.73
C PHE O 130 -7.93 -16.76 57.69
N PRO O 131 -7.83 -15.93 58.76
CA PRO O 131 -6.87 -14.84 58.80
C PRO O 131 -5.44 -15.27 59.14
N LEU O 132 -4.45 -14.78 58.38
CA LEU O 132 -3.02 -14.90 58.71
C LEU O 132 -2.64 -13.61 59.43
N ALA O 133 -2.77 -13.63 60.75
CA ALA O 133 -2.66 -12.43 61.61
C ALA O 133 -1.19 -11.99 61.61
N PRO O 134 -0.96 -10.67 61.60
CA PRO O 134 0.40 -10.16 61.72
C PRO O 134 0.79 -10.38 63.18
N SER O 135 2.07 -10.44 63.46
CA SER O 135 2.52 -10.72 64.85
C SER O 135 2.34 -9.51 65.76
N SER O 136 1.82 -9.78 66.97
CA SER O 136 1.72 -8.84 68.12
C SER O 136 3.14 -8.56 68.62
N LYS O 137 4.05 -9.52 68.44
CA LYS O 137 5.40 -9.49 69.05
C LYS O 137 6.48 -9.49 67.97
N SER O 138 6.58 -10.58 67.21
CA SER O 138 7.61 -10.73 66.15
C SER O 138 7.02 -10.29 64.79
N THR O 139 7.43 -10.96 63.71
CA THR O 139 7.22 -10.59 62.27
C THR O 139 7.21 -9.07 62.11
N SER O 140 8.06 -8.39 62.87
CA SER O 140 8.21 -6.92 62.84
C SER O 140 9.62 -6.59 62.34
N GLY O 141 9.81 -6.62 61.03
CA GLY O 141 11.02 -6.09 60.36
C GLY O 141 10.82 -4.64 59.93
N GLY O 142 9.96 -3.90 60.66
CA GLY O 142 9.56 -2.49 60.40
C GLY O 142 8.34 -2.44 59.51
N THR O 143 8.30 -3.36 58.56
CA THR O 143 7.08 -3.77 57.85
C THR O 143 6.57 -5.07 58.47
N ALA O 144 5.26 -5.19 58.61
CA ALA O 144 4.57 -6.40 59.12
C ALA O 144 3.84 -7.08 57.97
N ALA O 145 3.62 -8.38 58.09
CA ALA O 145 2.95 -9.15 57.04
C ALA O 145 1.66 -9.69 57.61
N LEU O 146 0.58 -9.55 56.85
CA LEU O 146 -0.70 -10.20 57.17
C LEU O 146 -1.33 -10.74 55.89
N GLY O 147 -2.31 -11.64 56.03
CA GLY O 147 -2.93 -12.31 54.88
C GLY O 147 -4.20 -13.02 55.23
N CYS O 148 -4.76 -13.72 54.25
CA CYS O 148 -5.83 -14.72 54.49
C CYS O 148 -5.55 -15.98 53.67
N LEU O 149 -5.99 -17.10 54.23
CA LEU O 149 -5.80 -18.44 53.66
C LEU O 149 -7.17 -18.89 53.15
N VAL O 150 -7.30 -18.97 51.83
CA VAL O 150 -8.55 -19.40 51.16
C VAL O 150 -8.46 -20.90 51.00
N LYS O 151 -9.31 -21.66 51.67
CA LYS O 151 -9.02 -23.10 51.90
C LYS O 151 -10.21 -23.95 51.47
N ASP O 152 -9.92 -24.98 50.66
CA ASP O 152 -10.80 -26.14 50.35
C ASP O 152 -12.00 -25.65 49.56
N TYR O 153 -11.78 -25.38 48.28
CA TYR O 153 -12.87 -25.01 47.34
C TYR O 153 -12.70 -25.78 46.04
N PHE O 154 -13.79 -25.86 45.30
CA PHE O 154 -13.80 -26.46 43.95
C PHE O 154 -14.99 -25.91 43.18
N PRO O 155 -14.86 -25.63 41.87
CA PRO O 155 -13.58 -25.69 41.15
C PRO O 155 -12.83 -24.35 41.18
N GLU O 156 -11.81 -24.19 40.35
CA GLU O 156 -11.19 -22.87 40.05
C GLU O 156 -12.23 -21.99 39.36
N PRO O 157 -12.16 -20.63 39.36
CA PRO O 157 -11.25 -19.82 40.15
C PRO O 157 -11.80 -18.97 41.31
N VAL O 158 -10.87 -18.45 42.11
CA VAL O 158 -11.15 -17.53 43.24
C VAL O 158 -10.42 -16.22 42.92
N THR O 159 -11.10 -15.11 43.18
CA THR O 159 -10.54 -13.73 43.14
C THR O 159 -10.37 -13.23 44.57
N VAL O 160 -9.18 -12.78 44.87
CA VAL O 160 -8.89 -12.07 46.14
C VAL O 160 -8.55 -10.64 45.79
N SER O 161 -9.11 -9.73 46.56
CA SER O 161 -8.67 -8.32 46.63
C SER O 161 -8.47 -7.95 48.10
N TRP O 162 -7.95 -6.75 48.35
CA TRP O 162 -7.71 -6.25 49.71
C TRP O 162 -8.32 -4.87 49.81
N ASN O 163 -9.09 -4.63 50.86
CA ASN O 163 -9.71 -3.32 51.14
C ASN O 163 -10.59 -2.92 49.92
N SER O 164 -11.36 -3.88 49.37
CA SER O 164 -12.21 -3.76 48.15
C SER O 164 -11.42 -3.17 46.97
N GLY O 165 -10.13 -3.51 46.86
CA GLY O 165 -9.27 -3.19 45.71
C GLY O 165 -8.37 -2.01 45.97
N ALA O 166 -8.60 -1.26 47.05
CA ALA O 166 -7.86 -0.02 47.34
C ALA O 166 -6.39 -0.33 47.64
N LEU O 167 -6.08 -1.48 48.21
CA LEU O 167 -4.68 -1.88 48.56
C LEU O 167 -4.16 -2.88 47.51
N THR O 168 -3.14 -2.48 46.75
CA THR O 168 -2.52 -3.35 45.70
C THR O 168 -1.03 -3.50 45.95
N SER O 169 -0.37 -2.50 46.52
CA SER O 169 1.10 -2.52 46.71
C SER O 169 1.45 -3.53 47.81
N GLY O 170 2.36 -4.43 47.46
CA GLY O 170 2.95 -5.44 48.37
C GLY O 170 2.03 -6.62 48.59
N VAL O 171 0.96 -6.72 47.79
CA VAL O 171 0.02 -7.87 47.79
C VAL O 171 0.64 -9.01 46.96
N HIS O 172 0.65 -10.22 47.51
CA HIS O 172 0.93 -11.48 46.76
C HIS O 172 -0.26 -12.43 46.97
N THR O 173 -1.08 -12.64 45.95
CA THR O 173 -2.11 -13.71 45.93
C THR O 173 -1.54 -14.92 45.21
N PHE O 174 -1.44 -16.05 45.89
CA PHE O 174 -0.63 -17.21 45.41
C PHE O 174 -1.44 -18.04 44.43
N PRO O 175 -0.77 -18.63 43.41
CA PRO O 175 -1.41 -19.64 42.57
C PRO O 175 -1.98 -20.76 43.44
N ALA O 176 -3.23 -21.15 43.18
CA ALA O 176 -4.00 -22.20 43.88
C ALA O 176 -3.27 -23.55 43.77
N VAL O 177 -3.21 -24.29 44.87
CA VAL O 177 -2.61 -25.65 44.92
C VAL O 177 -3.74 -26.65 45.05
N LEU O 178 -3.68 -27.72 44.26
CA LEU O 178 -4.64 -28.84 44.37
C LEU O 178 -4.13 -29.78 45.47
N GLN O 179 -4.97 -30.04 46.46
CA GLN O 179 -4.63 -30.92 47.59
C GLN O 179 -5.01 -32.35 47.17
N SER O 180 -4.45 -33.33 47.89
CA SER O 180 -4.79 -34.76 47.83
C SER O 180 -6.31 -34.98 47.93
N SER O 181 -7.02 -34.09 48.64
CA SER O 181 -8.49 -34.15 48.84
C SER O 181 -9.21 -33.88 47.51
N GLY O 182 -8.49 -33.35 46.51
CA GLY O 182 -9.09 -32.94 45.23
C GLY O 182 -9.72 -31.55 45.31
N LEU O 183 -9.53 -30.82 46.41
CA LEU O 183 -9.97 -29.41 46.56
C LEU O 183 -8.74 -28.50 46.44
N TYR O 184 -8.99 -27.23 46.09
CA TYR O 184 -7.95 -26.18 45.99
C TYR O 184 -7.83 -25.43 47.32
N SER O 185 -6.67 -24.82 47.54
CA SER O 185 -6.49 -23.75 48.56
C SER O 185 -5.31 -22.85 48.18
N LEU O 186 -5.51 -21.53 48.23
CA LEU O 186 -4.43 -20.56 47.96
C LEU O 186 -4.34 -19.58 49.15
N SER O 187 -3.27 -18.79 49.17
CA SER O 187 -3.02 -17.81 50.25
C SER O 187 -2.82 -16.45 49.62
N SER O 188 -3.28 -15.39 50.27
CA SER O 188 -3.06 -13.99 49.84
C SER O 188 -2.42 -13.24 50.99
N VAL O 189 -1.26 -12.64 50.77
CA VAL O 189 -0.57 -11.88 51.84
C VAL O 189 -0.36 -10.44 51.38
N VAL O 190 -0.22 -9.55 52.34
CA VAL O 190 0.21 -8.18 52.04
C VAL O 190 1.11 -7.66 53.15
N THR O 191 2.13 -6.90 52.77
CA THR O 191 3.06 -6.27 53.73
C THR O 191 2.62 -4.82 53.93
N VAL O 192 2.62 -4.39 55.18
CA VAL O 192 2.16 -3.05 55.62
C VAL O 192 3.16 -2.54 56.65
N PRO O 193 3.20 -1.23 56.91
CA PRO O 193 4.07 -0.74 57.96
C PRO O 193 3.56 -1.24 59.31
N SER O 194 4.49 -1.66 60.15
CA SER O 194 4.21 -2.14 61.51
C SER O 194 3.33 -1.12 62.24
N SER O 195 3.53 0.17 61.99
CA SER O 195 2.96 1.29 62.77
C SER O 195 1.51 1.55 62.38
N SER O 196 1.05 1.09 61.22
CA SER O 196 -0.35 1.32 60.80
C SER O 196 -1.26 0.29 61.47
N LEU O 197 -0.72 -0.71 62.17
CA LEU O 197 -1.48 -1.94 62.45
C LEU O 197 -2.67 -1.66 63.38
N GLY O 198 -2.53 -0.74 64.35
CA GLY O 198 -3.57 -0.48 65.36
C GLY O 198 -4.67 0.39 64.78
N THR O 199 -4.28 1.15 63.77
CA THR O 199 -5.05 2.29 63.25
C THR O 199 -5.87 1.83 62.05
N GLN O 200 -5.24 1.08 61.14
CA GLN O 200 -5.72 0.86 59.76
C GLN O 200 -6.50 -0.44 59.77
N THR O 201 -7.71 -0.43 59.19
CA THR O 201 -8.53 -1.65 58.93
C THR O 201 -7.96 -2.37 57.69
N TYR O 202 -7.76 -3.68 57.78
CA TYR O 202 -7.29 -4.49 56.62
C TYR O 202 -8.26 -5.66 56.43
N ILE O 203 -8.85 -5.74 55.25
CA ILE O 203 -9.93 -6.71 54.91
C ILE O 203 -9.61 -7.43 53.60
N CYS O 204 -9.72 -8.74 53.57
CA CYS O 204 -9.52 -9.40 52.27
C CYS O 204 -10.88 -9.84 51.76
N ASN O 205 -11.11 -9.56 50.49
CA ASN O 205 -12.35 -9.88 49.78
C ASN O 205 -12.09 -11.11 48.97
N VAL O 206 -12.77 -12.19 49.31
CA VAL O 206 -12.70 -13.45 48.53
C VAL O 206 -13.99 -13.58 47.71
N ASN O 207 -13.84 -13.91 46.43
CA ASN O 207 -14.96 -14.18 45.51
C ASN O 207 -14.77 -15.54 44.82
N HIS O 208 -15.69 -16.47 45.02
CA HIS O 208 -15.71 -17.79 44.34
C HIS O 208 -17.05 -17.90 43.62
N LYS O 209 -17.13 -17.38 42.39
CA LYS O 209 -18.44 -17.21 41.68
C LYS O 209 -19.04 -18.56 41.34
N PRO O 210 -18.26 -19.64 41.07
CA PRO O 210 -18.84 -20.97 40.90
C PRO O 210 -19.79 -21.41 42.03
N SER O 211 -19.52 -21.04 43.30
CA SER O 211 -20.36 -21.42 44.45
C SER O 211 -21.15 -20.19 44.94
N ASN O 212 -21.07 -19.08 44.20
CA ASN O 212 -21.71 -17.79 44.54
C ASN O 212 -21.24 -17.35 45.94
N THR O 213 -19.97 -17.56 46.28
CA THR O 213 -19.47 -17.28 47.64
C THR O 213 -18.68 -15.96 47.61
N LYS O 214 -19.13 -14.97 48.36
CA LYS O 214 -18.28 -13.81 48.71
C LYS O 214 -18.06 -13.81 50.21
N VAL O 215 -16.80 -13.66 50.63
CA VAL O 215 -16.42 -13.53 52.06
C VAL O 215 -15.55 -12.30 52.20
N ASP O 216 -15.86 -11.46 53.18
CA ASP O 216 -14.94 -10.39 53.62
C ASP O 216 -14.36 -10.80 54.98
N LYS O 217 -13.04 -10.95 55.04
CA LYS O 217 -12.37 -11.37 56.28
C LYS O 217 -11.51 -10.22 56.79
N LYS O 218 -11.82 -9.73 57.97
CA LYS O 218 -11.00 -8.68 58.62
C LYS O 218 -9.82 -9.39 59.29
N VAL O 219 -8.60 -8.88 59.06
CA VAL O 219 -7.36 -9.53 59.57
C VAL O 219 -6.75 -8.63 60.62
N GLU O 220 -6.58 -9.17 61.82
CA GLU O 220 -6.31 -8.39 63.03
C GLU O 220 -5.19 -9.06 63.83
N PRO O 221 -4.22 -8.28 64.37
CA PRO O 221 -3.28 -8.81 65.34
C PRO O 221 -4.04 -9.43 66.54
N LYS O 222 -3.57 -10.54 67.08
CA LYS O 222 -4.27 -11.15 68.26
C LYS O 222 -3.58 -10.74 69.57
N SER O 223 -4.25 -10.99 70.71
CA SER O 223 -3.75 -10.66 72.08
C SER O 223 -3.58 -11.94 72.90
N ASP P 1 -2.19 -31.03 9.01
CA ASP P 1 -1.98 -30.46 10.38
C ASP P 1 -0.47 -30.36 10.64
N ILE P 2 0.03 -29.12 10.61
CA ILE P 2 1.46 -28.74 10.70
C ILE P 2 1.79 -28.53 12.18
N GLN P 3 2.96 -29.00 12.63
CA GLN P 3 3.42 -28.71 14.02
C GLN P 3 4.41 -27.57 13.98
N MET P 4 4.30 -26.71 14.99
CA MET P 4 5.30 -25.66 15.22
C MET P 4 6.07 -26.04 16.48
N THR P 5 7.35 -26.36 16.29
CA THR P 5 8.30 -26.70 17.38
C THR P 5 9.00 -25.42 17.80
N GLN P 6 8.84 -25.04 19.04
CA GLN P 6 9.42 -23.78 19.52
C GLN P 6 10.62 -24.07 20.38
N SER P 7 11.72 -23.36 20.22
CA SER P 7 12.95 -23.59 21.02
C SER P 7 13.68 -22.27 21.31
N PRO P 8 14.25 -22.11 22.52
CA PRO P 8 14.14 -23.12 23.56
C PRO P 8 12.78 -23.02 24.26
N SER P 9 12.46 -24.02 25.07
CA SER P 9 11.18 -24.11 25.81
C SER P 9 11.11 -23.02 26.90
N SER P 10 12.27 -22.63 27.44
CA SER P 10 12.37 -21.55 28.43
C SER P 10 13.76 -20.94 28.37
N LEU P 11 13.86 -19.66 28.66
CA LEU P 11 15.16 -19.00 28.80
C LEU P 11 15.06 -17.88 29.83
N SER P 12 16.19 -17.48 30.39
CA SER P 12 16.25 -16.27 31.24
C SER P 12 17.41 -15.40 30.76
N ALA P 13 17.16 -14.11 30.69
CA ALA P 13 18.16 -13.11 30.25
C ALA P 13 18.01 -11.87 31.12
N SER P 14 19.10 -11.14 31.27
CA SER P 14 19.11 -9.95 32.14
C SER P 14 18.37 -8.84 31.42
N VAL P 15 17.86 -7.88 32.19
CA VAL P 15 17.21 -6.68 31.58
C VAL P 15 18.25 -6.02 30.68
N GLY P 16 17.86 -5.73 29.44
CA GLY P 16 18.69 -5.00 28.47
C GLY P 16 19.36 -5.92 27.47
N ASP P 17 19.30 -7.24 27.71
CA ASP P 17 19.90 -8.26 26.81
C ASP P 17 19.04 -8.45 25.55
N ARG P 18 19.69 -8.82 24.45
CA ARG P 18 19.04 -9.17 23.16
C ARG P 18 18.61 -10.65 23.19
N VAL P 19 17.33 -10.96 23.00
CA VAL P 19 16.77 -12.33 23.21
C VAL P 19 16.21 -12.83 21.89
N THR P 20 16.53 -14.07 21.47
CA THR P 20 16.00 -14.72 20.22
C THR P 20 15.29 -16.05 20.56
N ILE P 21 14.00 -16.10 20.25
CA ILE P 21 13.17 -17.33 20.32
C ILE P 21 13.09 -17.82 18.89
N THR P 22 13.24 -19.11 18.67
CA THR P 22 13.13 -19.67 17.31
C THR P 22 11.97 -20.68 17.27
N CYS P 23 11.40 -20.82 16.08
CA CYS P 23 10.19 -21.62 15.83
C CYS P 23 10.36 -22.29 14.47
N ARG P 24 10.27 -23.61 14.49
CA ARG P 24 10.59 -24.55 13.40
C ARG P 24 9.29 -25.17 12.89
N ALA P 25 9.02 -25.08 11.60
CA ALA P 25 7.79 -25.67 11.02
C ALA P 25 8.13 -27.07 10.48
N SER P 26 7.19 -28.01 10.63
CA SER P 26 7.29 -29.39 10.12
C SER P 26 7.26 -29.43 8.58
N GLN P 27 6.64 -28.43 7.94
CA GLN P 27 6.59 -28.31 6.45
C GLN P 27 6.81 -26.84 6.05
N ASP P 28 6.85 -26.58 4.74
CA ASP P 28 6.72 -25.20 4.21
C ASP P 28 5.45 -24.57 4.78
N VAL P 29 5.61 -23.50 5.54
CA VAL P 29 4.45 -22.72 6.02
C VAL P 29 4.48 -21.38 5.27
N ASN P 30 5.08 -21.34 4.08
CA ASN P 30 5.37 -20.09 3.32
C ASN P 30 5.91 -19.06 4.33
N THR P 31 5.22 -17.92 4.54
CA THR P 31 5.64 -16.89 5.52
C THR P 31 4.50 -16.65 6.54
N ALA P 32 3.40 -17.39 6.46
CA ALA P 32 2.19 -17.13 7.28
C ALA P 32 2.48 -17.43 8.73
N VAL P 33 3.36 -16.66 9.37
CA VAL P 33 3.76 -16.96 10.78
C VAL P 33 3.46 -15.72 11.63
N ALA P 34 2.79 -15.90 12.78
CA ALA P 34 2.48 -14.81 13.73
C ALA P 34 3.14 -15.15 15.07
N TRP P 35 3.46 -14.12 15.86
CA TRP P 35 4.03 -14.30 17.22
C TRP P 35 3.12 -13.63 18.24
N TYR P 36 2.74 -14.34 19.30
CA TYR P 36 1.86 -13.82 20.37
C TYR P 36 2.58 -13.80 21.71
N GLN P 37 2.20 -12.86 22.57
CA GLN P 37 2.75 -12.71 23.93
C GLN P 37 1.63 -12.97 24.90
N GLN P 38 1.83 -13.92 25.78
CA GLN P 38 0.80 -14.26 26.77
C GLN P 38 1.42 -14.11 28.15
N LYS P 39 0.84 -13.21 28.94
CA LYS P 39 1.22 -13.11 30.35
C LYS P 39 0.35 -14.08 31.12
N PRO P 40 0.92 -14.79 32.12
CA PRO P 40 0.23 -15.92 32.75
C PRO P 40 -1.24 -15.60 33.08
N GLY P 41 -2.16 -16.42 32.58
CA GLY P 41 -3.61 -16.26 32.85
C GLY P 41 -4.22 -14.98 32.28
N LYS P 42 -3.52 -14.33 31.36
CA LYS P 42 -4.05 -13.22 30.54
C LYS P 42 -4.24 -13.70 29.10
N ALA P 43 -5.09 -12.98 28.36
CA ALA P 43 -5.31 -13.19 26.92
C ALA P 43 -4.03 -12.89 26.16
N PRO P 44 -3.64 -13.72 25.18
CA PRO P 44 -2.46 -13.45 24.36
C PRO P 44 -2.64 -12.12 23.62
N LYS P 45 -1.53 -11.44 23.30
CA LYS P 45 -1.56 -10.23 22.47
C LYS P 45 -0.71 -10.51 21.25
N LEU P 46 -1.17 -10.05 20.09
CA LEU P 46 -0.47 -10.23 18.78
C LEU P 46 0.75 -9.33 18.72
N LEU P 47 1.91 -9.89 18.40
CA LEU P 47 3.17 -9.10 18.31
C LEU P 47 3.55 -8.92 16.83
N ILE P 48 3.68 -10.03 16.14
CA ILE P 48 4.19 -10.02 14.74
C ILE P 48 3.25 -10.85 13.90
N TYR P 49 2.87 -10.35 12.75
CA TYR P 49 2.12 -11.10 11.71
C TYR P 49 2.95 -11.11 10.42
N SER P 50 2.75 -12.10 9.55
CA SER P 50 3.53 -12.30 8.31
C SER P 50 5.06 -12.31 8.56
N ALA P 51 5.50 -12.99 9.63
CA ALA P 51 6.88 -13.43 9.96
C ALA P 51 7.74 -12.27 10.40
N TYR P 52 7.52 -11.11 9.78
CA TYR P 52 8.45 -9.95 9.78
C TYR P 52 7.77 -8.69 10.27
N PHE P 53 6.44 -8.59 10.20
CA PHE P 53 5.71 -7.30 10.33
C PHE P 53 5.31 -7.06 11.78
N LEU P 54 5.69 -5.89 12.31
CA LEU P 54 5.38 -5.45 13.70
C LEU P 54 3.94 -4.93 13.75
N TYR P 55 3.10 -5.57 14.54
CA TYR P 55 1.70 -5.14 14.69
C TYR P 55 1.74 -3.76 15.35
N SER P 56 0.76 -2.90 15.07
CA SER P 56 0.75 -1.52 15.62
C SER P 56 0.50 -1.62 17.13
N GLY P 57 1.26 -0.86 17.93
CA GLY P 57 1.11 -0.78 19.39
C GLY P 57 2.02 -1.78 20.08
N VAL P 58 2.92 -2.35 19.32
CA VAL P 58 3.95 -3.25 19.88
C VAL P 58 5.26 -2.46 19.94
N PRO P 59 5.96 -2.44 21.10
CA PRO P 59 7.27 -1.79 21.20
C PRO P 59 8.21 -2.23 20.07
N SER P 60 9.04 -1.32 19.57
CA SER P 60 9.95 -1.59 18.43
C SER P 60 11.08 -2.53 18.87
N ARG P 61 11.18 -2.81 20.16
CA ARG P 61 12.23 -3.73 20.66
C ARG P 61 11.84 -5.15 20.28
N PHE P 62 10.63 -5.36 19.76
CA PHE P 62 10.19 -6.67 19.19
C PHE P 62 10.35 -6.71 17.68
N SER P 63 11.05 -7.72 17.16
CA SER P 63 11.23 -7.89 15.70
C SER P 63 11.07 -9.36 15.37
N GLY P 64 10.76 -9.64 14.11
CA GLY P 64 10.54 -11.01 13.61
C GLY P 64 11.27 -11.23 12.31
N SER P 65 11.98 -12.32 12.20
CA SER P 65 12.74 -12.62 10.98
C SER P 65 12.56 -14.09 10.67
N ARG P 66 13.01 -14.49 9.50
CA ARG P 66 13.01 -15.90 9.12
C ARG P 66 14.49 -16.25 8.99
N SER P 67 14.85 -17.50 9.25
CA SER P 67 16.24 -17.98 9.09
C SER P 67 16.23 -19.39 8.50
N GLY P 68 16.29 -19.50 7.18
CA GLY P 68 15.83 -20.70 6.46
C GLY P 68 14.40 -21.09 6.83
N THR P 69 14.29 -22.14 7.60
CA THR P 69 13.03 -22.91 7.81
C THR P 69 12.55 -22.57 9.23
N ASP P 70 13.35 -21.69 9.86
CA ASP P 70 13.23 -21.32 11.28
C ASP P 70 12.71 -19.90 11.28
N PHE P 71 11.79 -19.59 12.16
CA PHE P 71 11.33 -18.20 12.34
C PHE P 71 11.85 -17.75 13.69
N THR P 72 12.35 -16.51 13.74
CA THR P 72 12.98 -15.94 14.94
C THR P 72 12.17 -14.74 15.43
N LEU P 73 11.78 -14.78 16.71
CA LEU P 73 11.35 -13.59 17.46
C LEU P 73 12.57 -13.02 18.21
N THR P 74 12.84 -11.72 18.10
CA THR P 74 13.96 -11.03 18.80
C THR P 74 13.41 -9.88 19.65
N ILE P 75 13.75 -9.87 20.93
CA ILE P 75 13.49 -8.70 21.80
C ILE P 75 14.85 -8.06 22.00
N SER P 76 15.08 -6.89 21.35
CA SER P 76 16.43 -6.27 21.20
C SER P 76 16.95 -5.77 22.55
N SER P 77 16.06 -5.33 23.44
CA SER P 77 16.39 -4.76 24.78
C SER P 77 15.38 -5.24 25.83
N LEU P 78 15.62 -6.41 26.41
CA LEU P 78 14.68 -7.10 27.32
C LEU P 78 14.29 -6.18 28.48
N GLN P 79 12.99 -6.05 28.74
CA GLN P 79 12.45 -5.22 29.83
C GLN P 79 11.77 -6.13 30.86
N PRO P 80 11.68 -5.70 32.14
CA PRO P 80 11.13 -6.54 33.21
C PRO P 80 9.71 -7.08 32.95
N GLU P 81 8.91 -6.23 32.32
CA GLU P 81 7.51 -6.53 31.95
C GLU P 81 7.46 -7.54 30.81
N ASP P 82 8.59 -7.86 30.18
CA ASP P 82 8.61 -8.76 28.99
C ASP P 82 8.63 -10.21 29.47
N PHE P 83 8.61 -10.44 30.79
CA PHE P 83 8.40 -11.81 31.32
C PHE P 83 7.03 -12.26 30.81
N ALA P 84 7.01 -13.34 30.02
CA ALA P 84 5.79 -13.92 29.42
C ALA P 84 6.08 -15.29 28.82
N THR P 85 5.05 -15.98 28.34
CA THR P 85 5.19 -17.12 27.43
C THR P 85 4.90 -16.62 26.02
N TYR P 86 5.78 -16.92 25.08
CA TYR P 86 5.65 -16.40 23.70
C TYR P 86 5.30 -17.57 22.80
N TYR P 87 4.36 -17.39 21.88
CA TYR P 87 3.85 -18.47 21.00
C TYR P 87 4.03 -18.05 19.54
N CYS P 88 4.55 -18.92 18.67
CA CYS P 88 4.46 -18.76 17.20
C CYS P 88 3.23 -19.53 16.69
N GLN P 89 2.79 -19.17 15.50
CA GLN P 89 1.53 -19.69 14.93
C GLN P 89 1.62 -19.62 13.40
N GLN P 90 1.20 -20.66 12.72
CA GLN P 90 1.14 -20.67 11.24
C GLN P 90 -0.28 -20.29 10.82
N TYR P 91 -0.49 -19.14 10.20
CA TYR P 91 -1.87 -18.64 9.98
C TYR P 91 -2.26 -18.95 8.54
N SER P 92 -3.43 -19.56 8.45
CA SER P 92 -4.20 -19.69 7.20
C SER P 92 -5.65 -19.34 7.53
N ARG P 93 -6.29 -18.52 6.69
CA ARG P 93 -7.71 -18.15 6.85
C ARG P 93 -8.57 -19.38 6.57
N TYR P 94 -8.23 -20.11 5.51
CA TYR P 94 -9.04 -21.22 4.96
C TYR P 94 -8.27 -22.52 5.17
N SER P 95 -8.29 -23.02 6.42
CA SER P 95 -7.77 -24.30 6.96
C SER P 95 -7.33 -24.07 8.42
N PRO P 96 -6.68 -25.06 9.09
CA PRO P 96 -6.40 -24.94 10.52
C PRO P 96 -5.06 -24.29 10.91
N VAL P 97 -5.14 -23.25 11.73
CA VAL P 97 -3.93 -22.66 12.36
C VAL P 97 -3.48 -23.59 13.47
N THR P 98 -2.19 -23.60 13.77
CA THR P 98 -1.59 -24.38 14.88
C THR P 98 -0.55 -23.49 15.61
N PHE P 99 -0.38 -23.71 16.90
CA PHE P 99 0.58 -22.92 17.73
C PHE P 99 1.79 -23.75 18.14
N GLY P 100 2.82 -23.01 18.54
CA GLY P 100 4.05 -23.55 19.14
C GLY P 100 3.77 -24.03 20.56
N GLN P 101 4.69 -24.80 21.13
CA GLN P 101 4.57 -25.34 22.49
C GLN P 101 4.73 -24.18 23.49
N GLY P 102 5.31 -23.06 23.02
CA GLY P 102 5.53 -21.85 23.84
C GLY P 102 6.96 -21.74 24.35
N THR P 103 7.38 -20.52 24.67
CA THR P 103 8.69 -20.25 25.31
C THR P 103 8.44 -19.35 26.52
N LYS P 104 8.79 -19.83 27.72
CA LYS P 104 8.64 -19.03 28.96
C LYS P 104 9.89 -18.16 29.10
N VAL P 105 9.74 -16.85 29.18
CA VAL P 105 10.92 -15.93 29.31
C VAL P 105 10.98 -15.44 30.77
N GLU P 106 12.07 -15.73 31.46
CA GLU P 106 12.31 -15.24 32.84
C GLU P 106 13.41 -14.18 32.78
N ILE P 107 13.18 -12.98 33.34
CA ILE P 107 14.24 -11.94 33.52
C ILE P 107 15.14 -12.42 34.66
N LYS P 108 16.44 -12.35 34.49
CA LYS P 108 17.38 -12.71 35.57
C LYS P 108 17.98 -11.43 36.11
N ARG P 109 17.85 -11.15 37.40
CA ARG P 109 18.35 -9.91 38.02
C ARG P 109 19.38 -10.23 39.12
N THR P 110 19.74 -9.22 39.92
CA THR P 110 20.66 -9.35 41.08
C THR P 110 19.99 -10.16 42.20
N VAL P 111 20.80 -10.80 43.02
CA VAL P 111 20.29 -11.70 44.09
C VAL P 111 19.60 -10.81 45.13
N ALA P 112 18.45 -11.23 45.63
CA ALA P 112 17.71 -10.61 46.77
C ALA P 112 17.28 -11.72 47.72
N ALA P 113 17.63 -11.64 48.99
CA ALA P 113 17.22 -12.65 49.99
C ALA P 113 15.74 -12.43 50.30
N PRO P 114 15.01 -13.50 50.67
CA PRO P 114 13.62 -13.35 51.06
C PRO P 114 13.47 -12.73 52.47
N SER P 115 12.35 -12.05 52.69
CA SER P 115 11.85 -11.72 54.05
C SER P 115 10.98 -12.88 54.49
N VAL P 116 11.38 -13.56 55.56
CA VAL P 116 10.63 -14.77 55.99
C VAL P 116 9.65 -14.36 57.08
N PHE P 117 8.45 -14.95 57.05
CA PHE P 117 7.41 -14.80 58.09
C PHE P 117 6.76 -16.16 58.32
N ILE P 118 6.26 -16.33 59.55
CA ILE P 118 5.49 -17.55 59.95
C ILE P 118 4.17 -17.10 60.56
N PHE P 119 3.11 -17.82 60.22
CA PHE P 119 1.73 -17.57 60.70
C PHE P 119 1.22 -18.83 61.36
N PRO P 120 0.88 -18.78 62.66
CA PRO P 120 0.28 -19.91 63.35
C PRO P 120 -1.16 -20.01 62.87
N PRO P 121 -1.79 -21.20 62.95
CA PRO P 121 -3.20 -21.33 62.58
C PRO P 121 -4.13 -20.45 63.45
N SER P 122 -5.19 -19.98 62.81
CA SER P 122 -6.23 -19.13 63.42
C SER P 122 -7.04 -19.99 64.36
N ASP P 123 -7.55 -19.40 65.43
CA ASP P 123 -8.57 -20.05 66.30
C ASP P 123 -9.73 -20.52 65.40
N GLU P 124 -10.18 -19.67 64.48
CA GLU P 124 -11.30 -19.92 63.52
C GLU P 124 -11.14 -21.30 62.91
N GLN P 125 -9.95 -21.57 62.39
CA GLN P 125 -9.69 -22.83 61.67
C GLN P 125 -9.50 -23.94 62.69
N LEU P 126 -8.86 -23.70 63.82
CA LEU P 126 -8.58 -24.78 64.80
C LEU P 126 -9.90 -25.36 65.28
N LYS P 127 -10.95 -24.56 65.41
CA LYS P 127 -12.23 -25.13 65.91
C LYS P 127 -12.91 -25.92 64.79
N SER P 128 -12.45 -25.81 63.54
CA SER P 128 -12.95 -26.65 62.43
C SER P 128 -12.15 -27.96 62.33
N GLY P 129 -11.11 -28.15 63.15
CA GLY P 129 -10.47 -29.46 63.38
C GLY P 129 -9.17 -29.64 62.66
N THR P 130 -8.63 -28.56 62.09
CA THR P 130 -7.41 -28.62 61.26
C THR P 130 -6.56 -27.41 61.56
N ALA P 131 -5.26 -27.57 61.40
CA ALA P 131 -4.28 -26.50 61.59
C ALA P 131 -3.44 -26.36 60.32
N SER P 132 -3.52 -25.22 59.65
CA SER P 132 -2.55 -24.84 58.62
C SER P 132 -1.53 -23.84 59.20
N VAL P 133 -0.27 -24.22 59.19
CA VAL P 133 0.88 -23.33 59.54
C VAL P 133 1.46 -22.82 58.25
N VAL P 134 1.64 -21.52 58.08
CA VAL P 134 2.11 -20.96 56.78
C VAL P 134 3.46 -20.29 56.98
N CYS P 135 4.37 -20.50 56.03
CA CYS P 135 5.72 -19.86 55.99
C CYS P 135 5.80 -19.09 54.69
N LEU P 136 6.19 -17.82 54.75
CA LEU P 136 6.16 -16.96 53.55
C LEU P 136 7.55 -16.40 53.32
N LEU P 137 8.04 -16.54 52.09
CA LEU P 137 9.33 -16.01 51.62
C LEU P 137 9.07 -14.84 50.69
N ASN P 138 9.41 -13.60 51.07
CA ASN P 138 8.85 -12.41 50.36
C ASN P 138 9.94 -11.69 49.55
N ASN P 139 9.65 -11.47 48.26
CA ASN P 139 10.48 -10.72 47.27
C ASN P 139 11.93 -11.20 47.30
N PHE P 140 12.20 -12.34 46.67
CA PHE P 140 13.58 -12.87 46.54
C PHE P 140 13.83 -13.10 45.06
N TYR P 141 15.08 -13.08 44.60
CA TYR P 141 15.28 -13.21 43.14
C TYR P 141 15.42 -14.66 42.75
N PRO P 142 16.43 -15.41 43.19
CA PRO P 142 16.59 -16.78 42.68
C PRO P 142 15.33 -17.58 43.04
N ARG P 143 14.74 -18.28 42.06
CA ARG P 143 13.48 -19.06 42.21
C ARG P 143 13.77 -20.19 43.20
N GLU P 144 14.99 -20.71 43.16
CA GLU P 144 15.45 -21.87 43.97
C GLU P 144 15.54 -21.41 45.44
N ALA P 145 14.84 -22.12 46.32
CA ALA P 145 14.73 -21.85 47.76
C ALA P 145 14.38 -23.17 48.44
N LYS P 146 14.91 -23.42 49.64
CA LYS P 146 14.61 -24.66 50.41
C LYS P 146 13.85 -24.30 51.68
N VAL P 147 12.63 -24.78 51.81
CA VAL P 147 11.84 -24.62 53.05
C VAL P 147 11.72 -26.01 53.68
N GLN P 148 12.23 -26.16 54.87
CA GLN P 148 11.97 -27.38 55.68
C GLN P 148 11.15 -27.02 56.92
N TRP P 149 10.24 -27.90 57.32
CA TRP P 149 9.41 -27.75 58.55
C TRP P 149 10.03 -28.58 59.67
N LYS P 150 10.18 -27.98 60.84
CA LYS P 150 10.67 -28.69 62.04
C LYS P 150 9.65 -28.51 63.14
N VAL P 151 9.05 -29.61 63.57
CA VAL P 151 8.05 -29.61 64.67
C VAL P 151 8.75 -30.20 65.91
N ASP P 152 9.06 -29.33 66.86
CA ASP P 152 9.79 -29.77 68.07
C ASP P 152 11.16 -30.24 67.57
N ASN P 153 11.68 -29.56 66.54
CA ASN P 153 13.06 -29.72 66.01
C ASN P 153 13.20 -31.05 65.23
N ALA P 154 12.09 -31.75 64.98
CA ALA P 154 12.06 -32.99 64.18
C ALA P 154 11.69 -32.64 62.74
N LEU P 155 12.54 -33.00 61.78
CA LEU P 155 12.30 -32.59 60.38
C LEU P 155 11.04 -33.29 59.86
N GLN P 156 10.18 -32.57 59.13
CA GLN P 156 8.88 -33.09 58.63
C GLN P 156 8.99 -33.42 57.15
N SER P 157 8.14 -34.33 56.69
CA SER P 157 7.99 -34.69 55.25
C SER P 157 6.53 -34.97 54.98
N GLY P 158 6.00 -34.37 53.90
CA GLY P 158 4.77 -34.81 53.19
C GLY P 158 3.51 -34.37 53.87
N ASN P 159 3.59 -33.41 54.78
CA ASN P 159 2.40 -32.71 55.32
C ASN P 159 2.55 -31.24 54.93
N SER P 160 3.38 -30.94 53.94
CA SER P 160 3.58 -29.55 53.46
C SER P 160 3.45 -29.46 51.93
N GLN P 161 3.04 -28.28 51.44
CA GLN P 161 2.91 -27.90 50.01
C GLN P 161 3.34 -26.45 49.84
N GLU P 162 3.94 -26.10 48.70
CA GLU P 162 4.36 -24.70 48.38
C GLU P 162 3.65 -24.18 47.14
N SER P 163 3.63 -22.86 46.97
CA SER P 163 3.20 -22.21 45.71
C SER P 163 4.04 -20.94 45.55
N VAL P 164 4.43 -20.68 44.32
CA VAL P 164 5.46 -19.64 44.02
C VAL P 164 4.77 -18.65 43.12
N THR P 165 4.95 -17.37 43.40
CA THR P 165 4.26 -16.34 42.61
C THR P 165 4.88 -16.35 41.21
N GLU P 166 4.18 -15.75 40.27
CA GLU P 166 4.73 -15.36 38.94
C GLU P 166 5.73 -14.22 39.13
N GLN P 167 6.80 -14.19 38.35
CA GLN P 167 7.84 -13.17 38.51
C GLN P 167 7.23 -11.77 38.40
N ASP P 168 7.65 -10.84 39.26
CA ASP P 168 7.06 -9.47 39.30
C ASP P 168 7.40 -8.72 38.00
N SER P 169 6.39 -8.10 37.38
CA SER P 169 6.57 -7.33 36.12
C SER P 169 7.40 -6.07 36.38
N LYS P 170 7.70 -5.72 37.63
CA LYS P 170 8.50 -4.51 37.93
C LYS P 170 9.87 -4.89 38.46
N ASP P 171 9.94 -5.65 39.55
CA ASP P 171 11.23 -5.84 40.27
C ASP P 171 11.83 -7.20 39.90
N SER P 172 11.06 -8.05 39.21
CA SER P 172 11.49 -9.37 38.70
C SER P 172 11.84 -10.31 39.87
N THR P 173 11.09 -10.22 40.99
CA THR P 173 11.30 -11.12 42.16
C THR P 173 10.12 -12.05 42.37
N TYR P 174 10.35 -13.04 43.21
CA TYR P 174 9.34 -14.06 43.54
C TYR P 174 9.02 -13.91 45.01
N SER P 175 7.87 -14.48 45.34
CA SER P 175 7.39 -14.70 46.71
C SER P 175 6.89 -16.15 46.76
N LEU P 176 7.13 -16.83 47.86
CA LEU P 176 6.78 -18.27 47.99
C LEU P 176 5.97 -18.45 49.27
N SER P 177 5.04 -19.38 49.23
CA SER P 177 4.21 -19.74 50.39
C SER P 177 4.31 -21.26 50.60
N SER P 178 4.80 -21.67 51.77
CA SER P 178 4.80 -23.08 52.21
C SER P 178 3.79 -23.27 53.34
N THR P 179 2.84 -24.20 53.20
CA THR P 179 1.80 -24.50 54.20
C THR P 179 2.11 -25.86 54.85
N LEU P 180 1.99 -25.95 56.17
CA LEU P 180 2.08 -27.23 56.90
C LEU P 180 0.68 -27.50 57.48
N THR P 181 0.03 -28.53 56.98
CA THR P 181 -1.30 -28.95 57.46
C THR P 181 -1.18 -30.12 58.45
N LEU P 182 -1.90 -30.01 59.54
CA LEU P 182 -1.97 -31.01 60.62
C LEU P 182 -3.40 -31.08 61.09
N SER P 183 -3.77 -32.19 61.72
CA SER P 183 -5.04 -32.27 62.46
C SER P 183 -4.91 -31.45 63.76
N LYS P 184 -6.00 -30.86 64.24
CA LYS P 184 -6.01 -30.14 65.53
C LYS P 184 -5.37 -31.04 66.58
N ALA P 185 -5.73 -32.32 66.56
CA ALA P 185 -5.25 -33.36 67.49
C ALA P 185 -3.71 -33.45 67.44
N ASP P 186 -3.14 -33.65 66.25
CA ASP P 186 -1.67 -33.79 66.06
C ASP P 186 -1.00 -32.48 66.38
N TYR P 187 -1.68 -31.37 66.18
CA TYR P 187 -1.08 -30.03 66.36
C TYR P 187 -0.92 -29.77 67.85
N GLU P 188 -1.92 -30.15 68.64
CA GLU P 188 -1.96 -30.05 70.13
C GLU P 188 -0.85 -30.91 70.77
N LYS P 189 -0.16 -31.75 70.01
CA LYS P 189 0.81 -32.71 70.61
C LYS P 189 2.23 -32.18 70.56
N HIS P 190 2.45 -30.97 70.06
CA HIS P 190 3.80 -30.38 69.94
C HIS P 190 3.81 -28.91 70.38
N LYS P 191 4.98 -28.40 70.79
CA LYS P 191 5.11 -27.00 71.28
C LYS P 191 5.69 -26.09 70.19
N VAL P 192 6.88 -26.41 69.69
CA VAL P 192 7.57 -25.41 68.83
C VAL P 192 7.42 -25.79 67.35
N TYR P 193 6.95 -24.83 66.55
CA TYR P 193 6.78 -24.99 65.09
C TYR P 193 7.68 -24.03 64.35
N ALA P 194 8.48 -24.53 63.39
CA ALA P 194 9.52 -23.73 62.72
C ALA P 194 9.63 -24.10 61.24
N CYS P 195 9.76 -23.08 60.38
CA CYS P 195 10.22 -23.27 58.97
C CYS P 195 11.64 -22.72 58.88
N GLU P 196 12.54 -23.52 58.29
CA GLU P 196 13.97 -23.22 58.12
C GLU P 196 14.25 -23.04 56.63
N VAL P 197 14.68 -21.84 56.26
CA VAL P 197 14.76 -21.37 54.85
C VAL P 197 16.22 -21.23 54.48
N THR P 198 16.65 -21.88 53.41
CA THR P 198 18.00 -21.74 52.87
C THR P 198 17.85 -21.14 51.47
N HIS P 199 18.56 -20.05 51.19
CA HIS P 199 18.53 -19.30 49.90
C HIS P 199 19.94 -18.84 49.60
N GLN P 200 20.25 -18.67 48.33
CA GLN P 200 21.52 -18.08 47.82
C GLN P 200 21.88 -16.75 48.52
N GLY P 201 20.92 -15.89 48.84
CA GLY P 201 21.15 -14.57 49.47
C GLY P 201 21.15 -14.66 50.99
N LEU P 202 21.14 -15.86 51.57
CA LEU P 202 21.21 -16.09 53.04
C LEU P 202 22.50 -16.87 53.35
N SER P 203 23.51 -16.21 53.93
CA SER P 203 24.80 -16.84 54.34
C SER P 203 24.52 -17.91 55.41
N SER P 204 23.56 -17.71 56.30
CA SER P 204 23.06 -18.81 57.15
C SER P 204 21.59 -19.04 56.86
N PRO P 205 21.12 -20.30 56.87
CA PRO P 205 19.70 -20.59 56.85
C PRO P 205 18.96 -19.81 57.94
N VAL P 206 17.77 -19.37 57.63
CA VAL P 206 16.92 -18.57 58.56
C VAL P 206 15.82 -19.50 59.03
N THR P 207 15.57 -19.54 60.33
CA THR P 207 14.38 -20.26 60.82
C THR P 207 13.48 -19.23 61.49
N LYS P 208 12.21 -19.23 61.15
CA LYS P 208 11.20 -18.42 61.87
C LYS P 208 10.24 -19.38 62.56
N SER P 209 10.04 -19.23 63.87
CA SER P 209 9.30 -20.23 64.66
C SER P 209 8.34 -19.56 65.62
N PHE P 210 7.43 -20.34 66.18
CA PHE P 210 6.59 -19.92 67.32
C PHE P 210 6.44 -21.11 68.26
N ASN P 211 6.15 -20.81 69.52
CA ASN P 211 5.67 -21.81 70.51
C ASN P 211 4.14 -21.77 70.54
N ARG P 212 3.53 -22.91 70.80
CA ARG P 212 2.08 -23.10 70.57
C ARG P 212 1.25 -22.34 71.60
N GLY P 213 1.78 -22.07 72.79
CA GLY P 213 1.24 -21.01 73.68
C GLY P 213 1.22 -19.64 73.00
N GLU P 214 2.12 -18.73 73.40
CA GLU P 214 2.26 -17.35 72.83
C GLU P 214 0.95 -16.56 72.81
N GLU Q 1 29.98 14.49 -19.53
CA GLU Q 1 30.70 13.75 -18.46
C GLU Q 1 32.20 13.80 -18.74
N VAL Q 2 32.97 12.92 -18.11
CA VAL Q 2 34.44 13.11 -17.97
C VAL Q 2 35.12 12.86 -19.31
N GLN Q 3 36.07 13.71 -19.65
CA GLN Q 3 37.04 13.42 -20.72
C GLN Q 3 38.29 14.28 -20.52
N LEU Q 4 39.39 13.76 -21.07
CA LEU Q 4 40.72 14.38 -20.95
C LEU Q 4 41.31 14.42 -22.36
N VAL Q 5 41.88 15.53 -22.78
CA VAL Q 5 42.31 15.72 -24.19
C VAL Q 5 43.73 16.27 -24.15
N GLU Q 6 44.69 15.50 -24.64
CA GLU Q 6 46.11 15.95 -24.68
C GLU Q 6 46.32 16.70 -25.98
N SER Q 7 47.26 17.64 -25.96
CA SER Q 7 47.81 18.35 -27.15
C SER Q 7 49.21 18.83 -26.83
N GLY Q 8 49.95 19.22 -27.87
CA GLY Q 8 51.27 19.86 -27.72
C GLY Q 8 52.42 18.92 -28.06
N GLY Q 9 52.15 17.63 -28.35
CA GLY Q 9 53.15 16.64 -28.80
C GLY Q 9 53.69 16.99 -30.18
N GLY Q 10 54.82 16.45 -30.58
CA GLY Q 10 55.33 16.70 -31.94
C GLY Q 10 56.78 16.28 -32.07
N LEU Q 11 57.50 16.98 -32.93
CA LEU Q 11 58.96 16.79 -33.14
C LEU Q 11 59.72 17.74 -32.21
N VAL Q 12 60.82 17.29 -31.62
CA VAL Q 12 61.72 18.21 -30.88
C VAL Q 12 63.16 17.68 -31.00
N GLN Q 13 64.13 18.57 -31.00
CA GLN Q 13 65.57 18.23 -31.07
C GLN Q 13 66.05 17.65 -29.73
N PRO Q 14 67.00 16.70 -29.73
CA PRO Q 14 67.61 16.25 -28.49
C PRO Q 14 68.15 17.45 -27.72
N GLY Q 15 68.01 17.38 -26.40
CA GLY Q 15 68.35 18.45 -25.46
C GLY Q 15 67.29 19.54 -25.42
N GLY Q 16 66.29 19.48 -26.32
CA GLY Q 16 65.28 20.53 -26.48
C GLY Q 16 64.26 20.51 -25.35
N SER Q 17 63.28 21.42 -25.42
CA SER Q 17 62.11 21.53 -24.51
C SER Q 17 60.80 21.44 -25.30
N LEU Q 18 59.73 21.06 -24.60
CA LEU Q 18 58.36 20.91 -25.16
C LEU Q 18 57.36 20.93 -24.00
N ARG Q 19 56.13 21.33 -24.24
CA ARG Q 19 55.10 21.33 -23.19
C ARG Q 19 53.81 20.73 -23.72
N LEU Q 20 53.36 19.67 -23.03
CA LEU Q 20 52.09 18.98 -23.32
C LEU Q 20 51.01 19.54 -22.42
N SER Q 21 49.78 19.52 -22.90
CA SER Q 21 48.62 20.12 -22.20
C SER Q 21 47.46 19.14 -22.17
N CYS Q 22 46.79 19.02 -21.03
CA CYS Q 22 45.69 18.05 -20.83
C CYS Q 22 44.43 18.81 -20.43
N ALA Q 23 43.49 18.97 -21.36
CA ALA Q 23 42.27 19.77 -21.15
C ALA Q 23 41.16 18.87 -20.61
N ALA Q 24 40.69 19.14 -19.40
CA ALA Q 24 39.69 18.30 -18.73
C ALA Q 24 38.29 18.87 -18.96
N SER Q 25 37.30 18.01 -19.09
CA SER Q 25 35.90 18.47 -18.90
C SER Q 25 35.09 17.39 -18.20
N GLY Q 26 34.02 17.80 -17.55
CA GLY Q 26 33.14 16.90 -16.79
C GLY Q 26 33.57 16.80 -15.33
N PHE Q 27 34.59 17.56 -14.91
CA PHE Q 27 35.00 17.62 -13.48
C PHE Q 27 35.96 18.81 -13.25
N ASN Q 28 36.40 19.01 -11.99
CA ASN Q 28 37.22 20.16 -11.53
C ASN Q 28 38.68 19.76 -11.34
N VAL Q 29 39.67 20.44 -11.91
CA VAL Q 29 41.06 19.90 -11.83
C VAL Q 29 41.64 20.20 -10.44
N TYR Q 30 41.21 21.30 -9.85
CA TYR Q 30 41.58 21.68 -8.47
C TYR Q 30 41.12 20.61 -7.46
N ALA Q 31 40.15 19.74 -7.75
CA ALA Q 31 39.66 18.81 -6.71
C ALA Q 31 40.38 17.46 -6.83
N SER Q 32 41.27 17.29 -7.83
CA SER Q 32 41.64 15.96 -8.38
C SER Q 32 43.14 15.82 -8.47
N GLY Q 33 43.59 14.60 -8.79
CA GLY Q 33 44.98 14.19 -9.01
C GLY Q 33 45.13 13.85 -10.45
N MET Q 34 46.11 14.45 -11.11
CA MET Q 34 46.27 14.38 -12.57
C MET Q 34 47.64 13.76 -12.84
N HIS Q 35 47.70 12.73 -13.67
CA HIS Q 35 48.97 12.00 -13.92
C HIS Q 35 49.28 12.12 -15.40
N TRP Q 36 50.56 11.97 -15.71
CA TRP Q 36 51.05 11.67 -17.06
C TRP Q 36 51.64 10.27 -17.02
N VAL Q 37 51.22 9.45 -17.98
CA VAL Q 37 51.82 8.13 -18.27
C VAL Q 37 52.32 8.17 -19.72
N ARG Q 38 53.44 7.50 -20.01
CA ARG Q 38 53.90 7.44 -21.41
C ARG Q 38 54.12 5.98 -21.85
N GLN Q 39 54.17 5.79 -23.17
CA GLN Q 39 54.39 4.45 -23.78
C GLN Q 39 55.29 4.62 -24.98
N ALA Q 40 56.55 4.19 -24.85
CA ALA Q 40 57.57 4.26 -25.92
C ALA Q 40 57.13 3.26 -26.96
N PRO Q 41 57.45 3.45 -28.26
CA PRO Q 41 57.06 2.47 -29.28
C PRO Q 41 57.65 1.11 -28.93
N GLY Q 42 56.77 0.11 -28.86
CA GLY Q 42 57.05 -1.27 -28.42
C GLY Q 42 57.49 -1.39 -26.96
N LYS Q 43 57.04 -0.51 -26.07
CA LYS Q 43 57.21 -0.65 -24.59
C LYS Q 43 55.84 -0.69 -23.91
N GLY Q 44 55.85 -1.04 -22.61
CA GLY Q 44 54.67 -1.02 -21.72
C GLY Q 44 54.37 0.38 -21.21
N LEU Q 45 53.45 0.50 -20.27
CA LEU Q 45 53.10 1.81 -19.71
C LEU Q 45 54.14 2.20 -18.66
N GLU Q 46 54.65 3.43 -18.71
CA GLU Q 46 55.57 3.97 -17.70
C GLU Q 46 54.95 5.23 -17.12
N TRP Q 47 54.57 5.19 -15.84
CA TRP Q 47 53.97 6.37 -15.18
C TRP Q 47 55.09 7.38 -15.02
N VAL Q 48 54.75 8.66 -15.17
CA VAL Q 48 55.72 9.76 -15.38
C VAL Q 48 55.64 10.74 -14.21
N ALA Q 49 54.46 11.26 -13.89
CA ALA Q 49 54.29 12.35 -12.92
C ALA Q 49 52.84 12.49 -12.45
N LYS Q 50 52.63 13.10 -11.28
CA LYS Q 50 51.29 13.27 -10.67
C LYS Q 50 51.27 14.61 -9.97
N ILE Q 51 50.14 15.31 -10.04
CA ILE Q 51 50.00 16.61 -9.35
C ILE Q 51 48.66 16.60 -8.65
N TYR Q 52 48.69 17.13 -7.44
CA TYR Q 52 47.50 17.45 -6.63
C TYR Q 52 47.36 18.97 -6.63
N PRO Q 53 46.62 19.57 -7.59
CA PRO Q 53 46.54 21.04 -7.70
C PRO Q 53 45.98 21.70 -6.43
N ASP Q 54 45.37 20.91 -5.57
CA ASP Q 54 45.12 21.28 -4.15
C ASP Q 54 46.46 21.36 -3.39
N SER Q 55 47.42 22.19 -3.72
CA SER Q 55 48.64 22.15 -2.89
C SER Q 55 49.91 22.09 -3.73
N ASP Q 56 49.75 21.88 -5.03
CA ASP Q 56 50.89 21.89 -5.99
C ASP Q 56 51.84 20.78 -5.56
N TYR Q 57 51.36 19.78 -4.80
CA TYR Q 57 52.30 18.69 -4.50
C TYR Q 57 52.38 17.82 -5.75
N THR Q 58 53.63 17.62 -6.15
CA THR Q 58 53.98 16.90 -7.38
C THR Q 58 54.84 15.71 -7.00
N TYR Q 59 54.68 14.65 -7.77
CA TYR Q 59 55.41 13.38 -7.64
C TYR Q 59 55.95 13.03 -9.02
N TYR Q 60 57.18 12.56 -9.13
CA TYR Q 60 57.78 12.21 -10.44
C TYR Q 60 58.42 10.82 -10.37
N ALA Q 61 58.45 10.12 -11.50
CA ALA Q 61 59.32 8.95 -11.74
C ALA Q 61 60.78 9.41 -11.70
N ASP Q 62 61.70 8.60 -11.17
CA ASP Q 62 63.14 8.92 -11.11
C ASP Q 62 63.61 9.22 -12.53
N SER Q 63 63.11 8.50 -13.52
CA SER Q 63 63.55 8.58 -14.93
C SER Q 63 63.36 9.99 -15.51
N VAL Q 64 62.53 10.84 -14.91
CA VAL Q 64 62.30 12.20 -15.48
C VAL Q 64 62.50 13.30 -14.43
N LYS Q 65 62.78 12.93 -13.18
CA LYS Q 65 62.78 13.86 -12.03
C LYS Q 65 63.81 14.95 -12.29
N GLY Q 66 63.36 16.21 -12.18
CA GLY Q 66 64.20 17.40 -12.36
C GLY Q 66 64.47 17.73 -13.81
N ARG Q 67 63.85 17.04 -14.77
CA ARG Q 67 63.86 17.44 -16.20
C ARG Q 67 62.44 17.82 -16.59
N PHE Q 68 61.48 17.04 -16.13
CA PHE Q 68 60.04 17.31 -16.37
C PHE Q 68 59.47 18.07 -15.16
N THR Q 69 58.47 18.90 -15.45
CA THR Q 69 57.67 19.59 -14.43
C THR Q 69 56.18 19.51 -14.75
N ILE Q 70 55.41 18.99 -13.82
CA ILE Q 70 53.93 18.92 -13.96
C ILE Q 70 53.34 20.12 -13.24
N SER Q 71 52.35 20.74 -13.84
CA SER Q 71 51.73 21.99 -13.32
C SER Q 71 50.27 22.00 -13.77
N ALA Q 72 49.50 22.96 -13.26
CA ALA Q 72 48.04 23.04 -13.50
C ALA Q 72 47.63 24.50 -13.66
N ASP Q 73 46.60 24.71 -14.47
CA ASP Q 73 45.93 26.02 -14.53
C ASP Q 73 44.45 25.78 -14.25
N THR Q 74 44.03 26.12 -13.04
CA THR Q 74 42.65 25.84 -12.54
C THR Q 74 41.58 26.53 -13.41
N SER Q 75 41.88 27.74 -13.90
CA SER Q 75 40.92 28.61 -14.62
C SER Q 75 40.60 28.00 -15.99
N LYS Q 76 41.64 27.48 -16.65
CA LYS Q 76 41.51 26.82 -17.97
C LYS Q 76 41.14 25.36 -17.74
N ASN Q 77 41.09 24.91 -16.48
CA ASN Q 77 40.78 23.51 -16.11
C ASN Q 77 41.65 22.59 -16.98
N THR Q 78 42.96 22.82 -16.93
CA THR Q 78 44.00 22.18 -17.77
C THR Q 78 45.19 21.86 -16.88
N ALA Q 79 45.86 20.75 -17.16
CA ALA Q 79 47.19 20.40 -16.61
C ALA Q 79 48.25 20.40 -17.71
N TYR Q 80 49.53 20.44 -17.31
CA TYR Q 80 50.66 20.58 -18.24
C TYR Q 80 51.82 19.67 -17.83
N LEU Q 81 52.54 19.18 -18.82
CA LEU Q 81 53.86 18.54 -18.62
C LEU Q 81 54.93 19.31 -19.39
N GLN Q 82 55.76 20.06 -18.66
CA GLN Q 82 56.89 20.84 -19.24
C GLN Q 82 58.09 19.91 -19.26
N MET Q 83 58.61 19.62 -20.44
CA MET Q 83 59.65 18.58 -20.60
C MET Q 83 60.89 19.26 -21.11
N ASN Q 84 61.96 19.18 -20.33
CA ASN Q 84 63.25 19.86 -20.64
C ASN Q 84 64.36 18.83 -20.73
N SER Q 85 65.50 19.19 -21.33
CA SER Q 85 66.67 18.27 -21.47
C SER Q 85 66.21 16.93 -22.07
N LEU Q 86 65.47 16.96 -23.18
CA LEU Q 86 64.86 15.74 -23.77
C LEU Q 86 65.94 14.83 -24.38
N ARG Q 87 65.70 13.52 -24.30
CA ARG Q 87 66.56 12.47 -24.90
C ARG Q 87 65.71 11.62 -25.87
N ALA Q 88 66.39 10.79 -26.68
CA ALA Q 88 65.76 9.80 -27.59
C ALA Q 88 64.78 8.89 -26.82
N GLU Q 89 65.11 8.49 -25.59
CA GLU Q 89 64.31 7.52 -24.80
C GLU Q 89 63.01 8.18 -24.32
N ASP Q 90 62.89 9.50 -24.38
CA ASP Q 90 61.65 10.20 -23.95
C ASP Q 90 60.63 10.12 -25.07
N THR Q 91 61.03 9.75 -26.28
CA THR Q 91 60.10 9.52 -27.42
C THR Q 91 59.06 8.48 -26.99
N ALA Q 92 57.80 8.89 -26.97
CA ALA Q 92 56.69 8.05 -26.50
C ALA Q 92 55.38 8.72 -26.81
N VAL Q 93 54.32 7.95 -26.75
CA VAL Q 93 52.98 8.54 -26.63
C VAL Q 93 52.79 8.91 -25.17
N TYR Q 94 52.39 10.14 -24.93
CA TYR Q 94 52.10 10.67 -23.60
C TYR Q 94 50.58 10.67 -23.43
N TYR Q 95 50.12 10.02 -22.37
CA TYR Q 95 48.71 10.04 -21.92
C TYR Q 95 48.59 10.85 -20.63
N CYS Q 96 47.49 11.56 -20.44
CA CYS Q 96 47.12 12.11 -19.11
C CYS Q 96 45.92 11.30 -18.61
N SER Q 97 45.90 11.07 -17.30
CA SER Q 97 44.78 10.38 -16.61
C SER Q 97 44.56 11.03 -15.23
N ARG Q 98 43.48 10.70 -14.55
CA ARG Q 98 43.12 11.33 -13.25
C ARG Q 98 42.78 10.25 -12.23
N ASP Q 99 43.21 10.42 -10.97
CA ASP Q 99 42.72 9.59 -9.84
C ASP Q 99 41.21 9.76 -9.81
N SER Q 100 40.46 8.67 -9.89
CA SER Q 100 38.98 8.73 -9.99
C SER Q 100 38.44 9.32 -8.70
N SER Q 101 37.27 9.94 -8.83
CA SER Q 101 36.56 10.74 -7.81
C SER Q 101 35.81 9.87 -6.79
N PHE Q 102 35.62 8.56 -6.97
CA PHE Q 102 34.62 7.87 -6.09
C PHE Q 102 35.32 7.40 -4.80
N TYR Q 103 36.60 7.75 -4.65
CA TYR Q 103 37.43 7.56 -3.41
C TYR Q 103 37.51 6.09 -3.07
N TYR Q 104 36.50 5.31 -3.49
CA TYR Q 104 36.49 3.85 -3.30
C TYR Q 104 37.17 3.22 -4.53
N VAL Q 105 37.16 3.93 -5.65
CA VAL Q 105 37.86 3.46 -6.87
C VAL Q 105 39.27 4.01 -6.74
N TYR Q 106 40.22 3.09 -6.61
CA TYR Q 106 41.61 3.32 -6.23
C TYR Q 106 42.47 3.19 -7.49
N ALA Q 107 42.26 4.01 -8.52
CA ALA Q 107 42.89 3.78 -9.85
C ALA Q 107 42.72 4.99 -10.75
N MET Q 108 43.33 4.98 -11.94
CA MET Q 108 43.04 6.04 -12.94
C MET Q 108 41.80 5.61 -13.72
N ASP Q 109 40.62 6.11 -13.37
CA ASP Q 109 39.35 5.66 -13.98
C ASP Q 109 39.19 6.29 -15.37
N TYR Q 110 39.74 7.48 -15.64
CA TYR Q 110 39.64 8.11 -16.99
C TYR Q 110 41.00 8.51 -17.53
N TRP Q 111 41.16 8.38 -18.86
CA TRP Q 111 42.42 8.68 -19.60
C TRP Q 111 42.09 9.53 -20.82
N GLY Q 112 43.07 10.26 -21.35
CA GLY Q 112 42.98 10.87 -22.69
C GLY Q 112 43.46 9.95 -23.79
N GLN Q 113 43.39 10.40 -25.03
CA GLN Q 113 43.64 9.62 -26.27
C GLN Q 113 45.13 9.48 -26.54
N GLY Q 114 45.94 10.40 -26.02
CA GLY Q 114 47.42 10.36 -26.07
C GLY Q 114 47.99 11.24 -27.16
N THR Q 115 49.20 11.75 -26.96
CA THR Q 115 49.90 12.61 -27.94
C THR Q 115 51.35 12.14 -28.05
N LEU Q 116 51.83 11.93 -29.29
CA LEU Q 116 53.16 11.35 -29.56
C LEU Q 116 54.21 12.46 -29.57
N VAL Q 117 55.28 12.22 -28.80
CA VAL Q 117 56.47 13.10 -28.78
C VAL Q 117 57.61 12.38 -29.45
N THR Q 118 58.19 12.99 -30.50
CA THR Q 118 59.35 12.45 -31.26
C THR Q 118 60.60 13.29 -31.02
N VAL Q 119 61.64 12.69 -30.44
CA VAL Q 119 62.88 13.44 -30.06
C VAL Q 119 63.95 13.03 -31.06
N SER Q 120 64.24 13.91 -32.00
CA SER Q 120 65.06 13.52 -33.17
C SER Q 120 65.63 14.77 -33.81
N SER Q 121 66.85 14.65 -34.31
CA SER Q 121 67.57 15.73 -35.02
C SER Q 121 66.92 15.89 -36.39
N ALA Q 122 66.31 14.83 -36.93
CA ALA Q 122 65.81 14.75 -38.32
C ALA Q 122 64.74 15.81 -38.55
N SER Q 123 64.60 16.20 -39.81
CA SER Q 123 63.74 17.30 -40.26
C SER Q 123 62.38 16.73 -40.59
N THR Q 124 61.34 17.54 -40.42
CA THR Q 124 59.97 17.21 -40.90
C THR Q 124 60.01 17.06 -42.42
N LYS Q 125 59.36 16.02 -42.91
CA LYS Q 125 59.08 15.90 -44.35
C LYS Q 125 57.64 15.43 -44.54
N GLY Q 126 56.92 16.05 -45.49
CA GLY Q 126 55.57 15.65 -45.94
C GLY Q 126 55.60 14.39 -46.82
N PRO Q 127 54.53 13.55 -46.78
CA PRO Q 127 54.48 12.32 -47.55
C PRO Q 127 54.12 12.50 -49.02
N SER Q 128 54.54 11.59 -49.87
CA SER Q 128 53.99 11.46 -51.25
C SER Q 128 52.92 10.37 -51.22
N VAL Q 129 51.78 10.61 -51.89
CA VAL Q 129 50.64 9.64 -51.89
C VAL Q 129 50.51 9.05 -53.29
N PHE Q 130 50.63 7.74 -53.40
CA PHE Q 130 50.54 7.03 -54.70
C PHE Q 130 49.36 6.10 -54.67
N PRO Q 131 48.71 5.85 -55.82
CA PRO Q 131 47.60 4.92 -55.88
C PRO Q 131 48.09 3.47 -56.00
N LEU Q 132 47.43 2.58 -55.26
CA LEU Q 132 47.51 1.13 -55.52
C LEU Q 132 46.25 0.77 -56.28
N ALA Q 133 46.26 0.92 -57.61
CA ALA Q 133 45.03 0.76 -58.41
C ALA Q 133 44.79 -0.72 -58.57
N PRO Q 134 43.51 -1.16 -58.53
CA PRO Q 134 43.15 -2.58 -58.62
C PRO Q 134 43.63 -3.16 -59.94
N SER Q 135 44.31 -4.31 -59.91
CA SER Q 135 44.81 -5.01 -61.11
C SER Q 135 43.60 -5.40 -61.95
N SER Q 136 43.66 -5.17 -63.27
CA SER Q 136 42.59 -5.51 -64.22
C SER Q 136 42.50 -7.04 -64.26
N LYS Q 137 43.61 -7.71 -63.97
CA LYS Q 137 43.74 -9.19 -64.03
C LYS Q 137 43.43 -9.75 -62.63
N SER Q 140 41.50 -10.47 -59.53
CA SER Q 140 40.53 -10.48 -58.40
C SER Q 140 39.89 -11.86 -58.21
N GLY Q 141 39.52 -12.24 -56.97
CA GLY Q 141 38.66 -13.38 -56.67
C GLY Q 141 37.15 -13.06 -56.65
N GLY Q 142 36.69 -11.92 -57.18
CA GLY Q 142 35.28 -11.41 -57.08
C GLY Q 142 35.21 -10.17 -56.19
N THR Q 143 36.21 -10.06 -55.35
CA THR Q 143 36.49 -8.98 -54.40
C THR Q 143 37.78 -8.32 -54.86
N ALA Q 144 37.78 -7.04 -55.22
CA ALA Q 144 39.00 -6.36 -55.70
C ALA Q 144 39.60 -5.51 -54.59
N ALA Q 145 40.91 -5.39 -54.58
CA ALA Q 145 41.61 -4.58 -53.56
C ALA Q 145 42.23 -3.36 -54.25
N LEU Q 146 42.16 -2.22 -53.58
CA LEU Q 146 42.84 -0.98 -54.00
C LEU Q 146 43.31 -0.26 -52.75
N GLY Q 147 44.18 0.72 -52.94
CA GLY Q 147 44.79 1.38 -51.78
C GLY Q 147 45.56 2.60 -52.18
N CYS Q 148 46.16 3.25 -51.18
CA CYS Q 148 47.19 4.26 -51.45
C CYS Q 148 48.36 4.05 -50.51
N LEU Q 149 49.52 4.35 -51.08
CA LEU Q 149 50.84 4.15 -50.49
C LEU Q 149 51.32 5.52 -50.05
N VAL Q 150 51.44 5.70 -48.75
CA VAL Q 150 51.81 6.99 -48.15
C VAL Q 150 53.30 6.90 -47.84
N LYS Q 151 54.13 7.56 -48.64
CA LYS Q 151 55.58 7.25 -48.72
C LYS Q 151 56.45 8.46 -48.38
N ASP Q 152 57.45 8.20 -47.54
CA ASP Q 152 58.62 9.07 -47.25
C ASP Q 152 58.20 10.33 -46.49
N TYR Q 153 57.92 10.20 -45.19
CA TYR Q 153 57.62 11.33 -44.27
C TYR Q 153 58.50 11.18 -43.01
N PHE Q 154 58.46 12.10 -42.06
CA PHE Q 154 59.30 11.85 -40.86
C PHE Q 154 58.54 11.64 -39.56
N PRO Q 155 57.94 12.67 -38.90
CA PRO Q 155 57.28 12.45 -37.61
C PRO Q 155 56.15 11.43 -37.78
N GLU Q 156 56.03 10.46 -36.89
CA GLU Q 156 55.26 9.20 -37.16
C GLU Q 156 53.76 9.46 -37.38
N PRO Q 157 53.05 10.38 -36.66
CA PRO Q 157 51.61 10.49 -36.85
C PRO Q 157 51.24 10.86 -38.29
N VAL Q 158 50.44 10.00 -38.93
CA VAL Q 158 49.81 10.20 -40.27
C VAL Q 158 48.48 9.45 -40.23
N THR Q 159 47.48 9.97 -40.87
CA THR Q 159 46.12 9.44 -40.74
C THR Q 159 45.55 9.24 -42.12
N VAL Q 160 45.05 8.04 -42.38
CA VAL Q 160 44.32 7.74 -43.64
C VAL Q 160 42.86 7.43 -43.32
N SER Q 161 41.97 8.04 -44.08
CA SER Q 161 40.55 7.64 -44.12
C SER Q 161 40.20 7.41 -45.59
N TRP Q 162 39.03 6.83 -45.81
CA TRP Q 162 38.52 6.54 -47.16
C TRP Q 162 37.17 7.19 -47.32
N ASN Q 163 36.99 7.91 -48.41
CA ASN Q 163 35.76 8.70 -48.63
C ASN Q 163 35.42 9.44 -47.32
N SER Q 164 36.39 10.12 -46.68
CA SER Q 164 36.20 11.09 -45.55
C SER Q 164 35.65 10.35 -44.33
N GLY Q 165 35.83 9.04 -44.23
CA GLY Q 165 35.29 8.29 -43.08
C GLY Q 165 33.99 7.56 -43.39
N ALA Q 166 33.42 7.73 -44.59
CA ALA Q 166 32.24 6.96 -45.05
C ALA Q 166 32.58 5.47 -45.23
N LEU Q 167 33.79 5.12 -45.71
CA LEU Q 167 34.16 3.71 -45.96
C LEU Q 167 35.10 3.22 -44.86
N THR Q 168 34.68 2.26 -44.01
CA THR Q 168 35.55 1.60 -42.98
C THR Q 168 35.58 0.07 -43.13
N SER Q 169 34.52 -0.62 -43.59
CA SER Q 169 34.51 -2.10 -43.84
C SER Q 169 35.69 -2.52 -44.73
N GLY Q 170 36.57 -3.39 -44.24
CA GLY Q 170 37.59 -4.05 -45.07
C GLY Q 170 38.76 -3.15 -45.40
N VAL Q 171 38.88 -2.04 -44.68
CA VAL Q 171 40.06 -1.15 -44.75
C VAL Q 171 41.13 -1.73 -43.83
N HIS Q 172 42.35 -1.79 -44.32
CA HIS Q 172 43.56 -2.07 -43.49
C HIS Q 172 44.59 -0.96 -43.69
N THR Q 173 44.82 -0.18 -42.65
CA THR Q 173 45.92 0.82 -42.64
C THR Q 173 47.09 0.19 -41.89
N PHE Q 174 48.25 0.13 -42.53
CA PHE Q 174 49.37 -0.67 -42.00
C PHE Q 174 50.15 0.16 -40.99
N PRO Q 175 50.69 -0.49 -39.93
CA PRO Q 175 51.74 0.12 -39.13
C PRO Q 175 52.88 0.62 -40.04
N ALA Q 176 53.25 1.88 -39.84
CA ALA Q 176 54.31 2.58 -40.60
C ALA Q 176 55.61 1.86 -40.32
N VAL Q 177 56.36 1.66 -41.37
CA VAL Q 177 57.68 1.00 -41.28
C VAL Q 177 58.75 2.05 -41.58
N LEU Q 178 59.82 1.99 -40.81
CA LEU Q 178 60.93 2.94 -41.00
C LEU Q 178 61.78 2.37 -42.13
N GLN Q 179 62.08 3.19 -43.14
CA GLN Q 179 62.97 2.81 -44.26
C GLN Q 179 64.40 3.20 -43.87
N SER Q 180 65.39 2.62 -44.52
CA SER Q 180 66.83 2.88 -44.28
C SER Q 180 67.15 4.38 -44.49
N SER Q 181 66.34 5.03 -45.32
CA SER Q 181 66.45 6.48 -45.62
C SER Q 181 66.19 7.30 -44.35
N GLY Q 182 65.58 6.68 -43.33
CA GLY Q 182 65.17 7.31 -42.06
C GLY Q 182 63.80 7.94 -42.17
N LEU Q 183 63.10 7.69 -43.28
CA LEU Q 183 61.74 8.18 -43.50
C LEU Q 183 60.75 7.02 -43.38
N TYR Q 184 59.51 7.31 -42.99
CA TYR Q 184 58.44 6.31 -42.78
C TYR Q 184 57.66 6.17 -44.07
N SER Q 185 56.99 5.04 -44.21
CA SER Q 185 55.96 4.83 -45.26
C SER Q 185 55.00 3.73 -44.80
N LEU Q 186 53.71 4.00 -44.91
CA LEU Q 186 52.69 2.96 -44.70
C LEU Q 186 51.78 2.89 -45.92
N SER Q 187 50.93 1.88 -45.91
CA SER Q 187 49.94 1.65 -46.97
C SER Q 187 48.60 1.55 -46.28
N SER Q 188 47.60 2.13 -46.91
CA SER Q 188 46.18 1.84 -46.60
C SER Q 188 45.55 1.12 -47.78
N VAL Q 189 44.94 -0.03 -47.52
CA VAL Q 189 44.27 -0.83 -48.56
C VAL Q 189 42.82 -1.04 -48.16
N VAL Q 190 41.98 -1.31 -49.13
CA VAL Q 190 40.56 -1.65 -48.85
C VAL Q 190 40.09 -2.63 -49.90
N THR Q 191 39.24 -3.57 -49.51
CA THR Q 191 38.61 -4.53 -50.44
C THR Q 191 37.16 -4.08 -50.67
N VAL Q 192 36.76 -4.16 -51.94
CA VAL Q 192 35.44 -3.74 -52.43
C VAL Q 192 34.97 -4.79 -53.44
N PRO Q 193 33.66 -4.89 -53.70
CA PRO Q 193 33.18 -5.81 -54.71
C PRO Q 193 33.70 -5.43 -56.11
N SER Q 194 34.16 -6.42 -56.88
CA SER Q 194 34.77 -6.18 -58.22
C SER Q 194 33.79 -5.40 -59.09
N SER Q 195 32.49 -5.60 -58.88
CA SER Q 195 31.40 -5.03 -59.71
C SER Q 195 31.24 -3.52 -59.46
N SER Q 196 31.67 -2.98 -58.32
CA SER Q 196 31.45 -1.54 -58.04
C SER Q 196 32.51 -0.67 -58.74
N LEU Q 197 33.51 -1.26 -59.38
CA LEU Q 197 34.75 -0.51 -59.69
C LEU Q 197 34.40 0.72 -60.55
N GLY Q 198 33.74 0.55 -61.70
CA GLY Q 198 33.43 1.66 -62.65
C GLY Q 198 32.24 2.52 -62.21
N THR Q 199 31.66 2.26 -61.04
CA THR Q 199 30.42 2.93 -60.56
C THR Q 199 30.74 3.82 -59.37
N GLN Q 200 31.38 3.24 -58.35
CA GLN Q 200 31.66 3.87 -57.04
C GLN Q 200 33.01 4.57 -57.12
N THR Q 201 33.11 5.79 -56.64
CA THR Q 201 34.42 6.49 -56.65
C THR Q 201 35.10 6.22 -55.29
N TYR Q 202 36.43 6.03 -55.32
CA TYR Q 202 37.25 5.71 -54.12
C TYR Q 202 38.40 6.69 -53.96
N ILE Q 203 38.46 7.33 -52.80
CA ILE Q 203 39.39 8.45 -52.49
C ILE Q 203 39.99 8.20 -51.13
N CYS Q 204 41.30 8.30 -51.03
CA CYS Q 204 41.95 8.19 -49.72
C CYS Q 204 42.34 9.61 -49.29
N ASN Q 205 41.98 9.92 -48.06
CA ASN Q 205 42.24 11.21 -47.40
C ASN Q 205 43.40 10.96 -46.45
N VAL Q 206 44.54 11.50 -46.81
CA VAL Q 206 45.77 11.39 -45.98
C VAL Q 206 45.99 12.73 -45.27
N ASN Q 207 46.27 12.65 -43.96
CA ASN Q 207 46.54 13.82 -43.08
C ASN Q 207 47.83 13.61 -42.28
N HIS Q 208 48.87 14.36 -42.61
CA HIS Q 208 50.17 14.35 -41.91
C HIS Q 208 50.39 15.72 -41.25
N LYS Q 209 49.75 15.93 -40.10
CA LYS Q 209 49.63 17.28 -39.49
C LYS Q 209 51.00 17.84 -39.18
N PRO Q 210 52.03 17.04 -38.79
CA PRO Q 210 53.36 17.59 -38.52
C PRO Q 210 53.96 18.42 -39.65
N SER Q 211 53.64 18.16 -40.92
CA SER Q 211 54.14 18.94 -42.08
C SER Q 211 53.00 19.79 -42.64
N ASN Q 212 51.83 19.68 -42.01
CA ASN Q 212 50.56 20.34 -42.41
C ASN Q 212 50.18 19.89 -43.82
N THR Q 213 50.31 18.61 -44.12
CA THR Q 213 50.02 18.01 -45.44
C THR Q 213 48.63 17.35 -45.39
N LYS Q 214 47.69 17.79 -46.23
CA LYS Q 214 46.40 17.08 -46.45
C LYS Q 214 46.24 16.80 -47.95
N VAL Q 215 46.03 15.52 -48.29
CA VAL Q 215 45.99 15.04 -49.70
C VAL Q 215 44.77 14.16 -49.83
N ASP Q 216 44.01 14.39 -50.89
CA ASP Q 216 42.94 13.47 -51.36
C ASP Q 216 43.44 12.85 -52.68
N LYS Q 217 43.63 11.56 -52.75
CA LYS Q 217 44.08 10.95 -54.03
C LYS Q 217 43.05 9.92 -54.48
N LYS Q 218 42.26 10.25 -55.49
CA LYS Q 218 41.30 9.28 -56.07
C LYS Q 218 42.12 8.11 -56.63
N VAL Q 219 41.64 6.89 -56.42
CA VAL Q 219 42.30 5.64 -56.90
C VAL Q 219 41.41 5.05 -58.00
N GLU Q 220 41.99 4.77 -59.17
CA GLU Q 220 41.24 4.29 -60.37
C GLU Q 220 42.09 3.31 -61.16
N PRO Q 221 41.48 2.21 -61.68
CA PRO Q 221 42.23 1.28 -62.52
C PRO Q 221 42.74 2.01 -63.77
N LYS Q 222 44.02 1.85 -64.16
CA LYS Q 222 44.58 2.64 -65.30
C LYS Q 222 44.48 1.80 -66.57
N SER Q 223 43.86 2.31 -67.64
CA SER Q 223 43.17 1.48 -68.67
C SER Q 223 43.76 1.73 -70.06
N ASP R 1 60.05 1.91 -6.60
CA ASP R 1 61.00 0.75 -6.48
C ASP R 1 60.24 -0.55 -6.13
N ILE R 2 58.89 -0.55 -6.14
CA ILE R 2 58.05 -1.79 -6.17
C ILE R 2 57.89 -2.21 -7.64
N GLN R 3 58.32 -3.44 -7.91
CA GLN R 3 58.18 -4.10 -9.22
C GLN R 3 56.89 -4.89 -9.20
N MET R 4 56.14 -4.77 -10.28
CA MET R 4 55.03 -5.71 -10.57
C MET R 4 55.55 -6.66 -11.66
N THR R 5 55.93 -7.87 -11.27
CA THR R 5 56.42 -8.91 -12.23
C THR R 5 55.17 -9.62 -12.76
N GLN R 6 54.87 -9.36 -14.02
CA GLN R 6 53.62 -9.83 -14.64
C GLN R 6 53.96 -11.07 -15.48
N SER R 7 53.11 -12.10 -15.41
CA SER R 7 53.29 -13.36 -16.18
C SER R 7 51.94 -13.92 -16.63
N PRO R 8 51.85 -14.51 -17.83
CA PRO R 8 52.99 -14.61 -18.74
C PRO R 8 53.07 -13.33 -19.58
N SER R 9 54.12 -13.13 -20.36
CA SER R 9 54.26 -11.92 -21.21
C SER R 9 53.30 -12.04 -22.42
N SER R 10 53.02 -13.24 -22.89
CA SER R 10 51.97 -13.41 -23.92
C SER R 10 51.27 -14.74 -23.73
N LEU R 11 50.02 -14.80 -24.18
CA LEU R 11 49.33 -16.09 -24.34
C LEU R 11 48.41 -16.01 -25.54
N SER R 12 48.02 -17.16 -26.11
CA SER R 12 46.90 -17.20 -27.07
C SER R 12 46.00 -18.35 -26.69
N ALA R 13 44.70 -18.07 -26.72
CA ALA R 13 43.67 -18.98 -26.21
C ALA R 13 42.47 -18.85 -27.11
N SER R 14 41.71 -19.92 -27.20
CA SER R 14 40.58 -20.01 -28.14
C SER R 14 39.41 -19.24 -27.54
N VAL R 15 38.49 -18.82 -28.39
CA VAL R 15 37.23 -18.14 -27.97
C VAL R 15 36.48 -19.10 -27.02
N GLY R 16 36.15 -18.64 -25.83
CA GLY R 16 35.41 -19.45 -24.86
C GLY R 16 36.30 -19.96 -23.73
N ASP R 17 37.64 -19.89 -23.89
CA ASP R 17 38.63 -20.40 -22.88
C ASP R 17 38.67 -19.50 -21.64
N ARG R 18 38.95 -20.09 -20.47
CA ARG R 18 39.29 -19.39 -19.21
C ARG R 18 40.76 -19.00 -19.26
N VAL R 19 41.07 -17.72 -19.05
CA VAL R 19 42.46 -17.18 -19.15
C VAL R 19 42.81 -16.58 -17.80
N THR R 20 43.96 -16.91 -17.23
CA THR R 20 44.42 -16.22 -16.00
C THR R 20 45.76 -15.52 -16.24
N ILE R 21 45.78 -14.22 -16.02
CA ILE R 21 47.03 -13.40 -16.00
C ILE R 21 47.39 -13.24 -14.54
N THR R 22 48.65 -13.43 -14.19
CA THR R 22 49.09 -13.24 -12.80
C THR R 22 50.09 -12.10 -12.76
N CYS R 23 50.15 -11.50 -11.59
CA CYS R 23 50.99 -10.34 -11.29
C CYS R 23 51.48 -10.53 -9.86
N ARG R 24 52.79 -10.67 -9.67
CA ARG R 24 53.39 -10.89 -8.33
C ARG R 24 54.16 -9.64 -7.94
N ALA R 25 53.96 -9.17 -6.71
CA ALA R 25 54.61 -7.92 -6.24
C ALA R 25 55.91 -8.26 -5.53
N SER R 26 56.92 -7.39 -5.68
CA SER R 26 58.28 -7.52 -5.10
C SER R 26 58.23 -7.30 -3.57
N GLN R 27 57.23 -6.59 -3.07
CA GLN R 27 57.00 -6.39 -1.61
C GLN R 27 55.50 -6.51 -1.31
N ASP R 28 55.12 -6.52 -0.04
CA ASP R 28 53.68 -6.43 0.37
C ASP R 28 53.10 -5.18 -0.30
N VAL R 29 52.17 -5.29 -1.24
CA VAL R 29 51.54 -4.10 -1.88
C VAL R 29 50.09 -4.04 -1.42
N ASN R 30 49.83 -4.62 -0.25
CA ASN R 30 48.49 -4.76 0.38
C ASN R 30 47.60 -5.52 -0.61
N THR R 31 46.39 -5.02 -0.78
CA THR R 31 45.44 -5.55 -1.77
C THR R 31 45.21 -4.47 -2.82
N ALA R 32 46.01 -3.39 -2.79
CA ALA R 32 45.81 -2.24 -3.73
C ALA R 32 46.53 -2.59 -5.03
N VAL R 33 45.77 -2.99 -6.05
CA VAL R 33 46.31 -3.46 -7.36
C VAL R 33 45.17 -3.28 -8.37
N ALA R 34 45.45 -2.56 -9.45
CA ALA R 34 44.46 -2.30 -10.50
C ALA R 34 44.88 -2.99 -11.77
N TRP R 35 43.92 -3.34 -12.61
CA TRP R 35 44.20 -4.00 -13.90
C TRP R 35 43.61 -3.15 -15.02
N TYR R 36 44.39 -2.90 -16.06
CA TYR R 36 44.00 -2.07 -17.22
C TYR R 36 44.11 -2.86 -18.51
N GLN R 37 43.30 -2.46 -19.46
CA GLN R 37 43.25 -3.12 -20.79
C GLN R 37 43.62 -2.07 -21.82
N GLN R 38 44.66 -2.34 -22.60
CA GLN R 38 45.12 -1.43 -23.67
C GLN R 38 45.06 -2.15 -25.00
N LYS R 39 44.21 -1.62 -25.87
CA LYS R 39 44.12 -2.08 -27.27
C LYS R 39 45.15 -1.27 -28.05
N PRO R 40 45.80 -1.89 -29.04
CA PRO R 40 46.91 -1.26 -29.76
C PRO R 40 46.70 0.22 -30.08
N GLY R 41 47.59 1.10 -29.62
CA GLY R 41 47.57 2.57 -29.89
C GLY R 41 46.32 3.28 -29.37
N LYS R 42 45.57 2.64 -28.49
CA LYS R 42 44.37 3.23 -27.86
C LYS R 42 44.72 3.56 -26.41
N ALA R 43 43.89 4.38 -25.81
CA ALA R 43 43.98 4.72 -24.38
C ALA R 43 43.54 3.55 -23.51
N PRO R 44 44.30 3.21 -22.44
CA PRO R 44 43.96 2.09 -21.58
C PRO R 44 42.62 2.33 -20.92
N LYS R 45 41.88 1.25 -20.67
CA LYS R 45 40.60 1.26 -19.92
C LYS R 45 40.79 0.46 -18.62
N LEU R 46 40.28 0.99 -17.52
CA LEU R 46 40.38 0.37 -16.18
C LEU R 46 39.37 -0.77 -16.10
N LEU R 47 39.85 -1.91 -15.59
CA LEU R 47 39.06 -3.14 -15.48
C LEU R 47 38.78 -3.37 -14.01
N ILE R 48 39.85 -3.49 -13.24
CA ILE R 48 39.70 -3.96 -11.84
C ILE R 48 40.51 -3.05 -10.93
N TYR R 49 39.87 -2.63 -9.86
CA TYR R 49 40.50 -1.81 -8.80
C TYR R 49 40.44 -2.58 -7.48
N SER R 50 41.40 -2.27 -6.61
CA SER R 50 41.56 -2.88 -5.28
C SER R 50 41.55 -4.43 -5.40
N ALA R 51 42.30 -4.92 -6.39
CA ALA R 51 42.63 -6.35 -6.65
C ALA R 51 41.41 -7.22 -7.05
N TYR R 52 40.23 -7.02 -6.46
CA TYR R 52 39.08 -7.95 -6.55
C TYR R 52 37.81 -7.30 -7.13
N PHE R 53 37.75 -5.97 -7.16
CA PHE R 53 36.50 -5.23 -7.45
C PHE R 53 36.43 -4.89 -8.94
N LEU R 54 35.31 -5.24 -9.57
CA LEU R 54 35.08 -4.95 -11.02
C LEU R 54 34.62 -3.51 -11.17
N TYR R 55 35.33 -2.73 -12.00
CA TYR R 55 34.97 -1.33 -12.31
C TYR R 55 33.65 -1.35 -13.08
N SER R 56 32.81 -0.35 -12.87
CA SER R 56 31.46 -0.32 -13.48
C SER R 56 31.60 -0.29 -15.01
N GLY R 57 30.78 -1.10 -15.69
CA GLY R 57 30.66 -1.11 -17.16
C GLY R 57 31.68 -2.02 -17.81
N VAL R 58 32.40 -2.81 -17.01
CA VAL R 58 33.28 -3.88 -17.56
C VAL R 58 32.45 -5.17 -17.64
N PRO R 59 32.50 -5.95 -18.74
CA PRO R 59 31.78 -7.24 -18.80
C PRO R 59 32.16 -8.17 -17.63
N SER R 60 31.18 -8.93 -17.13
CA SER R 60 31.37 -9.68 -15.86
C SER R 60 32.24 -10.92 -16.09
N ARG R 61 32.64 -11.20 -17.34
CA ARG R 61 33.55 -12.33 -17.64
C ARG R 61 34.95 -11.99 -17.17
N PHE R 62 35.16 -10.74 -16.72
CA PHE R 62 36.42 -10.32 -16.04
C PHE R 62 36.25 -10.47 -14.52
N SER R 63 37.24 -11.03 -13.84
CA SER R 63 37.32 -11.08 -12.37
C SER R 63 38.76 -10.90 -11.92
N GLY R 64 38.95 -10.48 -10.68
CA GLY R 64 40.24 -10.29 -10.03
C GLY R 64 40.26 -11.07 -8.74
N SER R 65 41.34 -11.76 -8.49
CA SER R 65 41.49 -12.63 -7.33
C SER R 65 42.90 -12.40 -6.80
N ARG R 66 43.16 -12.84 -5.59
CA ARG R 66 44.54 -12.91 -5.09
C ARG R 66 44.81 -14.41 -4.89
N SER R 67 46.05 -14.86 -5.06
CA SER R 67 46.42 -16.30 -4.95
C SER R 67 47.75 -16.45 -4.19
N GLY R 68 47.71 -16.61 -2.86
CA GLY R 68 48.85 -16.24 -2.00
C GLY R 68 49.38 -14.83 -2.28
N THR R 69 50.59 -14.71 -2.85
CA THR R 69 51.33 -13.41 -3.05
C THR R 69 51.16 -12.92 -4.49
N ASP R 70 50.39 -13.67 -5.27
CA ASP R 70 50.18 -13.39 -6.71
C ASP R 70 48.80 -12.79 -6.86
N PHE R 71 48.61 -11.89 -7.80
CA PHE R 71 47.26 -11.38 -8.11
C PHE R 71 46.87 -11.83 -9.51
N THR R 72 45.62 -12.24 -9.63
CA THR R 72 45.13 -12.94 -10.82
C THR R 72 44.01 -12.13 -11.45
N LEU R 73 44.18 -11.75 -12.70
CA LEU R 73 43.04 -11.37 -13.58
C LEU R 73 42.57 -12.63 -14.31
N THR R 74 41.27 -12.87 -14.32
CA THR R 74 40.66 -14.02 -15.02
C THR R 74 39.64 -13.50 -16.03
N ILE R 75 39.80 -13.90 -17.28
CA ILE R 75 38.74 -13.78 -18.31
C ILE R 75 38.13 -15.18 -18.42
N SER R 76 36.93 -15.34 -17.85
CA SER R 76 36.27 -16.66 -17.70
C SER R 76 35.86 -17.21 -19.07
N SER R 77 35.48 -16.36 -20.03
CA SER R 77 35.00 -16.79 -21.38
C SER R 77 35.50 -15.82 -22.43
N LEU R 78 36.70 -16.11 -22.94
CA LEU R 78 37.43 -15.20 -23.85
C LEU R 78 36.55 -14.89 -25.08
N GLN R 79 36.48 -13.62 -25.46
CA GLN R 79 35.75 -13.17 -26.68
C GLN R 79 36.74 -12.55 -27.66
N PRO R 80 36.44 -12.50 -28.97
CA PRO R 80 37.38 -11.99 -29.97
C PRO R 80 37.89 -10.58 -29.72
N GLU R 81 37.04 -9.73 -29.15
CA GLU R 81 37.37 -8.30 -28.89
C GLU R 81 38.31 -8.21 -27.68
N ASP R 82 38.56 -9.31 -26.98
CA ASP R 82 39.39 -9.28 -25.75
C ASP R 82 40.88 -9.27 -26.11
N PHE R 83 41.22 -9.36 -27.39
CA PHE R 83 42.63 -9.23 -27.79
C PHE R 83 43.11 -7.84 -27.36
N ALA R 84 44.12 -7.80 -26.51
CA ALA R 84 44.68 -6.53 -25.98
C ALA R 84 45.97 -6.84 -25.25
N THR R 85 46.62 -5.81 -24.73
CA THR R 85 47.69 -5.97 -23.73
C THR R 85 47.12 -5.57 -22.38
N TYR R 86 47.31 -6.40 -21.36
CA TYR R 86 46.73 -6.20 -20.01
C TYR R 86 47.86 -5.85 -19.06
N TYR R 87 47.64 -4.86 -18.21
CA TYR R 87 48.68 -4.31 -17.31
C TYR R 87 48.12 -4.33 -15.90
N CYS R 88 48.89 -4.87 -14.97
CA CYS R 88 48.61 -4.70 -13.53
C CYS R 88 49.35 -3.45 -13.03
N GLN R 89 48.87 -2.88 -11.93
CA GLN R 89 49.45 -1.65 -11.33
C GLN R 89 49.23 -1.72 -9.83
N GLN R 90 50.27 -1.42 -9.08
CA GLN R 90 50.11 -1.19 -7.64
C GLN R 90 49.89 0.31 -7.49
N TYR R 91 48.94 0.69 -6.66
CA TYR R 91 48.39 2.06 -6.72
C TYR R 91 48.43 2.74 -5.35
N SER R 92 49.59 3.30 -5.00
CA SER R 92 49.70 4.39 -3.99
C SER R 92 49.04 5.65 -4.56
N ARG R 93 48.22 6.32 -3.75
CA ARG R 93 47.50 7.57 -4.14
C ARG R 93 48.45 8.78 -4.01
N TYR R 94 49.14 8.93 -2.87
CA TYR R 94 50.22 9.92 -2.67
C TYR R 94 51.57 9.22 -2.68
N SER R 95 52.02 8.84 -3.87
CA SER R 95 53.38 8.29 -4.15
C SER R 95 53.46 7.98 -5.63
N PRO R 96 54.56 7.31 -6.08
CA PRO R 96 54.63 6.78 -7.44
C PRO R 96 54.05 5.37 -7.63
N VAL R 97 53.02 5.31 -8.46
CA VAL R 97 52.41 4.05 -8.97
C VAL R 97 53.43 3.38 -9.89
N THR R 98 53.39 2.07 -9.99
CA THR R 98 54.23 1.30 -10.96
C THR R 98 53.32 0.31 -11.71
N PHE R 99 53.57 0.12 -12.99
CA PHE R 99 52.84 -0.83 -13.85
C PHE R 99 53.64 -2.13 -14.06
N GLY R 100 52.94 -3.19 -14.48
CA GLY R 100 53.58 -4.44 -14.91
C GLY R 100 54.14 -4.30 -16.31
N GLN R 101 54.88 -5.31 -16.77
CA GLN R 101 55.50 -5.34 -18.13
C GLN R 101 54.40 -5.52 -19.20
N GLY R 102 53.25 -6.03 -18.80
CA GLY R 102 52.13 -6.25 -19.71
C GLY R 102 52.00 -7.70 -20.08
N THR R 103 50.82 -8.08 -20.55
CA THR R 103 50.52 -9.41 -21.11
C THR R 103 49.73 -9.27 -22.41
N LYS R 104 50.29 -9.71 -23.54
CA LYS R 104 49.58 -9.72 -24.84
C LYS R 104 48.67 -10.95 -24.84
N VAL R 105 47.40 -10.74 -25.14
CA VAL R 105 46.44 -11.87 -25.30
C VAL R 105 46.12 -12.01 -26.80
N GLU R 106 46.53 -13.12 -27.44
CA GLU R 106 46.14 -13.43 -28.83
C GLU R 106 44.87 -14.31 -28.77
N ILE R 107 43.96 -14.17 -29.73
CA ILE R 107 42.84 -15.14 -29.87
C ILE R 107 43.33 -16.22 -30.83
N LYS R 108 43.16 -17.47 -30.44
CA LYS R 108 43.47 -18.62 -31.31
C LYS R 108 42.19 -19.07 -32.00
N ARG R 109 42.19 -19.00 -33.32
CA ARG R 109 40.99 -19.35 -34.12
C ARG R 109 41.39 -20.38 -35.18
N THR R 110 40.41 -20.76 -36.02
CA THR R 110 40.59 -21.77 -37.09
C THR R 110 41.54 -21.20 -38.13
N VAL R 111 42.25 -22.09 -38.82
CA VAL R 111 43.19 -21.69 -39.91
C VAL R 111 42.36 -20.95 -40.99
N ALA R 112 42.87 -19.83 -41.47
CA ALA R 112 42.30 -19.11 -42.63
C ALA R 112 43.45 -18.74 -43.58
N ALA R 113 43.31 -19.07 -44.86
CA ALA R 113 44.34 -18.78 -45.86
C ALA R 113 44.15 -17.35 -46.36
N PRO R 114 45.28 -16.69 -46.69
CA PRO R 114 45.24 -15.29 -47.14
C PRO R 114 44.74 -15.14 -48.58
N SER R 115 44.12 -14.00 -48.87
CA SER R 115 43.85 -13.55 -50.25
C SER R 115 45.05 -12.72 -50.68
N VAL R 116 45.67 -13.09 -51.76
CA VAL R 116 46.90 -12.35 -52.16
C VAL R 116 46.53 -11.36 -53.25
N PHE R 117 47.11 -10.16 -53.19
CA PHE R 117 46.99 -9.12 -54.23
C PHE R 117 48.34 -8.49 -54.48
N ILE R 118 48.64 -8.24 -55.75
CA ILE R 118 49.93 -7.62 -56.13
C ILE R 118 49.64 -6.32 -56.89
N PHE R 119 50.35 -5.27 -56.49
CA PHE R 119 50.16 -3.89 -57.00
C PHE R 119 51.45 -3.42 -57.61
N PRO R 120 51.46 -3.13 -58.93
CA PRO R 120 52.65 -2.62 -59.58
C PRO R 120 52.78 -1.14 -59.20
N PRO R 121 54.00 -0.56 -59.24
CA PRO R 121 54.21 0.84 -58.88
C PRO R 121 53.51 1.82 -59.85
N SER R 122 53.03 2.94 -59.31
CA SER R 122 52.23 3.89 -60.10
C SER R 122 53.16 4.73 -61.00
N ASP R 123 52.65 5.22 -62.13
CA ASP R 123 53.42 6.07 -63.06
C ASP R 123 53.90 7.31 -62.31
N GLU R 124 53.00 7.90 -61.52
CA GLU R 124 53.27 9.10 -60.69
C GLU R 124 54.56 8.88 -59.93
N GLN R 125 54.69 7.71 -59.30
CA GLN R 125 55.87 7.38 -58.47
C GLN R 125 57.08 7.13 -59.38
N LEU R 126 56.93 6.44 -60.50
CA LEU R 126 58.09 6.07 -61.37
C LEU R 126 58.79 7.33 -61.86
N LYS R 127 58.04 8.41 -62.10
CA LYS R 127 58.66 9.65 -62.60
C LYS R 127 59.44 10.31 -61.46
N SER R 128 59.23 9.91 -60.21
CA SER R 128 59.98 10.45 -59.05
C SER R 128 61.30 9.69 -58.86
N GLY R 129 61.51 8.59 -59.57
CA GLY R 129 62.78 7.83 -59.52
C GLY R 129 62.73 6.64 -58.57
N THR R 130 61.56 6.21 -58.12
CA THR R 130 61.47 5.06 -57.21
C THR R 130 60.32 4.20 -57.64
N ALA R 131 60.45 2.89 -57.44
CA ALA R 131 59.36 1.93 -57.71
C ALA R 131 59.17 1.08 -56.46
N SER R 132 58.00 1.17 -55.84
CA SER R 132 57.66 0.27 -54.72
C SER R 132 56.56 -0.68 -55.21
N VAL R 133 56.86 -1.95 -55.17
CA VAL R 133 55.87 -3.01 -55.52
C VAL R 133 55.28 -3.53 -54.21
N VAL R 134 53.96 -3.69 -54.17
CA VAL R 134 53.28 -4.08 -52.92
C VAL R 134 52.60 -5.42 -53.14
N CYS R 135 52.73 -6.29 -52.15
CA CYS R 135 52.04 -7.59 -52.11
C CYS R 135 51.24 -7.62 -50.83
N LEU R 136 49.95 -7.88 -50.92
CA LEU R 136 49.04 -7.80 -49.75
C LEU R 136 48.44 -9.17 -49.47
N LEU R 137 48.63 -9.64 -48.25
CA LEU R 137 48.02 -10.90 -47.74
C LEU R 137 46.83 -10.52 -46.86
N ASN R 138 45.62 -10.96 -47.19
CA ASN R 138 44.39 -10.43 -46.56
C ASN R 138 43.68 -11.51 -45.74
N ASN R 139 43.47 -11.20 -44.44
CA ASN R 139 42.55 -11.90 -43.50
C ASN R 139 42.96 -13.37 -43.35
N PHE R 140 44.11 -13.61 -42.78
CA PHE R 140 44.61 -14.99 -42.58
C PHE R 140 44.88 -15.24 -41.10
N TYR R 141 44.88 -16.51 -40.72
CA TYR R 141 45.34 -16.99 -39.38
C TYR R 141 45.99 -18.34 -39.61
N PRO R 142 47.10 -18.69 -38.93
CA PRO R 142 47.79 -17.81 -38.00
C PRO R 142 48.70 -16.79 -38.68
N ARG R 143 49.37 -16.01 -37.84
CA ARG R 143 50.17 -14.83 -38.25
C ARG R 143 51.36 -15.29 -39.12
N GLU R 144 51.89 -16.51 -38.94
CA GLU R 144 53.18 -16.96 -39.56
C GLU R 144 52.95 -17.21 -41.06
N ALA R 145 53.55 -16.41 -41.92
CA ALA R 145 53.42 -16.52 -43.39
C ALA R 145 54.70 -16.01 -44.04
N LYS R 146 55.07 -16.56 -45.20
CA LYS R 146 56.39 -16.27 -45.82
C LYS R 146 56.17 -15.68 -47.21
N VAL R 147 56.69 -14.49 -47.43
CA VAL R 147 56.55 -13.76 -48.71
C VAL R 147 57.92 -13.66 -49.33
N GLN R 148 58.11 -14.32 -50.45
CA GLN R 148 59.35 -14.17 -51.24
C GLN R 148 59.01 -13.40 -52.51
N TRP R 149 59.92 -12.53 -52.89
CA TRP R 149 59.82 -11.78 -54.17
C TRP R 149 60.70 -12.48 -55.19
N LYS R 150 60.16 -12.67 -56.39
CA LYS R 150 60.93 -13.20 -57.53
C LYS R 150 60.78 -12.25 -58.72
N VAL R 151 61.89 -11.64 -59.11
CA VAL R 151 61.94 -10.72 -60.27
C VAL R 151 62.65 -11.45 -61.40
N ASP R 152 61.88 -11.84 -62.42
CA ASP R 152 62.39 -12.67 -63.53
C ASP R 152 62.98 -13.95 -62.92
N ASN R 153 62.29 -14.44 -61.90
CA ASN R 153 62.48 -15.78 -61.30
C ASN R 153 63.76 -15.80 -60.47
N ALA R 154 64.33 -14.63 -60.19
CA ALA R 154 65.47 -14.50 -59.25
C ALA R 154 64.90 -14.13 -57.87
N LEU R 155 65.16 -14.95 -56.86
CA LEU R 155 64.76 -14.67 -55.45
C LEU R 155 65.43 -13.37 -55.03
N GLN R 156 64.66 -12.51 -54.36
CA GLN R 156 65.14 -11.18 -53.92
C GLN R 156 65.55 -11.21 -52.45
N SER R 157 66.52 -10.36 -52.11
CA SER R 157 67.15 -10.31 -50.78
C SER R 157 67.32 -8.85 -50.37
N GLY R 158 66.64 -8.47 -49.28
CA GLY R 158 66.92 -7.30 -48.45
C GLY R 158 66.46 -5.99 -49.07
N ASN R 159 65.58 -6.02 -50.08
CA ASN R 159 65.02 -4.79 -50.71
C ASN R 159 63.51 -4.74 -50.42
N SER R 160 63.05 -5.47 -49.42
CA SER R 160 61.62 -5.54 -49.05
C SER R 160 61.49 -5.35 -47.55
N GLN R 161 60.35 -4.82 -47.09
CA GLN R 161 59.94 -4.88 -45.68
C GLN R 161 58.49 -5.32 -45.61
N GLU R 162 58.13 -5.95 -44.49
CA GLU R 162 56.75 -6.43 -44.22
C GLU R 162 56.20 -5.75 -43.00
N SER R 163 54.89 -5.51 -43.00
CA SER R 163 54.18 -4.82 -41.91
C SER R 163 52.83 -5.53 -41.70
N VAL R 164 52.49 -5.85 -40.46
CA VAL R 164 51.34 -6.75 -40.14
C VAL R 164 50.34 -5.94 -39.32
N THR R 165 49.07 -6.00 -39.68
CA THR R 165 48.03 -5.29 -38.89
C THR R 165 47.93 -5.98 -37.54
N GLU R 166 47.25 -5.34 -36.59
CA GLU R 166 46.94 -6.02 -35.31
C GLU R 166 45.75 -6.94 -35.55
N GLN R 167 45.64 -7.98 -34.74
CA GLN R 167 44.55 -8.98 -34.87
C GLN R 167 43.21 -8.25 -34.93
N ASP R 168 42.35 -8.63 -35.88
CA ASP R 168 41.00 -8.03 -36.07
C ASP R 168 40.14 -8.34 -34.84
N SER R 169 39.37 -7.38 -34.36
CA SER R 169 38.60 -7.57 -33.10
C SER R 169 37.31 -8.37 -33.34
N LYS R 170 36.94 -8.67 -34.59
CA LYS R 170 35.73 -9.48 -34.88
C LYS R 170 36.14 -10.86 -35.42
N ASP R 171 37.03 -10.95 -36.42
CA ASP R 171 37.33 -12.25 -37.07
C ASP R 171 38.67 -12.82 -36.59
N SER R 172 39.45 -12.04 -35.86
CA SER R 172 40.71 -12.51 -35.22
C SER R 172 41.75 -12.93 -36.25
N THR R 173 41.83 -12.23 -37.39
CA THR R 173 42.78 -12.57 -38.46
C THR R 173 43.75 -11.43 -38.65
N TYR R 174 44.76 -11.66 -39.48
CA TYR R 174 45.86 -10.71 -39.76
C TYR R 174 45.78 -10.33 -41.23
N SER R 175 46.36 -9.19 -41.56
CA SER R 175 46.64 -8.76 -42.94
C SER R 175 48.10 -8.32 -42.97
N LEU R 176 48.84 -8.73 -43.99
CA LEU R 176 50.30 -8.44 -44.11
C LEU R 176 50.55 -7.71 -45.42
N SER R 177 51.54 -6.83 -45.39
CA SER R 177 51.94 -5.95 -46.50
C SER R 177 53.44 -6.13 -46.68
N SER R 178 53.84 -6.63 -47.84
CA SER R 178 55.27 -6.66 -48.23
C SER R 178 55.50 -5.65 -49.36
N THR R 179 56.43 -4.73 -49.12
CA THR R 179 56.77 -3.68 -50.09
C THR R 179 58.18 -3.88 -50.63
N LEU R 180 58.31 -3.91 -51.95
CA LEU R 180 59.58 -4.19 -52.64
C LEU R 180 60.02 -2.89 -53.30
N THR R 181 61.06 -2.26 -52.73
CA THR R 181 61.51 -0.91 -53.12
C THR R 181 62.77 -1.00 -53.97
N LEU R 182 62.72 -0.38 -55.14
CA LEU R 182 63.81 -0.36 -56.13
C LEU R 182 63.89 1.05 -56.72
N SER R 183 65.03 1.36 -57.32
CA SER R 183 65.19 2.55 -58.21
C SER R 183 64.41 2.29 -59.49
N LYS R 184 63.83 3.36 -60.04
CA LYS R 184 63.19 3.33 -61.38
C LYS R 184 64.10 2.54 -62.33
N ALA R 185 65.41 2.80 -62.32
CA ALA R 185 66.42 2.19 -63.23
C ALA R 185 66.46 0.66 -63.08
N ASP R 186 66.58 0.17 -61.84
CA ASP R 186 66.59 -1.28 -61.50
C ASP R 186 65.27 -1.91 -61.91
N TYR R 187 64.18 -1.18 -61.76
CA TYR R 187 62.83 -1.74 -62.02
C TYR R 187 62.64 -1.94 -63.52
N GLU R 188 63.06 -0.96 -64.32
CA GLU R 188 62.85 -0.95 -65.79
C GLU R 188 63.79 -1.98 -66.44
N LYS R 189 64.62 -2.69 -65.69
CA LYS R 189 65.58 -3.65 -66.28
C LYS R 189 64.94 -5.02 -66.45
N HIS R 190 63.78 -5.28 -65.85
CA HIS R 190 63.19 -6.65 -65.75
C HIS R 190 61.73 -6.65 -66.18
N LYS R 191 61.19 -7.81 -66.52
CA LYS R 191 59.81 -7.95 -67.05
C LYS R 191 58.88 -8.44 -65.93
N VAL R 192 59.16 -9.58 -65.32
CA VAL R 192 58.08 -10.30 -64.57
C VAL R 192 58.34 -10.23 -63.06
N TYR R 193 57.36 -9.73 -62.34
CA TYR R 193 57.44 -9.45 -60.89
C TYR R 193 56.41 -10.29 -60.17
N ALA R 194 56.83 -11.04 -59.18
CA ALA R 194 55.94 -12.00 -58.49
C ALA R 194 56.26 -12.04 -57.02
N CYS R 195 55.21 -12.12 -56.20
CA CYS R 195 55.35 -12.48 -54.78
C CYS R 195 54.77 -13.87 -54.62
N GLU R 196 55.54 -14.73 -53.98
CA GLU R 196 55.16 -16.12 -53.71
C GLU R 196 54.94 -16.26 -52.20
N VAL R 197 53.74 -16.69 -51.82
CA VAL R 197 53.28 -16.73 -50.41
C VAL R 197 53.14 -18.19 -49.98
N THR R 198 53.72 -18.58 -48.85
CA THR R 198 53.52 -19.92 -48.24
C THR R 198 52.87 -19.72 -46.87
N HIS R 199 51.75 -20.39 -46.62
CA HIS R 199 50.97 -20.28 -45.36
C HIS R 199 50.34 -21.62 -45.05
N GLN R 200 50.10 -21.88 -43.76
CA GLN R 200 49.52 -23.16 -43.26
C GLN R 200 48.22 -23.47 -44.01
N GLY R 201 47.41 -22.47 -44.38
CA GLY R 201 46.07 -22.70 -44.98
C GLY R 201 46.13 -22.89 -46.48
N LEU R 202 47.35 -22.95 -47.04
CA LEU R 202 47.56 -23.07 -48.51
C LEU R 202 48.29 -24.38 -48.78
N SER R 203 47.64 -25.35 -49.43
CA SER R 203 48.21 -26.68 -49.76
C SER R 203 49.46 -26.48 -50.62
N SER R 204 49.47 -25.51 -51.53
CA SER R 204 50.68 -25.14 -52.31
C SER R 204 50.98 -23.66 -52.13
N PRO R 205 52.26 -23.23 -52.24
CA PRO R 205 52.57 -21.81 -52.25
C PRO R 205 51.86 -21.10 -53.39
N VAL R 206 51.41 -19.88 -53.16
CA VAL R 206 50.66 -19.05 -54.14
C VAL R 206 51.59 -17.96 -54.68
N THR R 207 51.65 -17.78 -56.00
CA THR R 207 52.30 -16.59 -56.62
C THR R 207 51.25 -15.69 -57.26
N LYS R 208 51.34 -14.42 -56.94
CA LYS R 208 50.60 -13.38 -57.67
C LYS R 208 51.65 -12.57 -58.42
N SER R 209 51.52 -12.43 -59.74
CA SER R 209 52.57 -11.81 -60.58
C SER R 209 51.96 -10.90 -61.63
N PHE R 210 52.82 -10.11 -62.24
CA PHE R 210 52.50 -9.24 -63.39
C PHE R 210 53.74 -9.11 -64.29
N ASN R 211 53.50 -8.91 -65.59
CA ASN R 211 54.48 -8.46 -66.60
C ASN R 211 54.42 -6.94 -66.67
N ARG R 212 55.57 -6.31 -66.82
CA ARG R 212 55.77 -4.87 -66.50
C ARG R 212 54.88 -4.00 -67.40
N GLY R 213 54.66 -4.42 -68.66
CA GLY R 213 53.68 -3.81 -69.59
C GLY R 213 52.23 -3.92 -69.08
N GLU R 214 51.57 -5.06 -69.30
CA GLU R 214 50.16 -5.31 -68.87
C GLU R 214 49.23 -4.27 -69.49
N VAL S 2 27.34 11.42 -51.43
CA VAL S 2 27.85 12.75 -51.92
C VAL S 2 28.18 13.67 -50.72
N GLN S 3 29.22 14.50 -50.84
CA GLN S 3 29.47 15.68 -49.96
C GLN S 3 30.54 16.57 -50.59
N LEU S 4 30.52 17.85 -50.20
CA LEU S 4 31.43 18.86 -50.74
C LEU S 4 31.97 19.66 -49.58
N VAL S 5 33.29 19.89 -49.51
CA VAL S 5 33.92 20.58 -48.37
C VAL S 5 34.89 21.62 -48.90
N GLU S 6 34.65 22.89 -48.57
CA GLU S 6 35.49 24.01 -49.04
C GLU S 6 36.59 24.28 -48.02
N SER S 7 37.68 24.85 -48.49
CA SER S 7 38.83 25.25 -47.66
C SER S 7 39.67 26.29 -48.41
N GLY S 8 40.54 26.97 -47.67
CA GLY S 8 41.51 27.95 -48.23
C GLY S 8 41.09 29.38 -47.99
N GLY S 9 39.87 29.60 -47.45
CA GLY S 9 39.30 30.92 -47.07
C GLY S 9 40.11 31.62 -45.99
N GLY S 10 39.79 32.88 -45.69
CA GLY S 10 40.50 33.64 -44.64
C GLY S 10 40.68 35.11 -45.02
N LEU S 11 41.72 35.73 -44.44
CA LEU S 11 41.98 37.19 -44.52
C LEU S 11 42.98 37.46 -45.65
N VAL S 12 42.70 38.45 -46.47
CA VAL S 12 43.61 38.87 -47.56
C VAL S 12 43.52 40.37 -47.74
N GLN S 13 44.64 41.00 -48.11
CA GLN S 13 44.69 42.47 -48.30
C GLN S 13 43.98 42.81 -49.62
N PRO S 14 43.38 44.02 -49.73
CA PRO S 14 42.86 44.50 -51.00
C PRO S 14 43.94 44.45 -52.08
N GLY S 15 43.57 44.00 -53.28
CA GLY S 15 44.50 43.78 -54.41
C GLY S 15 45.19 42.43 -54.32
N GLY S 16 44.98 41.70 -53.24
CA GLY S 16 45.67 40.41 -53.00
C GLY S 16 45.06 39.26 -53.78
N SER S 17 45.72 38.10 -53.70
CA SER S 17 45.30 36.82 -54.32
C SER S 17 45.03 35.78 -53.23
N LEU S 18 44.15 34.83 -53.57
CA LEU S 18 43.71 33.69 -52.71
C LEU S 18 43.25 32.56 -53.61
N ARG S 19 43.38 31.31 -53.17
CA ARG S 19 42.79 30.18 -53.91
C ARG S 19 42.00 29.30 -52.96
N LEU S 20 40.71 29.15 -53.26
CA LEU S 20 39.78 28.23 -52.54
C LEU S 20 39.81 26.85 -53.18
N SER S 21 39.56 25.80 -52.41
CA SER S 21 39.47 24.40 -52.89
C SER S 21 38.17 23.78 -52.41
N CYS S 22 37.58 22.97 -53.25
CA CYS S 22 36.38 22.21 -52.86
C CYS S 22 36.65 20.73 -53.04
N ALA S 23 36.83 20.01 -51.94
CA ALA S 23 37.11 18.56 -51.97
C ALA S 23 35.77 17.80 -52.00
N ALA S 24 35.54 17.09 -53.10
CA ALA S 24 34.31 16.31 -53.36
C ALA S 24 34.53 14.87 -52.92
N SER S 25 33.49 14.23 -52.40
CA SER S 25 33.48 12.76 -52.30
C SER S 25 32.09 12.21 -52.64
N GLY S 26 32.07 10.97 -53.12
CA GLY S 26 30.81 10.25 -53.38
C GLY S 26 30.39 10.45 -54.81
N PHE S 27 31.25 11.05 -55.64
CA PHE S 27 30.99 11.23 -57.09
C PHE S 27 32.28 11.69 -57.80
N ASN S 28 32.21 11.73 -59.13
CA ASN S 28 33.34 12.10 -60.01
C ASN S 28 33.16 13.50 -60.53
N VAL S 29 34.16 14.35 -60.29
CA VAL S 29 34.15 15.79 -60.67
C VAL S 29 34.04 15.89 -62.20
N TYR S 30 34.77 14.98 -62.87
CA TYR S 30 34.97 14.97 -64.32
C TYR S 30 33.60 14.85 -64.99
N ALA S 31 32.59 14.27 -64.35
CA ALA S 31 31.38 13.87 -65.07
C ALA S 31 30.23 14.81 -64.72
N SER S 32 30.55 15.96 -64.13
CA SER S 32 29.54 16.87 -63.54
C SER S 32 30.01 18.29 -63.75
N GLY S 33 29.19 19.24 -63.27
CA GLY S 33 29.52 20.67 -63.23
C GLY S 33 29.70 21.12 -61.80
N MET S 34 30.69 21.96 -61.54
CA MET S 34 30.92 22.56 -60.19
C MET S 34 30.71 24.06 -60.31
N HIS S 35 29.98 24.64 -59.38
CA HIS S 35 29.75 26.10 -59.31
C HIS S 35 30.41 26.64 -58.05
N TRP S 36 30.70 27.94 -58.09
CA TRP S 36 31.06 28.74 -56.91
C TRP S 36 29.99 29.80 -56.72
N VAL S 37 29.33 29.83 -55.56
CA VAL S 37 28.27 30.82 -55.18
C VAL S 37 28.78 31.55 -53.96
N ARG S 38 28.62 32.86 -53.90
CA ARG S 38 29.10 33.62 -52.72
C ARG S 38 27.94 34.40 -52.11
N GLN S 39 28.15 34.81 -50.86
CA GLN S 39 27.15 35.58 -50.09
C GLN S 39 27.89 36.58 -49.21
N ALA S 40 27.88 37.85 -49.63
CA ALA S 40 28.45 38.98 -48.88
C ALA S 40 27.69 39.04 -47.58
N PRO S 41 28.31 39.54 -46.50
CA PRO S 41 27.71 39.36 -45.17
C PRO S 41 26.32 40.00 -45.13
N GLY S 42 25.32 39.18 -44.77
CA GLY S 42 23.87 39.49 -44.68
C GLY S 42 23.28 39.96 -46.00
N LYS S 43 23.86 39.57 -47.14
CA LYS S 43 23.33 39.88 -48.49
C LYS S 43 22.82 38.60 -49.15
N GLY S 44 22.31 38.69 -50.39
CA GLY S 44 21.75 37.56 -51.12
C GLY S 44 22.82 36.68 -51.71
N LEU S 45 22.40 35.58 -52.34
CA LEU S 45 23.33 34.64 -53.01
C LEU S 45 23.71 35.24 -54.37
N GLU S 46 24.98 35.16 -54.72
CA GLU S 46 25.47 35.60 -56.05
C GLU S 46 26.27 34.47 -56.67
N TRP S 47 25.78 33.94 -57.78
CA TRP S 47 26.55 32.97 -58.58
C TRP S 47 27.82 33.65 -59.11
N VAL S 48 28.91 32.90 -59.15
CA VAL S 48 30.28 33.42 -59.38
C VAL S 48 30.87 32.76 -60.62
N ALA S 49 30.88 31.42 -60.67
CA ALA S 49 31.60 30.66 -61.72
C ALA S 49 31.06 29.23 -61.80
N LYS S 50 31.25 28.59 -62.96
CA LYS S 50 30.92 27.15 -63.21
C LYS S 50 31.98 26.54 -64.12
N ILE S 51 32.31 25.27 -63.90
CA ILE S 51 33.30 24.55 -64.74
C ILE S 51 32.77 23.17 -65.07
N TYR S 52 33.01 22.75 -66.30
CA TYR S 52 32.79 21.36 -66.80
C TYR S 52 34.17 20.73 -66.90
N PRO S 53 34.63 20.06 -65.83
CA PRO S 53 36.02 19.61 -65.73
C PRO S 53 36.40 18.67 -66.88
N ASP S 54 35.47 18.21 -67.71
CA ASP S 54 35.83 17.38 -68.89
C ASP S 54 36.38 18.33 -69.96
N SER S 55 37.40 19.11 -69.55
CA SER S 55 38.38 19.92 -70.33
C SER S 55 37.81 21.29 -70.71
N ASP S 56 36.49 21.49 -70.66
CA ASP S 56 35.89 22.53 -71.53
C ASP S 56 34.96 23.42 -70.72
N TYR S 57 34.98 24.68 -71.12
CA TYR S 57 34.10 25.83 -70.80
C TYR S 57 33.95 26.07 -69.29
N THR S 58 34.51 27.20 -68.90
CA THR S 58 34.30 27.86 -67.60
C THR S 58 33.33 29.03 -67.86
N TYR S 59 32.25 29.14 -67.10
CA TYR S 59 31.35 30.31 -67.16
C TYR S 59 31.55 31.16 -65.90
N TYR S 60 31.73 32.48 -66.01
CA TYR S 60 31.81 33.38 -64.84
C TYR S 60 30.78 34.51 -64.94
N ALA S 61 30.46 35.13 -63.80
CA ALA S 61 29.61 36.34 -63.69
C ALA S 61 30.48 37.56 -64.08
N ASP S 62 29.88 38.60 -64.66
CA ASP S 62 30.62 39.82 -65.08
C ASP S 62 31.33 40.46 -63.87
N SER S 63 30.78 40.41 -62.66
CA SER S 63 31.40 41.04 -61.46
C SER S 63 32.77 40.43 -61.15
N VAL S 64 33.15 39.25 -61.69
CA VAL S 64 34.44 38.57 -61.34
C VAL S 64 35.23 38.18 -62.60
N LYS S 65 34.66 38.43 -63.78
CA LYS S 65 35.27 38.03 -65.07
C LYS S 65 36.68 38.62 -65.13
N GLY S 66 37.66 37.79 -65.46
CA GLY S 66 39.05 38.23 -65.67
C GLY S 66 39.83 38.43 -64.37
N ARG S 67 39.20 38.28 -63.21
CA ARG S 67 39.92 38.28 -61.90
C ARG S 67 39.93 36.85 -61.33
N PHE S 68 38.80 36.15 -61.42
CA PHE S 68 38.63 34.77 -60.87
C PHE S 68 38.83 33.75 -61.99
N THR S 69 39.46 32.64 -61.66
CA THR S 69 39.67 31.48 -62.56
C THR S 69 39.28 30.21 -61.82
N ILE S 70 38.27 29.53 -62.34
CA ILE S 70 37.84 28.23 -61.81
C ILE S 70 38.65 27.16 -62.55
N SER S 71 39.07 26.15 -61.84
CA SER S 71 39.83 25.02 -62.41
C SER S 71 39.47 23.75 -61.65
N ALA S 72 39.95 22.59 -62.10
CA ALA S 72 39.64 21.31 -61.44
C ALA S 72 40.79 20.32 -61.63
N ASP S 73 41.12 19.58 -60.55
CA ASP S 73 42.10 18.47 -60.57
C ASP S 73 41.37 17.14 -60.33
N THR S 74 41.09 16.39 -61.39
CA THR S 74 40.23 15.19 -61.32
C THR S 74 40.99 14.12 -60.53
N SER S 75 42.33 14.12 -60.55
CA SER S 75 43.17 13.12 -59.85
C SER S 75 43.00 13.29 -58.34
N LYS S 76 42.72 14.51 -57.89
CA LYS S 76 42.50 14.83 -56.46
C LYS S 76 41.02 14.97 -56.18
N ASN S 77 40.17 14.80 -57.19
CA ASN S 77 38.69 15.00 -57.11
C ASN S 77 38.35 16.29 -56.36
N THR S 78 38.97 17.40 -56.77
CA THR S 78 38.87 18.73 -56.13
C THR S 78 38.71 19.80 -57.22
N ALA S 79 37.87 20.81 -56.96
CA ALA S 79 37.74 22.01 -57.81
C ALA S 79 38.33 23.21 -57.06
N TYR S 80 38.71 24.26 -57.78
CA TYR S 80 39.40 25.44 -57.20
C TYR S 80 38.80 26.74 -57.72
N LEU S 81 38.85 27.77 -56.90
CA LEU S 81 38.59 29.15 -57.37
C LEU S 81 39.81 30.02 -57.06
N GLN S 82 40.58 30.39 -58.09
CA GLN S 82 41.73 31.32 -57.97
C GLN S 82 41.15 32.72 -58.07
N MET S 83 41.39 33.53 -57.04
CA MET S 83 40.84 34.90 -56.93
C MET S 83 42.02 35.87 -56.90
N ASN S 84 42.13 36.72 -57.93
CA ASN S 84 43.18 37.78 -58.01
C ASN S 84 42.53 39.17 -57.97
N SER S 85 43.31 40.19 -57.62
CA SER S 85 42.84 41.60 -57.55
C SER S 85 41.57 41.68 -56.70
N LEU S 86 41.61 41.13 -55.49
CA LEU S 86 40.43 41.12 -54.58
C LEU S 86 40.09 42.54 -54.12
N ARG S 87 38.80 42.83 -54.00
CA ARG S 87 38.28 44.13 -53.48
C ARG S 87 37.49 43.87 -52.21
N ALA S 88 37.17 44.91 -51.45
CA ALA S 88 36.36 44.80 -50.21
C ALA S 88 34.98 44.20 -50.54
N GLU S 89 34.50 44.47 -51.76
CA GLU S 89 33.22 43.95 -52.32
C GLU S 89 33.22 42.42 -52.42
N ASP S 90 34.39 41.78 -52.45
CA ASP S 90 34.49 40.30 -52.58
C ASP S 90 34.46 39.62 -51.21
N THR S 91 34.41 40.39 -50.12
CA THR S 91 34.27 39.82 -48.76
C THR S 91 32.91 39.13 -48.69
N ALA S 92 32.91 37.83 -48.41
CA ALA S 92 31.71 36.98 -48.47
C ALA S 92 32.02 35.55 -47.99
N VAL S 93 30.97 34.79 -47.68
CA VAL S 93 31.06 33.31 -47.56
C VAL S 93 31.00 32.72 -48.97
N TYR S 94 31.97 31.89 -49.32
CA TYR S 94 32.02 31.21 -50.63
C TYR S 94 31.57 29.75 -50.51
N TYR S 95 30.48 29.39 -51.21
CA TYR S 95 29.94 28.02 -51.36
C TYR S 95 30.39 27.41 -52.69
N CYS S 96 30.69 26.13 -52.63
CA CYS S 96 30.91 25.24 -53.79
C CYS S 96 29.71 24.28 -53.88
N SER S 97 29.10 24.20 -55.05
CA SER S 97 27.92 23.33 -55.27
C SER S 97 28.06 22.65 -56.62
N ARG S 98 27.29 21.60 -56.86
CA ARG S 98 27.34 20.85 -58.14
C ARG S 98 25.97 20.85 -58.78
N ASP S 99 25.92 20.58 -60.09
CA ASP S 99 24.70 20.22 -60.82
C ASP S 99 24.43 18.77 -60.51
N SER S 100 23.18 18.46 -60.21
CA SER S 100 22.65 17.10 -59.97
C SER S 100 23.05 16.23 -61.14
N SER S 101 23.50 15.02 -60.84
CA SER S 101 23.89 13.98 -61.82
C SER S 101 22.62 13.47 -62.53
N PHE S 102 21.44 13.76 -61.97
CA PHE S 102 20.17 13.15 -62.39
C PHE S 102 19.58 13.83 -63.65
N TYR S 103 20.09 14.98 -64.10
CA TYR S 103 19.77 15.65 -65.40
C TYR S 103 18.30 16.08 -65.50
N TYR S 104 17.33 15.37 -64.92
CA TYR S 104 15.92 15.82 -64.89
C TYR S 104 15.72 16.73 -63.68
N VAL S 105 16.68 16.83 -62.78
CA VAL S 105 16.63 17.80 -61.64
C VAL S 105 17.48 18.98 -62.08
N TYR S 106 16.84 20.09 -62.45
CA TYR S 106 17.46 21.23 -63.16
C TYR S 106 17.97 22.23 -62.11
N ALA S 107 18.97 21.84 -61.30
CA ALA S 107 19.42 22.64 -60.14
C ALA S 107 20.77 22.20 -59.57
N MET S 108 21.16 22.84 -58.48
CA MET S 108 22.29 22.47 -57.59
C MET S 108 21.71 21.69 -56.40
N ASP S 109 21.85 20.36 -56.43
CA ASP S 109 21.32 19.44 -55.37
C ASP S 109 22.24 19.37 -54.14
N TYR S 110 23.56 19.43 -54.31
CA TYR S 110 24.51 19.30 -53.18
C TYR S 110 25.38 20.55 -53.11
N TRP S 111 25.52 21.04 -51.88
CA TRP S 111 26.31 22.24 -51.50
C TRP S 111 27.28 21.89 -50.39
N GLY S 112 28.42 22.58 -50.39
CA GLY S 112 29.32 22.60 -49.23
C GLY S 112 28.89 23.59 -48.19
N GLN S 113 29.59 23.57 -47.07
CA GLN S 113 29.29 24.30 -45.81
C GLN S 113 29.64 25.80 -45.94
N GLY S 114 30.55 26.16 -46.83
CA GLY S 114 31.00 27.55 -47.07
C GLY S 114 32.28 27.88 -46.34
N THR S 115 33.15 28.69 -46.97
CA THR S 115 34.40 29.23 -46.38
C THR S 115 34.37 30.76 -46.53
N LEU S 116 34.60 31.49 -45.43
CA LEU S 116 34.50 32.97 -45.40
C LEU S 116 35.82 33.56 -45.89
N VAL S 117 35.72 34.46 -46.87
CA VAL S 117 36.89 35.21 -47.42
C VAL S 117 36.72 36.67 -47.04
N THR S 118 37.72 37.20 -46.36
CA THR S 118 37.70 38.57 -45.81
C THR S 118 38.76 39.39 -46.52
N VAL S 119 38.34 40.45 -47.18
CA VAL S 119 39.27 41.35 -47.90
C VAL S 119 39.43 42.62 -47.05
N SER S 120 40.56 42.76 -46.34
CA SER S 120 40.81 43.93 -45.44
C SER S 120 42.29 44.22 -45.23
N SER S 121 42.62 45.48 -44.98
CA SER S 121 44.00 45.93 -44.66
C SER S 121 44.29 45.59 -43.21
N ALA S 122 43.26 45.56 -42.37
CA ALA S 122 43.40 45.39 -40.90
C ALA S 122 44.11 44.07 -40.58
N SER S 123 44.69 43.97 -39.39
CA SER S 123 45.64 42.87 -39.06
C SER S 123 44.94 41.82 -38.20
N THR S 124 45.42 40.57 -38.23
CA THR S 124 44.80 39.45 -37.47
C THR S 124 45.07 39.66 -35.98
N LYS S 125 44.03 39.50 -35.16
CA LYS S 125 44.18 39.52 -33.69
C LYS S 125 43.30 38.41 -33.07
N GLY S 126 43.90 37.62 -32.18
CA GLY S 126 43.21 36.61 -31.36
C GLY S 126 42.38 37.24 -30.25
N PRO S 127 41.30 36.58 -29.80
CA PRO S 127 40.39 37.15 -28.81
C PRO S 127 40.93 37.04 -27.40
N SER S 128 40.39 37.90 -26.54
CA SER S 128 40.44 37.76 -25.07
C SER S 128 39.12 37.13 -24.59
N VAL S 129 39.22 36.15 -23.70
CA VAL S 129 38.03 35.40 -23.21
C VAL S 129 37.81 35.72 -21.74
N PHE S 130 36.65 36.25 -21.43
CA PHE S 130 36.30 36.66 -20.05
C PHE S 130 35.09 35.87 -19.64
N PRO S 131 35.00 35.43 -18.36
CA PRO S 131 33.84 34.71 -17.88
C PRO S 131 32.72 35.69 -17.53
N LEU S 132 31.49 35.38 -17.89
CA LEU S 132 30.29 36.08 -17.37
C LEU S 132 29.76 35.22 -16.24
N ALA S 133 30.23 35.53 -15.03
CA ALA S 133 30.07 34.64 -13.87
C ALA S 133 28.61 34.74 -13.43
N PRO S 134 28.02 33.58 -13.07
CA PRO S 134 26.63 33.52 -12.66
C PRO S 134 26.55 34.28 -11.34
N SER S 135 25.53 35.12 -11.17
CA SER S 135 25.43 36.04 -10.02
C SER S 135 24.67 35.30 -8.92
N SER S 136 25.35 34.95 -7.80
CA SER S 136 24.73 34.30 -6.62
C SER S 136 23.71 35.28 -6.04
N LYS S 137 23.98 36.57 -6.22
CA LYS S 137 23.15 37.68 -5.71
C LYS S 137 21.93 37.85 -6.62
N SER S 138 22.11 38.10 -7.92
CA SER S 138 20.98 38.31 -8.86
C SER S 138 20.76 37.02 -9.67
N THR S 139 20.29 37.17 -10.91
CA THR S 139 20.10 36.07 -11.89
C THR S 139 19.74 34.79 -11.12
N SER S 140 18.59 34.81 -10.43
CA SER S 140 18.09 33.65 -9.64
C SER S 140 16.57 33.58 -9.72
N GLY S 141 16.00 33.47 -10.94
CA GLY S 141 14.62 32.99 -11.14
C GLY S 141 14.55 31.49 -10.95
N GLY S 142 15.38 30.94 -10.02
CA GLY S 142 15.66 29.49 -9.81
C GLY S 142 16.74 28.98 -10.77
N THR S 143 16.81 29.63 -11.93
CA THR S 143 17.88 29.42 -12.93
C THR S 143 18.89 30.55 -12.84
N ALA S 144 20.15 30.19 -13.03
CA ALA S 144 21.28 31.12 -13.20
C ALA S 144 21.71 31.08 -14.66
N ALA S 145 22.16 32.22 -15.13
CA ALA S 145 22.73 32.37 -16.46
C ALA S 145 24.22 32.61 -16.26
N LEU S 146 25.01 31.94 -17.07
CA LEU S 146 26.46 32.19 -17.10
C LEU S 146 26.90 32.16 -18.56
N GLY S 147 28.09 32.69 -18.80
CA GLY S 147 28.55 32.77 -20.18
C GLY S 147 30.01 33.11 -20.25
N CYS S 148 30.49 33.27 -21.48
CA CYS S 148 31.81 33.89 -21.67
C CYS S 148 31.68 34.94 -22.78
N LEU S 149 32.53 35.94 -22.65
CA LEU S 149 32.59 37.11 -23.53
C LEU S 149 33.87 36.95 -24.33
N VAL S 150 33.70 36.69 -25.61
CA VAL S 150 34.84 36.55 -26.58
C VAL S 150 35.04 37.94 -27.15
N LYS S 151 36.20 38.53 -26.92
CA LYS S 151 36.30 39.98 -27.11
C LYS S 151 37.55 40.32 -27.91
N ASP S 152 37.36 41.18 -28.90
CA ASP S 152 38.43 41.93 -29.60
C ASP S 152 39.25 40.98 -30.47
N TYR S 153 38.63 40.47 -31.54
CA TYR S 153 39.32 39.58 -32.50
C TYR S 153 39.05 40.06 -33.92
N PHE S 154 39.94 39.68 -34.84
CA PHE S 154 39.83 39.96 -36.28
C PHE S 154 40.68 38.96 -37.06
N PRO S 155 40.15 38.40 -38.18
CA PRO S 155 38.77 38.59 -38.62
C PRO S 155 37.76 37.58 -38.03
N GLU S 156 36.51 37.53 -38.52
CA GLU S 156 35.57 36.40 -38.26
C GLU S 156 36.20 35.10 -38.81
N PRO S 157 35.76 33.86 -38.48
CA PRO S 157 34.85 33.58 -37.38
C PRO S 157 35.47 32.93 -36.13
N VAL S 158 34.65 32.85 -35.09
CA VAL S 158 34.93 32.17 -33.80
C VAL S 158 33.85 31.13 -33.58
N THR S 159 34.26 29.96 -33.12
CA THR S 159 33.36 28.91 -32.61
C THR S 159 33.47 28.79 -31.11
N VAL S 160 32.31 28.89 -30.46
CA VAL S 160 32.16 28.62 -29.01
C VAL S 160 31.33 27.35 -28.84
N SER S 161 31.84 26.46 -27.98
CA SER S 161 31.10 25.31 -27.45
C SER S 161 31.22 25.33 -25.93
N TRP S 162 30.47 24.45 -25.25
CA TRP S 162 30.41 24.33 -23.77
C TRP S 162 30.72 22.89 -23.29
N ASN S 163 31.67 22.71 -22.36
CA ASN S 163 32.18 21.39 -21.87
C ASN S 163 32.46 20.51 -23.08
N SER S 164 33.22 21.05 -24.03
CA SER S 164 33.71 20.39 -25.27
C SER S 164 32.55 19.93 -26.16
N GLY S 165 31.33 20.46 -25.96
CA GLY S 165 30.14 20.18 -26.80
C GLY S 165 29.11 19.30 -26.11
N ALA S 166 29.41 18.82 -24.88
CA ALA S 166 28.48 18.01 -24.05
C ALA S 166 27.20 18.80 -23.73
N LEU S 167 27.33 20.11 -23.52
CA LEU S 167 26.20 21.02 -23.18
C LEU S 167 25.80 21.81 -24.43
N THR S 168 24.57 21.60 -24.89
CA THR S 168 23.98 22.34 -26.03
C THR S 168 22.63 22.97 -25.67
N SER S 169 21.84 22.36 -24.79
CA SER S 169 20.48 22.88 -24.49
C SER S 169 20.58 24.13 -23.61
N GLY S 170 19.85 25.16 -23.99
CA GLY S 170 19.78 26.43 -23.25
C GLY S 170 20.93 27.34 -23.58
N VAL S 171 21.75 26.96 -24.57
CA VAL S 171 22.92 27.77 -25.03
C VAL S 171 22.40 28.78 -26.05
N HIS S 172 22.82 30.02 -25.88
CA HIS S 172 22.71 31.09 -26.90
C HIS S 172 24.08 31.66 -27.18
N THR S 173 24.60 31.36 -28.36
CA THR S 173 25.78 32.10 -28.89
C THR S 173 25.19 33.21 -29.77
N PHE S 174 25.61 34.42 -29.49
CA PHE S 174 25.08 35.60 -30.21
C PHE S 174 25.91 35.84 -31.46
N PRO S 175 25.26 36.29 -32.54
CA PRO S 175 25.99 36.80 -33.69
C PRO S 175 26.91 37.96 -33.29
N ALA S 176 28.16 37.88 -33.76
CA ALA S 176 29.32 38.76 -33.50
C ALA S 176 28.94 40.19 -33.85
N VAL S 177 29.38 41.14 -33.04
CA VAL S 177 29.22 42.59 -33.32
C VAL S 177 30.60 43.17 -33.62
N LEU S 178 30.71 43.99 -34.66
CA LEU S 178 31.94 44.79 -34.92
C LEU S 178 31.88 46.05 -34.05
N GLN S 179 32.94 46.31 -33.30
CA GLN S 179 33.06 47.52 -32.46
C GLN S 179 33.64 48.66 -33.30
N SER S 180 33.51 49.91 -32.86
CA SER S 180 34.16 51.07 -33.51
C SER S 180 35.68 50.86 -33.56
N SER S 181 36.23 50.05 -32.66
CA SER S 181 37.68 49.73 -32.62
C SER S 181 38.08 48.98 -33.89
N GLY S 182 37.08 48.41 -34.60
CA GLY S 182 37.26 47.61 -35.84
C GLY S 182 37.52 46.15 -35.57
N LEU S 183 37.38 45.75 -34.31
CA LEU S 183 37.51 44.36 -33.83
C LEU S 183 36.11 43.83 -33.50
N TYR S 184 35.97 42.51 -33.53
CA TYR S 184 34.68 41.84 -33.24
C TYR S 184 34.68 41.43 -31.78
N SER S 185 33.48 41.18 -31.26
CA SER S 185 33.26 40.51 -29.96
C SER S 185 31.85 39.94 -29.91
N LEU S 186 31.70 38.70 -29.47
CA LEU S 186 30.36 38.11 -29.25
C LEU S 186 30.33 37.56 -27.83
N SER S 187 29.14 37.15 -27.42
CA SER S 187 28.89 36.54 -26.11
C SER S 187 28.19 35.21 -26.32
N SER S 188 28.58 34.23 -25.51
CA SER S 188 27.91 32.93 -25.42
C SER S 188 27.38 32.78 -24.00
N VAL S 189 26.08 32.50 -23.89
CA VAL S 189 25.43 32.30 -22.56
C VAL S 189 24.75 30.95 -22.54
N VAL S 190 24.52 30.46 -21.34
CA VAL S 190 23.67 29.27 -21.12
C VAL S 190 22.95 29.46 -19.79
N THR S 191 21.74 28.94 -19.70
CA THR S 191 21.00 28.89 -18.42
C THR S 191 21.18 27.49 -17.81
N VAL S 192 21.40 27.45 -16.50
CA VAL S 192 21.54 26.20 -15.72
C VAL S 192 20.75 26.35 -14.43
N PRO S 193 20.34 25.24 -13.77
CA PRO S 193 19.71 25.32 -12.45
C PRO S 193 20.67 25.92 -11.43
N SER S 194 20.21 26.84 -10.61
CA SER S 194 21.08 27.55 -9.62
C SER S 194 21.77 26.55 -8.70
N SER S 195 21.15 25.41 -8.41
CA SER S 195 21.68 24.41 -7.45
C SER S 195 22.76 23.55 -8.10
N SER S 196 22.93 23.58 -9.43
CA SER S 196 24.00 22.86 -10.18
C SER S 196 25.35 23.49 -9.87
N LEU S 197 25.38 24.73 -9.39
CA LEU S 197 26.60 25.57 -9.56
C LEU S 197 27.76 25.03 -8.72
N GLY S 198 27.48 24.39 -7.59
CA GLY S 198 28.51 23.85 -6.68
C GLY S 198 28.92 22.44 -7.05
N THR S 199 28.27 21.87 -8.03
CA THR S 199 28.35 20.42 -8.32
C THR S 199 29.04 20.25 -9.69
N GLN S 200 28.55 20.96 -10.70
CA GLN S 200 28.86 20.74 -12.12
C GLN S 200 29.94 21.74 -12.54
N THR S 201 30.99 21.27 -13.20
CA THR S 201 31.96 22.18 -13.88
C THR S 201 31.32 22.73 -15.18
N TYR S 202 31.51 24.01 -15.49
CA TYR S 202 31.08 24.61 -16.78
C TYR S 202 32.26 25.35 -17.40
N ILE S 203 32.61 25.00 -18.63
CA ILE S 203 33.81 25.51 -19.35
C ILE S 203 33.38 25.94 -20.75
N CYS S 204 33.80 27.11 -21.22
CA CYS S 204 33.54 27.45 -22.64
C CYS S 204 34.82 27.27 -23.45
N ASN S 205 34.66 26.63 -24.61
CA ASN S 205 35.77 26.32 -25.54
C ASN S 205 35.67 27.27 -26.74
N VAL S 206 36.66 28.14 -26.81
CA VAL S 206 36.73 29.18 -27.87
C VAL S 206 37.78 28.81 -28.90
N ASN S 207 37.39 28.89 -30.17
CA ASN S 207 38.28 28.59 -31.32
C ASN S 207 38.20 29.75 -32.31
N HIS S 208 39.32 30.42 -32.47
CA HIS S 208 39.52 31.45 -33.51
C HIS S 208 40.65 30.96 -34.42
N LYS S 209 40.29 30.17 -35.41
CA LYS S 209 41.30 29.50 -36.26
C LYS S 209 42.09 30.55 -37.03
N PRO S 210 41.52 31.70 -37.49
CA PRO S 210 42.32 32.72 -38.17
C PRO S 210 43.55 33.23 -37.43
N SER S 211 43.61 33.17 -36.10
CA SER S 211 44.83 33.55 -35.33
C SER S 211 45.43 32.30 -34.70
N ASN S 212 44.85 31.15 -34.98
CA ASN S 212 45.33 29.86 -34.44
C ASN S 212 45.08 29.84 -32.92
N THR S 213 43.98 30.38 -32.42
CA THR S 213 43.76 30.61 -30.96
C THR S 213 42.74 29.62 -30.40
N LYS S 214 43.16 28.82 -29.43
CA LYS S 214 42.24 27.94 -28.69
C LYS S 214 42.33 28.30 -27.21
N VAL S 215 41.18 28.58 -26.61
CA VAL S 215 41.04 28.94 -25.17
C VAL S 215 39.91 28.10 -24.57
N ASP S 216 40.19 27.47 -23.43
CA ASP S 216 39.18 26.85 -22.55
C ASP S 216 39.12 27.69 -21.27
N LYS S 217 37.97 28.30 -21.01
CA LYS S 217 37.80 29.20 -19.85
C LYS S 217 36.77 28.58 -18.92
N LYS S 218 37.17 28.27 -17.69
CA LYS S 218 36.22 27.75 -16.67
C LYS S 218 35.43 28.92 -16.09
N VAL S 219 34.10 28.79 -16.00
CA VAL S 219 33.21 29.90 -15.56
C VAL S 219 32.63 29.52 -14.21
N GLU S 220 32.82 30.37 -13.22
CA GLU S 220 32.66 30.00 -11.80
C GLU S 220 31.95 31.14 -11.10
N PRO S 221 31.02 30.87 -10.17
CA PRO S 221 30.48 31.92 -9.33
C PRO S 221 31.64 32.62 -8.60
N LYS S 222 31.64 33.96 -8.52
CA LYS S 222 32.68 34.67 -7.74
C LYS S 222 32.21 34.85 -6.29
N SER S 223 33.15 34.78 -5.33
CA SER S 223 32.81 34.89 -3.88
C SER S 223 34.03 35.27 -3.05
N GLN T 3 16.99 39.10 -64.90
CA GLN T 3 17.01 39.23 -63.42
C GLN T 3 15.74 38.64 -62.79
N MET T 4 15.87 38.17 -61.55
CA MET T 4 14.77 37.58 -60.76
C MET T 4 14.46 38.54 -59.61
N THR T 5 13.32 39.23 -59.69
CA THR T 5 12.84 40.18 -58.65
C THR T 5 11.93 39.40 -57.69
N GLN T 6 12.37 39.26 -56.45
CA GLN T 6 11.65 38.47 -55.42
C GLN T 6 10.84 39.39 -54.52
N SER T 7 9.61 38.99 -54.20
CA SER T 7 8.70 39.75 -53.30
C SER T 7 7.78 38.81 -52.51
N PRO T 8 7.50 39.14 -51.23
CA PRO T 8 8.08 40.31 -50.56
C PRO T 8 9.51 39.99 -50.06
N SER T 9 10.27 40.99 -49.62
CA SER T 9 11.63 40.72 -49.10
C SER T 9 11.51 40.03 -47.73
N SER T 10 10.43 40.26 -46.96
CA SER T 10 10.22 39.56 -45.67
C SER T 10 8.72 39.47 -45.32
N LEU T 11 8.40 38.49 -44.50
CA LEU T 11 7.02 38.27 -44.03
C LEU T 11 7.07 37.43 -42.76
N SER T 12 6.02 37.53 -41.97
CA SER T 12 5.86 36.64 -40.81
C SER T 12 4.42 36.15 -40.77
N ALA T 13 4.26 34.87 -40.48
CA ALA T 13 2.97 34.18 -40.49
C ALA T 13 2.96 33.17 -39.34
N SER T 14 1.76 32.86 -38.84
CA SER T 14 1.60 31.94 -37.69
C SER T 14 1.84 30.51 -38.16
N VAL T 15 2.21 29.63 -37.23
CA VAL T 15 2.39 28.18 -37.48
C VAL T 15 1.04 27.64 -37.99
N GLY T 16 1.04 26.97 -39.14
CA GLY T 16 -0.15 26.40 -39.80
C GLY T 16 -0.70 27.26 -40.95
N ASP T 17 -0.26 28.52 -41.09
CA ASP T 17 -0.71 29.44 -42.17
C ASP T 17 -0.06 29.05 -43.50
N ARG T 18 -0.75 29.37 -44.60
CA ARG T 18 -0.26 29.16 -45.99
C ARG T 18 0.53 30.39 -46.38
N VAL T 19 1.74 30.20 -46.87
CA VAL T 19 2.67 31.30 -47.20
C VAL T 19 2.98 31.22 -48.69
N THR T 20 2.88 32.33 -49.42
CA THR T 20 3.24 32.37 -50.86
C THR T 20 4.30 33.43 -51.11
N ILE T 21 5.47 33.00 -51.56
CA ILE T 21 6.57 33.88 -52.00
C ILE T 21 6.51 33.90 -53.52
N THR T 22 6.65 35.07 -54.13
CA THR T 22 6.61 35.20 -55.60
C THR T 22 7.92 35.79 -56.09
N CYS T 23 8.24 35.46 -57.33
CA CYS T 23 9.53 35.78 -57.99
C CYS T 23 9.26 36.02 -59.45
N ARG T 24 9.51 37.25 -59.93
CA ARG T 24 9.10 37.71 -61.28
C ARG T 24 10.34 37.90 -62.15
N ALA T 25 10.33 37.28 -63.33
CA ALA T 25 11.45 37.27 -64.28
C ALA T 25 11.28 38.42 -65.26
N SER T 26 12.39 39.09 -65.57
CA SER T 26 12.44 40.28 -66.45
C SER T 26 12.28 39.87 -67.93
N GLN T 27 12.59 38.62 -68.30
CA GLN T 27 12.47 38.10 -69.71
C GLN T 27 12.03 36.64 -69.72
N ASN T 30 13.74 31.47 -69.22
CA ASN T 30 12.25 31.42 -69.25
C ASN T 30 11.76 30.78 -67.94
N THR T 31 11.38 29.50 -67.95
CA THR T 31 10.67 28.81 -66.84
C THR T 31 11.62 27.83 -66.15
N ALA T 32 12.93 27.96 -66.36
CA ALA T 32 13.97 27.24 -65.56
C ALA T 32 14.11 27.91 -64.19
N VAL T 33 13.11 27.76 -63.30
CA VAL T 33 13.04 28.42 -61.96
C VAL T 33 13.25 27.38 -60.86
N ALA T 34 14.15 27.63 -59.91
CA ALA T 34 14.40 26.73 -58.77
C ALA T 34 14.35 27.51 -57.45
N TRP T 35 13.96 26.83 -56.37
CA TRP T 35 13.73 27.46 -55.03
C TRP T 35 14.61 26.74 -54.01
N TYR T 36 15.38 27.54 -53.26
CA TYR T 36 16.33 27.08 -52.21
C TYR T 36 15.89 27.58 -50.84
N GLN T 37 16.19 26.80 -49.81
CA GLN T 37 15.97 27.20 -48.39
C GLN T 37 17.34 27.39 -47.73
N GLN T 38 17.56 28.56 -47.16
CA GLN T 38 18.83 28.85 -46.48
C GLN T 38 18.52 29.27 -45.04
N LYS T 39 19.02 28.49 -44.07
CA LYS T 39 18.96 28.90 -42.66
C LYS T 39 20.22 29.69 -42.35
N PRO T 40 20.09 30.76 -41.52
CA PRO T 40 21.20 31.63 -41.14
C PRO T 40 22.53 30.89 -41.02
N GLY T 41 23.52 31.34 -41.79
CA GLY T 41 24.91 30.85 -41.73
C GLY T 41 25.05 29.42 -42.21
N LYS T 42 23.98 28.83 -42.74
CA LYS T 42 24.01 27.44 -43.24
C LYS T 42 23.95 27.43 -44.77
N ALA T 43 24.36 26.30 -45.34
CA ALA T 43 24.38 26.08 -46.80
C ALA T 43 22.94 25.93 -47.29
N PRO T 44 22.60 26.56 -48.44
CA PRO T 44 21.27 26.45 -49.01
C PRO T 44 20.94 25.02 -49.42
N LYS T 45 19.68 24.62 -49.24
CA LYS T 45 19.16 23.27 -49.57
C LYS T 45 18.11 23.44 -50.67
N LEU T 46 18.11 22.55 -51.64
CA LEU T 46 17.21 22.62 -52.82
C LEU T 46 15.80 22.13 -52.43
N LEU T 47 14.77 22.92 -52.80
CA LEU T 47 13.34 22.60 -52.52
C LEU T 47 12.65 22.24 -53.83
N ILE T 48 12.69 23.15 -54.79
CA ILE T 48 11.91 22.99 -56.04
C ILE T 48 12.77 23.31 -57.26
N TYR T 49 12.75 22.42 -58.24
CA TYR T 49 13.51 22.55 -59.50
C TYR T 49 12.51 22.59 -60.66
N SER T 50 12.88 23.24 -61.77
CA SER T 50 12.08 23.35 -63.02
C SER T 50 10.66 23.83 -62.65
N ALA T 51 10.59 24.87 -61.82
CA ALA T 51 9.39 25.70 -61.52
C ALA T 51 8.40 24.97 -60.60
N TYR T 52 8.13 23.67 -60.83
CA TYR T 52 6.94 22.96 -60.30
C TYR T 52 7.33 21.72 -59.51
N PHE T 53 8.52 21.19 -59.73
CA PHE T 53 8.87 19.82 -59.27
C PHE T 53 9.48 19.86 -57.88
N LEU T 54 8.94 19.07 -56.96
CA LEU T 54 9.43 18.94 -55.57
C LEU T 54 10.65 18.01 -55.55
N TYR T 55 11.76 18.50 -55.03
CA TYR T 55 13.01 17.72 -54.92
C TYR T 55 12.75 16.61 -53.89
N SER T 56 13.42 15.47 -54.05
CA SER T 56 13.26 14.29 -53.15
C SER T 56 13.74 14.66 -51.73
N GLY T 57 12.97 14.27 -50.73
CA GLY T 57 13.32 14.50 -49.33
C GLY T 57 12.86 15.88 -48.88
N VAL T 58 12.02 16.55 -49.65
CA VAL T 58 11.42 17.86 -49.21
C VAL T 58 10.00 17.58 -48.75
N PRO T 59 9.59 18.08 -47.56
CA PRO T 59 8.20 17.92 -47.09
C PRO T 59 7.19 18.39 -48.14
N SER T 60 6.08 17.69 -48.27
CA SER T 60 5.08 17.92 -49.35
C SER T 60 4.24 19.18 -49.07
N ARG T 61 4.40 19.79 -47.89
CA ARG T 61 3.78 21.11 -47.58
C ARG T 61 4.49 22.22 -48.39
N PHE T 62 5.58 21.90 -49.07
CA PHE T 62 6.17 22.81 -50.09
C PHE T 62 5.64 22.47 -51.50
N SER T 63 5.25 23.48 -52.27
CA SER T 63 4.91 23.35 -53.70
C SER T 63 5.46 24.54 -54.48
N GLY T 64 5.58 24.38 -55.79
CA GLY T 64 5.98 25.45 -56.71
C GLY T 64 5.01 25.55 -57.87
N SER T 65 4.63 26.76 -58.26
CA SER T 65 3.72 27.00 -59.40
C SER T 65 4.20 28.23 -60.17
N ARG T 66 3.57 28.50 -61.30
CA ARG T 66 3.81 29.75 -62.06
C ARG T 66 2.46 30.50 -62.05
N SER T 67 2.48 31.81 -62.14
CA SER T 67 1.24 32.63 -62.16
C SER T 67 1.45 33.83 -63.11
N GLY T 68 0.96 33.77 -64.35
CA GLY T 68 1.33 34.78 -65.37
C GLY T 68 2.84 34.78 -65.58
N THR T 69 3.54 35.85 -65.21
CA THR T 69 5.02 35.99 -65.40
C THR T 69 5.77 35.76 -64.08
N ASP T 70 5.02 35.37 -63.06
CA ASP T 70 5.49 35.32 -61.65
C ASP T 70 5.60 33.85 -61.24
N PHE T 71 6.58 33.48 -60.46
CA PHE T 71 6.72 32.09 -59.96
C PHE T 71 6.48 32.09 -58.47
N THR T 72 5.75 31.09 -58.00
CA THR T 72 5.19 31.07 -56.64
C THR T 72 5.70 29.84 -55.90
N LEU T 73 6.42 30.07 -54.81
CA LEU T 73 6.69 29.03 -53.80
C LEU T 73 5.59 29.13 -52.75
N THR T 74 5.00 27.99 -52.41
CA THR T 74 3.90 27.92 -51.42
C THR T 74 4.25 26.93 -50.32
N ILE T 75 4.26 27.39 -49.08
CA ILE T 75 4.34 26.51 -47.89
C ILE T 75 2.92 26.44 -47.36
N SER T 76 2.25 25.32 -47.59
CA SER T 76 0.79 25.23 -47.35
C SER T 76 0.52 25.18 -45.83
N SER T 77 1.43 24.67 -45.00
CA SER T 77 1.24 24.57 -43.53
C SER T 77 2.53 24.91 -42.78
N LEU T 78 2.76 26.20 -42.52
CA LEU T 78 4.02 26.74 -41.96
C LEU T 78 4.36 26.04 -40.62
N GLN T 79 5.59 25.58 -40.48
CA GLN T 79 6.07 24.91 -39.25
C GLN T 79 7.19 25.76 -38.65
N PRO T 80 7.47 25.64 -37.34
CA PRO T 80 8.47 26.47 -36.66
C PRO T 80 9.88 26.46 -37.30
N GLU T 81 10.27 25.29 -37.81
CA GLU T 81 11.59 25.06 -38.42
C GLU T 81 11.65 25.72 -39.80
N ASP T 82 10.52 26.22 -40.35
CA ASP T 82 10.47 26.80 -41.73
C ASP T 82 10.97 28.26 -41.71
N PHE T 83 11.33 28.77 -40.53
CA PHE T 83 12.09 30.02 -40.39
C PHE T 83 13.36 29.92 -41.23
N ALA T 84 13.46 30.71 -42.31
CA ALA T 84 14.64 30.74 -43.21
C ALA T 84 14.55 31.91 -44.18
N THR T 85 15.58 32.08 -44.98
CA THR T 85 15.52 32.92 -46.20
C THR T 85 15.35 31.97 -47.40
N TYR T 86 14.40 32.27 -48.29
CA TYR T 86 14.11 31.43 -49.48
C TYR T 86 14.51 32.20 -50.73
N TYR T 87 15.18 31.53 -51.66
CA TYR T 87 15.77 32.16 -52.87
C TYR T 87 15.22 31.48 -54.13
N CYS T 88 14.80 32.30 -55.10
CA CYS T 88 14.47 31.80 -56.45
C CYS T 88 15.71 31.94 -57.34
N GLN T 89 15.78 31.10 -58.36
CA GLN T 89 16.94 31.01 -59.28
C GLN T 89 16.45 30.60 -60.65
N GLN T 90 16.94 31.26 -61.70
CA GLN T 90 16.74 30.76 -63.08
C GLN T 90 18.00 29.99 -63.46
N TYR T 91 17.85 28.81 -64.07
CA TYR T 91 18.99 27.87 -64.17
C TYR T 91 19.23 27.46 -65.63
N SER T 92 19.72 28.39 -66.43
CA SER T 92 20.39 28.04 -67.69
C SER T 92 21.71 27.34 -67.37
N ARG T 93 21.71 26.00 -67.34
CA ARG T 93 22.84 25.13 -66.87
C ARG T 93 24.10 25.34 -67.71
N TYR T 94 23.94 25.67 -68.99
CA TYR T 94 25.03 26.09 -69.88
C TYR T 94 24.89 27.59 -70.14
N SER T 95 24.61 28.39 -69.10
CA SER T 95 24.89 29.85 -69.10
C SER T 95 24.96 30.31 -67.64
N PRO T 96 24.97 31.63 -67.34
CA PRO T 96 25.02 32.07 -65.95
C PRO T 96 23.67 32.04 -65.22
N VAL T 97 23.61 31.23 -64.16
CA VAL T 97 22.43 31.14 -63.25
C VAL T 97 22.39 32.45 -62.48
N THR T 98 21.21 32.91 -62.13
CA THR T 98 21.02 34.16 -61.36
C THR T 98 20.01 33.92 -60.23
N PHE T 99 20.26 34.53 -59.09
CA PHE T 99 19.42 34.36 -57.89
C PHE T 99 18.57 35.61 -57.69
N GLY T 100 17.42 35.43 -57.06
CA GLY T 100 16.58 36.53 -56.54
C GLY T 100 17.21 37.15 -55.32
N GLN T 101 16.66 38.26 -54.83
CA GLN T 101 17.24 38.96 -53.65
C GLN T 101 16.97 38.18 -52.35
N GLY T 102 15.99 37.28 -52.34
CA GLY T 102 15.72 36.42 -51.17
C GLY T 102 14.55 36.94 -50.38
N THR T 103 13.88 36.04 -49.64
CA THR T 103 12.70 36.34 -48.80
C THR T 103 12.88 35.73 -47.41
N LYS T 104 12.90 36.57 -46.39
CA LYS T 104 12.98 36.12 -44.99
C LYS T 104 11.58 35.77 -44.52
N VAL T 105 11.40 34.59 -43.99
CA VAL T 105 10.11 34.23 -43.35
C VAL T 105 10.32 34.27 -41.84
N GLU T 106 9.39 34.90 -41.13
CA GLU T 106 9.43 34.89 -39.66
C GLU T 106 8.18 34.18 -39.18
N ILE T 107 8.34 33.23 -38.27
CA ILE T 107 7.17 32.55 -37.64
C ILE T 107 6.62 33.49 -36.57
N LYS T 108 5.32 33.79 -36.65
CA LYS T 108 4.59 34.58 -35.64
C LYS T 108 3.94 33.67 -34.59
N ARG T 109 4.28 33.86 -33.32
CA ARG T 109 3.78 33.01 -32.20
C ARG T 109 3.22 33.91 -31.09
N THR T 110 2.79 33.35 -29.97
CA THR T 110 2.24 34.14 -28.83
C THR T 110 3.38 34.95 -28.19
N VAL T 111 3.00 36.06 -27.54
CA VAL T 111 3.94 36.98 -26.83
C VAL T 111 4.59 36.22 -25.67
N ALA T 112 5.89 36.31 -25.55
CA ALA T 112 6.66 35.75 -24.42
C ALA T 112 7.55 36.84 -23.85
N ALA T 113 7.46 37.10 -22.56
CA ALA T 113 8.28 38.14 -21.94
C ALA T 113 9.67 37.57 -21.67
N PRO T 114 10.74 38.38 -21.81
CA PRO T 114 12.11 37.87 -21.64
C PRO T 114 12.45 37.57 -20.17
N SER T 115 13.41 36.68 -19.93
CA SER T 115 14.12 36.54 -18.64
C SER T 115 15.36 37.46 -18.68
N VAL T 116 15.42 38.43 -17.77
CA VAL T 116 16.50 39.44 -17.82
C VAL T 116 17.59 39.03 -16.84
N PHE T 117 18.85 39.20 -17.26
CA PHE T 117 20.05 38.91 -16.45
C PHE T 117 21.10 39.97 -16.76
N ILE T 118 21.80 40.39 -15.71
CA ILE T 118 22.86 41.42 -15.85
C ILE T 118 24.13 40.82 -15.26
N PHE T 119 25.24 41.05 -15.94
CA PHE T 119 26.58 40.59 -15.53
C PHE T 119 27.51 41.77 -15.38
N PRO T 120 28.10 41.92 -14.19
CA PRO T 120 29.15 42.92 -14.02
C PRO T 120 30.44 42.44 -14.67
N PRO T 121 31.36 43.34 -15.10
CA PRO T 121 32.61 42.93 -15.71
C PRO T 121 33.53 42.13 -14.77
N SER T 122 34.33 41.21 -15.30
CA SER T 122 35.18 40.33 -14.47
C SER T 122 36.46 41.06 -14.07
N ASP T 123 37.09 40.61 -12.98
CA ASP T 123 38.37 41.15 -12.48
C ASP T 123 39.41 41.08 -13.61
N GLU T 124 39.50 39.90 -14.25
CA GLU T 124 40.47 39.61 -15.33
C GLU T 124 40.40 40.70 -16.38
N GLN T 125 39.18 41.09 -16.75
CA GLN T 125 38.96 42.10 -17.81
C GLN T 125 39.33 43.50 -17.28
N LEU T 126 38.97 43.82 -16.04
CA LEU T 126 39.18 45.19 -15.51
C LEU T 126 40.66 45.50 -15.49
N LYS T 127 41.53 44.51 -15.25
CA LYS T 127 42.99 44.73 -15.27
C LYS T 127 43.44 45.16 -16.69
N SER T 128 42.68 44.80 -17.73
CA SER T 128 43.07 45.00 -19.15
C SER T 128 42.50 46.33 -19.66
N GLY T 129 41.90 47.12 -18.76
CA GLY T 129 41.65 48.56 -18.97
C GLY T 129 40.27 48.85 -19.50
N THR T 130 39.43 47.83 -19.56
CA THR T 130 38.09 47.95 -20.17
C THR T 130 37.11 47.17 -19.33
N ALA T 131 35.87 47.67 -19.27
CA ALA T 131 34.77 47.05 -18.53
C ALA T 131 33.61 46.86 -19.48
N SER T 132 33.22 45.62 -19.72
CA SER T 132 32.02 45.31 -20.50
C SER T 132 30.93 44.83 -19.53
N VAL T 133 29.82 45.56 -19.55
CA VAL T 133 28.61 45.16 -18.80
C VAL T 133 27.64 44.55 -19.79
N VAL T 134 27.14 43.38 -19.46
CA VAL T 134 26.28 42.61 -20.37
C VAL T 134 24.92 42.52 -19.72
N CYS T 135 23.91 42.71 -20.55
CA CYS T 135 22.49 42.50 -20.21
C CYS T 135 21.97 41.48 -21.19
N LEU T 136 21.31 40.44 -20.70
CA LEU T 136 20.77 39.39 -21.58
C LEU T 136 19.26 39.24 -21.38
N LEU T 137 18.54 39.27 -22.49
CA LEU T 137 17.08 39.06 -22.54
C LEU T 137 16.85 37.68 -23.15
N ASN T 138 16.24 36.75 -22.42
CA ASN T 138 16.25 35.32 -22.83
C ASN T 138 14.84 34.90 -23.21
N ASN T 139 14.68 34.32 -24.40
CA ASN T 139 13.47 33.55 -24.83
C ASN T 139 12.24 34.47 -24.84
N PHE T 140 12.22 35.46 -25.73
CA PHE T 140 11.07 36.40 -25.82
C PHE T 140 10.57 36.42 -27.27
N TYR T 141 9.32 36.85 -27.40
CA TYR T 141 8.65 37.16 -28.69
C TYR T 141 7.64 38.27 -28.45
N PRO T 142 7.48 39.27 -29.35
CA PRO T 142 8.24 39.41 -30.59
C PRO T 142 9.67 39.98 -30.48
N ARG T 143 10.39 40.14 -31.60
CA ARG T 143 11.84 40.48 -31.62
C ARG T 143 12.07 41.87 -31.05
N GLU T 144 11.10 42.78 -31.22
CA GLU T 144 11.23 44.22 -30.86
C GLU T 144 11.24 44.34 -29.33
N ALA T 145 12.40 44.73 -28.78
CA ALA T 145 12.64 45.00 -27.35
C ALA T 145 13.58 46.22 -27.24
N LYS T 146 13.40 47.02 -26.19
CA LYS T 146 14.12 48.31 -26.02
C LYS T 146 14.99 48.18 -24.77
N VAL T 147 16.31 48.22 -24.94
CA VAL T 147 17.26 48.12 -23.80
C VAL T 147 17.87 49.50 -23.61
N GLN T 148 17.63 50.08 -22.45
CA GLN T 148 18.30 51.34 -22.05
C GLN T 148 19.26 51.05 -20.91
N TRP T 149 20.43 51.63 -20.99
CA TRP T 149 21.45 51.59 -19.94
C TRP T 149 21.36 52.88 -19.11
N LYS T 150 21.35 52.72 -17.79
CA LYS T 150 21.39 53.85 -16.85
C LYS T 150 22.55 53.63 -15.90
N VAL T 151 23.52 54.53 -15.96
CA VAL T 151 24.69 54.52 -15.04
C VAL T 151 24.46 55.63 -14.00
N ASP T 152 24.15 55.23 -12.76
CA ASP T 152 23.78 56.14 -11.64
C ASP T 152 22.53 56.91 -12.04
N ASN T 153 21.67 56.27 -12.82
CA ASN T 153 20.33 56.81 -13.16
C ASN T 153 20.44 57.83 -14.30
N ALA T 154 21.60 57.89 -14.98
CA ALA T 154 21.82 58.74 -16.18
C ALA T 154 21.65 57.88 -17.42
N LEU T 155 20.74 58.23 -18.32
CA LEU T 155 20.53 57.49 -19.59
C LEU T 155 21.80 57.54 -20.46
N GLN T 156 22.20 56.37 -20.99
CA GLN T 156 23.37 56.21 -21.89
C GLN T 156 22.91 56.14 -23.35
N SER T 157 23.79 56.53 -24.28
CA SER T 157 23.70 56.26 -25.73
C SER T 157 25.13 56.25 -26.32
N GLY T 158 25.37 55.33 -27.26
CA GLY T 158 26.57 55.27 -28.10
C GLY T 158 27.71 54.49 -27.48
N ASN T 159 27.52 53.91 -26.29
CA ASN T 159 28.55 53.01 -25.69
C ASN T 159 27.97 51.61 -25.58
N SER T 160 26.85 51.35 -26.26
CA SER T 160 26.19 50.02 -26.21
C SER T 160 26.01 49.52 -27.65
N GLN T 161 26.17 48.21 -27.83
CA GLN T 161 25.73 47.47 -29.03
C GLN T 161 24.94 46.25 -28.59
N GLU T 162 23.89 45.92 -29.34
CA GLU T 162 23.11 44.70 -29.06
C GLU T 162 23.09 43.80 -30.30
N SER T 163 23.11 42.48 -30.06
CA SER T 163 22.94 41.47 -31.12
C SER T 163 21.86 40.47 -30.72
N VAL T 164 21.10 40.02 -31.72
CA VAL T 164 19.88 39.21 -31.48
C VAL T 164 20.11 37.88 -32.17
N THR T 165 19.87 36.79 -31.46
CA THR T 165 19.96 35.42 -32.00
C THR T 165 18.88 35.27 -33.09
N GLU T 166 19.10 34.36 -34.02
CA GLU T 166 18.10 34.04 -35.06
C GLU T 166 17.00 33.23 -34.40
N GLN T 167 15.81 33.32 -34.93
CA GLN T 167 14.60 32.76 -34.28
C GLN T 167 14.83 31.27 -34.00
N ASP T 168 14.53 30.82 -32.78
CA ASP T 168 14.73 29.41 -32.34
C ASP T 168 13.86 28.50 -33.20
N SER T 169 14.43 27.36 -33.59
CA SER T 169 13.84 26.43 -34.57
C SER T 169 12.68 25.67 -33.96
N LYS T 170 12.52 25.67 -32.63
CA LYS T 170 11.47 24.87 -31.96
C LYS T 170 10.41 25.78 -31.37
N ASP T 171 10.79 26.78 -30.57
CA ASP T 171 9.81 27.60 -29.81
C ASP T 171 9.59 28.94 -30.51
N SER T 172 10.42 29.29 -31.50
CA SER T 172 10.28 30.53 -32.32
C SER T 172 10.48 31.80 -31.47
N THR T 173 11.43 31.77 -30.54
CA THR T 173 11.75 32.94 -29.68
C THR T 173 13.14 33.45 -29.97
N TYR T 174 13.42 34.63 -29.43
CA TYR T 174 14.70 35.32 -29.63
C TYR T 174 15.34 35.45 -28.27
N SER T 175 16.64 35.60 -28.31
CA SER T 175 17.45 36.00 -27.14
C SER T 175 18.34 37.17 -27.57
N LEU T 176 18.42 38.21 -26.75
CA LEU T 176 19.08 39.49 -27.13
C LEU T 176 20.20 39.75 -26.13
N SER T 177 21.28 40.33 -26.62
CA SER T 177 22.49 40.63 -25.82
C SER T 177 22.84 42.10 -26.04
N SER T 178 22.79 42.92 -24.99
CA SER T 178 23.29 44.31 -25.02
C SER T 178 24.54 44.44 -24.13
N THR T 179 25.63 44.92 -24.73
CA THR T 179 26.91 45.12 -24.04
C THR T 179 27.16 46.61 -23.85
N LEU T 180 27.49 47.00 -22.64
CA LEU T 180 27.84 48.40 -22.29
C LEU T 180 29.32 48.48 -22.00
N THR T 181 30.06 49.11 -22.90
CA THR T 181 31.55 49.16 -22.82
C THR T 181 31.96 50.50 -22.23
N LEU T 182 32.83 50.44 -21.23
CA LEU T 182 33.39 51.61 -20.52
C LEU T 182 34.89 51.40 -20.33
N SER T 183 35.62 52.50 -20.16
CA SER T 183 37.04 52.44 -19.75
C SER T 183 37.06 52.07 -18.26
N LYS T 184 38.06 51.30 -17.82
CA LYS T 184 38.12 50.91 -16.38
C LYS T 184 37.91 52.20 -15.57
N ALA T 185 38.58 53.27 -16.01
CA ALA T 185 38.65 54.60 -15.36
C ALA T 185 37.24 55.17 -15.21
N ASP T 186 36.48 55.26 -16.30
CA ASP T 186 35.06 55.72 -16.32
C ASP T 186 34.17 54.77 -15.51
N TYR T 187 34.43 53.47 -15.57
CA TYR T 187 33.58 52.47 -14.86
C TYR T 187 33.72 52.67 -13.34
N GLU T 188 34.94 52.91 -12.87
CA GLU T 188 35.26 53.08 -11.43
C GLU T 188 34.67 54.41 -10.94
N LYS T 189 34.03 55.19 -11.80
CA LYS T 189 33.56 56.54 -11.40
C LYS T 189 32.12 56.50 -10.89
N HIS T 190 31.46 55.36 -10.98
CA HIS T 190 30.00 55.28 -10.74
C HIS T 190 29.69 54.07 -9.88
N LYS T 191 28.51 54.06 -9.26
CA LYS T 191 28.08 52.96 -8.36
C LYS T 191 27.08 52.04 -9.07
N VAL T 192 25.95 52.57 -9.49
CA VAL T 192 24.83 51.67 -9.84
C VAL T 192 24.66 51.59 -11.36
N TYR T 193 24.66 50.37 -11.87
CA TYR T 193 24.59 50.08 -13.32
C TYR T 193 23.32 49.27 -13.55
N ALA T 194 22.50 49.68 -14.49
CA ALA T 194 21.15 49.09 -14.69
C ALA T 194 20.82 49.04 -16.17
N CYS T 195 20.29 47.92 -16.63
CA CYS T 195 19.62 47.84 -17.95
C CYS T 195 18.13 47.70 -17.69
N GLU T 196 17.37 48.58 -18.35
CA GLU T 196 15.91 48.72 -18.23
C GLU T 196 15.33 48.29 -19.57
N VAL T 197 14.61 47.17 -19.58
CA VAL T 197 14.04 46.73 -20.88
C VAL T 197 12.53 46.80 -20.87
N THR T 198 12.04 47.28 -22.01
CA THR T 198 10.61 47.49 -22.30
C THR T 198 10.28 46.53 -23.44
N HIS T 199 9.27 45.68 -23.24
CA HIS T 199 8.87 44.64 -24.21
C HIS T 199 7.36 44.53 -24.17
N GLN T 200 6.78 44.08 -25.27
CA GLN T 200 5.32 43.89 -25.41
C GLN T 200 4.79 43.02 -24.26
N GLY T 201 5.55 42.00 -23.84
CA GLY T 201 5.13 40.96 -22.88
C GLY T 201 5.35 41.38 -21.44
N LEU T 202 5.78 42.62 -21.23
CA LEU T 202 6.03 43.18 -19.89
C LEU T 202 5.07 44.35 -19.69
N SER T 203 4.06 44.23 -18.82
CA SER T 203 3.15 45.36 -18.49
C SER T 203 3.97 46.59 -18.03
N SER T 204 4.98 46.43 -17.17
CA SER T 204 5.90 47.51 -16.77
C SER T 204 7.32 47.16 -17.21
N PRO T 205 8.12 48.15 -17.63
CA PRO T 205 9.53 47.91 -17.94
C PRO T 205 10.26 47.25 -16.75
N VAL T 206 11.20 46.35 -17.07
CA VAL T 206 12.00 45.63 -16.05
C VAL T 206 13.42 46.20 -16.08
N THR T 207 13.94 46.49 -14.90
CA THR T 207 15.37 46.86 -14.75
C THR T 207 16.03 45.81 -13.88
N LYS T 208 17.15 45.30 -14.34
CA LYS T 208 18.04 44.47 -13.53
C LYS T 208 19.30 45.31 -13.32
N SER T 209 19.75 45.46 -12.09
CA SER T 209 20.89 46.35 -11.79
C SER T 209 21.88 45.67 -10.85
N PHE T 210 23.04 46.28 -10.73
CA PHE T 210 24.02 45.95 -9.68
C PHE T 210 24.71 47.23 -9.21
N ASN T 211 25.13 47.20 -7.95
CA ASN T 211 26.02 48.22 -7.34
C ASN T 211 27.42 47.65 -7.45
N ARG T 212 28.39 48.53 -7.74
CA ARG T 212 29.72 48.17 -8.26
C ARG T 212 30.55 47.41 -7.23
N GLY T 213 30.25 47.54 -5.93
CA GLY T 213 30.82 46.70 -4.86
C GLY T 213 30.46 45.21 -4.96
N GLU T 214 29.16 44.89 -5.07
CA GLU T 214 28.54 43.53 -4.97
C GLU T 214 29.37 42.50 -5.73
#